data_3OQB
#
_entry.id   3OQB
#
_cell.length_a   93.705
_cell.length_b   163.853
_cell.length_c   117.726
_cell.angle_alpha   90.000
_cell.angle_beta   103.850
_cell.angle_gamma   90.000
#
_symmetry.space_group_name_H-M   'P 1 21 1'
#
loop_
_entity.id
_entity.type
_entity.pdbx_description
1 polymer Oxidoreductase
2 water water
#
_entity_poly.entity_id   1
_entity_poly.type   'polypeptide(L)'
_entity_poly.pdbx_seq_one_letter_code
;SLTTQRLGLI(MSE)NGVTGR(MSE)GLNQHLIRSIVAIRDQGGVRLKNGDRI(MSE)PDPILVGRSAEKVEALAKRFNI
ARWTTDLDAALADKNDT(MSE)FFDAATTQARPGLLTQAINAGKHVYCEKPIATNFEEALEVVKLANSKGVKHGTVQDKL
FLPGLKKIAFLRDSGFFGRILSVRGEFGYWVFEGGWQEAQRPSWNYRDEDGGGIILD(MSE)VCHWRYVLDNLFGNVQSV
VCIGNTDIPERFDEQGKKYKATADDSAYATFQLEGGVIAHIN(MSE)SWVTRVYRDDLVTFQVDGTHGSAVAGLSDC
(MSE)IQARQATPRPVWNPDEKRLHDFYGDWQKLPDNVSYDNGFKEQWE(MSE)FIRHVYEDAPYKFTLLEGAKGVQLAE
CALKSWKERRWIDVAPIK
;
_entity_poly.pdbx_strand_id   A,B,C,D,E,F,G,H
#
# COMPACT_ATOMS: atom_id res chain seq x y z
N THR A 3 -52.82 6.04 24.54
CA THR A 3 -51.58 5.65 23.79
C THR A 3 -50.73 6.87 23.43
N THR A 4 -51.13 8.05 23.90
CA THR A 4 -50.31 9.28 23.81
C THR A 4 -50.69 10.29 24.89
N GLN A 5 -49.73 10.59 25.76
CA GLN A 5 -49.88 11.58 26.83
C GLN A 5 -48.97 12.77 26.54
N ARG A 6 -49.53 13.98 26.52
CA ARG A 6 -48.79 15.19 26.17
C ARG A 6 -47.99 15.72 27.36
N LEU A 7 -46.69 15.94 27.15
CA LEU A 7 -45.77 16.42 28.19
C LEU A 7 -45.52 17.92 28.08
N GLY A 8 -46.07 18.66 29.04
CA GLY A 8 -45.88 20.09 29.11
C GLY A 8 -44.50 20.38 29.66
N LEU A 9 -43.55 20.57 28.74
CA LEU A 9 -42.17 20.85 29.08
C LEU A 9 -41.80 22.29 28.75
N ILE A 10 -41.35 23.04 29.76
CA ILE A 10 -40.84 24.40 29.52
C ILE A 10 -39.31 24.37 29.51
N MSE A 11 -38.71 25.12 28.58
CA MSE A 11 -37.26 25.12 28.43
C MSE A 11 -36.67 26.52 28.35
O MSE A 11 -37.08 27.33 27.52
CB MSE A 11 -36.86 24.36 27.17
CG MSE A 11 -37.57 23.05 26.96
SE MSE A 11 -37.19 22.41 25.17
CE MSE A 11 -35.26 22.07 25.36
N ASN A 12 -35.69 26.78 29.21
CA ASN A 12 -34.97 28.05 29.20
C ASN A 12 -33.52 27.82 28.89
N GLY A 13 -33.00 28.55 27.90
CA GLY A 13 -31.59 28.43 27.52
C GLY A 13 -31.35 27.70 26.21
N VAL A 14 -32.44 27.44 25.48
CA VAL A 14 -32.34 27.00 24.10
C VAL A 14 -32.21 28.24 23.21
N THR A 15 -31.23 28.21 22.30
CA THR A 15 -30.84 29.36 21.45
C THR A 15 -29.31 29.51 21.38
N GLY A 16 -28.61 28.95 22.36
CA GLY A 16 -27.17 29.14 22.46
C GLY A 16 -26.37 27.88 22.74
N ARG A 17 -25.76 27.34 21.68
CA ARG A 17 -24.72 26.31 21.81
C ARG A 17 -25.26 24.89 22.06
N MSE A 18 -24.52 24.09 22.85
CA MSE A 18 -24.88 22.68 23.08
C MSE A 18 -26.24 22.53 23.80
O MSE A 18 -26.79 21.43 23.90
CB MSE A 18 -23.71 21.91 23.76
CG MSE A 18 -22.47 21.63 22.83
SE MSE A 18 -21.02 20.30 23.31
CE MSE A 18 -19.94 21.43 24.52
N GLY A 19 -26.78 23.66 24.26
CA GLY A 19 -28.15 23.71 24.79
C GLY A 19 -29.19 23.84 23.68
N LEU A 20 -28.76 24.32 22.51
CA LEU A 20 -29.61 24.38 21.32
C LEU A 20 -29.47 23.10 20.52
N ASN A 21 -28.24 22.75 20.18
CA ASN A 21 -27.99 21.60 19.31
C ASN A 21 -28.26 20.29 19.98
N GLN A 22 -27.71 20.09 21.17
CA GLN A 22 -27.81 18.81 21.85
C GLN A 22 -29.17 18.58 22.51
N HIS A 23 -29.77 19.65 23.01
CA HIS A 23 -31.00 19.52 23.77
C HIS A 23 -32.27 19.79 22.98
N LEU A 24 -32.33 20.95 22.32
CA LEU A 24 -33.50 21.28 21.50
C LEU A 24 -33.58 20.42 20.25
N ILE A 25 -32.50 20.38 19.48
CA ILE A 25 -32.49 19.68 18.20
C ILE A 25 -32.29 18.17 18.35
N ARG A 26 -31.17 17.77 18.93
CA ARG A 26 -30.77 16.37 19.01
C ARG A 26 -31.63 15.59 20.01
N SER A 27 -32.14 16.27 21.04
CA SER A 27 -32.95 15.60 22.04
C SER A 27 -34.45 15.75 21.76
N ILE A 28 -34.98 16.95 21.99
CA ILE A 28 -36.43 17.16 21.96
C ILE A 28 -37.05 16.96 20.57
N VAL A 29 -36.48 17.59 19.55
CA VAL A 29 -37.04 17.53 18.21
C VAL A 29 -36.91 16.11 17.65
N ALA A 30 -35.81 15.45 17.99
CA ALA A 30 -35.60 14.09 17.55
C ALA A 30 -36.60 13.16 18.22
N ILE A 31 -36.93 13.47 19.47
CA ILE A 31 -37.96 12.74 20.23
C ILE A 31 -39.35 13.00 19.63
N ARG A 32 -39.67 14.27 19.36
CA ARG A 32 -40.93 14.66 18.75
C ARG A 32 -41.20 13.88 17.46
N ASP A 33 -40.22 13.87 16.56
CA ASP A 33 -40.33 13.21 15.26
C ASP A 33 -40.42 11.68 15.35
N GLN A 34 -39.84 11.12 16.41
CA GLN A 34 -39.89 9.69 16.67
C GLN A 34 -41.27 9.28 17.20
N GLY A 35 -42.09 10.27 17.56
CA GLY A 35 -43.41 10.02 18.13
C GLY A 35 -43.41 10.03 19.64
N GLY A 36 -42.35 10.55 20.24
CA GLY A 36 -42.24 10.67 21.69
C GLY A 36 -41.50 9.52 22.33
N VAL A 37 -41.52 9.48 23.66
CA VAL A 37 -40.86 8.45 24.45
C VAL A 37 -41.81 7.27 24.68
N ARG A 38 -41.45 6.10 24.16
CA ARG A 38 -42.22 4.88 24.40
C ARG A 38 -42.24 4.51 25.89
N LEU A 39 -43.27 3.77 26.29
CA LEU A 39 -43.29 3.15 27.61
C LEU A 39 -43.42 1.66 27.38
N LYS A 40 -43.16 0.86 28.42
CA LYS A 40 -43.35 -0.58 28.29
C LYS A 40 -44.82 -0.85 28.01
N ASN A 41 -45.71 -0.18 28.77
CA ASN A 41 -47.16 -0.34 28.63
C ASN A 41 -47.72 0.04 27.24
N GLY A 42 -46.88 0.70 26.44
CA GLY A 42 -47.28 1.08 25.08
C GLY A 42 -47.45 2.58 24.89
N ASP A 43 -47.79 3.29 25.97
CA ASP A 43 -47.97 4.75 25.95
C ASP A 43 -46.77 5.49 25.36
N ARG A 44 -47.04 6.63 24.73
CA ARG A 44 -45.97 7.48 24.21
C ARG A 44 -46.09 8.87 24.82
N ILE A 45 -45.02 9.32 25.47
CA ILE A 45 -45.00 10.65 26.06
C ILE A 45 -44.46 11.65 25.04
N MSE A 46 -45.38 12.41 24.45
CA MSE A 46 -45.05 13.45 23.49
C MSE A 46 -44.67 14.72 24.21
O MSE A 46 -45.47 15.27 24.96
CB MSE A 46 -46.23 13.71 22.55
CG MSE A 46 -46.08 13.09 21.16
SE MSE A 46 -44.79 14.05 20.03
CE MSE A 46 -45.73 15.75 19.83
N PRO A 47 -43.43 15.19 24.01
CA PRO A 47 -43.09 16.48 24.59
C PRO A 47 -43.73 17.58 23.78
N ASP A 48 -44.34 18.52 24.48
CA ASP A 48 -44.88 19.70 23.86
C ASP A 48 -44.15 20.88 24.47
N PRO A 49 -42.95 21.20 23.94
CA PRO A 49 -42.10 22.22 24.54
C PRO A 49 -42.61 23.65 24.38
N ILE A 50 -42.12 24.53 25.26
CA ILE A 50 -42.29 25.97 25.10
C ILE A 50 -40.94 26.66 25.37
N LEU A 51 -40.37 27.24 24.33
CA LEU A 51 -39.02 27.81 24.39
C LEU A 51 -39.03 29.15 25.10
N VAL A 52 -38.07 29.36 25.98
CA VAL A 52 -37.94 30.62 26.71
C VAL A 52 -36.65 31.33 26.33
N GLY A 53 -36.79 32.58 25.89
CA GLY A 53 -35.63 33.40 25.53
C GLY A 53 -35.68 34.77 26.17
N ARG A 54 -34.52 35.42 26.24
CA ARG A 54 -34.42 36.79 26.75
C ARG A 54 -34.99 37.77 25.72
N SER A 55 -34.59 37.57 24.46
CA SER A 55 -35.02 38.43 23.33
C SER A 55 -36.11 37.74 22.50
N ALA A 56 -37.29 38.36 22.50
CA ALA A 56 -38.53 37.78 21.94
C ALA A 56 -38.47 37.43 20.45
N GLU A 57 -37.74 38.23 19.67
CA GLU A 57 -37.56 37.98 18.24
C GLU A 57 -36.71 36.73 17.98
N LYS A 58 -35.58 36.64 18.69
CA LYS A 58 -34.62 35.55 18.48
C LYS A 58 -35.05 34.25 19.16
N VAL A 59 -36.35 34.17 19.49
CA VAL A 59 -36.98 32.95 19.97
C VAL A 59 -38.27 32.69 19.19
N GLU A 60 -38.87 33.77 18.69
CA GLU A 60 -40.09 33.73 17.90
C GLU A 60 -39.91 32.87 16.63
N ALA A 61 -38.86 33.18 15.88
CA ALA A 61 -38.56 32.50 14.62
C ALA A 61 -37.95 31.11 14.85
N LEU A 62 -37.24 30.96 15.96
CA LEU A 62 -36.67 29.68 16.36
C LEU A 62 -37.75 28.61 16.49
N ALA A 63 -38.87 28.96 17.12
CA ALA A 63 -39.99 28.04 17.29
C ALA A 63 -40.54 27.58 15.94
N LYS A 64 -40.75 28.51 15.01
CA LYS A 64 -41.23 28.17 13.66
C LYS A 64 -40.16 27.46 12.82
N ARG A 65 -38.89 27.70 13.15
CA ARG A 65 -37.76 27.02 12.50
C ARG A 65 -37.79 25.50 12.76
N PHE A 66 -38.39 25.10 13.88
CA PHE A 66 -38.56 23.69 14.22
C PHE A 66 -40.01 23.27 14.39
N ASN A 67 -40.92 24.16 14.03
CA ASN A 67 -42.37 23.90 14.07
C ASN A 67 -42.89 23.60 15.48
N ILE A 68 -42.37 24.33 16.45
CA ILE A 68 -42.77 24.22 17.85
C ILE A 68 -43.98 25.13 18.15
N ALA A 69 -43.91 26.37 17.70
CA ALA A 69 -44.99 27.37 17.86
C ALA A 69 -45.47 27.63 19.30
N ARG A 70 -44.55 27.52 20.27
CA ARG A 70 -44.78 27.96 21.65
C ARG A 70 -43.50 28.59 22.22
N TRP A 71 -43.60 29.82 22.73
CA TRP A 71 -42.42 30.61 23.19
C TRP A 71 -42.79 31.80 24.10
N THR A 72 -41.85 32.28 24.91
CA THR A 72 -42.12 33.38 25.87
C THR A 72 -40.96 34.34 26.11
N THR A 73 -41.28 35.54 26.59
CA THR A 73 -40.32 36.60 26.92
C THR A 73 -39.76 36.43 28.33
N ASP A 74 -40.64 36.16 29.28
CA ASP A 74 -40.28 36.11 30.70
C ASP A 74 -40.74 34.82 31.40
N LEU A 75 -39.82 34.27 32.19
CA LEU A 75 -39.95 32.96 32.81
C LEU A 75 -41.07 32.86 33.86
N ASP A 76 -41.15 33.86 34.73
CA ASP A 76 -42.03 33.84 35.92
C ASP A 76 -43.46 33.41 35.62
N ALA A 77 -44.02 33.95 34.54
CA ALA A 77 -45.37 33.61 34.11
C ALA A 77 -45.43 32.25 33.45
N ALA A 78 -44.38 31.92 32.69
CA ALA A 78 -44.24 30.61 32.03
C ALA A 78 -44.18 29.49 33.07
N LEU A 79 -43.49 29.77 34.18
CA LEU A 79 -43.43 28.85 35.32
C LEU A 79 -44.79 28.68 36.00
N ALA A 80 -45.41 29.79 36.39
CA ALA A 80 -46.66 29.78 37.15
C ALA A 80 -47.81 29.02 36.48
N ASP A 81 -47.71 28.79 35.17
CA ASP A 81 -48.69 27.97 34.43
C ASP A 81 -48.65 26.51 34.90
N LYS A 82 -49.80 25.96 35.25
CA LYS A 82 -49.91 24.60 35.80
C LYS A 82 -50.15 23.49 34.77
N ASN A 83 -50.55 23.88 33.56
CA ASN A 83 -50.81 22.90 32.49
C ASN A 83 -49.49 22.35 31.95
N ASP A 84 -48.42 23.14 32.10
CA ASP A 84 -47.06 22.65 31.94
C ASP A 84 -46.59 22.04 33.26
N THR A 85 -45.66 21.11 33.18
CA THR A 85 -45.35 20.26 34.33
C THR A 85 -43.86 20.05 34.60
N MSE A 86 -43.03 20.32 33.59
CA MSE A 86 -41.59 20.08 33.67
C MSE A 86 -40.77 21.31 33.25
O MSE A 86 -41.22 22.10 32.42
CB MSE A 86 -41.23 18.88 32.79
CG MSE A 86 -39.78 18.44 32.88
SE MSE A 86 -39.47 16.81 31.83
CE MSE A 86 -37.54 16.94 31.73
N PHE A 87 -39.56 21.44 33.81
CA PHE A 87 -38.68 22.57 33.51
C PHE A 87 -37.23 22.16 33.21
N PHE A 88 -36.65 22.77 32.18
CA PHE A 88 -35.26 22.56 31.81
C PHE A 88 -34.51 23.89 31.65
N ASP A 89 -33.31 23.96 32.21
CA ASP A 89 -32.43 25.11 32.01
C ASP A 89 -31.09 24.69 31.47
N ALA A 90 -30.72 25.22 30.31
CA ALA A 90 -29.39 25.07 29.73
C ALA A 90 -28.72 26.42 29.61
N ALA A 91 -29.36 27.45 30.16
CA ALA A 91 -28.88 28.83 30.05
C ALA A 91 -27.72 29.13 30.99
N THR A 92 -27.90 30.13 31.84
CA THR A 92 -26.84 30.68 32.66
C THR A 92 -26.38 29.73 33.77
N THR A 93 -25.07 29.55 33.81
CA THR A 93 -24.42 28.69 34.80
C THR A 93 -24.28 29.39 36.16
N GLN A 94 -24.79 30.63 36.25
CA GLN A 94 -24.71 31.44 37.47
C GLN A 94 -26.09 31.61 38.10
N ALA A 95 -27.09 31.77 37.25
CA ALA A 95 -28.47 32.00 37.66
C ALA A 95 -29.27 30.71 37.53
N ARG A 96 -28.70 29.61 38.01
CA ARG A 96 -29.36 28.32 37.93
C ARG A 96 -29.90 27.84 39.29
N PRO A 97 -29.11 27.97 40.37
CA PRO A 97 -29.62 27.56 41.69
C PRO A 97 -30.91 28.28 42.06
N GLY A 98 -31.02 29.55 41.68
CA GLY A 98 -32.23 30.32 41.91
C GLY A 98 -33.40 29.90 41.03
N LEU A 99 -33.09 29.57 39.78
CA LEU A 99 -34.12 29.29 38.78
C LEU A 99 -34.69 27.87 38.89
N LEU A 100 -33.91 26.97 39.50
CA LEU A 100 -34.42 25.66 39.87
C LEU A 100 -35.39 25.88 41.02
N THR A 101 -34.99 26.77 41.93
CA THR A 101 -35.76 27.11 43.12
C THR A 101 -37.14 27.63 42.75
N GLN A 102 -37.21 28.51 41.75
CA GLN A 102 -38.51 29.01 41.27
C GLN A 102 -39.35 27.86 40.74
N ALA A 103 -38.75 27.05 39.88
CA ALA A 103 -39.41 25.90 39.24
C ALA A 103 -39.85 24.83 40.23
N ILE A 104 -39.03 24.60 41.26
CA ILE A 104 -39.35 23.62 42.29
C ILE A 104 -40.56 24.09 43.07
N ASN A 105 -40.49 25.32 43.56
CA ASN A 105 -41.57 25.93 44.32
C ASN A 105 -42.84 26.10 43.48
N ALA A 106 -42.73 25.88 42.18
CA ALA A 106 -43.87 25.90 41.27
C ALA A 106 -44.43 24.50 41.06
N GLY A 107 -43.84 23.54 41.78
CA GLY A 107 -44.26 22.14 41.73
C GLY A 107 -43.84 21.43 40.46
N LYS A 108 -42.80 21.94 39.81
CA LYS A 108 -42.37 21.41 38.53
C LYS A 108 -41.26 20.38 38.69
N HIS A 109 -41.28 19.34 37.86
CA HIS A 109 -40.15 18.44 37.75
C HIS A 109 -38.97 19.21 37.15
N VAL A 110 -37.74 18.83 37.51
CA VAL A 110 -36.56 19.58 37.10
C VAL A 110 -35.47 18.74 36.42
N TYR A 111 -35.02 19.21 35.25
CA TYR A 111 -33.88 18.64 34.53
C TYR A 111 -32.93 19.76 34.16
N CYS A 112 -31.64 19.62 34.50
CA CYS A 112 -30.73 20.74 34.24
C CYS A 112 -29.34 20.33 33.74
N GLU A 113 -28.77 21.17 32.88
CA GLU A 113 -27.42 20.98 32.39
C GLU A 113 -26.38 21.12 33.50
N LYS A 114 -25.14 20.82 33.16
CA LYS A 114 -24.02 20.87 34.12
C LYS A 114 -23.46 22.29 34.22
N PRO A 115 -23.10 22.74 35.44
CA PRO A 115 -23.39 22.10 36.72
C PRO A 115 -24.74 22.55 37.25
N ILE A 116 -25.12 22.04 38.43
CA ILE A 116 -26.40 22.44 39.04
C ILE A 116 -26.28 23.76 39.81
N ALA A 117 -25.06 24.07 40.25
CA ALA A 117 -24.75 25.31 40.98
C ALA A 117 -23.27 25.71 40.89
N THR A 118 -22.90 26.72 41.68
CA THR A 118 -21.56 27.31 41.62
C THR A 118 -20.75 26.98 42.89
N ASN A 119 -21.47 26.58 43.93
CA ASN A 119 -20.83 26.10 45.16
C ASN A 119 -21.57 24.87 45.66
N PHE A 120 -20.92 24.13 46.54
CA PHE A 120 -21.46 22.93 47.14
C PHE A 120 -22.71 23.23 47.96
N GLU A 121 -22.59 24.15 48.92
CA GLU A 121 -23.68 24.45 49.86
C GLU A 121 -24.99 24.84 49.17
N GLU A 122 -24.90 25.76 48.21
CA GLU A 122 -26.05 26.18 47.42
C GLU A 122 -26.60 25.03 46.55
N ALA A 123 -25.70 24.22 45.99
CA ALA A 123 -26.10 23.05 45.21
C ALA A 123 -26.92 22.08 46.04
N LEU A 124 -26.36 21.73 47.21
CA LEU A 124 -26.94 20.84 48.19
C LEU A 124 -28.25 21.37 48.79
N GLU A 125 -28.30 22.70 48.93
CA GLU A 125 -29.44 23.45 49.41
C GLU A 125 -30.60 23.38 48.41
N VAL A 126 -30.26 23.31 47.12
CA VAL A 126 -31.22 23.05 46.04
C VAL A 126 -31.73 21.60 46.08
N VAL A 127 -30.83 20.66 46.37
CA VAL A 127 -31.18 19.25 46.40
C VAL A 127 -32.21 18.99 47.51
N LYS A 128 -31.88 19.45 48.72
CA LYS A 128 -32.80 19.30 49.85
C LYS A 128 -34.16 19.90 49.52
N LEU A 129 -34.17 21.07 48.89
CA LEU A 129 -35.43 21.70 48.48
C LEU A 129 -36.29 20.81 47.57
N ALA A 130 -35.69 20.18 46.57
CA ALA A 130 -36.45 19.33 45.63
C ALA A 130 -37.06 18.08 46.29
N ASN A 131 -36.25 17.32 47.02
CA ASN A 131 -36.74 16.16 47.79
C ASN A 131 -37.82 16.58 48.78
N SER A 132 -37.62 17.76 49.37
CA SER A 132 -38.55 18.40 50.28
C SER A 132 -39.92 18.61 49.66
N LYS A 133 -39.98 18.73 48.32
CA LYS A 133 -41.26 18.95 47.63
C LYS A 133 -41.71 17.78 46.76
N GLY A 134 -41.01 16.65 46.85
CA GLY A 134 -41.36 15.43 46.10
C GLY A 134 -41.38 15.57 44.58
N VAL A 135 -40.66 16.54 44.05
CA VAL A 135 -40.52 16.67 42.60
C VAL A 135 -39.43 15.74 42.10
N LYS A 136 -39.63 15.15 40.93
CA LYS A 136 -38.58 14.38 40.27
C LYS A 136 -37.55 15.34 39.66
N HIS A 137 -36.28 14.97 39.69
CA HIS A 137 -35.22 15.90 39.30
C HIS A 137 -33.95 15.20 38.89
N GLY A 138 -33.23 15.80 37.94
CA GLY A 138 -31.98 15.25 37.45
C GLY A 138 -31.11 16.26 36.70
N THR A 139 -29.85 15.90 36.48
CA THR A 139 -28.94 16.72 35.69
C THR A 139 -28.17 15.87 34.70
N VAL A 140 -27.68 16.53 33.65
CA VAL A 140 -26.97 15.88 32.56
C VAL A 140 -25.63 15.32 33.02
N GLN A 141 -25.43 14.03 32.78
CA GLN A 141 -24.17 13.34 33.07
C GLN A 141 -23.63 12.75 31.75
N ASP A 142 -23.18 13.61 30.85
CA ASP A 142 -23.03 13.24 29.44
C ASP A 142 -21.87 12.30 29.09
N LYS A 143 -20.72 12.46 29.72
CA LYS A 143 -19.53 11.66 29.41
C LYS A 143 -19.84 10.16 29.44
N LEU A 144 -20.73 9.80 30.36
CA LEU A 144 -21.05 8.40 30.61
C LEU A 144 -21.72 7.73 29.40
N PHE A 145 -22.18 8.53 28.43
CA PHE A 145 -22.91 8.02 27.28
C PHE A 145 -22.09 7.96 26.00
N LEU A 146 -20.82 8.31 26.12
CA LEU A 146 -19.92 8.22 24.97
C LEU A 146 -19.68 6.75 24.65
N PRO A 147 -19.71 6.39 23.35
CA PRO A 147 -19.53 4.98 22.98
C PRO A 147 -18.33 4.35 23.68
N GLY A 148 -17.22 5.09 23.76
CA GLY A 148 -16.01 4.58 24.37
C GLY A 148 -16.19 4.20 25.84
N LEU A 149 -16.91 5.02 26.59
CA LEU A 149 -17.12 4.71 28.00
C LEU A 149 -18.18 3.67 28.19
N LYS A 150 -19.11 3.57 27.26
CA LYS A 150 -20.07 2.44 27.28
C LYS A 150 -19.37 1.10 27.06
N LYS A 151 -18.34 1.09 26.21
CA LYS A 151 -17.54 -0.11 25.98
C LYS A 151 -16.74 -0.54 27.20
N ILE A 152 -16.18 0.42 27.92
CA ILE A 152 -15.52 0.16 29.19
C ILE A 152 -16.52 -0.52 30.13
N ALA A 153 -17.73 0.05 30.25
CA ALA A 153 -18.78 -0.57 31.08
C ALA A 153 -19.02 -2.01 30.63
N PHE A 154 -19.23 -2.18 29.33
CA PHE A 154 -19.42 -3.49 28.76
C PHE A 154 -18.26 -4.43 29.08
N LEU A 155 -17.04 -3.93 28.98
CA LEU A 155 -15.87 -4.75 29.24
C LEU A 155 -15.83 -5.18 30.71
N ARG A 156 -16.20 -4.25 31.59
CA ARG A 156 -16.24 -4.48 33.04
C ARG A 156 -17.29 -5.51 33.39
N ASP A 157 -18.51 -5.28 32.91
CA ASP A 157 -19.59 -6.19 33.20
C ASP A 157 -19.26 -7.58 32.68
N SER A 158 -18.47 -7.65 31.62
CA SER A 158 -18.26 -8.95 30.97
C SER A 158 -17.07 -9.71 31.52
N GLY A 159 -16.35 -9.11 32.46
CA GLY A 159 -15.24 -9.78 33.13
C GLY A 159 -13.94 -9.83 32.33
N PHE A 160 -13.84 -8.98 31.30
CA PHE A 160 -12.62 -8.88 30.50
C PHE A 160 -11.43 -8.42 31.34
N PHE A 161 -11.67 -7.53 32.29
CA PHE A 161 -10.56 -6.94 33.06
C PHE A 161 -10.02 -7.88 34.14
N GLY A 162 -10.81 -8.93 34.43
CA GLY A 162 -10.62 -9.72 35.64
C GLY A 162 -10.83 -8.76 36.80
N ARG A 163 -9.73 -8.35 37.42
CA ARG A 163 -9.74 -7.36 38.49
C ARG A 163 -9.14 -6.01 38.02
N ILE A 164 -9.96 -4.95 37.99
CA ILE A 164 -9.48 -3.61 37.62
C ILE A 164 -8.45 -3.06 38.63
N LEU A 165 -7.30 -2.64 38.11
CA LEU A 165 -6.22 -2.17 38.98
C LEU A 165 -6.06 -0.66 39.07
N SER A 166 -6.10 0.01 37.91
CA SER A 166 -5.71 1.39 37.81
C SER A 166 -6.28 2.05 36.58
N VAL A 167 -6.48 3.36 36.68
CA VAL A 167 -7.11 4.16 35.64
C VAL A 167 -6.22 5.34 35.31
N ARG A 168 -5.91 5.48 34.03
CA ARG A 168 -5.15 6.61 33.52
C ARG A 168 -6.00 7.41 32.57
N GLY A 169 -6.20 8.68 32.91
CA GLY A 169 -7.04 9.57 32.12
C GLY A 169 -6.22 10.70 31.57
N GLU A 170 -6.38 10.96 30.28
CA GLU A 170 -5.62 12.01 29.59
C GLU A 170 -6.58 12.90 28.81
N PHE A 171 -6.74 14.12 29.28
CA PHE A 171 -7.76 14.99 28.73
C PHE A 171 -7.25 16.33 28.25
N GLY A 172 -7.72 16.73 27.09
CA GLY A 172 -7.51 18.09 26.62
C GLY A 172 -6.85 18.17 25.26
N TYR A 173 -6.73 19.40 24.79
CA TYR A 173 -6.12 19.76 23.52
C TYR A 173 -5.73 21.22 23.63
N TRP A 174 -5.05 21.76 22.61
CA TRP A 174 -4.48 23.09 22.70
C TRP A 174 -5.53 24.11 22.38
N VAL A 175 -5.94 24.91 23.37
CA VAL A 175 -6.90 25.97 23.05
C VAL A 175 -6.16 27.25 22.69
N PHE A 176 -6.29 27.63 21.42
CA PHE A 176 -5.62 28.80 20.88
C PHE A 176 -5.88 30.07 21.66
N GLU A 177 -4.81 30.83 21.89
CA GLU A 177 -4.89 32.04 22.72
C GLU A 177 -5.68 33.18 22.07
N GLY A 178 -5.78 33.18 20.74
CA GLY A 178 -6.59 34.19 20.03
C GLY A 178 -5.80 35.29 19.34
N GLY A 179 -4.47 35.25 19.49
CA GLY A 179 -3.60 36.17 18.77
C GLY A 179 -3.68 35.98 17.25
N TRP A 180 -3.55 34.75 16.79
CA TRP A 180 -3.58 34.44 15.36
C TRP A 180 -4.79 33.60 14.97
N GLN A 181 -5.20 32.71 15.88
CA GLN A 181 -6.31 31.80 15.61
C GLN A 181 -7.39 31.95 16.65
N GLU A 182 -8.62 31.85 16.19
CA GLU A 182 -9.80 32.02 17.03
C GLU A 182 -9.78 30.94 18.11
N ALA A 183 -10.04 31.33 19.36
CA ALA A 183 -10.10 30.39 20.48
C ALA A 183 -11.33 29.50 20.32
N GLN A 184 -11.14 28.20 20.51
CA GLN A 184 -12.18 27.19 20.28
C GLN A 184 -13.31 27.26 21.31
N ARG A 185 -13.00 27.89 22.44
CA ARG A 185 -13.87 27.93 23.63
C ARG A 185 -14.12 29.38 24.04
N PRO A 186 -15.29 29.68 24.64
CA PRO A 186 -15.59 31.06 25.06
C PRO A 186 -14.66 31.55 26.16
N SER A 187 -14.42 32.86 26.19
CA SER A 187 -13.38 33.45 27.03
C SER A 187 -13.63 33.39 28.52
N TRP A 188 -14.89 33.30 28.93
CA TRP A 188 -15.22 33.29 30.36
C TRP A 188 -14.58 32.10 31.09
N ASN A 189 -14.23 31.05 30.33
CA ASN A 189 -13.57 29.86 30.88
C ASN A 189 -12.17 30.12 31.44
N TYR A 190 -11.53 31.19 31.00
CA TYR A 190 -10.15 31.46 31.37
C TYR A 190 -10.09 32.61 32.36
N ARG A 191 -11.25 32.99 32.87
CA ARG A 191 -11.34 34.00 33.90
C ARG A 191 -11.94 33.42 35.17
N ASP A 192 -11.18 33.50 36.24
CA ASP A 192 -11.62 33.03 37.55
C ASP A 192 -12.90 33.75 38.04
N GLU A 193 -12.93 35.07 37.91
CA GLU A 193 -14.07 35.90 38.31
C GLU A 193 -15.40 35.59 37.60
N ASP A 194 -15.32 35.03 36.39
CA ASP A 194 -16.52 34.68 35.65
C ASP A 194 -16.87 33.20 35.75
N GLY A 195 -16.20 32.49 36.67
CA GLY A 195 -16.55 31.10 36.96
C GLY A 195 -15.72 30.09 36.18
N GLY A 196 -14.64 30.59 35.56
CA GLY A 196 -13.76 29.78 34.77
C GLY A 196 -12.89 28.84 35.57
N GLY A 197 -12.17 27.97 34.87
CA GLY A 197 -11.24 27.05 35.51
C GLY A 197 -11.48 25.61 35.11
N ILE A 198 -10.39 24.89 34.88
CA ILE A 198 -10.49 23.54 34.34
C ILE A 198 -10.78 22.52 35.43
N ILE A 199 -10.32 22.77 36.65
CA ILE A 199 -10.72 21.93 37.77
C ILE A 199 -12.22 21.99 37.99
N LEU A 200 -12.76 23.19 38.13
CA LEU A 200 -14.19 23.34 38.41
C LEU A 200 -15.06 22.78 37.28
N ASP A 201 -14.57 22.90 36.05
CA ASP A 201 -15.27 22.39 34.90
C ASP A 201 -15.16 20.87 34.75
N MSE A 202 -13.94 20.32 34.74
CA MSE A 202 -13.74 18.90 34.41
C MSE A 202 -13.82 17.90 35.58
O MSE A 202 -14.26 16.77 35.37
CB MSE A 202 -12.44 18.67 33.63
CG MSE A 202 -12.37 19.42 32.31
SE MSE A 202 -13.99 19.30 31.19
CE MSE A 202 -13.96 17.37 30.84
N VAL A 203 -13.38 18.29 36.77
CA VAL A 203 -13.40 17.38 37.93
C VAL A 203 -14.84 17.01 38.25
N CYS A 204 -15.72 18.00 38.13
CA CYS A 204 -17.16 17.79 38.18
C CYS A 204 -17.64 16.65 37.27
N HIS A 205 -17.09 16.58 36.06
CA HIS A 205 -17.32 15.45 35.17
C HIS A 205 -16.74 14.16 35.70
N TRP A 206 -15.52 14.22 36.26
CA TRP A 206 -14.82 13.00 36.61
C TRP A 206 -15.50 12.31 37.79
N ARG A 207 -16.17 13.11 38.61
CA ARG A 207 -16.97 12.54 39.69
C ARG A 207 -17.82 11.38 39.19
N TYR A 208 -18.66 11.60 38.18
CA TYR A 208 -19.51 10.50 37.74
C TYR A 208 -18.76 9.42 36.97
N VAL A 209 -17.84 9.79 36.06
CA VAL A 209 -17.09 8.77 35.32
C VAL A 209 -16.50 7.76 36.30
N LEU A 210 -15.85 8.28 37.35
CA LEU A 210 -15.18 7.43 38.32
C LEU A 210 -16.15 6.64 39.21
N ASP A 211 -17.10 7.36 39.84
CA ASP A 211 -18.12 6.75 40.69
C ASP A 211 -18.79 5.60 39.94
N ASN A 212 -19.21 5.88 38.70
CA ASN A 212 -20.04 4.94 37.96
C ASN A 212 -19.27 3.79 37.36
N LEU A 213 -18.09 4.07 36.84
CA LEU A 213 -17.30 3.05 36.15
C LEU A 213 -16.36 2.27 37.03
N PHE A 214 -15.72 2.92 38.00
CA PHE A 214 -14.60 2.28 38.70
C PHE A 214 -14.76 2.14 40.20
N GLY A 215 -15.46 3.08 40.83
CA GLY A 215 -15.68 3.03 42.28
C GLY A 215 -15.87 4.43 42.85
N ASN A 216 -16.58 4.51 43.98
CA ASN A 216 -16.88 5.81 44.60
C ASN A 216 -15.61 6.54 44.96
N VAL A 217 -15.58 7.85 44.72
CA VAL A 217 -14.37 8.64 45.00
C VAL A 217 -14.25 8.95 46.50
N GLN A 218 -13.07 8.69 47.06
CA GLN A 218 -12.90 8.83 48.51
C GLN A 218 -12.03 10.01 48.93
N SER A 219 -10.95 10.24 48.18
CA SER A 219 -10.07 11.40 48.36
C SER A 219 -9.32 11.76 47.08
N VAL A 220 -8.99 13.04 46.93
CA VAL A 220 -8.26 13.54 45.77
C VAL A 220 -7.09 14.41 46.21
N VAL A 221 -5.98 14.29 45.47
CA VAL A 221 -4.94 15.30 45.47
C VAL A 221 -4.86 15.92 44.08
N CYS A 222 -4.93 17.24 44.01
CA CYS A 222 -4.93 17.90 42.72
C CYS A 222 -4.21 19.23 42.80
N ILE A 223 -3.40 19.51 41.80
CA ILE A 223 -2.73 20.81 41.68
C ILE A 223 -3.19 21.48 40.38
N GLY A 224 -3.27 22.80 40.37
CA GLY A 224 -3.60 23.53 39.15
C GLY A 224 -2.45 24.44 38.78
N ASN A 225 -2.62 25.15 37.65
CA ASN A 225 -1.67 26.17 37.20
C ASN A 225 -2.35 26.97 36.10
N THR A 226 -1.94 28.23 35.92
CA THR A 226 -2.35 29.00 34.76
C THR A 226 -1.17 29.08 33.80
N ASP A 227 -1.16 28.20 32.80
CA ASP A 227 -0.06 28.12 31.87
C ASP A 227 0.01 29.38 31.03
N ILE A 228 -1.14 29.85 30.55
CA ILE A 228 -1.20 30.99 29.64
C ILE A 228 -1.79 32.25 30.32
N PRO A 229 -0.95 33.28 30.55
CA PRO A 229 -1.41 34.46 31.31
C PRO A 229 -2.27 35.44 30.51
N GLU A 230 -1.96 35.63 29.23
CA GLU A 230 -2.79 36.47 28.35
C GLU A 230 -3.49 35.64 27.25
N ARG A 231 -4.79 35.88 27.06
CA ARG A 231 -5.54 35.38 25.91
C ARG A 231 -6.29 36.52 25.20
N PHE A 232 -7.02 36.25 24.11
CA PHE A 232 -7.77 37.29 23.39
C PHE A 232 -9.28 36.99 23.31
N ASP A 233 -10.12 37.98 23.68
CA ASP A 233 -11.61 37.90 23.59
C ASP A 233 -12.15 37.35 22.27
N GLU A 234 -13.41 36.95 22.30
CA GLU A 234 -14.21 36.80 21.08
C GLU A 234 -14.21 38.06 20.20
N GLN A 235 -13.90 39.22 20.78
CA GLN A 235 -13.74 40.45 19.98
C GLN A 235 -12.27 40.87 19.73
N GLY A 236 -11.33 39.93 19.87
CA GLY A 236 -9.92 40.21 19.61
C GLY A 236 -9.29 41.18 20.60
N LYS A 237 -9.81 41.17 21.82
CA LYS A 237 -9.42 42.10 22.87
C LYS A 237 -8.64 41.32 23.92
N LYS A 238 -7.38 41.67 24.11
CA LYS A 238 -6.53 41.00 25.10
C LYS A 238 -7.08 41.14 26.51
N TYR A 239 -6.89 40.09 27.31
CA TYR A 239 -7.30 40.08 28.71
C TYR A 239 -6.40 39.18 29.56
N LYS A 240 -6.39 39.40 30.86
CA LYS A 240 -5.57 38.61 31.77
C LYS A 240 -6.33 37.33 32.08
N ALA A 241 -5.70 36.19 31.84
CA ALA A 241 -6.32 34.89 32.17
C ALA A 241 -6.05 34.51 33.64
N THR A 242 -7.12 34.44 34.42
CA THR A 242 -7.05 34.29 35.88
C THR A 242 -7.39 32.87 36.32
N ALA A 243 -8.05 32.12 35.44
CA ALA A 243 -8.50 30.78 35.76
C ALA A 243 -7.41 29.77 35.48
N ASP A 244 -7.46 28.64 36.19
CA ASP A 244 -6.55 27.54 35.90
C ASP A 244 -6.92 26.87 34.58
N ASP A 245 -5.90 26.53 33.79
CA ASP A 245 -6.12 25.96 32.47
C ASP A 245 -5.53 24.57 32.34
N SER A 246 -4.80 24.13 33.37
CA SER A 246 -4.27 22.77 33.42
C SER A 246 -4.27 22.25 34.86
N ALA A 247 -4.49 20.96 35.04
CA ALA A 247 -4.52 20.37 36.39
C ALA A 247 -4.16 18.89 36.37
N TYR A 248 -3.65 18.41 37.49
CA TYR A 248 -3.13 17.05 37.56
C TYR A 248 -3.66 16.40 38.82
N ALA A 249 -4.70 15.60 38.67
CA ALA A 249 -5.44 15.06 39.83
C ALA A 249 -5.26 13.56 39.96
N THR A 250 -5.03 13.09 41.17
CA THR A 250 -4.96 11.66 41.49
C THR A 250 -6.03 11.27 42.52
N PHE A 251 -6.64 10.12 42.30
CA PHE A 251 -7.85 9.73 43.02
C PHE A 251 -7.72 8.37 43.65
N GLN A 252 -8.25 8.26 44.87
CA GLN A 252 -8.35 6.99 45.57
C GLN A 252 -9.82 6.61 45.55
N LEU A 253 -10.13 5.48 44.91
CA LEU A 253 -11.52 4.99 44.77
C LEU A 253 -11.79 3.82 45.71
N GLU A 254 -13.04 3.71 46.11
CA GLU A 254 -13.53 2.57 46.88
C GLU A 254 -13.25 1.27 46.13
N GLY A 255 -12.70 0.30 46.87
CA GLY A 255 -12.28 -0.98 46.31
C GLY A 255 -10.78 -1.01 46.07
N GLY A 256 -10.13 0.11 46.35
CA GLY A 256 -8.68 0.20 46.30
C GLY A 256 -8.10 0.40 44.91
N VAL A 257 -8.79 1.17 44.06
CA VAL A 257 -8.29 1.53 42.73
C VAL A 257 -7.84 2.99 42.70
N ILE A 258 -6.68 3.25 42.10
CA ILE A 258 -6.16 4.61 41.95
C ILE A 258 -6.38 5.10 40.53
N ALA A 259 -6.97 6.28 40.39
CA ALA A 259 -7.16 6.89 39.08
C ALA A 259 -6.32 8.15 39.04
N HIS A 260 -5.50 8.29 38.00
CA HIS A 260 -4.87 9.60 37.77
C HIS A 260 -5.35 10.27 36.49
N ILE A 261 -5.69 11.54 36.61
CA ILE A 261 -6.12 12.30 35.45
C ILE A 261 -5.33 13.57 35.19
N ASN A 262 -4.72 13.64 34.01
CA ASN A 262 -4.17 14.87 33.51
C ASN A 262 -5.26 15.57 32.72
N MSE A 263 -5.39 16.87 32.93
CA MSE A 263 -6.36 17.63 32.20
C MSE A 263 -5.77 18.99 31.87
O MSE A 263 -5.15 19.61 32.73
CB MSE A 263 -7.64 17.77 33.03
CG MSE A 263 -7.49 18.62 34.28
SE MSE A 263 -9.01 18.20 35.45
CE MSE A 263 -8.17 16.79 36.51
N SER A 264 -5.93 19.42 30.62
CA SER A 264 -5.37 20.70 30.19
C SER A 264 -5.98 21.27 28.91
N TRP A 265 -6.17 22.58 28.88
CA TRP A 265 -6.46 23.30 27.64
C TRP A 265 -5.18 23.78 26.95
N VAL A 266 -4.05 23.24 27.38
CA VAL A 266 -2.75 23.76 26.94
C VAL A 266 -1.76 22.61 26.71
N THR A 267 -2.26 21.49 26.17
CA THR A 267 -1.44 20.33 25.82
C THR A 267 -1.68 19.99 24.39
N ARG A 268 -0.72 19.32 23.76
CA ARG A 268 -0.84 19.01 22.33
C ARG A 268 -1.08 17.51 22.18
N VAL A 269 -1.86 17.12 21.19
CA VAL A 269 -2.50 15.81 21.23
C VAL A 269 -1.77 14.70 20.51
N TYR A 270 -1.12 13.82 21.28
CA TYR A 270 -0.52 12.56 20.80
C TYR A 270 -1.20 11.36 21.46
N ARG A 271 -2.38 11.02 20.95
CA ARG A 271 -3.20 9.92 21.48
C ARG A 271 -4.38 9.69 20.58
N ASP A 272 -5.21 8.71 20.90
CA ASP A 272 -6.34 8.31 20.07
C ASP A 272 -7.39 9.39 19.93
N ASP A 273 -7.48 10.30 20.90
CA ASP A 273 -8.65 11.17 20.98
C ASP A 273 -8.50 12.35 21.94
N LEU A 274 -9.52 13.19 21.99
CA LEU A 274 -9.48 14.38 22.84
C LEU A 274 -9.59 14.02 24.31
N VAL A 275 -10.12 12.83 24.58
CA VAL A 275 -10.07 12.23 25.92
C VAL A 275 -9.67 10.77 25.79
N THR A 276 -9.02 10.25 26.81
CA THR A 276 -8.46 8.92 26.75
C THR A 276 -8.51 8.34 28.14
N PHE A 277 -9.03 7.12 28.26
CA PHE A 277 -8.91 6.37 29.50
C PHE A 277 -8.29 5.01 29.24
N GLN A 278 -7.13 4.80 29.84
CA GLN A 278 -6.55 3.48 29.92
C GLN A 278 -7.01 2.85 31.21
N VAL A 279 -7.57 1.65 31.11
CA VAL A 279 -7.86 0.85 32.27
C VAL A 279 -6.99 -0.38 32.25
N ASP A 280 -6.22 -0.60 33.32
CA ASP A 280 -5.43 -1.81 33.43
C ASP A 280 -6.05 -2.76 34.43
N GLY A 281 -6.22 -4.01 34.02
CA GLY A 281 -6.78 -5.01 34.90
C GLY A 281 -5.92 -6.24 34.97
N THR A 282 -6.30 -7.17 35.82
CA THR A 282 -5.59 -8.42 36.00
C THR A 282 -5.57 -9.27 34.73
N HIS A 283 -6.64 -9.20 33.93
CA HIS A 283 -6.81 -10.14 32.80
C HIS A 283 -6.73 -9.48 31.42
N GLY A 284 -6.61 -8.16 31.43
CA GLY A 284 -6.52 -7.39 30.21
C GLY A 284 -6.55 -5.92 30.49
N SER A 285 -6.15 -5.10 29.53
CA SER A 285 -6.29 -3.66 29.64
C SER A 285 -7.13 -3.15 28.50
N ALA A 286 -7.64 -1.95 28.66
CA ALA A 286 -8.34 -1.28 27.56
C ALA A 286 -7.89 0.16 27.42
N VAL A 287 -8.01 0.70 26.20
CA VAL A 287 -7.81 2.13 26.00
C VAL A 287 -8.97 2.72 25.21
N ALA A 288 -9.73 3.59 25.86
CA ALA A 288 -10.93 4.16 25.24
C ALA A 288 -10.83 5.65 24.98
N GLY A 289 -11.46 6.08 23.90
CA GLY A 289 -11.58 7.49 23.58
C GLY A 289 -13.05 7.83 23.60
N LEU A 290 -13.45 8.79 22.78
CA LEU A 290 -14.84 9.23 22.71
C LEU A 290 -15.70 8.14 22.07
N SER A 291 -15.23 7.62 20.94
CA SER A 291 -16.04 6.69 20.15
C SER A 291 -15.54 5.24 20.18
N ASP A 292 -14.24 5.04 20.34
CA ASP A 292 -13.62 3.73 20.12
C ASP A 292 -12.87 3.21 21.33
N CYS A 293 -12.57 1.92 21.31
CA CYS A 293 -11.94 1.25 22.44
C CYS A 293 -11.04 0.10 21.98
N MSE A 294 -9.80 0.12 22.44
CA MSE A 294 -8.84 -0.94 22.15
C MSE A 294 -8.72 -1.87 23.35
O MSE A 294 -8.85 -1.44 24.48
CB MSE A 294 -7.47 -0.33 21.88
CG MSE A 294 -7.51 0.90 21.00
SE MSE A 294 -8.18 0.49 19.19
CE MSE A 294 -6.76 -0.74 18.66
N ILE A 295 -8.47 -3.15 23.09
CA ILE A 295 -8.24 -4.11 24.16
C ILE A 295 -6.97 -4.92 23.97
N GLN A 296 -6.39 -5.30 25.10
CA GLN A 296 -5.29 -6.22 25.11
C GLN A 296 -5.52 -7.26 26.19
N ALA A 297 -6.10 -8.39 25.80
CA ALA A 297 -6.22 -9.52 26.70
C ALA A 297 -4.80 -9.85 27.17
N ARG A 298 -4.69 -10.39 28.38
CA ARG A 298 -3.40 -10.64 28.98
C ARG A 298 -2.61 -11.69 28.22
N GLN A 299 -3.31 -12.56 27.50
CA GLN A 299 -2.67 -13.58 26.67
C GLN A 299 -2.04 -12.97 25.40
N ALA A 300 -2.34 -11.70 25.13
CA ALA A 300 -1.79 -10.99 23.99
C ALA A 300 -0.67 -10.08 24.42
N THR A 301 -0.49 -9.91 25.71
CA THR A 301 0.62 -9.09 26.22
C THR A 301 1.99 -9.59 25.78
N PRO A 302 2.82 -8.72 25.14
CA PRO A 302 4.12 -9.18 24.69
C PRO A 302 5.16 -9.19 25.80
N ARG A 303 6.39 -9.55 25.46
CA ARG A 303 7.44 -9.63 26.45
C ARG A 303 8.63 -8.74 26.05
N PRO A 304 8.51 -7.42 26.27
CA PRO A 304 9.64 -6.54 25.98
C PRO A 304 10.63 -6.49 27.14
N VAL A 305 11.93 -6.44 26.82
CA VAL A 305 12.96 -6.18 27.85
C VAL A 305 13.54 -4.79 27.68
N TRP A 306 13.85 -4.14 28.81
CA TRP A 306 14.52 -2.86 28.78
C TRP A 306 15.91 -3.05 28.15
N ASN A 307 16.13 -2.41 27.01
CA ASN A 307 17.43 -2.43 26.30
C ASN A 307 17.54 -1.38 25.20
N PRO A 308 18.30 -0.30 25.43
CA PRO A 308 18.44 0.79 24.45
C PRO A 308 19.63 0.63 23.48
N LEU A 313 13.11 -2.20 17.71
CA LEU A 313 12.02 -1.60 16.94
C LEU A 313 10.76 -2.49 16.95
N HIS A 314 9.67 -1.93 17.49
CA HIS A 314 8.45 -2.69 17.77
C HIS A 314 7.27 -1.75 17.95
N ASP A 315 6.10 -2.17 17.47
CA ASP A 315 4.91 -1.36 17.47
C ASP A 315 3.91 -1.87 18.51
N PHE A 316 3.94 -1.27 19.70
CA PHE A 316 3.10 -1.69 20.83
C PHE A 316 1.61 -1.49 20.55
N TYR A 317 1.28 -0.46 19.78
CA TYR A 317 -0.10 -0.17 19.42
C TYR A 317 -0.77 -1.35 18.71
N GLY A 318 -0.01 -2.07 17.89
CA GLY A 318 -0.52 -3.23 17.17
C GLY A 318 -0.76 -4.51 17.99
N ASP A 319 -0.34 -4.48 19.25
CA ASP A 319 -0.62 -5.55 20.18
C ASP A 319 -2.02 -5.41 20.74
N TRP A 320 -2.84 -4.54 20.12
CA TRP A 320 -4.14 -4.21 20.69
C TRP A 320 -5.23 -4.42 19.65
N GLN A 321 -6.43 -4.76 20.09
CA GLN A 321 -7.51 -5.01 19.15
C GLN A 321 -8.63 -4.00 19.32
N LYS A 322 -9.05 -3.43 18.19
CA LYS A 322 -10.18 -2.50 18.13
C LYS A 322 -11.45 -3.28 18.44
N LEU A 323 -12.26 -2.77 19.38
CA LEU A 323 -13.52 -3.44 19.70
C LEU A 323 -14.50 -3.18 18.58
N PRO A 324 -15.35 -4.18 18.26
CA PRO A 324 -16.39 -3.94 17.26
C PRO A 324 -17.55 -3.10 17.81
N ASP A 325 -18.40 -2.63 16.90
CA ASP A 325 -19.65 -1.95 17.22
C ASP A 325 -20.80 -2.92 16.98
N ASN A 326 -21.30 -3.52 18.06
CA ASN A 326 -22.38 -4.50 17.93
C ASN A 326 -23.75 -3.91 18.22
N VAL A 327 -23.77 -2.77 18.90
CA VAL A 327 -25.00 -2.03 19.13
C VAL A 327 -24.91 -0.72 18.38
N SER A 328 -26.06 -0.11 18.16
CA SER A 328 -26.15 1.25 17.64
C SER A 328 -25.99 2.17 18.83
N TYR A 329 -25.31 3.30 18.63
CA TYR A 329 -25.21 4.30 19.70
C TYR A 329 -26.04 5.52 19.35
N ASP A 330 -26.80 5.99 20.34
CA ASP A 330 -27.71 7.10 20.13
C ASP A 330 -27.12 8.34 20.78
N ASN A 331 -27.55 9.52 20.33
CA ASN A 331 -27.13 10.76 20.97
C ASN A 331 -27.29 10.62 22.48
N GLY A 332 -26.20 10.85 23.20
CA GLY A 332 -26.15 10.61 24.64
C GLY A 332 -26.97 11.54 25.53
N PHE A 333 -27.33 12.69 24.99
CA PHE A 333 -28.22 13.61 25.68
C PHE A 333 -29.64 13.10 25.52
N LYS A 334 -29.95 12.63 24.31
CA LYS A 334 -31.25 12.10 23.98
C LYS A 334 -31.60 10.91 24.90
N GLU A 335 -30.62 10.01 25.05
CA GLU A 335 -30.80 8.82 25.86
C GLU A 335 -31.11 9.18 27.31
N GLN A 336 -30.41 10.18 27.85
CA GLN A 336 -30.65 10.60 29.23
C GLN A 336 -32.04 11.26 29.39
N TRP A 337 -32.41 12.12 28.45
CA TRP A 337 -33.77 12.64 28.39
C TRP A 337 -34.77 11.52 28.49
N GLU A 338 -34.64 10.53 27.61
CA GLU A 338 -35.55 9.39 27.59
C GLU A 338 -35.56 8.64 28.92
N MSE A 339 -34.41 8.59 29.59
CA MSE A 339 -34.33 7.95 30.91
C MSE A 339 -35.16 8.70 31.93
O MSE A 339 -35.89 8.09 32.71
CB MSE A 339 -32.89 7.89 31.40
CG MSE A 339 -32.07 6.81 30.78
SE MSE A 339 -30.27 6.80 31.51
CE MSE A 339 -29.57 5.34 30.40
N PHE A 340 -35.03 10.02 31.91
CA PHE A 340 -35.69 10.89 32.87
C PHE A 340 -37.19 11.03 32.63
N ILE A 341 -37.64 10.88 31.39
CA ILE A 341 -39.07 10.92 31.12
C ILE A 341 -39.70 9.62 31.64
N ARG A 342 -39.04 8.50 31.38
CA ARG A 342 -39.47 7.20 31.89
C ARG A 342 -39.46 7.18 33.43
N HIS A 343 -38.53 7.92 34.02
CA HIS A 343 -38.42 8.02 35.47
C HIS A 343 -39.62 8.79 36.01
N VAL A 344 -39.89 9.92 35.37
CA VAL A 344 -40.97 10.82 35.77
C VAL A 344 -42.31 10.12 35.60
N TYR A 345 -42.48 9.41 34.49
CA TYR A 345 -43.80 8.89 34.11
C TYR A 345 -44.08 7.44 34.50
N GLU A 346 -43.08 6.58 34.28
CA GLU A 346 -43.21 5.15 34.48
C GLU A 346 -42.65 4.73 35.84
N ASP A 347 -42.02 5.69 36.54
CA ASP A 347 -41.22 5.43 37.76
C ASP A 347 -40.02 4.51 37.51
N ALA A 348 -39.46 4.62 36.31
CA ALA A 348 -38.28 3.87 35.94
C ALA A 348 -37.12 4.36 36.80
N PRO A 349 -36.31 3.42 37.34
CA PRO A 349 -35.19 3.76 38.20
C PRO A 349 -34.22 4.73 37.51
N TYR A 350 -33.59 5.59 38.30
CA TYR A 350 -32.86 6.73 37.75
C TYR A 350 -31.82 7.24 38.74
N LYS A 351 -30.56 6.89 38.49
CA LYS A 351 -29.48 7.27 39.39
C LYS A 351 -29.17 8.78 39.34
N PHE A 352 -29.26 9.37 38.14
CA PHE A 352 -28.72 10.72 37.87
C PHE A 352 -29.56 11.91 38.33
N THR A 353 -29.82 11.97 39.63
CA THR A 353 -30.56 13.07 40.24
C THR A 353 -29.67 14.28 40.49
N LEU A 354 -30.27 15.36 40.99
CA LEU A 354 -29.52 16.54 41.37
C LEU A 354 -28.54 16.27 42.51
N LEU A 355 -28.73 15.18 43.26
CA LEU A 355 -27.71 14.79 44.23
C LEU A 355 -26.38 14.50 43.53
N GLU A 356 -26.44 13.89 42.35
CA GLU A 356 -25.24 13.56 41.59
C GLU A 356 -24.52 14.83 41.13
N GLY A 357 -25.31 15.84 40.74
CA GLY A 357 -24.76 17.13 40.32
C GLY A 357 -24.01 17.84 41.44
N ALA A 358 -24.51 17.69 42.67
CA ALA A 358 -23.83 18.21 43.86
C ALA A 358 -22.58 17.41 44.24
N LYS A 359 -22.53 16.12 43.89
CA LYS A 359 -21.33 15.33 44.14
C LYS A 359 -20.18 15.80 43.26
N GLY A 360 -20.52 16.19 42.02
CA GLY A 360 -19.56 16.75 41.09
C GLY A 360 -19.02 18.04 41.63
N VAL A 361 -19.93 18.92 42.05
CA VAL A 361 -19.53 20.20 42.60
C VAL A 361 -18.74 19.98 43.88
N GLN A 362 -19.10 18.97 44.65
CA GLN A 362 -18.30 18.62 45.83
C GLN A 362 -16.86 18.25 45.44
N LEU A 363 -16.73 17.40 44.43
CA LEU A 363 -15.41 16.91 44.09
C LEU A 363 -14.50 18.05 43.62
N ALA A 364 -15.05 18.90 42.76
CA ALA A 364 -14.34 20.05 42.27
C ALA A 364 -13.90 20.98 43.40
N GLU A 365 -14.74 21.15 44.42
CA GLU A 365 -14.37 21.96 45.59
C GLU A 365 -13.31 21.27 46.44
N CYS A 366 -13.35 19.96 46.51
CA CYS A 366 -12.30 19.20 47.21
C CYS A 366 -10.94 19.28 46.51
N ALA A 367 -10.97 19.34 45.17
CA ALA A 367 -9.75 19.46 44.40
C ALA A 367 -9.10 20.83 44.61
N LEU A 368 -9.91 21.88 44.50
CA LEU A 368 -9.42 23.25 44.73
C LEU A 368 -8.83 23.36 46.13
N LYS A 369 -9.53 22.80 47.11
CA LYS A 369 -9.08 22.76 48.50
C LYS A 369 -7.71 22.08 48.62
N SER A 370 -7.56 20.94 47.96
CA SER A 370 -6.32 20.16 48.02
C SER A 370 -5.18 20.88 47.35
N TRP A 371 -5.51 21.67 46.34
CA TRP A 371 -4.54 22.51 45.66
C TRP A 371 -4.02 23.57 46.64
N LYS A 372 -4.95 24.31 47.23
CA LYS A 372 -4.69 25.36 48.21
C LYS A 372 -3.95 24.88 49.47
N GLU A 373 -4.27 23.68 49.95
CA GLU A 373 -3.74 23.18 51.23
C GLU A 373 -2.61 22.18 51.08
N ARG A 374 -2.24 21.89 49.84
CA ARG A 374 -1.09 21.02 49.53
C ARG A 374 -1.17 19.63 50.16
N ARG A 375 -2.37 19.06 50.22
CA ARG A 375 -2.56 17.73 50.79
C ARG A 375 -3.74 16.99 50.16
N TRP A 376 -3.78 15.67 50.31
CA TRP A 376 -4.97 14.88 49.94
C TRP A 376 -6.17 15.35 50.74
N ILE A 377 -7.35 15.30 50.13
CA ILE A 377 -8.59 15.78 50.76
C ILE A 377 -9.69 14.74 50.58
N ASP A 378 -10.14 14.19 51.71
CA ASP A 378 -11.22 13.20 51.74
C ASP A 378 -12.58 13.78 51.37
N VAL A 379 -13.37 12.96 50.69
CA VAL A 379 -14.70 13.35 50.22
C VAL A 379 -15.77 12.90 51.23
N ALA A 380 -16.42 13.87 51.87
CA ALA A 380 -17.41 13.53 52.89
C ALA A 380 -18.66 12.87 52.27
N PRO A 381 -19.17 11.80 52.91
CA PRO A 381 -20.51 11.36 52.54
C PRO A 381 -21.57 12.42 52.84
N ILE A 382 -22.72 12.29 52.20
CA ILE A 382 -23.80 13.27 52.33
C ILE A 382 -25.03 12.66 53.01
N THR B 3 32.58 -47.57 -13.63
CA THR B 3 32.44 -46.52 -12.59
C THR B 3 32.43 -45.11 -13.21
N THR B 4 33.48 -44.80 -13.96
CA THR B 4 33.65 -43.48 -14.58
C THR B 4 34.33 -43.66 -15.94
N GLN B 5 33.59 -43.37 -17.00
CA GLN B 5 34.07 -43.61 -18.36
C GLN B 5 34.59 -42.34 -19.02
N ARG B 6 35.47 -42.51 -20.01
CA ARG B 6 36.11 -41.37 -20.68
C ARG B 6 35.42 -41.00 -22.00
N LEU B 7 35.02 -39.74 -22.09
CA LEU B 7 34.49 -39.17 -23.33
C LEU B 7 35.44 -38.13 -23.88
N GLY B 8 36.08 -38.46 -25.00
CA GLY B 8 37.00 -37.55 -25.67
C GLY B 8 36.25 -36.51 -26.48
N LEU B 9 35.77 -35.47 -25.80
CA LEU B 9 34.98 -34.45 -26.45
C LEU B 9 35.86 -33.34 -27.02
N ILE B 10 35.77 -33.14 -28.32
CA ILE B 10 36.51 -32.07 -28.99
C ILE B 10 35.55 -30.90 -29.26
N MSE B 11 35.99 -29.69 -28.93
CA MSE B 11 35.09 -28.54 -28.88
C MSE B 11 35.53 -27.35 -29.71
O MSE B 11 36.48 -26.66 -29.35
CB MSE B 11 34.92 -28.09 -27.43
CG MSE B 11 34.41 -29.16 -26.51
SE MSE B 11 33.84 -28.39 -24.82
CE MSE B 11 32.37 -27.25 -25.44
N ASN B 12 34.83 -27.12 -30.81
CA ASN B 12 35.11 -25.99 -31.68
C ASN B 12 34.27 -24.76 -31.32
N GLY B 13 34.90 -23.60 -31.31
CA GLY B 13 34.20 -22.32 -31.18
C GLY B 13 33.89 -21.88 -29.77
N VAL B 14 34.55 -22.52 -28.81
CA VAL B 14 34.43 -22.10 -27.40
C VAL B 14 35.31 -20.87 -27.12
N THR B 15 34.94 -19.76 -27.75
CA THR B 15 35.70 -18.52 -27.68
C THR B 15 34.74 -17.36 -27.91
N GLY B 16 33.85 -17.52 -28.90
CA GLY B 16 32.93 -16.47 -29.36
C GLY B 16 32.06 -15.80 -28.31
N ARG B 17 30.81 -16.22 -28.22
CA ARG B 17 29.85 -15.56 -27.35
C ARG B 17 29.16 -16.55 -26.43
N MSE B 18 27.88 -16.81 -26.69
CA MSE B 18 27.09 -17.79 -25.95
C MSE B 18 27.54 -19.23 -26.27
O MSE B 18 26.88 -20.20 -25.90
CB MSE B 18 25.57 -17.58 -26.22
CG MSE B 18 25.04 -16.16 -25.87
SE MSE B 18 23.07 -15.83 -25.96
CE MSE B 18 23.03 -13.90 -25.58
N GLY B 19 28.70 -19.34 -26.93
CA GLY B 19 29.35 -20.63 -27.21
C GLY B 19 30.41 -20.98 -26.18
N LEU B 20 30.99 -19.96 -25.56
CA LEU B 20 31.93 -20.13 -24.46
C LEU B 20 31.19 -20.28 -23.13
N ASN B 21 30.19 -19.43 -22.93
CA ASN B 21 29.49 -19.33 -21.66
C ASN B 21 28.55 -20.51 -21.42
N GLN B 22 27.71 -20.83 -22.40
CA GLN B 22 26.66 -21.82 -22.20
C GLN B 22 27.13 -23.28 -22.30
N HIS B 23 28.10 -23.54 -23.17
CA HIS B 23 28.55 -24.91 -23.40
C HIS B 23 29.73 -25.33 -22.52
N LEU B 24 30.85 -24.63 -22.64
CA LEU B 24 32.03 -24.94 -21.84
C LEU B 24 31.78 -24.75 -20.35
N ILE B 25 31.46 -23.53 -19.96
CA ILE B 25 31.29 -23.18 -18.56
C ILE B 25 30.04 -23.83 -17.97
N ARG B 26 28.87 -23.38 -18.46
CA ARG B 26 27.58 -23.78 -17.90
C ARG B 26 27.25 -25.28 -18.04
N SER B 27 27.71 -25.92 -19.10
CA SER B 27 27.38 -27.32 -19.32
C SER B 27 28.52 -28.25 -18.89
N ILE B 28 29.60 -28.25 -19.68
CA ILE B 28 30.67 -29.23 -19.54
C ILE B 28 31.40 -29.14 -18.20
N VAL B 29 31.95 -27.96 -17.88
CA VAL B 29 32.72 -27.79 -16.64
C VAL B 29 31.87 -28.12 -15.42
N ALA B 30 30.61 -27.67 -15.44
CA ALA B 30 29.64 -28.02 -14.40
C ALA B 30 29.42 -29.55 -14.32
N ILE B 31 29.17 -30.18 -15.47
CA ILE B 31 29.06 -31.64 -15.57
C ILE B 31 30.36 -32.33 -15.07
N ARG B 32 31.50 -31.76 -15.44
CA ARG B 32 32.81 -32.18 -14.94
C ARG B 32 32.86 -32.09 -13.41
N ASP B 33 32.52 -30.93 -12.86
CA ASP B 33 32.63 -30.67 -11.43
C ASP B 33 31.51 -31.32 -10.60
N GLN B 34 30.79 -32.26 -11.21
CA GLN B 34 29.84 -33.10 -10.51
C GLN B 34 30.36 -34.51 -10.44
N GLY B 35 31.21 -34.88 -11.40
CA GLY B 35 31.70 -36.24 -11.55
C GLY B 35 31.32 -36.84 -12.89
N GLY B 36 30.57 -36.08 -13.68
CA GLY B 36 30.14 -36.52 -15.02
C GLY B 36 28.64 -36.72 -15.19
N VAL B 37 28.26 -37.26 -16.35
CA VAL B 37 26.85 -37.56 -16.65
C VAL B 37 26.46 -38.93 -16.11
N ARG B 38 25.46 -38.93 -15.22
CA ARG B 38 25.01 -40.14 -14.51
C ARG B 38 24.07 -41.01 -15.35
N LEU B 39 24.38 -42.31 -15.44
CA LEU B 39 23.62 -43.24 -16.29
C LEU B 39 22.61 -44.12 -15.53
N LYS B 40 22.04 -45.09 -16.25
CA LYS B 40 20.99 -45.99 -15.71
C LYS B 40 21.52 -46.90 -14.60
N ASN B 41 22.55 -47.69 -14.92
CA ASN B 41 23.18 -48.59 -13.96
C ASN B 41 23.99 -47.91 -12.84
N GLY B 42 24.25 -46.61 -13.00
CA GLY B 42 24.93 -45.83 -11.96
C GLY B 42 26.20 -45.11 -12.38
N ASP B 43 26.98 -45.72 -13.29
CA ASP B 43 28.28 -45.16 -13.69
C ASP B 43 28.18 -43.84 -14.47
N ARG B 44 29.17 -42.97 -14.27
CA ARG B 44 29.17 -41.62 -14.86
C ARG B 44 30.09 -41.48 -16.08
N ILE B 45 29.70 -40.58 -16.99
CA ILE B 45 30.52 -40.27 -18.15
C ILE B 45 31.28 -38.97 -17.90
N MSE B 46 32.60 -39.09 -17.80
CA MSE B 46 33.46 -37.93 -17.61
C MSE B 46 33.92 -37.41 -18.95
O MSE B 46 34.49 -38.15 -19.75
CB MSE B 46 34.64 -38.28 -16.71
CG MSE B 46 34.47 -37.86 -15.25
SE MSE B 46 34.34 -35.92 -14.95
CE MSE B 46 35.86 -35.33 -16.04
N PRO B 47 33.68 -36.12 -19.21
CA PRO B 47 34.09 -35.50 -20.46
C PRO B 47 35.49 -34.91 -20.37
N ASP B 48 36.43 -35.55 -21.06
CA ASP B 48 37.78 -35.04 -21.22
C ASP B 48 37.83 -34.12 -22.44
N PRO B 49 37.70 -32.79 -22.21
CA PRO B 49 37.64 -31.85 -23.32
C PRO B 49 39.01 -31.59 -23.93
N ILE B 50 39.01 -31.26 -25.22
CA ILE B 50 40.19 -30.76 -25.92
C ILE B 50 39.71 -29.59 -26.77
N LEU B 51 40.38 -28.44 -26.63
CA LEU B 51 39.89 -27.18 -27.18
C LEU B 51 40.68 -26.71 -28.42
N VAL B 52 39.94 -26.31 -29.45
CA VAL B 52 40.54 -25.84 -30.70
C VAL B 52 40.03 -24.45 -31.07
N GLY B 53 40.93 -23.62 -31.59
CA GLY B 53 40.60 -22.27 -32.06
C GLY B 53 41.67 -21.72 -32.99
N ARG B 54 41.44 -20.50 -33.50
CA ARG B 54 42.41 -19.85 -34.38
C ARG B 54 43.76 -19.72 -33.68
N SER B 55 43.75 -19.17 -32.48
CA SER B 55 44.97 -18.88 -31.73
C SER B 55 45.12 -19.77 -30.49
N ALA B 56 46.35 -20.23 -30.26
CA ALA B 56 46.69 -21.10 -29.13
C ALA B 56 46.80 -20.34 -27.82
N GLU B 57 47.26 -19.09 -27.89
CA GLU B 57 47.48 -18.25 -26.70
C GLU B 57 46.21 -18.02 -25.88
N LYS B 58 45.09 -17.80 -26.55
CA LYS B 58 43.80 -17.66 -25.89
C LYS B 58 43.21 -19.02 -25.51
N VAL B 59 43.60 -20.06 -26.24
CA VAL B 59 43.06 -21.40 -25.99
C VAL B 59 43.79 -22.10 -24.84
N GLU B 60 45.11 -21.91 -24.76
CA GLU B 60 45.87 -22.48 -23.65
C GLU B 60 45.62 -21.73 -22.35
N ALA B 61 45.28 -20.44 -22.47
CA ALA B 61 44.87 -19.64 -21.31
C ALA B 61 43.50 -20.07 -20.81
N LEU B 62 42.61 -20.41 -21.74
CA LEU B 62 41.27 -20.89 -21.41
C LEU B 62 41.33 -22.30 -20.87
N ALA B 63 42.26 -23.09 -21.40
CA ALA B 63 42.54 -24.43 -20.90
C ALA B 63 43.07 -24.37 -19.46
N LYS B 64 43.84 -23.33 -19.16
CA LYS B 64 44.32 -23.08 -17.80
C LYS B 64 43.16 -22.77 -16.85
N ARG B 65 42.33 -21.80 -17.23
CA ARG B 65 41.24 -21.29 -16.39
C ARG B 65 40.46 -22.36 -15.62
N PHE B 66 40.15 -23.46 -16.30
CA PHE B 66 39.21 -24.44 -15.78
C PHE B 66 39.80 -25.82 -15.46
N ASN B 67 41.09 -26.00 -15.80
CA ASN B 67 41.82 -27.26 -15.58
C ASN B 67 41.56 -28.31 -16.66
N ILE B 68 41.41 -27.85 -17.90
CA ILE B 68 41.26 -28.75 -19.05
C ILE B 68 42.62 -29.34 -19.45
N ALA B 69 43.62 -28.48 -19.61
CA ALA B 69 45.00 -28.91 -19.90
C ALA B 69 45.17 -29.83 -21.12
N ARG B 70 44.39 -29.55 -22.18
CA ARG B 70 44.52 -30.23 -23.47
C ARG B 70 43.99 -29.32 -24.58
N TRP B 71 44.86 -28.95 -25.52
CA TRP B 71 44.49 -28.04 -26.61
C TRP B 71 45.25 -28.27 -27.90
N THR B 72 44.68 -27.83 -29.02
CA THR B 72 45.36 -27.81 -30.32
C THR B 72 44.83 -26.70 -31.24
N THR B 73 45.45 -26.57 -32.42
CA THR B 73 45.08 -25.59 -33.44
C THR B 73 44.70 -26.29 -34.75
N ASP B 74 45.48 -27.32 -35.10
CA ASP B 74 45.27 -28.10 -36.31
C ASP B 74 43.96 -28.89 -36.18
N LEU B 75 42.88 -28.26 -36.62
CA LEU B 75 41.55 -28.83 -36.54
C LEU B 75 41.51 -30.19 -37.26
N ASP B 76 42.08 -30.23 -38.46
CA ASP B 76 42.16 -31.46 -39.28
C ASP B 76 42.83 -32.62 -38.53
N ALA B 77 43.89 -32.31 -37.79
CA ALA B 77 44.61 -33.29 -36.99
C ALA B 77 43.76 -33.81 -35.84
N ALA B 78 42.97 -32.92 -35.24
CA ALA B 78 42.07 -33.27 -34.14
C ALA B 78 40.93 -34.22 -34.56
N LEU B 79 40.53 -34.12 -35.83
CA LEU B 79 39.54 -35.03 -36.41
C LEU B 79 40.17 -36.34 -36.87
N ALA B 80 41.48 -36.34 -37.07
CA ALA B 80 42.23 -37.56 -37.35
C ALA B 80 42.31 -38.47 -36.11
N ASP B 81 42.21 -37.86 -34.93
CA ASP B 81 42.22 -38.59 -33.66
C ASP B 81 41.10 -39.61 -33.63
N LYS B 82 41.44 -40.86 -33.32
CA LYS B 82 40.42 -41.90 -33.19
C LYS B 82 40.22 -42.27 -31.73
N ASN B 83 41.17 -41.85 -30.89
CA ASN B 83 41.12 -42.00 -29.43
C ASN B 83 40.00 -41.17 -28.78
N ASP B 84 39.71 -40.01 -29.37
CA ASP B 84 38.59 -39.17 -28.98
C ASP B 84 37.36 -39.52 -29.82
N THR B 85 36.17 -39.35 -29.23
CA THR B 85 34.98 -39.98 -29.78
C THR B 85 33.85 -39.04 -30.27
N MSE B 86 33.96 -37.75 -29.97
CA MSE B 86 32.85 -36.83 -30.22
C MSE B 86 33.31 -35.44 -30.67
O MSE B 86 34.34 -34.95 -30.24
CB MSE B 86 32.02 -36.69 -28.94
CG MSE B 86 30.53 -36.79 -29.15
SE MSE B 86 29.55 -36.05 -27.63
CE MSE B 86 29.43 -34.20 -28.28
N PHE B 87 32.50 -34.79 -31.51
CA PHE B 87 32.82 -33.48 -32.05
C PHE B 87 31.73 -32.44 -31.76
N PHE B 88 32.13 -31.32 -31.18
CA PHE B 88 31.25 -30.21 -30.92
C PHE B 88 31.66 -28.97 -31.72
N ASP B 89 30.68 -28.25 -32.25
CA ASP B 89 30.96 -26.97 -32.89
C ASP B 89 29.97 -25.86 -32.52
N ALA B 90 30.51 -24.79 -31.98
CA ALA B 90 29.76 -23.56 -31.75
C ALA B 90 30.53 -22.41 -32.36
N ALA B 91 31.09 -22.64 -33.55
CA ALA B 91 31.95 -21.66 -34.21
C ALA B 91 31.22 -20.88 -35.31
N THR B 92 31.92 -20.68 -36.44
CA THR B 92 31.37 -20.01 -37.63
C THR B 92 30.18 -20.82 -38.15
N THR B 93 29.07 -20.14 -38.39
CA THR B 93 27.88 -20.80 -38.93
C THR B 93 28.12 -21.21 -40.40
N GLN B 94 28.76 -20.33 -41.17
CA GLN B 94 29.06 -20.61 -42.59
C GLN B 94 30.18 -21.64 -42.81
N ALA B 95 30.81 -22.12 -41.74
CA ALA B 95 31.90 -23.10 -41.83
C ALA B 95 31.55 -24.43 -41.17
N ARG B 96 30.38 -24.50 -40.53
CA ARG B 96 29.99 -25.62 -39.68
C ARG B 96 29.60 -26.92 -40.41
N PRO B 97 28.78 -26.84 -41.49
CA PRO B 97 28.39 -28.08 -42.18
C PRO B 97 29.61 -28.80 -42.78
N GLY B 98 30.61 -28.04 -43.21
CA GLY B 98 31.86 -28.62 -43.71
C GLY B 98 32.58 -29.43 -42.65
N LEU B 99 32.67 -28.85 -41.44
CA LEU B 99 33.40 -29.50 -40.35
C LEU B 99 32.64 -30.72 -39.82
N LEU B 100 31.32 -30.61 -39.76
CA LEU B 100 30.46 -31.73 -39.36
C LEU B 100 30.58 -32.86 -40.36
N THR B 101 30.49 -32.51 -41.64
CA THR B 101 30.69 -33.49 -42.72
C THR B 101 32.06 -34.16 -42.63
N GLN B 102 33.05 -33.40 -42.15
CA GLN B 102 34.39 -33.95 -41.93
C GLN B 102 34.48 -34.84 -40.70
N ALA B 103 33.72 -34.49 -39.66
CA ALA B 103 33.71 -35.24 -38.41
C ALA B 103 32.93 -36.55 -38.50
N ILE B 104 31.83 -36.53 -39.24
CA ILE B 104 30.99 -37.71 -39.46
C ILE B 104 31.78 -38.79 -40.24
N ASN B 105 32.52 -38.33 -41.26
CA ASN B 105 33.37 -39.21 -42.06
C ASN B 105 34.37 -39.99 -41.21
N ALA B 106 34.80 -39.37 -40.11
CA ALA B 106 35.81 -39.95 -39.23
C ALA B 106 35.20 -40.79 -38.10
N GLY B 107 33.90 -41.04 -38.21
CA GLY B 107 33.16 -41.86 -37.25
C GLY B 107 32.89 -41.19 -35.92
N LYS B 108 32.71 -39.87 -35.94
CA LYS B 108 32.51 -39.13 -34.70
C LYS B 108 31.05 -38.75 -34.46
N HIS B 109 30.57 -39.01 -33.23
CA HIS B 109 29.29 -38.49 -32.79
C HIS B 109 29.36 -36.97 -32.85
N VAL B 110 28.22 -36.33 -33.08
CA VAL B 110 28.19 -34.92 -33.43
C VAL B 110 27.11 -34.11 -32.69
N TYR B 111 27.52 -32.97 -32.14
CA TYR B 111 26.61 -32.04 -31.48
C TYR B 111 27.05 -30.63 -31.85
N CYS B 112 26.12 -29.79 -32.27
CA CYS B 112 26.49 -28.50 -32.82
C CYS B 112 25.49 -27.43 -32.47
N GLU B 113 25.96 -26.19 -32.48
CA GLU B 113 25.10 -25.05 -32.22
C GLU B 113 24.19 -24.75 -33.39
N LYS B 114 23.33 -23.76 -33.20
CA LYS B 114 22.33 -23.37 -34.17
C LYS B 114 22.84 -22.23 -35.05
N PRO B 115 22.64 -22.33 -36.39
CA PRO B 115 22.07 -23.44 -37.14
C PRO B 115 23.13 -24.41 -37.65
N ILE B 116 22.69 -25.52 -38.25
CA ILE B 116 23.61 -26.55 -38.73
C ILE B 116 24.21 -26.19 -40.09
N ALA B 117 23.53 -25.31 -40.82
CA ALA B 117 24.00 -24.83 -42.11
C ALA B 117 23.32 -23.54 -42.51
N THR B 118 23.75 -22.97 -43.62
CA THR B 118 23.19 -21.75 -44.17
C THR B 118 22.01 -22.10 -45.04
N ASN B 119 22.18 -23.20 -45.76
CA ASN B 119 21.32 -23.62 -46.84
C ASN B 119 20.48 -24.84 -46.42
N PHE B 120 19.33 -25.05 -47.06
CA PHE B 120 18.58 -26.29 -46.79
C PHE B 120 19.20 -27.51 -47.48
N GLU B 121 19.68 -27.35 -48.71
CA GLU B 121 20.37 -28.44 -49.39
C GLU B 121 21.57 -28.86 -48.57
N GLU B 122 22.36 -27.87 -48.16
CA GLU B 122 23.59 -28.07 -47.38
C GLU B 122 23.29 -28.94 -46.18
N ALA B 123 22.20 -28.60 -45.50
CA ALA B 123 21.82 -29.19 -44.24
C ALA B 123 21.32 -30.62 -44.39
N LEU B 124 20.52 -30.87 -45.42
CA LEU B 124 19.95 -32.20 -45.64
C LEU B 124 21.02 -33.24 -46.02
N GLU B 125 22.01 -32.82 -46.81
CA GLU B 125 23.11 -33.69 -47.19
C GLU B 125 23.95 -34.11 -45.97
N VAL B 126 23.91 -33.29 -44.92
CA VAL B 126 24.64 -33.58 -43.67
C VAL B 126 23.91 -34.64 -42.81
N VAL B 127 22.58 -34.57 -42.80
CA VAL B 127 21.70 -35.54 -42.12
C VAL B 127 21.83 -36.94 -42.72
N LYS B 128 21.62 -37.01 -44.05
CA LYS B 128 21.80 -38.23 -44.82
C LYS B 128 23.15 -38.89 -44.54
N LEU B 129 24.20 -38.08 -44.51
CA LEU B 129 25.54 -38.58 -44.22
C LEU B 129 25.65 -39.20 -42.82
N ALA B 130 25.14 -38.47 -41.82
CA ALA B 130 25.19 -38.91 -40.42
C ALA B 130 24.45 -40.23 -40.18
N ASN B 131 23.26 -40.36 -40.76
CA ASN B 131 22.48 -41.59 -40.62
C ASN B 131 23.24 -42.79 -41.18
N SER B 132 23.63 -42.68 -42.44
CA SER B 132 24.43 -43.70 -43.15
C SER B 132 25.55 -44.32 -42.31
N LYS B 133 26.37 -43.46 -41.69
CA LYS B 133 27.57 -43.89 -40.95
C LYS B 133 27.27 -44.63 -39.64
N GLY B 134 26.16 -44.28 -38.99
CA GLY B 134 25.75 -44.92 -37.74
C GLY B 134 26.05 -44.09 -36.51
N VAL B 135 26.53 -42.87 -36.74
CA VAL B 135 26.86 -41.95 -35.65
C VAL B 135 25.61 -41.35 -35.00
N LYS B 136 25.74 -41.02 -33.72
CA LYS B 136 24.73 -40.24 -33.01
C LYS B 136 24.99 -38.75 -33.29
N HIS B 137 23.92 -37.98 -33.36
CA HIS B 137 24.01 -36.58 -33.80
C HIS B 137 22.90 -35.74 -33.20
N GLY B 138 23.22 -34.50 -32.83
CA GLY B 138 22.25 -33.62 -32.21
C GLY B 138 22.58 -32.15 -32.37
N THR B 139 21.58 -31.30 -32.19
CA THR B 139 21.78 -29.85 -32.20
C THR B 139 20.93 -29.14 -31.15
N VAL B 140 21.35 -27.94 -30.80
CA VAL B 140 20.73 -27.16 -29.72
C VAL B 140 19.34 -26.66 -30.11
N GLN B 141 18.36 -26.89 -29.23
CA GLN B 141 17.03 -26.27 -29.34
C GLN B 141 16.70 -25.56 -28.03
N ASP B 142 17.49 -24.56 -27.67
CA ASP B 142 17.40 -23.99 -26.31
C ASP B 142 16.02 -23.47 -25.90
N LYS B 143 15.29 -22.81 -26.79
CA LYS B 143 13.96 -22.30 -26.44
C LYS B 143 13.04 -23.29 -25.67
N LEU B 144 13.14 -24.58 -25.97
CA LEU B 144 12.27 -25.57 -25.32
C LEU B 144 12.61 -25.77 -23.86
N PHE B 145 13.74 -25.22 -23.46
CA PHE B 145 14.21 -25.37 -22.09
C PHE B 145 13.99 -24.14 -21.23
N LEU B 146 13.54 -23.05 -21.84
CA LEU B 146 13.05 -21.91 -21.10
C LEU B 146 11.94 -22.38 -20.15
N PRO B 147 12.03 -22.03 -18.86
CA PRO B 147 11.01 -22.45 -17.89
C PRO B 147 9.59 -22.13 -18.32
N GLY B 148 9.39 -20.96 -18.92
CA GLY B 148 8.09 -20.57 -19.42
C GLY B 148 7.53 -21.57 -20.41
N LEU B 149 8.36 -22.06 -21.31
CA LEU B 149 7.88 -23.00 -22.32
C LEU B 149 7.76 -24.44 -21.79
N LYS B 150 8.46 -24.73 -20.71
CA LYS B 150 8.33 -26.02 -20.09
C LYS B 150 6.99 -26.09 -19.38
N LYS B 151 6.55 -24.95 -18.84
CA LYS B 151 5.24 -24.80 -18.20
C LYS B 151 4.05 -24.96 -19.15
N ILE B 152 4.24 -24.48 -20.39
CA ILE B 152 3.25 -24.63 -21.42
C ILE B 152 3.09 -26.12 -21.68
N ALA B 153 4.23 -26.79 -21.83
CA ALA B 153 4.24 -28.24 -22.01
C ALA B 153 3.46 -28.95 -20.90
N PHE B 154 3.73 -28.56 -19.67
CA PHE B 154 3.08 -29.17 -18.53
C PHE B 154 1.60 -28.85 -18.52
N LEU B 155 1.23 -27.69 -19.03
CA LEU B 155 -0.17 -27.31 -19.09
C LEU B 155 -0.88 -28.12 -20.15
N ARG B 156 -0.18 -28.40 -21.24
CA ARG B 156 -0.73 -29.19 -22.32
C ARG B 156 -0.89 -30.66 -21.90
N ASP B 157 0.11 -31.20 -21.20
CA ASP B 157 0.06 -32.60 -20.74
C ASP B 157 -0.99 -32.83 -19.66
N SER B 158 -1.11 -31.89 -18.74
CA SER B 158 -2.06 -32.03 -17.66
C SER B 158 -3.48 -31.71 -18.11
N GLY B 159 -3.66 -31.34 -19.37
CA GLY B 159 -5.01 -31.14 -19.91
C GLY B 159 -5.65 -29.79 -19.62
N PHE B 160 -4.88 -28.83 -19.14
CA PHE B 160 -5.37 -27.50 -18.85
C PHE B 160 -6.15 -26.86 -19.99
N PHE B 161 -5.62 -26.94 -21.20
CA PHE B 161 -6.19 -26.20 -22.34
C PHE B 161 -7.51 -26.76 -22.89
N GLY B 162 -7.80 -28.02 -22.59
CA GLY B 162 -8.85 -28.73 -23.31
C GLY B 162 -8.35 -28.96 -24.72
N ARG B 163 -8.96 -28.30 -25.72
CA ARG B 163 -8.40 -28.34 -27.07
C ARG B 163 -7.69 -27.01 -27.35
N ILE B 164 -6.39 -27.08 -27.65
CA ILE B 164 -5.63 -25.88 -27.99
C ILE B 164 -6.16 -25.32 -29.32
N LEU B 165 -6.40 -24.01 -29.37
CA LEU B 165 -7.00 -23.40 -30.55
C LEU B 165 -6.04 -22.55 -31.38
N SER B 166 -5.21 -21.77 -30.70
CA SER B 166 -4.41 -20.76 -31.37
C SER B 166 -3.26 -20.32 -30.48
N VAL B 167 -2.24 -19.74 -31.09
CA VAL B 167 -1.03 -19.35 -30.41
C VAL B 167 -0.62 -18.00 -30.94
N ARG B 168 -0.27 -17.10 -30.04
CA ARG B 168 0.17 -15.76 -30.42
C ARG B 168 1.53 -15.55 -29.85
N GLY B 169 2.51 -15.33 -30.74
CA GLY B 169 3.86 -15.07 -30.34
C GLY B 169 4.20 -13.61 -30.55
N GLU B 170 4.72 -12.98 -29.49
CA GLU B 170 5.29 -11.63 -29.59
C GLU B 170 6.73 -11.74 -29.17
N PHE B 171 7.63 -11.42 -30.09
CA PHE B 171 9.06 -11.55 -29.86
C PHE B 171 9.88 -10.31 -30.20
N GLY B 172 10.81 -9.99 -29.31
CA GLY B 172 11.84 -9.02 -29.65
C GLY B 172 11.83 -7.85 -28.73
N TYR B 173 12.70 -6.91 -29.03
CA TYR B 173 12.92 -5.72 -28.24
C TYR B 173 13.70 -4.71 -29.07
N TRP B 174 13.85 -3.49 -28.57
CA TRP B 174 14.56 -2.47 -29.35
C TRP B 174 16.07 -2.63 -29.29
N VAL B 175 16.67 -2.96 -30.42
CA VAL B 175 18.13 -3.05 -30.51
C VAL B 175 18.64 -1.70 -30.99
N PHE B 176 19.38 -1.00 -30.14
CA PHE B 176 19.79 0.38 -30.43
C PHE B 176 20.62 0.48 -31.69
N GLU B 177 20.36 1.53 -32.46
CA GLU B 177 20.96 1.69 -33.78
C GLU B 177 22.48 1.90 -33.73
N GLY B 178 23.00 2.17 -32.54
CA GLY B 178 24.42 2.47 -32.38
C GLY B 178 24.72 3.94 -32.64
N GLY B 179 23.65 4.71 -32.90
CA GLY B 179 23.76 6.16 -32.98
C GLY B 179 24.21 6.75 -31.65
N TRP B 180 23.38 6.57 -30.62
CA TRP B 180 23.64 7.15 -29.31
C TRP B 180 24.01 6.12 -28.25
N GLN B 181 23.50 4.90 -28.43
CA GLN B 181 23.79 3.83 -27.49
C GLN B 181 24.39 2.64 -28.22
N GLU B 182 25.25 1.91 -27.52
CA GLU B 182 25.90 0.72 -28.08
C GLU B 182 24.83 -0.35 -28.37
N ALA B 183 24.90 -0.96 -29.54
CA ALA B 183 23.98 -1.98 -29.97
C ALA B 183 24.16 -3.27 -29.17
N GLN B 184 23.06 -3.80 -28.64
CA GLN B 184 23.10 -5.06 -27.89
C GLN B 184 23.49 -6.28 -28.75
N ARG B 185 23.48 -6.13 -30.08
CA ARG B 185 23.79 -7.27 -30.95
C ARG B 185 24.91 -7.00 -31.95
N PRO B 186 25.59 -8.08 -32.38
CA PRO B 186 26.64 -7.98 -33.40
C PRO B 186 26.08 -7.49 -34.74
N SER B 187 26.87 -6.71 -35.48
CA SER B 187 26.36 -6.01 -36.65
C SER B 187 26.07 -6.89 -37.86
N TRP B 188 26.62 -8.11 -37.89
CA TRP B 188 26.37 -9.02 -39.04
C TRP B 188 24.90 -9.47 -39.12
N ASN B 189 24.22 -9.42 -37.99
CA ASN B 189 22.80 -9.72 -37.93
C ASN B 189 21.99 -8.76 -38.79
N TYR B 190 22.61 -7.63 -39.17
CA TYR B 190 21.89 -6.56 -39.85
C TYR B 190 22.35 -6.34 -41.28
N ARG B 191 23.33 -7.15 -41.70
CA ARG B 191 23.71 -7.20 -43.09
C ARG B 191 23.27 -8.54 -43.69
N ASP B 192 22.54 -8.48 -44.79
CA ASP B 192 22.09 -9.67 -45.50
C ASP B 192 23.25 -10.51 -46.03
N GLU B 193 24.28 -9.83 -46.55
CA GLU B 193 25.45 -10.50 -47.12
C GLU B 193 26.16 -11.36 -46.10
N ASP B 194 26.17 -10.91 -44.84
CA ASP B 194 26.81 -11.65 -43.76
C ASP B 194 25.88 -12.71 -43.19
N GLY B 195 24.75 -12.94 -43.87
CA GLY B 195 23.78 -13.93 -43.42
C GLY B 195 22.99 -13.46 -42.20
N GLY B 196 22.84 -12.15 -42.06
CA GLY B 196 21.95 -11.60 -41.07
C GLY B 196 20.53 -11.68 -41.57
N GLY B 197 19.58 -11.43 -40.67
CA GLY B 197 18.17 -11.53 -40.99
C GLY B 197 17.42 -12.17 -39.85
N ILE B 198 16.36 -11.52 -39.40
CA ILE B 198 15.59 -12.03 -38.28
C ILE B 198 14.81 -13.30 -38.65
N ILE B 199 14.36 -13.40 -39.90
CA ILE B 199 13.57 -14.55 -40.33
C ILE B 199 14.40 -15.82 -40.21
N LEU B 200 15.58 -15.85 -40.84
CA LEU B 200 16.32 -17.08 -40.79
C LEU B 200 16.99 -17.37 -39.48
N ASP B 201 17.21 -16.33 -38.67
CA ASP B 201 17.62 -16.52 -37.30
C ASP B 201 16.47 -17.12 -36.47
N MSE B 202 15.31 -16.48 -36.48
CA MSE B 202 14.26 -16.78 -35.54
C MSE B 202 13.23 -17.81 -36.01
O MSE B 202 12.80 -18.68 -35.22
CB MSE B 202 13.57 -15.49 -35.08
CG MSE B 202 14.51 -14.47 -34.37
SE MSE B 202 15.53 -15.25 -32.86
CE MSE B 202 14.00 -16.05 -31.88
N VAL B 203 12.83 -17.77 -37.27
CA VAL B 203 11.90 -18.75 -37.81
C VAL B 203 12.50 -20.17 -37.71
N CYS B 204 13.82 -20.23 -37.70
CA CYS B 204 14.54 -21.45 -37.42
C CYS B 204 14.28 -21.95 -35.99
N HIS B 205 14.04 -21.02 -35.06
CA HIS B 205 13.67 -21.36 -33.68
C HIS B 205 12.22 -21.79 -33.59
N TRP B 206 11.36 -21.13 -34.37
CA TRP B 206 9.93 -21.30 -34.22
C TRP B 206 9.47 -22.67 -34.73
N ARG B 207 10.28 -23.29 -35.59
CA ARG B 207 9.95 -24.63 -36.08
C ARG B 207 9.79 -25.60 -34.91
N TYR B 208 10.81 -25.64 -34.05
CA TYR B 208 10.83 -26.62 -32.98
C TYR B 208 9.97 -26.18 -31.80
N VAL B 209 9.74 -24.88 -31.67
CA VAL B 209 8.82 -24.42 -30.64
C VAL B 209 7.43 -24.84 -31.03
N LEU B 210 7.12 -24.70 -32.31
CA LEU B 210 5.79 -24.99 -32.80
C LEU B 210 5.52 -26.49 -32.90
N ASP B 211 6.39 -27.21 -33.61
CA ASP B 211 6.30 -28.69 -33.73
C ASP B 211 6.12 -29.38 -32.37
N ASN B 212 6.97 -29.04 -31.40
CA ASN B 212 7.01 -29.74 -30.14
C ASN B 212 5.86 -29.44 -29.21
N LEU B 213 5.48 -28.16 -29.11
CA LEU B 213 4.43 -27.74 -28.18
C LEU B 213 3.01 -27.89 -28.74
N PHE B 214 2.82 -27.60 -30.02
CA PHE B 214 1.47 -27.40 -30.52
C PHE B 214 1.01 -28.28 -31.69
N GLY B 215 1.92 -28.62 -32.58
CA GLY B 215 1.62 -29.42 -33.76
C GLY B 215 2.61 -29.12 -34.86
N ASN B 216 2.88 -30.11 -35.71
CA ASN B 216 3.79 -29.90 -36.82
C ASN B 216 3.38 -28.80 -37.78
N VAL B 217 4.36 -28.01 -38.21
CA VAL B 217 4.12 -26.91 -39.14
C VAL B 217 3.85 -27.46 -40.55
N GLN B 218 2.79 -26.99 -41.17
CA GLN B 218 2.38 -27.48 -42.48
C GLN B 218 2.50 -26.43 -43.59
N SER B 219 2.18 -25.18 -43.24
CA SER B 219 2.42 -24.05 -44.11
C SER B 219 2.74 -22.78 -43.31
N VAL B 220 3.21 -21.77 -44.04
CA VAL B 220 3.61 -20.50 -43.47
C VAL B 220 3.39 -19.39 -44.48
N VAL B 221 2.95 -18.24 -43.99
CA VAL B 221 3.02 -17.02 -44.76
C VAL B 221 3.77 -16.00 -43.92
N CYS B 222 4.67 -15.24 -44.54
CA CYS B 222 5.57 -14.35 -43.83
C CYS B 222 5.85 -13.10 -44.67
N ILE B 223 6.00 -11.96 -44.00
CA ILE B 223 6.57 -10.80 -44.66
C ILE B 223 7.63 -10.18 -43.76
N GLY B 224 8.74 -9.79 -44.37
CA GLY B 224 9.82 -9.14 -43.63
C GLY B 224 9.98 -7.68 -44.05
N ASN B 225 10.76 -6.93 -43.28
CA ASN B 225 11.04 -5.55 -43.65
C ASN B 225 12.38 -5.11 -43.13
N THR B 226 12.95 -4.09 -43.76
CA THR B 226 14.08 -3.36 -43.18
C THR B 226 13.54 -2.09 -42.53
N ASP B 227 13.36 -2.11 -41.22
CA ASP B 227 12.81 -0.96 -40.51
C ASP B 227 13.83 0.17 -40.44
N ILE B 228 15.08 -0.18 -40.14
CA ILE B 228 16.15 0.79 -39.94
C ILE B 228 17.23 0.70 -41.06
N PRO B 229 17.30 1.73 -41.93
CA PRO B 229 18.18 1.67 -43.11
C PRO B 229 19.65 1.68 -42.78
N GLU B 230 20.01 2.38 -41.70
CA GLU B 230 21.41 2.64 -41.38
C GLU B 230 21.67 2.46 -39.89
N ARG B 231 22.73 1.71 -39.57
CA ARG B 231 23.13 1.42 -38.20
C ARG B 231 24.63 1.65 -37.98
N PHE B 232 25.14 1.30 -36.81
CA PHE B 232 26.53 1.56 -36.45
C PHE B 232 27.28 0.33 -35.95
N ASP B 233 28.48 0.14 -36.53
CA ASP B 233 29.52 -0.85 -36.17
C ASP B 233 29.76 -1.05 -34.67
N GLU B 234 30.44 -2.15 -34.34
CA GLU B 234 31.06 -2.32 -33.02
C GLU B 234 32.22 -1.34 -32.82
N GLN B 235 32.66 -0.71 -33.91
CA GLN B 235 33.74 0.28 -33.88
C GLN B 235 33.25 1.69 -34.25
N GLY B 236 31.95 1.86 -34.44
CA GLY B 236 31.36 3.17 -34.64
C GLY B 236 31.08 3.64 -36.06
N LYS B 237 31.35 2.82 -37.07
CA LYS B 237 31.06 3.20 -38.46
C LYS B 237 29.59 3.02 -38.81
N LYS B 238 29.05 3.97 -39.58
CA LYS B 238 27.73 3.83 -40.17
C LYS B 238 27.81 2.84 -41.33
N TYR B 239 26.83 1.94 -41.42
CA TYR B 239 26.75 0.97 -42.52
C TYR B 239 25.30 0.81 -42.97
N LYS B 240 25.10 0.55 -44.26
CA LYS B 240 23.79 0.22 -44.81
C LYS B 240 23.32 -1.13 -44.26
N ALA B 241 22.18 -1.14 -43.58
CA ALA B 241 21.60 -2.38 -43.04
C ALA B 241 20.70 -3.02 -44.09
N THR B 242 20.90 -4.30 -44.36
CA THR B 242 20.30 -4.95 -45.54
C THR B 242 19.43 -6.15 -45.21
N ALA B 243 19.74 -6.83 -44.10
CA ALA B 243 18.88 -7.90 -43.58
C ALA B 243 17.52 -7.35 -43.16
N ASP B 244 16.51 -8.21 -43.15
CA ASP B 244 15.26 -7.87 -42.49
C ASP B 244 15.50 -7.73 -40.99
N ASP B 245 14.85 -6.74 -40.38
CA ASP B 245 14.91 -6.58 -38.92
C ASP B 245 13.55 -6.73 -38.27
N SER B 246 12.54 -6.98 -39.09
CA SER B 246 11.21 -7.28 -38.60
C SER B 246 10.55 -8.28 -39.52
N ALA B 247 9.69 -9.14 -38.95
CA ALA B 247 8.92 -10.11 -39.69
C ALA B 247 7.61 -10.41 -39.00
N TYR B 248 6.65 -10.88 -39.76
CA TYR B 248 5.27 -11.10 -39.32
C TYR B 248 4.81 -12.36 -40.02
N ALA B 249 4.66 -13.42 -39.25
CA ALA B 249 4.50 -14.76 -39.83
C ALA B 249 3.34 -15.49 -39.24
N THR B 250 2.46 -15.99 -40.09
CA THR B 250 1.33 -16.81 -39.65
C THR B 250 1.59 -18.26 -40.07
N PHE B 251 1.21 -19.19 -39.23
CA PHE B 251 1.51 -20.58 -39.47
C PHE B 251 0.24 -21.44 -39.28
N GLN B 252 0.10 -22.46 -40.13
CA GLN B 252 -0.90 -23.51 -39.92
C GLN B 252 -0.20 -24.75 -39.44
N LEU B 253 -0.67 -25.26 -38.30
CA LEU B 253 -0.10 -26.43 -37.66
C LEU B 253 -1.03 -27.63 -37.75
N GLU B 254 -0.45 -28.82 -37.72
CA GLU B 254 -1.16 -30.09 -37.69
C GLU B 254 -2.17 -30.05 -36.54
N GLY B 255 -3.38 -30.53 -36.79
CA GLY B 255 -4.42 -30.53 -35.76
C GLY B 255 -5.31 -29.30 -35.75
N GLY B 256 -5.30 -28.53 -36.84
CA GLY B 256 -6.16 -27.35 -36.99
C GLY B 256 -5.85 -26.25 -35.99
N VAL B 257 -4.59 -25.84 -35.93
CA VAL B 257 -4.14 -24.83 -34.98
C VAL B 257 -3.35 -23.80 -35.77
N ILE B 258 -3.75 -22.55 -35.61
CA ILE B 258 -3.11 -21.43 -36.27
C ILE B 258 -2.21 -20.70 -35.27
N ALA B 259 -0.99 -20.38 -35.68
CA ALA B 259 -0.03 -19.70 -34.82
C ALA B 259 0.46 -18.47 -35.53
N HIS B 260 0.40 -17.32 -34.86
CA HIS B 260 1.01 -16.07 -35.38
C HIS B 260 2.10 -15.53 -34.49
N ILE B 261 3.23 -15.15 -35.10
CA ILE B 261 4.38 -14.64 -34.36
C ILE B 261 4.90 -13.38 -35.02
N ASN B 262 4.85 -12.27 -34.27
CA ASN B 262 5.52 -11.01 -34.65
C ASN B 262 6.93 -11.03 -34.09
N MSE B 263 7.92 -10.68 -34.91
CA MSE B 263 9.30 -10.63 -34.47
C MSE B 263 9.96 -9.36 -34.98
O MSE B 263 9.89 -9.04 -36.16
CB MSE B 263 10.06 -11.87 -34.89
CG MSE B 263 10.20 -12.05 -36.40
SE MSE B 263 10.35 -13.94 -37.00
CE MSE B 263 8.44 -14.35 -36.97
N SER B 264 10.58 -8.62 -34.09
CA SER B 264 11.29 -7.41 -34.47
C SER B 264 12.40 -7.08 -33.52
N TRP B 265 13.52 -6.61 -34.08
CA TRP B 265 14.57 -6.00 -33.30
C TRP B 265 14.26 -4.52 -33.22
N VAL B 266 13.08 -4.13 -33.67
CA VAL B 266 12.74 -2.74 -33.83
C VAL B 266 11.38 -2.46 -33.22
N THR B 267 11.06 -3.17 -32.13
CA THR B 267 9.81 -2.95 -31.38
C THR B 267 10.12 -2.63 -29.92
N ARG B 268 9.27 -1.87 -29.25
CA ARG B 268 9.47 -1.60 -27.82
C ARG B 268 8.56 -2.49 -26.98
N VAL B 269 9.02 -2.86 -25.79
CA VAL B 269 8.50 -3.99 -25.03
C VAL B 269 7.40 -3.60 -24.07
N TYR B 270 6.15 -3.80 -24.45
CA TYR B 270 5.03 -3.58 -23.54
C TYR B 270 4.37 -4.91 -23.23
N ARG B 271 5.03 -5.74 -22.46
CA ARG B 271 4.50 -7.08 -22.17
C ARG B 271 5.28 -7.72 -21.01
N ASP B 272 4.97 -8.97 -20.69
CA ASP B 272 5.64 -9.69 -19.59
C ASP B 272 7.14 -9.88 -19.75
N ASP B 273 7.60 -10.12 -20.96
CA ASP B 273 8.99 -10.47 -21.16
C ASP B 273 9.48 -10.32 -22.61
N LEU B 274 10.77 -10.54 -22.80
CA LEU B 274 11.41 -10.37 -24.08
C LEU B 274 10.75 -11.17 -25.18
N VAL B 275 10.16 -12.30 -24.83
CA VAL B 275 9.29 -13.04 -25.72
C VAL B 275 8.06 -13.51 -24.93
N THR B 276 6.91 -13.48 -25.58
CA THR B 276 5.64 -13.86 -24.99
C THR B 276 4.94 -14.84 -25.90
N PHE B 277 4.36 -15.89 -25.31
CA PHE B 277 3.50 -16.84 -26.05
C PHE B 277 2.16 -16.98 -25.37
N GLN B 278 1.09 -16.56 -26.05
CA GLN B 278 -0.24 -16.82 -25.54
C GLN B 278 -0.83 -18.07 -26.21
N VAL B 279 -1.45 -18.93 -25.41
CA VAL B 279 -2.13 -20.11 -25.94
C VAL B 279 -3.60 -20.12 -25.50
N ASP B 280 -4.49 -20.10 -26.48
CA ASP B 280 -5.90 -20.15 -26.18
C ASP B 280 -6.42 -21.55 -26.45
N GLY B 281 -7.11 -22.07 -25.44
CA GLY B 281 -7.71 -23.38 -25.51
C GLY B 281 -9.16 -23.31 -25.11
N THR B 282 -9.83 -24.45 -25.22
CA THR B 282 -11.26 -24.51 -24.98
C THR B 282 -11.53 -24.26 -23.50
N HIS B 283 -10.61 -24.79 -22.67
CA HIS B 283 -10.75 -24.88 -21.21
C HIS B 283 -9.93 -23.84 -20.42
N GLY B 284 -9.17 -23.01 -21.14
CA GLY B 284 -8.31 -22.05 -20.50
C GLY B 284 -7.18 -21.57 -21.39
N SER B 285 -6.49 -20.53 -20.93
CA SER B 285 -5.46 -19.88 -21.70
C SER B 285 -4.24 -19.62 -20.81
N ALA B 286 -3.10 -19.41 -21.45
CA ALA B 286 -1.86 -19.21 -20.77
C ALA B 286 -1.07 -18.14 -21.51
N VAL B 287 -0.32 -17.31 -20.77
CA VAL B 287 0.69 -16.42 -21.37
C VAL B 287 2.03 -16.73 -20.72
N ALA B 288 3.06 -17.01 -21.52
CA ALA B 288 4.38 -17.34 -20.97
C ALA B 288 5.47 -16.44 -21.48
N GLY B 289 6.31 -15.99 -20.56
CA GLY B 289 7.56 -15.32 -20.87
C GLY B 289 8.66 -16.36 -20.88
N LEU B 290 9.89 -15.93 -20.62
CA LEU B 290 11.00 -16.86 -20.57
C LEU B 290 10.95 -17.73 -19.32
N SER B 291 10.44 -17.18 -18.20
CA SER B 291 10.53 -17.84 -16.90
C SER B 291 9.19 -18.15 -16.28
N ASP B 292 8.19 -17.32 -16.58
CA ASP B 292 6.90 -17.37 -15.89
C ASP B 292 5.78 -17.71 -16.84
N CYS B 293 4.67 -18.19 -16.29
CA CYS B 293 3.51 -18.48 -17.10
C CYS B 293 2.24 -18.10 -16.36
N MSE B 294 1.39 -17.30 -17.00
CA MSE B 294 0.08 -16.94 -16.43
C MSE B 294 -1.00 -17.84 -17.01
O MSE B 294 -0.95 -18.19 -18.17
CB MSE B 294 -0.27 -15.49 -16.72
CG MSE B 294 0.81 -14.48 -16.43
SE MSE B 294 1.32 -14.35 -14.53
CE MSE B 294 -0.29 -13.45 -13.82
N ILE B 295 -1.98 -18.18 -16.20
CA ILE B 295 -3.10 -18.98 -16.67
C ILE B 295 -4.43 -18.36 -16.29
N GLN B 296 -5.43 -18.64 -17.12
CA GLN B 296 -6.81 -18.34 -16.86
C GLN B 296 -7.63 -19.48 -17.40
N ALA B 297 -8.13 -20.32 -16.49
CA ALA B 297 -9.12 -21.36 -16.83
C ALA B 297 -10.41 -20.68 -17.32
N ARG B 298 -11.26 -21.41 -18.02
CA ARG B 298 -12.51 -20.80 -18.51
C ARG B 298 -13.44 -20.29 -17.40
N GLN B 299 -13.42 -20.92 -16.24
CA GLN B 299 -14.36 -20.54 -15.18
C GLN B 299 -13.94 -19.23 -14.56
N ALA B 300 -12.77 -18.77 -14.93
CA ALA B 300 -12.19 -17.53 -14.42
C ALA B 300 -12.37 -16.41 -15.41
N THR B 301 -12.83 -16.75 -16.61
CA THR B 301 -12.98 -15.80 -17.67
C THR B 301 -14.08 -14.84 -17.31
N PRO B 302 -13.77 -13.54 -17.30
CA PRO B 302 -14.80 -12.53 -17.03
C PRO B 302 -15.75 -12.35 -18.22
N ARG B 303 -16.70 -11.45 -18.08
CA ARG B 303 -17.67 -11.17 -19.12
C ARG B 303 -17.72 -9.68 -19.40
N PRO B 304 -16.78 -9.18 -20.23
CA PRO B 304 -16.68 -7.75 -20.46
C PRO B 304 -17.75 -7.16 -21.38
N VAL B 305 -18.12 -5.92 -21.05
CA VAL B 305 -19.00 -5.05 -21.87
C VAL B 305 -18.21 -4.16 -22.85
N TRP B 306 -18.44 -4.32 -24.17
CA TRP B 306 -17.92 -3.34 -25.14
C TRP B 306 -18.69 -2.01 -25.03
N ASN B 307 -17.98 -0.96 -24.64
CA ASN B 307 -18.54 0.39 -24.46
C ASN B 307 -17.45 1.47 -24.39
N PRO B 308 -17.37 2.33 -25.43
CA PRO B 308 -16.45 3.49 -25.56
C PRO B 308 -16.21 4.31 -24.29
N LEU B 313 -11.77 0.95 -16.79
CA LEU B 313 -11.51 0.75 -15.35
C LEU B 313 -11.57 -0.73 -14.91
N HIS B 314 -10.90 -1.62 -15.64
CA HIS B 314 -10.84 -3.04 -15.27
C HIS B 314 -9.49 -3.60 -15.66
N ASP B 315 -8.93 -4.39 -14.73
CA ASP B 315 -7.61 -4.96 -14.89
C ASP B 315 -7.77 -6.38 -15.41
N PHE B 316 -7.56 -6.58 -16.71
CA PHE B 316 -7.70 -7.91 -17.29
C PHE B 316 -6.55 -8.83 -16.85
N TYR B 317 -5.41 -8.23 -16.50
CA TYR B 317 -4.28 -9.00 -15.97
C TYR B 317 -4.63 -9.69 -14.65
N GLY B 318 -5.46 -9.03 -13.85
CA GLY B 318 -5.81 -9.56 -12.53
C GLY B 318 -6.69 -10.78 -12.59
N ASP B 319 -7.27 -11.02 -13.76
CA ASP B 319 -8.05 -12.23 -14.06
C ASP B 319 -7.15 -13.48 -14.29
N TRP B 320 -5.83 -13.33 -14.14
CA TRP B 320 -4.91 -14.42 -14.44
C TRP B 320 -4.11 -14.81 -13.23
N GLN B 321 -3.58 -16.02 -13.24
CA GLN B 321 -2.88 -16.56 -12.08
C GLN B 321 -1.49 -17.01 -12.49
N LYS B 322 -0.49 -16.60 -11.73
CA LYS B 322 0.90 -17.03 -11.95
C LYS B 322 1.04 -18.48 -11.52
N LEU B 323 1.61 -19.32 -12.38
CA LEU B 323 1.86 -20.71 -11.98
C LEU B 323 2.87 -20.74 -10.85
N PRO B 324 2.72 -21.66 -9.90
CA PRO B 324 3.75 -21.73 -8.87
C PRO B 324 5.01 -22.45 -9.39
N ASP B 325 6.18 -22.09 -8.87
CA ASP B 325 7.42 -22.79 -9.22
C ASP B 325 7.54 -24.09 -8.42
N ASN B 326 6.95 -25.17 -8.93
CA ASN B 326 6.96 -26.46 -8.22
C ASN B 326 8.17 -27.37 -8.49
N VAL B 327 8.87 -27.12 -9.60
CA VAL B 327 10.12 -27.82 -9.90
C VAL B 327 11.25 -26.85 -10.24
N SER B 328 12.44 -27.16 -9.76
CA SER B 328 13.66 -26.42 -10.15
C SER B 328 13.88 -26.52 -11.65
N TYR B 329 14.44 -25.46 -12.22
CA TYR B 329 14.78 -25.50 -13.63
C TYR B 329 16.27 -25.39 -13.82
N ASP B 330 16.85 -26.49 -14.29
CA ASP B 330 18.27 -26.60 -14.58
C ASP B 330 18.60 -25.78 -15.83
N ASN B 331 19.89 -25.50 -16.04
CA ASN B 331 20.33 -24.85 -17.28
C ASN B 331 19.99 -25.72 -18.51
N GLY B 332 19.38 -25.09 -19.51
CA GLY B 332 18.85 -25.81 -20.67
C GLY B 332 19.89 -26.39 -21.60
N PHE B 333 21.01 -25.68 -21.77
CA PHE B 333 22.12 -26.18 -22.58
C PHE B 333 22.78 -27.37 -21.90
N LYS B 334 22.91 -27.29 -20.57
CA LYS B 334 23.47 -28.38 -19.78
C LYS B 334 22.55 -29.60 -19.80
N GLU B 335 21.25 -29.37 -19.59
CA GLU B 335 20.25 -30.45 -19.58
C GLU B 335 20.26 -31.18 -20.91
N GLN B 336 20.22 -30.42 -22.00
CA GLN B 336 20.28 -30.99 -23.33
C GLN B 336 21.61 -31.70 -23.57
N TRP B 337 22.68 -31.20 -22.98
CA TRP B 337 24.00 -31.85 -23.02
C TRP B 337 23.99 -33.20 -22.32
N GLU B 338 23.39 -33.24 -21.13
CA GLU B 338 23.21 -34.48 -20.37
C GLU B 338 22.36 -35.50 -21.13
N MSE B 339 21.44 -35.00 -21.95
CA MSE B 339 20.52 -35.82 -22.73
C MSE B 339 21.21 -36.52 -23.88
O MSE B 339 21.08 -37.73 -24.05
CB MSE B 339 19.39 -34.96 -23.27
CG MSE B 339 18.15 -34.98 -22.42
SE MSE B 339 16.84 -33.72 -23.11
CE MSE B 339 15.26 -34.88 -23.05
N PHE B 340 21.92 -35.72 -24.68
CA PHE B 340 22.64 -36.24 -25.84
C PHE B 340 23.72 -37.23 -25.42
N ILE B 341 24.34 -36.98 -24.27
CA ILE B 341 25.36 -37.88 -23.75
C ILE B 341 24.74 -39.20 -23.26
N ARG B 342 23.60 -39.09 -22.57
CA ARG B 342 22.81 -40.28 -22.21
C ARG B 342 22.38 -41.04 -23.47
N HIS B 343 22.11 -40.29 -24.53
CA HIS B 343 21.66 -40.87 -25.80
C HIS B 343 22.77 -41.66 -26.49
N VAL B 344 24.02 -41.25 -26.31
CA VAL B 344 25.16 -41.90 -26.94
C VAL B 344 25.41 -43.28 -26.29
N TYR B 345 25.47 -43.27 -24.97
CA TYR B 345 25.93 -44.43 -24.22
C TYR B 345 24.77 -45.32 -23.75
N GLU B 346 23.83 -44.72 -23.03
CA GLU B 346 22.69 -45.41 -22.42
C GLU B 346 21.67 -45.92 -23.45
N ASP B 347 21.74 -45.39 -24.67
CA ASP B 347 20.70 -45.58 -25.71
C ASP B 347 19.33 -45.05 -25.30
N ALA B 348 19.33 -43.83 -24.79
CA ALA B 348 18.14 -43.15 -24.32
C ALA B 348 17.46 -42.41 -25.47
N PRO B 349 16.12 -42.27 -25.41
CA PRO B 349 15.37 -41.53 -26.43
C PRO B 349 15.92 -40.11 -26.62
N TYR B 350 16.02 -39.68 -27.87
CA TYR B 350 16.57 -38.37 -28.14
C TYR B 350 16.01 -37.79 -29.44
N LYS B 351 15.09 -36.85 -29.29
CA LYS B 351 14.46 -36.19 -30.41
C LYS B 351 15.37 -35.24 -31.19
N PHE B 352 16.22 -34.49 -30.49
CA PHE B 352 16.89 -33.30 -31.07
C PHE B 352 18.14 -33.58 -31.91
N THR B 353 17.93 -34.34 -32.98
CA THR B 353 18.98 -34.72 -33.92
C THR B 353 19.25 -33.58 -34.89
N LEU B 354 20.24 -33.80 -35.77
CA LEU B 354 20.51 -32.87 -36.87
C LEU B 354 19.31 -32.69 -37.79
N LEU B 355 18.46 -33.70 -37.87
CA LEU B 355 17.26 -33.63 -38.69
C LEU B 355 16.41 -32.42 -38.30
N GLU B 356 16.29 -32.19 -37.00
CA GLU B 356 15.49 -31.08 -36.49
C GLU B 356 16.13 -29.73 -36.85
N GLY B 357 17.44 -29.66 -36.82
CA GLY B 357 18.15 -28.46 -37.30
C GLY B 357 17.78 -28.18 -38.74
N ALA B 358 17.85 -29.23 -39.56
CA ALA B 358 17.51 -29.12 -40.97
C ALA B 358 16.08 -28.64 -41.18
N LYS B 359 15.18 -29.08 -40.30
CA LYS B 359 13.79 -28.66 -40.33
C LYS B 359 13.62 -27.17 -40.08
N GLY B 360 14.47 -26.62 -39.21
CA GLY B 360 14.46 -25.19 -38.88
C GLY B 360 14.88 -24.36 -40.08
N VAL B 361 15.96 -24.77 -40.73
CA VAL B 361 16.42 -24.11 -41.96
C VAL B 361 15.35 -24.22 -43.05
N GLN B 362 14.77 -25.41 -43.18
CA GLN B 362 13.66 -25.63 -44.09
C GLN B 362 12.56 -24.60 -43.91
N LEU B 363 12.14 -24.37 -42.66
CA LEU B 363 11.03 -23.44 -42.41
C LEU B 363 11.44 -21.97 -42.63
N ALA B 364 12.69 -21.62 -42.35
CA ALA B 364 13.19 -20.29 -42.69
C ALA B 364 13.09 -20.04 -44.20
N GLU B 365 13.61 -20.98 -45.01
CA GLU B 365 13.53 -20.88 -46.47
C GLU B 365 12.09 -20.87 -47.00
N CYS B 366 11.19 -21.56 -46.32
CA CYS B 366 9.77 -21.49 -46.68
C CYS B 366 9.22 -20.08 -46.43
N ALA B 367 9.50 -19.54 -45.25
CA ALA B 367 9.09 -18.18 -44.89
C ALA B 367 9.60 -17.15 -45.90
N LEU B 368 10.89 -17.17 -46.22
CA LEU B 368 11.47 -16.27 -47.22
C LEU B 368 10.75 -16.35 -48.57
N LYS B 369 10.64 -17.58 -49.09
CA LYS B 369 9.97 -17.82 -50.35
C LYS B 369 8.55 -17.26 -50.30
N SER B 370 7.90 -17.41 -49.15
CA SER B 370 6.53 -16.93 -48.96
C SER B 370 6.51 -15.43 -49.13
N TRP B 371 7.48 -14.78 -48.48
CA TRP B 371 7.71 -13.35 -48.65
C TRP B 371 7.97 -13.01 -50.14
N LYS B 372 8.97 -13.66 -50.76
CA LYS B 372 9.32 -13.39 -52.15
C LYS B 372 8.14 -13.52 -53.14
N GLU B 373 7.23 -14.46 -52.89
CA GLU B 373 6.16 -14.81 -53.85
C GLU B 373 4.74 -14.48 -53.36
N ARG B 374 4.65 -13.83 -52.20
CA ARG B 374 3.41 -13.20 -51.72
C ARG B 374 2.26 -14.18 -51.45
N ARG B 375 2.64 -15.40 -51.09
CA ARG B 375 1.67 -16.47 -50.92
C ARG B 375 2.12 -17.43 -49.85
N TRP B 376 1.19 -18.24 -49.36
CA TRP B 376 1.50 -19.30 -48.41
C TRP B 376 2.36 -20.39 -49.05
N ILE B 377 3.32 -20.87 -48.28
CA ILE B 377 4.17 -21.95 -48.72
C ILE B 377 4.02 -23.16 -47.81
N ASP B 378 3.61 -24.29 -48.40
CA ASP B 378 3.52 -25.55 -47.67
C ASP B 378 4.92 -26.07 -47.40
N VAL B 379 5.11 -26.52 -46.15
CA VAL B 379 6.30 -27.23 -45.75
C VAL B 379 6.21 -28.68 -46.21
N ALA B 380 7.07 -29.04 -47.16
CA ALA B 380 7.13 -30.37 -47.76
C ALA B 380 7.79 -31.36 -46.81
N PRO B 381 7.40 -32.64 -46.89
CA PRO B 381 8.08 -33.64 -46.07
C PRO B 381 9.48 -34.00 -46.58
N ILE B 382 10.30 -34.57 -45.70
CA ILE B 382 11.70 -34.89 -45.95
C ILE B 382 11.97 -36.40 -45.71
N LYS B 383 12.05 -37.23 -46.74
CA LYS B 383 11.68 -36.95 -48.12
C LYS B 383 10.38 -37.71 -48.36
N THR C 3 32.55 -33.47 34.13
CA THR C 3 31.67 -32.48 33.43
C THR C 3 30.92 -33.09 32.22
N THR C 4 31.49 -34.13 31.59
CA THR C 4 30.87 -34.73 30.38
C THR C 4 30.79 -36.27 30.39
N GLN C 5 29.63 -36.75 30.85
CA GLN C 5 29.24 -38.17 30.83
C GLN C 5 28.84 -38.57 29.39
N ARG C 6 29.16 -39.80 29.01
CA ARG C 6 28.93 -40.30 27.65
C ARG C 6 27.64 -41.12 27.52
N LEU C 7 26.96 -40.95 26.39
CA LEU C 7 25.75 -41.71 26.08
C LEU C 7 25.89 -42.45 24.74
N GLY C 8 26.26 -43.72 24.80
CA GLY C 8 26.34 -44.55 23.59
C GLY C 8 24.95 -44.78 23.04
N LEU C 9 24.71 -44.35 21.80
CA LEU C 9 23.36 -44.39 21.22
C LEU C 9 23.21 -45.06 19.85
N ILE C 10 22.65 -46.27 19.84
CA ILE C 10 22.31 -46.96 18.59
C ILE C 10 21.15 -46.28 17.91
N MSE C 11 21.34 -45.81 16.69
CA MSE C 11 20.26 -45.21 15.91
C MSE C 11 19.98 -46.06 14.67
O MSE C 11 20.88 -46.32 13.88
CB MSE C 11 20.62 -43.78 15.51
CG MSE C 11 21.11 -42.89 16.66
SE MSE C 11 21.22 -40.98 16.23
CE MSE C 11 19.32 -40.55 16.07
N ASN C 12 18.73 -46.48 14.49
CA ASN C 12 18.40 -47.36 13.36
C ASN C 12 17.90 -46.71 12.06
N GLY C 13 16.85 -45.91 12.11
CA GLY C 13 16.25 -45.47 10.85
C GLY C 13 16.73 -44.15 10.28
N VAL C 14 17.99 -43.81 10.51
CA VAL C 14 18.52 -42.47 10.22
C VAL C 14 19.15 -42.31 8.83
N THR C 15 18.44 -42.74 7.79
CA THR C 15 18.80 -42.41 6.40
C THR C 15 17.52 -42.01 5.68
N GLY C 16 16.40 -42.40 6.29
CA GLY C 16 15.09 -42.29 5.68
C GLY C 16 14.35 -40.98 5.88
N ARG C 17 14.78 -39.94 5.16
CA ARG C 17 14.00 -38.72 4.96
C ARG C 17 13.82 -37.89 6.24
N MSE C 18 12.73 -38.13 6.96
CA MSE C 18 12.38 -37.43 8.20
C MSE C 18 13.33 -37.77 9.36
O MSE C 18 13.78 -36.87 10.08
CB MSE C 18 10.94 -37.76 8.61
CG MSE C 18 9.84 -37.02 7.81
SE MSE C 18 9.12 -35.39 8.68
CE MSE C 18 8.81 -36.10 10.50
N GLY C 19 13.62 -39.06 9.54
CA GLY C 19 14.53 -39.53 10.58
C GLY C 19 15.97 -39.05 10.42
N LEU C 20 16.34 -38.71 9.19
CA LEU C 20 17.64 -38.14 8.90
C LEU C 20 17.61 -36.68 9.32
N ASN C 21 16.62 -35.96 8.82
CA ASN C 21 16.48 -34.52 9.04
C ASN C 21 16.18 -34.14 10.47
N GLN C 22 15.17 -34.77 11.04
CA GLN C 22 14.67 -34.30 12.31
C GLN C 22 15.46 -34.90 13.45
N HIS C 23 15.72 -36.18 13.38
CA HIS C 23 16.31 -36.87 14.51
C HIS C 23 17.82 -36.82 14.55
N LEU C 24 18.48 -37.11 13.43
CA LEU C 24 19.93 -37.12 13.42
C LEU C 24 20.45 -35.69 13.34
N ILE C 25 19.89 -34.90 12.44
CA ILE C 25 20.37 -33.54 12.23
C ILE C 25 19.80 -32.55 13.24
N ARG C 26 18.48 -32.45 13.29
CA ARG C 26 17.85 -31.41 14.11
C ARG C 26 17.94 -31.76 15.61
N SER C 27 18.20 -33.02 15.92
CA SER C 27 18.17 -33.44 17.30
C SER C 27 19.52 -33.86 17.85
N ILE C 28 19.97 -35.06 17.50
CA ILE C 28 21.19 -35.58 18.10
C ILE C 28 22.42 -34.72 17.80
N VAL C 29 22.58 -34.33 16.54
CA VAL C 29 23.75 -33.54 16.13
C VAL C 29 23.73 -32.15 16.77
N ALA C 30 22.55 -31.53 16.82
CA ALA C 30 22.41 -30.20 17.40
C ALA C 30 22.74 -30.21 18.90
N ILE C 31 22.37 -31.31 19.56
CA ILE C 31 22.71 -31.52 20.96
C ILE C 31 24.22 -31.71 21.15
N ARG C 32 24.82 -32.55 20.30
CA ARG C 32 26.27 -32.72 20.28
C ARG C 32 26.99 -31.39 20.07
N ASP C 33 26.68 -30.70 18.98
CA ASP C 33 27.24 -29.38 18.67
C ASP C 33 26.99 -28.35 19.77
N GLN C 34 25.84 -28.48 20.42
CA GLN C 34 25.46 -27.68 21.58
C GLN C 34 26.36 -27.96 22.79
N GLY C 35 26.97 -29.15 22.80
CA GLY C 35 27.82 -29.57 23.90
C GLY C 35 27.12 -30.46 24.91
N GLY C 36 26.15 -31.25 24.46
CA GLY C 36 25.45 -32.19 25.33
C GLY C 36 24.27 -31.63 26.11
N VAL C 37 23.60 -32.51 26.85
CA VAL C 37 22.37 -32.17 27.55
C VAL C 37 22.65 -31.79 29.01
N ARG C 38 22.22 -30.58 29.39
CA ARG C 38 22.40 -30.02 30.74
C ARG C 38 21.67 -30.84 31.83
N LEU C 39 22.41 -31.21 32.87
CA LEU C 39 21.78 -31.83 34.04
C LEU C 39 21.73 -30.88 35.23
N LYS C 40 20.95 -31.25 36.24
CA LYS C 40 20.83 -30.46 37.46
C LYS C 40 22.13 -30.50 38.26
N ASN C 41 22.96 -31.51 37.99
CA ASN C 41 24.24 -31.64 38.67
C ASN C 41 25.40 -31.00 37.89
N GLY C 42 25.04 -30.16 36.91
CA GLY C 42 26.04 -29.48 36.08
C GLY C 42 26.76 -30.35 35.06
N ASP C 43 26.48 -31.65 35.05
CA ASP C 43 27.03 -32.55 34.05
C ASP C 43 26.32 -32.34 32.71
N ARG C 44 27.04 -32.64 31.63
CA ARG C 44 26.47 -32.56 30.31
C ARG C 44 26.56 -33.93 29.62
N ILE C 45 25.40 -34.44 29.21
CA ILE C 45 25.31 -35.72 28.51
C ILE C 45 25.59 -35.54 27.02
N MSE C 46 26.69 -36.11 26.57
CA MSE C 46 27.07 -36.12 25.17
C MSE C 46 26.59 -37.40 24.48
O MSE C 46 26.92 -38.51 24.90
CB MSE C 46 28.59 -35.95 25.01
CG MSE C 46 29.05 -34.50 24.89
SE MSE C 46 28.65 -33.67 23.15
CE MSE C 46 29.49 -34.99 21.98
N PRO C 47 25.79 -37.26 23.42
CA PRO C 47 25.45 -38.45 22.69
C PRO C 47 26.61 -38.89 21.83
N ASP C 48 27.02 -40.15 21.99
CA ASP C 48 27.96 -40.78 21.09
C ASP C 48 27.21 -41.81 20.26
N PRO C 49 26.62 -41.37 19.14
CA PRO C 49 25.77 -42.23 18.33
C PRO C 49 26.53 -43.20 17.42
N ILE C 50 25.95 -44.38 17.22
CA ILE C 50 26.40 -45.32 16.20
C ILE C 50 25.28 -45.50 15.19
N LEU C 51 25.59 -45.26 13.92
CA LEU C 51 24.56 -45.24 12.87
C LEU C 51 24.41 -46.60 12.25
N VAL C 52 23.17 -47.02 12.02
CA VAL C 52 22.91 -48.39 11.58
C VAL C 52 22.08 -48.40 10.30
N GLY C 53 22.64 -49.01 9.25
CA GLY C 53 22.01 -48.97 7.93
C GLY C 53 21.77 -50.31 7.28
N ARG C 54 20.88 -50.30 6.29
CA ARG C 54 20.61 -51.46 5.44
C ARG C 54 21.79 -51.68 4.49
N SER C 55 22.17 -50.63 3.77
CA SER C 55 23.40 -50.63 2.97
C SER C 55 24.58 -50.20 3.84
N ALA C 56 25.79 -50.32 3.32
CA ALA C 56 27.00 -50.02 4.09
C ALA C 56 27.83 -48.87 3.52
N GLU C 57 27.77 -48.68 2.19
CA GLU C 57 28.48 -47.59 1.52
C GLU C 57 27.93 -46.24 1.93
N LYS C 58 26.65 -46.23 2.27
CA LYS C 58 25.93 -45.00 2.53
C LYS C 58 25.99 -44.54 4.00
N VAL C 59 25.91 -45.50 4.93
CA VAL C 59 25.93 -45.22 6.38
C VAL C 59 27.26 -44.62 6.85
N GLU C 60 28.35 -45.19 6.34
CA GLU C 60 29.69 -44.70 6.60
C GLU C 60 29.85 -43.30 6.02
N ALA C 61 29.35 -43.14 4.79
CA ALA C 61 29.39 -41.86 4.09
C ALA C 61 28.60 -40.81 4.85
N LEU C 62 27.53 -41.24 5.50
CA LEU C 62 26.72 -40.38 6.35
C LEU C 62 27.42 -40.08 7.68
N ALA C 63 27.99 -41.11 8.30
CA ALA C 63 28.77 -40.97 9.53
C ALA C 63 29.88 -39.94 9.39
N LYS C 64 30.48 -39.93 8.20
CA LYS C 64 31.58 -39.01 7.83
C LYS C 64 31.05 -37.59 7.65
N ARG C 65 29.89 -37.48 7.00
CA ARG C 65 29.25 -36.20 6.69
C ARG C 65 29.03 -35.30 7.91
N PHE C 66 28.58 -35.90 9.02
CA PHE C 66 28.28 -35.16 10.25
C PHE C 66 29.27 -35.46 11.37
N ASN C 67 30.45 -35.93 10.99
CA ASN C 67 31.52 -36.23 11.94
C ASN C 67 31.01 -37.08 13.11
N ILE C 68 30.48 -38.27 12.78
CA ILE C 68 29.92 -39.19 13.78
C ILE C 68 30.91 -40.27 14.25
N ALA C 69 31.66 -40.85 13.31
CA ALA C 69 32.59 -41.94 13.61
C ALA C 69 31.95 -43.31 13.42
N ARG C 70 31.14 -43.73 14.38
CA ARG C 70 30.70 -45.12 14.46
C ARG C 70 29.50 -45.44 13.55
N TRP C 71 29.54 -46.64 12.96
CA TRP C 71 28.47 -47.16 12.11
C TRP C 71 28.64 -48.67 11.96
N THR C 72 27.54 -49.36 11.61
CA THR C 72 27.56 -50.77 11.21
C THR C 72 26.35 -51.08 10.36
N THR C 73 26.19 -52.35 10.00
CA THR C 73 25.00 -52.87 9.33
C THR C 73 24.38 -53.98 10.17
N ASP C 74 25.22 -54.63 10.98
CA ASP C 74 24.75 -55.70 11.86
C ASP C 74 24.05 -55.10 13.06
N LEU C 75 22.73 -55.25 13.08
CA LEU C 75 21.90 -54.76 14.17
C LEU C 75 22.26 -55.50 15.45
N ASP C 76 22.28 -56.84 15.37
CA ASP C 76 22.36 -57.72 16.53
C ASP C 76 23.55 -57.48 17.45
N ALA C 77 24.74 -57.33 16.85
CA ALA C 77 25.97 -57.11 17.61
C ALA C 77 25.91 -55.80 18.36
N ALA C 78 25.40 -54.78 17.68
CA ALA C 78 25.19 -53.46 18.27
C ALA C 78 24.33 -53.56 19.53
N LEU C 79 23.16 -54.22 19.41
CA LEU C 79 22.23 -54.40 20.54
C LEU C 79 22.81 -55.25 21.68
N ALA C 80 23.76 -56.13 21.36
CA ALA C 80 24.42 -56.96 22.35
C ALA C 80 25.53 -56.22 23.12
N ASP C 81 26.06 -55.16 22.51
CA ASP C 81 27.17 -54.39 23.04
C ASP C 81 26.74 -53.56 24.25
N LYS C 82 27.19 -53.95 25.44
CA LYS C 82 26.82 -53.27 26.70
C LYS C 82 27.45 -51.88 26.89
N ASN C 83 28.40 -51.53 26.05
CA ASN C 83 29.04 -50.20 26.12
C ASN C 83 28.07 -49.06 25.71
N ASP C 84 27.19 -49.38 24.74
CA ASP C 84 26.03 -48.56 24.35
C ASP C 84 24.86 -48.85 25.27
N THR C 85 23.97 -47.89 25.45
CA THR C 85 23.06 -47.94 26.58
C THR C 85 21.61 -47.60 26.24
N MSE C 86 21.38 -47.21 24.99
CA MSE C 86 20.08 -46.73 24.53
C MSE C 86 19.92 -47.03 23.03
O MSE C 86 20.90 -47.02 22.29
CB MSE C 86 19.96 -45.23 24.81
CG MSE C 86 18.63 -44.59 24.44
SE MSE C 86 18.56 -42.67 24.88
CE MSE C 86 17.50 -42.10 23.36
N PHE C 87 18.68 -47.31 22.61
CA PHE C 87 18.40 -47.65 21.21
C PHE C 87 17.29 -46.78 20.64
N PHE C 88 17.49 -46.31 19.42
CA PHE C 88 16.48 -45.48 18.76
C PHE C 88 16.13 -46.05 17.40
N ASP C 89 14.83 -46.06 17.10
CA ASP C 89 14.36 -46.55 15.82
C ASP C 89 13.48 -45.58 15.05
N ALA C 90 13.83 -45.39 13.79
CA ALA C 90 13.12 -44.48 12.91
C ALA C 90 12.77 -45.17 11.60
N ALA C 91 13.13 -46.46 11.49
CA ALA C 91 12.91 -47.20 10.26
C ALA C 91 11.44 -47.61 10.07
N THR C 92 11.20 -48.71 9.36
CA THR C 92 9.84 -49.19 9.11
C THR C 92 9.14 -49.61 10.41
N THR C 93 7.85 -49.28 10.49
CA THR C 93 7.00 -49.67 11.61
C THR C 93 6.90 -51.20 11.83
N GLN C 94 6.97 -51.98 10.77
CA GLN C 94 6.83 -53.45 10.87
C GLN C 94 7.95 -54.14 11.64
N ALA C 95 9.19 -53.71 11.38
CA ALA C 95 10.38 -54.28 12.03
C ALA C 95 10.58 -53.81 13.48
N ARG C 96 9.88 -52.76 13.87
CA ARG C 96 10.13 -52.05 15.13
C ARG C 96 9.94 -52.88 16.41
N PRO C 97 8.75 -53.51 16.58
CA PRO C 97 8.44 -54.20 17.84
C PRO C 97 9.41 -55.33 18.16
N GLY C 98 9.84 -56.07 17.13
CA GLY C 98 10.86 -57.09 17.33
C GLY C 98 12.15 -56.45 17.85
N LEU C 99 12.50 -55.33 17.24
CA LEU C 99 13.76 -54.65 17.55
C LEU C 99 13.76 -53.97 18.91
N LEU C 100 12.66 -53.31 19.27
CA LEU C 100 12.48 -52.79 20.64
C LEU C 100 12.58 -53.91 21.68
N THR C 101 11.86 -54.99 21.41
CA THR C 101 11.94 -56.20 22.21
C THR C 101 13.40 -56.64 22.41
N GLN C 102 14.18 -56.70 21.34
CA GLN C 102 15.59 -57.12 21.43
C GLN C 102 16.40 -56.16 22.28
N ALA C 103 16.07 -54.88 22.19
CA ALA C 103 16.82 -53.85 22.89
C ALA C 103 16.47 -53.84 24.37
N ILE C 104 15.17 -54.00 24.65
CA ILE C 104 14.65 -54.10 26.02
C ILE C 104 15.19 -55.35 26.69
N ASN C 105 15.31 -56.42 25.90
CA ASN C 105 15.88 -57.68 26.36
C ASN C 105 17.36 -57.59 26.70
N ALA C 106 18.08 -56.75 25.95
CA ALA C 106 19.49 -56.55 26.19
C ALA C 106 19.73 -55.41 27.20
N GLY C 107 18.65 -54.86 27.74
CA GLY C 107 18.73 -53.93 28.86
C GLY C 107 18.95 -52.49 28.43
N LYS C 108 18.46 -52.15 27.24
CA LYS C 108 18.62 -50.81 26.70
C LYS C 108 17.38 -49.96 26.92
N HIS C 109 17.62 -48.73 27.37
CA HIS C 109 16.63 -47.70 27.32
C HIS C 109 16.22 -47.50 25.88
N VAL C 110 14.95 -47.21 25.68
CA VAL C 110 14.38 -47.34 24.36
C VAL C 110 13.60 -46.09 23.93
N TYR C 111 13.93 -45.58 22.75
CA TYR C 111 13.26 -44.41 22.18
C TYR C 111 12.98 -44.63 20.69
N CYS C 112 11.77 -44.30 20.25
CA CYS C 112 11.43 -44.56 18.85
C CYS C 112 10.37 -43.64 18.26
N GLU C 113 10.37 -43.61 16.92
CA GLU C 113 9.33 -42.95 16.15
C GLU C 113 8.01 -43.72 16.12
N LYS C 114 6.99 -43.06 15.58
CA LYS C 114 5.62 -43.57 15.55
C LYS C 114 5.34 -44.36 14.26
N PRO C 115 4.38 -45.30 14.29
CA PRO C 115 3.73 -45.94 15.46
C PRO C 115 4.69 -46.95 16.03
N ILE C 116 4.47 -47.36 17.27
CA ILE C 116 5.42 -48.27 17.92
C ILE C 116 5.23 -49.71 17.49
N ALA C 117 4.14 -49.97 16.81
CA ALA C 117 3.87 -51.28 16.28
C ALA C 117 2.80 -51.21 15.21
N THR C 118 2.75 -52.26 14.39
CA THR C 118 1.72 -52.41 13.35
C THR C 118 0.33 -52.57 13.97
N ASN C 119 0.27 -53.20 15.14
CA ASN C 119 -1.00 -53.52 15.76
C ASN C 119 -0.97 -53.44 17.28
N PHE C 120 -2.13 -53.14 17.86
CA PHE C 120 -2.26 -52.84 19.28
C PHE C 120 -1.73 -53.89 20.26
N GLU C 121 -2.11 -55.16 20.05
CA GLU C 121 -1.73 -56.19 21.02
C GLU C 121 -0.23 -56.31 21.09
N GLU C 122 0.44 -56.24 19.94
CA GLU C 122 1.89 -56.31 19.90
C GLU C 122 2.52 -55.08 20.58
N ALA C 123 1.90 -53.91 20.39
CA ALA C 123 2.35 -52.67 21.01
C ALA C 123 2.23 -52.72 22.52
N LEU C 124 1.10 -53.22 23.00
CA LEU C 124 0.88 -53.32 24.43
C LEU C 124 1.84 -54.31 25.06
N GLU C 125 2.28 -55.28 24.26
CA GLU C 125 3.23 -56.29 24.72
C GLU C 125 4.59 -55.67 25.01
N VAL C 126 5.01 -54.77 24.13
CA VAL C 126 6.29 -54.08 24.23
C VAL C 126 6.34 -53.16 25.45
N VAL C 127 5.24 -52.44 25.68
CA VAL C 127 5.09 -51.62 26.88
C VAL C 127 5.30 -52.43 28.15
N LYS C 128 4.63 -53.59 28.23
CA LYS C 128 4.71 -54.45 29.40
C LYS C 128 6.12 -54.99 29.63
N LEU C 129 6.79 -55.38 28.53
CA LEU C 129 8.17 -55.84 28.59
C LEU C 129 9.10 -54.75 29.16
N ALA C 130 9.10 -53.59 28.51
CA ALA C 130 9.91 -52.46 28.93
C ALA C 130 9.70 -52.10 30.39
N ASN C 131 8.43 -52.00 30.80
CA ASN C 131 8.06 -51.77 32.20
C ASN C 131 8.58 -52.86 33.14
N SER C 132 8.53 -54.12 32.68
CA SER C 132 8.96 -55.27 33.49
C SER C 132 10.46 -55.26 33.65
N LYS C 133 11.15 -54.91 32.56
CA LYS C 133 12.59 -55.08 32.46
C LYS C 133 13.36 -54.00 33.18
N GLY C 134 12.67 -52.93 33.56
CA GLY C 134 13.28 -51.85 34.32
C GLY C 134 13.83 -50.72 33.46
N VAL C 135 13.76 -50.87 32.14
CA VAL C 135 14.31 -49.84 31.23
C VAL C 135 13.38 -48.63 31.10
N LYS C 136 13.97 -47.49 30.78
CA LYS C 136 13.21 -46.28 30.51
C LYS C 136 12.81 -46.33 29.03
N HIS C 137 11.63 -45.81 28.71
CA HIS C 137 11.12 -45.88 27.34
C HIS C 137 10.30 -44.66 26.91
N GLY C 138 10.46 -44.28 25.65
CA GLY C 138 9.76 -43.13 25.15
C GLY C 138 9.38 -43.28 23.71
N THR C 139 8.35 -42.55 23.31
CA THR C 139 8.02 -42.45 21.89
C THR C 139 7.73 -41.01 21.46
N VAL C 140 8.12 -40.68 20.23
CA VAL C 140 8.03 -39.31 19.68
C VAL C 140 6.60 -38.83 19.55
N GLN C 141 6.34 -37.63 20.09
CA GLN C 141 5.01 -36.99 20.03
C GLN C 141 5.13 -35.54 19.63
N ASP C 142 5.74 -35.33 18.47
CA ASP C 142 6.15 -34.01 17.98
C ASP C 142 5.04 -32.97 17.93
N LYS C 143 3.87 -33.33 17.43
CA LYS C 143 2.84 -32.31 17.24
C LYS C 143 2.62 -31.45 18.47
N LEU C 144 2.71 -32.05 19.66
CA LEU C 144 2.62 -31.33 20.92
C LEU C 144 3.66 -30.20 21.06
N PHE C 145 4.73 -30.25 20.27
CA PHE C 145 5.84 -29.32 20.40
C PHE C 145 5.88 -28.24 19.33
N LEU C 146 4.94 -28.30 18.40
CA LEU C 146 4.70 -27.19 17.48
C LEU C 146 4.30 -25.96 18.28
N PRO C 147 4.93 -24.80 17.98
CA PRO C 147 4.65 -23.59 18.75
C PRO C 147 3.18 -23.26 18.75
N GLY C 148 2.50 -23.67 17.68
CA GLY C 148 1.07 -23.40 17.51
C GLY C 148 0.30 -24.09 18.59
N LEU C 149 0.64 -25.36 18.82
CA LEU C 149 -0.04 -26.13 19.86
C LEU C 149 0.50 -25.84 21.25
N LYS C 150 1.75 -25.39 21.39
CA LYS C 150 2.21 -24.91 22.71
C LYS C 150 1.40 -23.70 23.08
N LYS C 151 1.05 -22.89 22.09
CA LYS C 151 0.26 -21.70 22.32
C LYS C 151 -1.14 -21.98 22.85
N ILE C 152 -1.76 -23.04 22.32
CA ILE C 152 -3.09 -23.49 22.73
C ILE C 152 -3.01 -23.90 24.18
N ALA C 153 -1.98 -24.66 24.52
CA ALA C 153 -1.81 -25.12 25.90
C ALA C 153 -1.64 -23.94 26.85
N PHE C 154 -0.94 -22.92 26.40
CA PHE C 154 -0.81 -21.69 27.19
C PHE C 154 -2.13 -20.96 27.27
N LEU C 155 -2.92 -21.02 26.20
CA LEU C 155 -4.23 -20.38 26.23
C LEU C 155 -5.13 -21.14 27.18
N ARG C 156 -5.13 -22.47 27.07
CA ARG C 156 -5.85 -23.34 28.00
C ARG C 156 -5.51 -23.06 29.46
N ASP C 157 -4.20 -23.06 29.78
CA ASP C 157 -3.73 -22.83 31.16
C ASP C 157 -4.16 -21.50 31.74
N SER C 158 -4.03 -20.44 30.95
CA SER C 158 -4.20 -19.08 31.46
C SER C 158 -5.66 -18.65 31.50
N GLY C 159 -6.57 -19.60 31.25
CA GLY C 159 -8.00 -19.35 31.38
C GLY C 159 -8.66 -18.58 30.25
N PHE C 160 -7.96 -18.46 29.14
CA PHE C 160 -8.47 -17.68 28.05
C PHE C 160 -9.77 -18.25 27.48
N PHE C 161 -9.89 -19.57 27.45
CA PHE C 161 -11.08 -20.20 26.85
C PHE C 161 -12.32 -20.18 27.73
N GLY C 162 -12.15 -19.90 29.02
CA GLY C 162 -13.19 -20.20 30.01
C GLY C 162 -13.36 -21.71 30.03
N ARG C 163 -14.52 -22.18 29.55
CA ARG C 163 -14.76 -23.59 29.28
C ARG C 163 -14.55 -23.91 27.78
N ILE C 164 -13.59 -24.75 27.47
CA ILE C 164 -13.48 -25.28 26.11
C ILE C 164 -14.72 -26.10 25.71
N LEU C 165 -15.31 -25.79 24.57
CA LEU C 165 -16.57 -26.45 24.18
C LEU C 165 -16.36 -27.45 23.06
N SER C 166 -15.61 -27.03 22.04
CA SER C 166 -15.49 -27.81 20.80
C SER C 166 -14.16 -27.57 20.11
N VAL C 167 -13.76 -28.54 19.30
CA VAL C 167 -12.46 -28.58 18.64
C VAL C 167 -12.63 -29.01 17.18
N ARG C 168 -11.92 -28.30 16.30
CA ARG C 168 -12.02 -28.47 14.85
C ARG C 168 -10.64 -28.63 14.23
N GLY C 169 -10.36 -29.82 13.74
CA GLY C 169 -9.09 -30.06 13.09
C GLY C 169 -9.31 -29.99 11.60
N GLU C 170 -8.31 -29.51 10.88
CA GLU C 170 -8.32 -29.61 9.45
C GLU C 170 -6.88 -29.93 9.10
N PHE C 171 -6.68 -31.08 8.47
CA PHE C 171 -5.33 -31.49 8.18
C PHE C 171 -5.10 -32.06 6.78
N GLY C 172 -4.04 -31.58 6.14
CA GLY C 172 -3.55 -32.18 4.91
C GLY C 172 -3.35 -31.19 3.79
N TYR C 173 -3.09 -31.72 2.61
CA TYR C 173 -2.77 -30.92 1.44
C TYR C 173 -2.74 -31.90 0.27
N TRP C 174 -2.43 -31.43 -0.94
CA TRP C 174 -2.53 -32.32 -2.10
C TRP C 174 -1.23 -33.06 -2.35
N VAL C 175 -1.29 -34.38 -2.27
CA VAL C 175 -0.13 -35.17 -2.63
C VAL C 175 -0.25 -35.56 -4.10
N PHE C 176 0.63 -34.99 -4.91
CA PHE C 176 0.56 -35.18 -6.37
C PHE C 176 0.59 -36.64 -6.73
N GLU C 177 -0.29 -36.99 -7.65
CA GLU C 177 -0.54 -38.37 -7.99
C GLU C 177 0.69 -39.02 -8.60
N GLY C 178 1.62 -38.21 -9.08
CA GLY C 178 2.89 -38.72 -9.62
C GLY C 178 3.00 -38.71 -11.14
N GLY C 179 1.87 -38.53 -11.82
CA GLY C 179 1.84 -38.43 -13.29
C GLY C 179 2.59 -37.24 -13.87
N TRP C 180 2.11 -36.03 -13.59
CA TRP C 180 2.68 -34.80 -14.15
C TRP C 180 3.79 -34.23 -13.29
N GLN C 181 3.59 -34.25 -11.97
CA GLN C 181 4.67 -33.87 -11.06
C GLN C 181 4.85 -34.94 -10.00
N GLU C 182 6.03 -35.00 -9.42
CA GLU C 182 6.42 -36.09 -8.54
C GLU C 182 5.67 -36.02 -7.22
N ALA C 183 5.41 -37.17 -6.61
CA ALA C 183 4.73 -37.22 -5.32
C ALA C 183 5.65 -36.65 -4.24
N GLN C 184 5.07 -35.95 -3.27
CA GLN C 184 5.84 -35.43 -2.12
C GLN C 184 6.05 -36.44 -0.99
N ARG C 185 5.42 -37.61 -1.09
CA ARG C 185 5.47 -38.61 -0.02
C ARG C 185 5.74 -39.98 -0.61
N PRO C 186 6.49 -40.81 0.13
CA PRO C 186 6.81 -42.17 -0.26
C PRO C 186 5.52 -42.93 -0.55
N SER C 187 5.54 -43.74 -1.61
CA SER C 187 4.36 -44.44 -2.11
C SER C 187 3.82 -45.47 -1.12
N TRP C 188 4.71 -46.09 -0.34
CA TRP C 188 4.28 -47.10 0.62
C TRP C 188 3.05 -46.63 1.39
N ASN C 189 2.93 -45.32 1.59
CA ASN C 189 1.80 -44.69 2.28
C ASN C 189 0.45 -44.88 1.60
N TYR C 190 0.47 -45.30 0.34
CA TYR C 190 -0.75 -45.39 -0.43
C TYR C 190 -1.13 -46.83 -0.74
N ARG C 191 -0.39 -47.76 -0.15
CA ARG C 191 -0.63 -49.20 -0.30
C ARG C 191 -0.95 -49.81 1.06
N ASP C 192 -2.18 -50.28 1.21
CA ASP C 192 -2.61 -50.93 2.45
C ASP C 192 -1.68 -52.10 2.77
N GLU C 193 -1.37 -52.92 1.76
CA GLU C 193 -0.47 -54.06 1.96
C GLU C 193 0.85 -53.65 2.65
N ASP C 194 1.28 -52.42 2.43
CA ASP C 194 2.55 -51.96 2.97
C ASP C 194 2.43 -51.15 4.26
N GLY C 195 1.25 -51.17 4.88
CA GLY C 195 1.01 -50.46 6.14
C GLY C 195 0.50 -49.03 5.95
N GLY C 196 0.28 -48.66 4.68
CA GLY C 196 -0.22 -47.35 4.31
C GLY C 196 -1.59 -47.06 4.87
N GLY C 197 -1.96 -45.78 4.87
CA GLY C 197 -3.28 -45.37 5.32
C GLY C 197 -3.21 -44.12 6.18
N ILE C 198 -4.09 -43.16 5.90
CA ILE C 198 -4.05 -41.89 6.60
C ILE C 198 -4.58 -42.02 8.03
N ILE C 199 -5.61 -42.85 8.21
CA ILE C 199 -6.16 -43.11 9.53
C ILE C 199 -5.09 -43.65 10.45
N LEU C 200 -4.39 -44.65 10.03
CA LEU C 200 -3.50 -45.29 10.94
C LEU C 200 -2.23 -44.54 11.10
N ASP C 201 -2.02 -43.60 10.20
CA ASP C 201 -0.89 -42.68 10.27
C ASP C 201 -1.17 -41.50 11.18
N MSE C 202 -2.34 -40.89 11.02
CA MSE C 202 -2.61 -39.64 11.69
C MSE C 202 -3.48 -39.75 12.96
O MSE C 202 -3.27 -39.00 13.91
CB MSE C 202 -3.20 -38.64 10.71
CG MSE C 202 -2.32 -38.39 9.48
SE MSE C 202 -0.56 -37.55 9.82
CE MSE C 202 -1.18 -36.10 10.93
N VAL C 203 -4.44 -40.67 12.99
CA VAL C 203 -5.30 -40.82 14.17
C VAL C 203 -4.41 -41.04 15.40
N CYS C 204 -3.30 -41.67 15.14
CA CYS C 204 -2.24 -41.83 16.08
C CYS C 204 -1.73 -40.56 16.71
N HIS C 205 -1.45 -39.57 15.91
CA HIS C 205 -1.10 -38.27 16.43
C HIS C 205 -2.26 -37.68 17.22
N TRP C 206 -3.48 -37.87 16.72
CA TRP C 206 -4.62 -37.20 17.30
C TRP C 206 -4.90 -37.70 18.72
N ARG C 207 -4.55 -38.96 18.97
CA ARG C 207 -4.70 -39.50 20.30
C ARG C 207 -3.99 -38.59 21.28
N TYR C 208 -2.71 -38.30 21.03
CA TYR C 208 -1.96 -37.54 21.98
C TYR C 208 -2.29 -36.07 21.95
N VAL C 209 -2.53 -35.54 20.76
CA VAL C 209 -2.95 -34.14 20.64
C VAL C 209 -4.20 -33.86 21.48
N LEU C 210 -5.23 -34.71 21.35
CA LEU C 210 -6.48 -34.56 22.08
C LEU C 210 -6.32 -34.88 23.54
N ASP C 211 -5.75 -36.05 23.85
CA ASP C 211 -5.54 -36.46 25.24
C ASP C 211 -4.94 -35.29 26.02
N ASN C 212 -3.83 -34.79 25.53
CA ASN C 212 -3.07 -33.76 26.25
C ASN C 212 -3.63 -32.35 26.30
N LEU C 213 -4.19 -31.87 25.20
CA LEU C 213 -4.69 -30.50 25.14
C LEU C 213 -6.14 -30.36 25.65
N PHE C 214 -6.98 -31.33 25.35
CA PHE C 214 -8.40 -31.09 25.52
C PHE C 214 -9.12 -32.07 26.44
N GLY C 215 -8.65 -33.31 26.52
CA GLY C 215 -9.30 -34.33 27.30
C GLY C 215 -9.24 -35.72 26.68
N ASN C 216 -9.11 -36.74 27.52
CA ASN C 216 -8.94 -38.10 27.06
C ASN C 216 -10.06 -38.57 26.13
N VAL C 217 -9.66 -39.23 25.06
CA VAL C 217 -10.57 -39.69 24.04
C VAL C 217 -11.36 -40.87 24.57
N GLN C 218 -12.68 -40.83 24.42
CA GLN C 218 -13.54 -41.88 24.98
C GLN C 218 -14.23 -42.74 23.92
N SER C 219 -14.47 -42.15 22.75
CA SER C 219 -15.09 -42.87 21.63
C SER C 219 -14.83 -42.12 20.35
N VAL C 220 -15.00 -42.82 19.24
CA VAL C 220 -14.65 -42.28 17.95
C VAL C 220 -15.57 -42.87 16.88
N VAL C 221 -16.01 -42.01 15.96
CA VAL C 221 -16.60 -42.50 14.71
C VAL C 221 -15.77 -41.93 13.57
N CYS C 222 -15.48 -42.77 12.59
CA CYS C 222 -14.57 -42.44 11.51
C CYS C 222 -14.98 -43.19 10.26
N ILE C 223 -14.79 -42.55 9.12
CA ILE C 223 -14.91 -43.22 7.84
C ILE C 223 -13.76 -42.76 6.96
N GLY C 224 -13.16 -43.69 6.22
CA GLY C 224 -12.06 -43.36 5.35
C GLY C 224 -12.45 -43.58 3.91
N ASN C 225 -11.57 -43.19 2.98
CA ASN C 225 -11.79 -43.40 1.55
C ASN C 225 -10.50 -43.42 0.73
N THR C 226 -10.55 -44.11 -0.41
CA THR C 226 -9.47 -44.01 -1.41
C THR C 226 -9.92 -43.09 -2.56
N ASP C 227 -9.72 -41.79 -2.39
CA ASP C 227 -10.16 -40.81 -3.38
C ASP C 227 -9.43 -41.01 -4.72
N ILE C 228 -8.14 -41.40 -4.65
CA ILE C 228 -7.32 -41.53 -5.85
C ILE C 228 -6.93 -43.00 -6.08
N PRO C 229 -7.44 -43.62 -7.17
CA PRO C 229 -7.24 -45.05 -7.35
C PRO C 229 -5.83 -45.43 -7.80
N GLU C 230 -5.22 -44.59 -8.62
CA GLU C 230 -3.97 -44.95 -9.25
C GLU C 230 -2.91 -43.87 -9.04
N ARG C 231 -1.73 -44.26 -8.58
CA ARG C 231 -0.62 -43.33 -8.37
C ARG C 231 0.68 -43.82 -9.03
N PHE C 232 1.72 -42.99 -9.03
CA PHE C 232 3.02 -43.37 -9.60
C PHE C 232 4.15 -43.48 -8.55
N ASP C 233 4.91 -44.57 -8.64
CA ASP C 233 6.14 -44.85 -7.86
C ASP C 233 7.15 -43.73 -7.85
N GLU C 234 8.13 -43.87 -6.96
CA GLU C 234 9.38 -43.12 -7.04
C GLU C 234 10.13 -43.46 -8.34
N GLN C 235 9.79 -44.60 -8.94
CA GLN C 235 10.38 -45.02 -10.21
C GLN C 235 9.49 -44.65 -11.40
N GLY C 236 8.35 -44.02 -11.11
CA GLY C 236 7.42 -43.61 -12.15
C GLY C 236 6.48 -44.72 -12.60
N LYS C 237 6.49 -45.84 -11.91
CA LYS C 237 5.64 -46.97 -12.29
C LYS C 237 4.25 -46.84 -11.64
N LYS C 238 3.21 -47.04 -12.43
CA LYS C 238 1.83 -46.97 -11.98
C LYS C 238 1.50 -48.14 -11.03
N TYR C 239 0.82 -47.82 -9.93
CA TYR C 239 0.34 -48.85 -9.00
C TYR C 239 -1.10 -48.57 -8.55
N LYS C 240 -1.74 -49.59 -7.99
CA LYS C 240 -3.08 -49.45 -7.45
C LYS C 240 -3.00 -48.94 -6.02
N ALA C 241 -3.70 -47.86 -5.74
CA ALA C 241 -3.65 -47.31 -4.41
C ALA C 241 -4.72 -47.99 -3.58
N THR C 242 -4.27 -48.78 -2.60
CA THR C 242 -5.15 -49.58 -1.75
C THR C 242 -5.46 -48.93 -0.39
N ALA C 243 -4.67 -47.93 -0.01
CA ALA C 243 -4.82 -47.30 1.30
C ALA C 243 -5.88 -46.20 1.29
N ASP C 244 -6.40 -45.86 2.47
CA ASP C 244 -7.24 -44.67 2.59
C ASP C 244 -6.38 -43.39 2.49
N ASP C 245 -6.82 -42.43 1.68
CA ASP C 245 -6.08 -41.17 1.57
C ASP C 245 -6.82 -39.97 2.14
N SER C 246 -8.04 -40.21 2.61
CA SER C 246 -8.83 -39.20 3.27
C SER C 246 -9.60 -39.91 4.37
N ALA C 247 -9.94 -39.18 5.42
CA ALA C 247 -10.72 -39.72 6.54
C ALA C 247 -11.32 -38.54 7.30
N TYR C 248 -12.46 -38.79 7.94
CA TYR C 248 -13.25 -37.78 8.60
C TYR C 248 -13.64 -38.39 9.92
N ALA C 249 -13.01 -37.94 11.00
CA ALA C 249 -13.26 -38.51 12.33
C ALA C 249 -13.82 -37.50 13.35
N THR C 250 -14.80 -37.95 14.11
CA THR C 250 -15.42 -37.13 15.15
C THR C 250 -15.11 -37.84 16.46
N PHE C 251 -14.73 -37.09 17.50
CA PHE C 251 -14.33 -37.71 18.77
C PHE C 251 -15.12 -37.18 19.94
N GLN C 252 -15.49 -38.06 20.87
CA GLN C 252 -15.97 -37.63 22.19
C GLN C 252 -14.82 -37.70 23.18
N LEU C 253 -14.62 -36.59 23.90
CA LEU C 253 -13.57 -36.48 24.89
C LEU C 253 -14.16 -36.40 26.29
N GLU C 254 -13.41 -36.94 27.28
CA GLU C 254 -13.79 -36.85 28.68
C GLU C 254 -13.98 -35.38 29.03
N GLY C 255 -15.10 -35.04 29.64
CA GLY C 255 -15.45 -33.65 29.92
C GLY C 255 -16.54 -33.09 28.99
N GLY C 256 -16.97 -33.87 28.02
CA GLY C 256 -18.04 -33.46 27.12
C GLY C 256 -17.62 -32.49 26.03
N VAL C 257 -16.34 -32.49 25.68
CA VAL C 257 -15.85 -31.77 24.52
C VAL C 257 -15.92 -32.71 23.32
N ILE C 258 -16.42 -32.19 22.22
CA ILE C 258 -16.44 -32.91 20.97
C ILE C 258 -15.39 -32.33 20.05
N ALA C 259 -14.67 -33.19 19.34
CA ALA C 259 -13.68 -32.76 18.34
C ALA C 259 -13.90 -33.48 17.02
N HIS C 260 -13.85 -32.72 15.93
CA HIS C 260 -13.89 -33.32 14.63
C HIS C 260 -12.59 -33.04 13.92
N ILE C 261 -12.05 -34.04 13.25
CA ILE C 261 -10.88 -33.83 12.41
C ILE C 261 -11.08 -34.37 10.98
N ASN C 262 -11.02 -33.45 10.02
CA ASN C 262 -10.91 -33.83 8.62
C ASN C 262 -9.44 -34.05 8.31
N MSE C 263 -9.12 -35.14 7.65
CA MSE C 263 -7.73 -35.37 7.31
C MSE C 263 -7.59 -35.96 5.92
O MSE C 263 -8.24 -36.97 5.61
CB MSE C 263 -7.07 -36.23 8.39
CG MSE C 263 -7.45 -37.69 8.31
SE MSE C 263 -7.31 -38.58 10.01
CE MSE C 263 -9.10 -38.19 10.72
N SER C 264 -6.77 -35.34 5.07
CA SER C 264 -6.64 -35.80 3.71
C SER C 264 -5.37 -35.42 2.97
N TRP C 265 -4.89 -36.35 2.13
CA TRP C 265 -3.84 -36.08 1.16
C TRP C 265 -4.41 -35.60 -0.16
N VAL C 266 -5.72 -35.46 -0.21
CA VAL C 266 -6.38 -35.16 -1.46
C VAL C 266 -7.26 -33.93 -1.27
N THR C 267 -6.68 -32.92 -0.63
CA THR C 267 -7.40 -31.68 -0.36
C THR C 267 -6.52 -30.48 -0.67
N ARG C 268 -7.13 -29.38 -1.10
CA ARG C 268 -6.33 -28.21 -1.44
C ARG C 268 -6.42 -27.16 -0.34
N VAL C 269 -5.32 -26.45 -0.13
CA VAL C 269 -5.15 -25.68 1.09
C VAL C 269 -5.72 -24.25 1.01
N TYR C 270 -6.83 -24.03 1.71
CA TYR C 270 -7.39 -22.71 1.83
C TYR C 270 -7.55 -22.40 3.31
N ARG C 271 -6.41 -22.22 4.00
CA ARG C 271 -6.37 -22.06 5.45
C ARG C 271 -4.98 -21.55 5.87
N ASP C 272 -4.76 -21.24 7.15
CA ASP C 272 -3.46 -20.69 7.56
C ASP C 272 -2.26 -21.65 7.40
N ASP C 273 -2.51 -22.96 7.41
CA ASP C 273 -1.38 -23.90 7.44
C ASP C 273 -1.72 -25.33 7.04
N LEU C 274 -0.72 -26.20 7.02
CA LEU C 274 -0.92 -27.58 6.59
C LEU C 274 -1.79 -28.35 7.58
N VAL C 275 -1.86 -27.84 8.82
CA VAL C 275 -2.89 -28.29 9.75
C VAL C 275 -3.40 -27.10 10.53
N THR C 276 -4.65 -27.21 10.97
CA THR C 276 -5.29 -26.15 11.66
C THR C 276 -6.19 -26.75 12.74
N PHE C 277 -6.15 -26.13 13.92
CA PHE C 277 -7.03 -26.46 15.03
C PHE C 277 -7.69 -25.22 15.53
N GLN C 278 -9.01 -25.24 15.53
CA GLN C 278 -9.79 -24.16 16.13
C GLN C 278 -10.41 -24.69 17.39
N VAL C 279 -10.19 -23.94 18.47
CA VAL C 279 -10.76 -24.26 19.75
C VAL C 279 -11.75 -23.18 20.05
N ASP C 280 -13.01 -23.54 20.26
CA ASP C 280 -14.05 -22.59 20.67
C ASP C 280 -14.36 -22.84 22.11
N GLY C 281 -14.30 -21.77 22.89
CA GLY C 281 -14.60 -21.82 24.31
C GLY C 281 -15.56 -20.72 24.68
N THR C 282 -16.10 -20.81 25.88
CA THR C 282 -17.05 -19.85 26.41
C THR C 282 -16.55 -18.38 26.43
N HIS C 283 -15.23 -18.18 26.47
CA HIS C 283 -14.71 -16.85 26.76
C HIS C 283 -13.88 -16.29 25.63
N GLY C 284 -13.61 -17.15 24.65
CA GLY C 284 -12.79 -16.83 23.51
C GLY C 284 -12.58 -18.05 22.65
N SER C 285 -12.01 -17.85 21.46
CA SER C 285 -11.72 -18.94 20.54
C SER C 285 -10.30 -18.79 20.05
N ALA C 286 -9.74 -19.82 19.42
CA ALA C 286 -8.40 -19.71 18.86
C ALA C 286 -8.24 -20.59 17.64
N VAL C 287 -7.34 -20.21 16.75
CA VAL C 287 -7.04 -21.02 15.59
C VAL C 287 -5.55 -21.12 15.53
N ALA C 288 -5.04 -22.34 15.55
CA ALA C 288 -3.60 -22.53 15.56
C ALA C 288 -3.11 -23.31 14.35
N GLY C 289 -1.96 -22.89 13.81
CA GLY C 289 -1.29 -23.59 12.76
C GLY C 289 -0.12 -24.31 13.38
N LEU C 290 0.91 -24.57 12.58
CA LEU C 290 2.15 -25.13 13.08
C LEU C 290 2.83 -24.14 14.01
N SER C 291 2.98 -22.90 13.56
CA SER C 291 3.77 -21.88 14.28
C SER C 291 2.99 -20.77 14.99
N ASP C 292 1.86 -20.37 14.46
CA ASP C 292 1.20 -19.17 14.94
C ASP C 292 -0.15 -19.52 15.52
N CYS C 293 -0.76 -18.59 16.26
CA CYS C 293 -2.08 -18.85 16.82
C CYS C 293 -2.84 -17.53 16.97
N MSE C 294 -4.05 -17.52 16.41
CA MSE C 294 -4.93 -16.38 16.45
C MSE C 294 -5.96 -16.57 17.54
O MSE C 294 -6.47 -17.66 17.73
CB MSE C 294 -5.67 -16.20 15.12
CG MSE C 294 -4.84 -16.44 13.91
SE MSE C 294 -3.50 -15.05 13.62
CE MSE C 294 -4.62 -13.58 13.01
N ILE C 295 -6.29 -15.49 18.24
CA ILE C 295 -7.29 -15.54 19.28
C ILE C 295 -8.37 -14.51 19.04
N GLN C 296 -9.55 -14.85 19.52
CA GLN C 296 -10.63 -13.89 19.62
C GLN C 296 -11.34 -14.11 20.94
N ALA C 297 -11.01 -13.27 21.90
CA ALA C 297 -11.73 -13.21 23.16
C ALA C 297 -13.17 -12.82 22.86
N ARG C 298 -14.09 -13.28 23.70
CA ARG C 298 -15.51 -13.03 23.49
C ARG C 298 -15.86 -11.56 23.32
N GLN C 299 -15.12 -10.66 23.95
CA GLN C 299 -15.41 -9.22 23.80
C GLN C 299 -15.15 -8.71 22.41
N ALA C 300 -14.40 -9.47 21.60
CA ALA C 300 -14.10 -9.06 20.23
C ALA C 300 -15.04 -9.69 19.20
N THR C 301 -15.83 -10.66 19.63
CA THR C 301 -16.74 -11.31 18.72
C THR C 301 -17.69 -10.29 18.14
N PRO C 302 -17.83 -10.25 16.82
CA PRO C 302 -18.78 -9.29 16.26
C PRO C 302 -20.22 -9.77 16.30
N ARG C 303 -21.11 -9.01 15.69
CA ARG C 303 -22.51 -9.37 15.61
C ARG C 303 -22.92 -9.41 14.14
N PRO C 304 -22.50 -10.45 13.42
CA PRO C 304 -22.86 -10.48 12.00
C PRO C 304 -24.33 -10.79 11.82
N VAL C 305 -24.91 -10.28 10.74
CA VAL C 305 -26.28 -10.62 10.36
C VAL C 305 -26.26 -11.53 9.12
N TRP C 306 -27.05 -12.61 9.16
CA TRP C 306 -27.33 -13.43 7.97
C TRP C 306 -28.19 -12.63 6.97
N ASN C 307 -27.57 -12.28 5.84
CA ASN C 307 -28.23 -11.53 4.77
C ASN C 307 -27.55 -11.76 3.40
N PRO C 308 -28.17 -12.61 2.57
CA PRO C 308 -27.68 -12.86 1.20
C PRO C 308 -27.84 -11.66 0.25
N ARG C 312 -22.71 -6.89 0.58
CA ARG C 312 -21.76 -6.15 1.40
C ARG C 312 -20.92 -7.10 2.27
N LEU C 313 -19.63 -6.81 2.39
CA LEU C 313 -18.68 -7.73 3.01
C LEU C 313 -18.06 -7.29 4.33
N HIS C 314 -17.83 -8.27 5.21
CA HIS C 314 -17.03 -8.11 6.43
C HIS C 314 -15.74 -8.94 6.29
N ASP C 315 -14.68 -8.49 6.96
CA ASP C 315 -13.48 -9.31 7.01
C ASP C 315 -13.39 -10.03 8.37
N PHE C 316 -13.80 -11.29 8.39
CA PHE C 316 -13.87 -12.07 9.63
C PHE C 316 -12.50 -12.41 10.21
N TYR C 317 -11.55 -12.73 9.32
CA TYR C 317 -10.16 -13.00 9.72
C TYR C 317 -9.57 -11.80 10.47
N GLY C 318 -10.08 -10.60 10.14
CA GLY C 318 -9.65 -9.36 10.74
C GLY C 318 -10.08 -9.17 12.17
N ASP C 319 -11.00 -10.01 12.65
CA ASP C 319 -11.47 -9.96 14.03
C ASP C 319 -10.57 -10.78 14.96
N TRP C 320 -9.41 -11.20 14.50
CA TRP C 320 -8.60 -12.07 15.32
C TRP C 320 -7.27 -11.43 15.53
N GLN C 321 -6.61 -11.82 16.61
CA GLN C 321 -5.37 -11.22 16.99
C GLN C 321 -4.35 -12.34 17.01
N LYS C 322 -3.17 -12.08 16.46
CA LYS C 322 -2.12 -13.07 16.41
C LYS C 322 -1.36 -13.03 17.76
N LEU C 323 -1.09 -14.19 18.36
CA LEU C 323 -0.37 -14.21 19.64
C LEU C 323 1.08 -13.80 19.47
N PRO C 324 1.62 -13.03 20.42
CA PRO C 324 3.04 -12.76 20.32
C PRO C 324 3.88 -14.00 20.61
N ASP C 325 5.10 -14.05 20.07
CA ASP C 325 6.11 -15.02 20.45
C ASP C 325 6.90 -14.42 21.57
N ASN C 326 6.59 -14.84 22.78
CA ASN C 326 7.21 -14.32 23.97
C ASN C 326 8.40 -15.18 24.40
N VAL C 327 8.63 -16.30 23.71
CA VAL C 327 9.76 -17.19 23.97
C VAL C 327 10.37 -17.66 22.66
N SER C 328 11.61 -18.16 22.73
CA SER C 328 12.19 -18.91 21.62
C SER C 328 11.69 -20.37 21.60
N TYR C 329 11.28 -20.83 20.43
CA TYR C 329 10.78 -22.19 20.30
C TYR C 329 11.83 -23.09 19.68
N ASP C 330 12.33 -24.03 20.48
CA ASP C 330 13.35 -24.96 20.02
C ASP C 330 12.71 -25.92 19.01
N ASN C 331 13.54 -26.74 18.37
CA ASN C 331 13.03 -27.78 17.52
C ASN C 331 12.26 -28.82 18.35
N GLY C 332 11.02 -29.09 17.96
CA GLY C 332 10.15 -30.04 18.68
C GLY C 332 10.69 -31.45 18.91
N PHE C 333 11.54 -31.90 17.98
CA PHE C 333 12.14 -33.21 18.10
C PHE C 333 13.29 -33.16 19.09
N LYS C 334 14.17 -32.17 18.94
CA LYS C 334 15.26 -31.93 19.85
C LYS C 334 14.78 -31.76 21.28
N GLU C 335 13.75 -30.94 21.47
CA GLU C 335 13.23 -30.71 22.80
C GLU C 335 12.86 -32.01 23.48
N GLN C 336 12.10 -32.89 22.80
CA GLN C 336 11.66 -34.14 23.44
C GLN C 336 12.81 -35.13 23.70
N TRP C 337 13.85 -35.08 22.86
CA TRP C 337 15.04 -35.88 23.08
C TRP C 337 15.70 -35.50 24.41
N GLU C 338 15.94 -34.21 24.58
CA GLU C 338 16.46 -33.67 25.83
C GLU C 338 15.61 -34.07 27.03
N MSE C 339 14.29 -33.93 26.90
CA MSE C 339 13.34 -34.37 27.93
C MSE C 339 13.49 -35.84 28.27
O MSE C 339 13.36 -36.22 29.43
CB MSE C 339 11.91 -34.18 27.47
CG MSE C 339 11.33 -32.82 27.71
SE MSE C 339 9.38 -33.01 27.55
CE MSE C 339 8.92 -31.10 27.32
N PHE C 340 13.76 -36.65 27.27
CA PHE C 340 13.89 -38.07 27.45
C PHE C 340 15.23 -38.38 28.10
N ILE C 341 16.26 -37.68 27.66
CA ILE C 341 17.57 -37.91 28.23
C ILE C 341 17.55 -37.53 29.71
N ARG C 342 17.04 -36.33 30.04
CA ARG C 342 16.90 -35.97 31.44
C ARG C 342 16.07 -36.98 32.26
N HIS C 343 15.09 -37.62 31.60
CA HIS C 343 14.36 -38.76 32.20
C HIS C 343 15.29 -39.91 32.53
N VAL C 344 16.19 -40.23 31.61
CA VAL C 344 17.10 -41.35 31.75
C VAL C 344 18.18 -41.09 32.81
N TYR C 345 18.70 -39.85 32.84
CA TYR C 345 19.91 -39.57 33.63
C TYR C 345 19.73 -38.86 34.98
N GLU C 346 18.55 -38.31 35.24
CA GLU C 346 18.30 -37.68 36.52
C GLU C 346 16.83 -37.87 36.92
N ASP C 347 16.23 -38.94 36.40
CA ASP C 347 14.82 -39.26 36.65
C ASP C 347 13.86 -38.08 36.60
N ALA C 348 13.93 -37.31 35.53
CA ALA C 348 13.00 -36.21 35.33
C ALA C 348 11.61 -36.78 35.02
N PRO C 349 10.55 -36.09 35.47
CA PRO C 349 9.22 -36.58 35.15
C PRO C 349 9.03 -36.57 33.64
N TYR C 350 8.48 -37.66 33.11
CA TYR C 350 8.39 -37.86 31.67
C TYR C 350 7.13 -38.62 31.31
N LYS C 351 6.19 -37.94 30.67
CA LYS C 351 4.87 -38.47 30.39
C LYS C 351 4.82 -39.38 29.14
N PHE C 352 5.72 -39.16 28.18
CA PHE C 352 5.57 -39.71 26.82
C PHE C 352 6.24 -41.05 26.58
N THR C 353 5.76 -42.05 27.31
CA THR C 353 6.36 -43.36 27.35
C THR C 353 5.74 -44.23 26.27
N LEU C 354 6.25 -45.45 26.10
CA LEU C 354 5.73 -46.35 25.08
C LEU C 354 4.23 -46.55 25.24
N LEU C 355 3.77 -46.56 26.50
CA LEU C 355 2.36 -46.62 26.80
C LEU C 355 1.58 -45.64 25.93
N GLU C 356 2.05 -44.39 25.87
CA GLU C 356 1.40 -43.37 25.07
C GLU C 356 1.29 -43.74 23.58
N GLY C 357 2.36 -44.30 23.02
CA GLY C 357 2.37 -44.81 21.66
C GLY C 357 1.39 -45.96 21.49
N ALA C 358 1.23 -46.79 22.50
CA ALA C 358 0.29 -47.90 22.43
C ALA C 358 -1.13 -47.39 22.38
N LYS C 359 -1.40 -46.33 23.14
CA LYS C 359 -2.70 -45.65 23.13
C LYS C 359 -3.01 -45.13 21.73
N GLY C 360 -1.95 -44.75 21.00
CA GLY C 360 -2.10 -44.20 19.67
C GLY C 360 -2.56 -45.27 18.72
N VAL C 361 -1.89 -46.41 18.76
CA VAL C 361 -2.30 -47.56 17.95
C VAL C 361 -3.74 -47.93 18.27
N GLN C 362 -4.04 -47.98 19.56
CA GLN C 362 -5.40 -48.28 20.01
C GLN C 362 -6.41 -47.38 19.30
N LEU C 363 -6.15 -46.08 19.30
CA LEU C 363 -7.12 -45.15 18.72
C LEU C 363 -7.27 -45.37 17.21
N ALA C 364 -6.15 -45.60 16.54
CA ALA C 364 -6.18 -45.91 15.12
C ALA C 364 -6.99 -47.17 14.88
N GLU C 365 -6.76 -48.20 15.69
CA GLU C 365 -7.51 -49.47 15.55
C GLU C 365 -9.01 -49.31 15.84
N CYS C 366 -9.36 -48.44 16.79
CA CYS C 366 -10.75 -48.09 17.01
C CYS C 366 -11.35 -47.38 15.78
N ALA C 367 -10.60 -46.43 15.21
CA ALA C 367 -11.09 -45.72 14.02
C ALA C 367 -11.43 -46.64 12.86
N LEU C 368 -10.56 -47.60 12.55
CA LEU C 368 -10.83 -48.55 11.48
C LEU C 368 -12.07 -49.42 11.79
N LYS C 369 -12.19 -49.85 13.05
CA LYS C 369 -13.35 -50.62 13.48
C LYS C 369 -14.65 -49.83 13.33
N SER C 370 -14.64 -48.54 13.68
CA SER C 370 -15.85 -47.73 13.52
C SER C 370 -16.21 -47.60 12.05
N TRP C 371 -15.18 -47.51 11.22
CA TRP C 371 -15.32 -47.43 9.79
C TRP C 371 -16.02 -48.68 9.23
N LYS C 372 -15.45 -49.83 9.54
CA LYS C 372 -15.90 -51.15 9.09
C LYS C 372 -17.31 -51.51 9.58
N GLU C 373 -17.61 -51.13 10.83
CA GLU C 373 -18.86 -51.50 11.48
C GLU C 373 -19.88 -50.38 11.45
N ARG C 374 -19.49 -49.26 10.86
CA ARG C 374 -20.38 -48.13 10.63
C ARG C 374 -21.03 -47.59 11.91
N ARG C 375 -20.26 -47.52 12.99
CA ARG C 375 -20.79 -47.11 14.30
C ARG C 375 -19.70 -46.51 15.21
N TRP C 376 -20.11 -45.82 16.26
CA TRP C 376 -19.18 -45.32 17.28
C TRP C 376 -18.44 -46.47 17.98
N ILE C 377 -17.17 -46.26 18.30
CA ILE C 377 -16.39 -47.27 19.02
C ILE C 377 -15.77 -46.63 20.25
N ASP C 378 -16.02 -47.21 21.43
CA ASP C 378 -15.42 -46.70 22.66
C ASP C 378 -13.98 -47.14 22.75
N VAL C 379 -13.16 -46.31 23.37
CA VAL C 379 -11.77 -46.59 23.59
C VAL C 379 -11.68 -47.18 25.00
N ALA C 380 -11.56 -48.49 25.10
CA ALA C 380 -11.38 -49.17 26.39
C ALA C 380 -10.12 -48.70 27.12
N PRO C 381 -10.18 -48.64 28.46
CA PRO C 381 -8.94 -48.35 29.18
C PRO C 381 -7.95 -49.51 29.08
N ILE C 382 -6.69 -49.23 29.37
CA ILE C 382 -5.66 -50.25 29.35
C ILE C 382 -5.35 -50.74 30.75
N THR D 3 52.70 -5.22 -22.08
CA THR D 3 51.36 -5.05 -21.43
C THR D 3 51.37 -3.98 -20.33
N THR D 4 52.29 -4.09 -19.37
CA THR D 4 52.34 -3.18 -18.22
C THR D 4 53.42 -2.11 -18.34
N GLN D 5 52.99 -0.90 -18.67
CA GLN D 5 53.85 0.27 -18.72
C GLN D 5 53.83 0.97 -17.36
N ARG D 6 54.73 1.91 -17.13
CA ARG D 6 54.83 2.59 -15.84
C ARG D 6 54.56 4.10 -15.95
N LEU D 7 53.79 4.63 -15.00
CA LEU D 7 53.50 6.06 -14.95
C LEU D 7 53.98 6.66 -13.64
N GLY D 8 55.07 7.42 -13.72
CA GLY D 8 55.65 8.11 -12.57
C GLY D 8 54.87 9.35 -12.22
N LEU D 9 54.01 9.23 -11.19
CA LEU D 9 53.08 10.30 -10.84
C LEU D 9 53.36 10.84 -9.46
N ILE D 10 53.51 12.15 -9.37
CA ILE D 10 53.71 12.79 -8.08
C ILE D 10 52.45 13.58 -7.73
N MSE D 11 51.81 13.18 -6.64
CA MSE D 11 50.60 13.86 -6.17
C MSE D 11 50.83 14.59 -4.85
O MSE D 11 51.34 14.02 -3.89
CB MSE D 11 49.40 12.90 -6.10
CG MSE D 11 49.65 11.49 -5.56
SE MSE D 11 48.33 10.13 -6.19
CE MSE D 11 46.65 11.12 -6.01
N ASN D 12 50.42 15.85 -4.82
CA ASN D 12 50.76 16.75 -3.73
C ASN D 12 49.73 16.89 -2.59
N GLY D 13 48.46 17.13 -2.92
CA GLY D 13 47.48 17.44 -1.87
C GLY D 13 46.69 16.25 -1.33
N VAL D 14 47.34 15.09 -1.30
CA VAL D 14 46.66 13.84 -0.95
C VAL D 14 46.53 13.57 0.55
N THR D 15 47.09 14.47 1.36
CA THR D 15 46.97 14.43 2.80
C THR D 15 45.56 14.83 3.24
N GLY D 16 45.01 15.83 2.55
CA GLY D 16 43.70 16.44 2.88
C GLY D 16 42.47 15.57 2.70
N ARG D 17 41.30 16.21 2.68
CA ARG D 17 40.00 15.53 2.70
C ARG D 17 39.50 14.98 1.35
N MSE D 18 39.59 15.77 0.28
CA MSE D 18 39.12 15.30 -1.02
C MSE D 18 40.21 14.49 -1.72
O MSE D 18 39.94 13.41 -2.23
CB MSE D 18 38.62 16.45 -1.91
CG MSE D 18 37.56 16.01 -2.93
SE MSE D 18 36.70 17.41 -4.04
CE MSE D 18 36.21 18.71 -2.64
N GLY D 19 41.43 15.02 -1.72
CA GLY D 19 42.58 14.38 -2.35
C GLY D 19 42.85 12.97 -1.86
N LEU D 20 42.56 12.73 -0.58
CA LEU D 20 42.66 11.40 -0.02
C LEU D 20 41.54 10.53 -0.55
N ASN D 21 40.31 10.91 -0.22
CA ASN D 21 39.13 10.08 -0.50
C ASN D 21 38.77 9.90 -1.96
N GLN D 22 38.82 10.98 -2.72
CA GLN D 22 38.40 10.99 -4.12
C GLN D 22 39.52 10.64 -5.10
N HIS D 23 40.67 11.30 -4.92
CA HIS D 23 41.75 11.17 -5.88
C HIS D 23 42.69 10.02 -5.61
N LEU D 24 43.14 9.86 -4.37
CA LEU D 24 44.00 8.74 -4.03
C LEU D 24 43.21 7.45 -3.94
N ILE D 25 42.26 7.41 -3.01
CA ILE D 25 41.52 6.18 -2.72
C ILE D 25 40.69 5.79 -3.92
N ARG D 26 39.63 6.56 -4.19
CA ARG D 26 38.61 6.17 -5.16
C ARG D 26 39.05 6.25 -6.62
N SER D 27 40.21 6.86 -6.88
CA SER D 27 40.73 7.00 -8.24
C SER D 27 41.99 6.17 -8.46
N ILE D 28 43.12 6.68 -7.99
CA ILE D 28 44.43 6.03 -8.19
C ILE D 28 44.58 4.63 -7.56
N VAL D 29 44.23 4.50 -6.28
CA VAL D 29 44.33 3.20 -5.61
C VAL D 29 43.41 2.20 -6.29
N ALA D 30 42.21 2.66 -6.64
CA ALA D 30 41.26 1.83 -7.38
C ALA D 30 41.86 1.35 -8.71
N ILE D 31 42.52 2.26 -9.42
CA ILE D 31 43.10 1.97 -10.73
C ILE D 31 44.22 0.95 -10.62
N ARG D 32 45.07 1.13 -9.61
CA ARG D 32 46.16 0.20 -9.33
C ARG D 32 45.64 -1.21 -9.10
N ASP D 33 44.54 -1.30 -8.35
CA ASP D 33 43.99 -2.57 -7.93
C ASP D 33 43.27 -3.28 -9.07
N GLN D 34 42.77 -2.49 -10.02
CA GLN D 34 42.23 -3.03 -11.29
C GLN D 34 43.34 -3.66 -12.14
N GLY D 35 44.57 -3.23 -11.90
CA GLY D 35 45.72 -3.65 -12.70
C GLY D 35 46.16 -2.57 -13.67
N GLY D 36 45.65 -1.35 -13.49
CA GLY D 36 46.03 -0.19 -14.31
C GLY D 36 44.94 0.32 -15.23
N VAL D 37 45.29 1.32 -16.06
CA VAL D 37 44.39 1.93 -17.04
C VAL D 37 44.52 1.23 -18.39
N ARG D 38 43.44 0.61 -18.86
CA ARG D 38 43.45 -0.09 -20.14
C ARG D 38 43.53 0.90 -21.30
N LEU D 39 44.35 0.58 -22.29
CA LEU D 39 44.46 1.39 -23.49
C LEU D 39 43.68 0.76 -24.64
N LYS D 40 43.47 1.52 -25.70
CA LYS D 40 42.80 1.05 -26.91
C LYS D 40 43.50 -0.18 -27.49
N ASN D 41 44.83 -0.18 -27.38
CA ASN D 41 45.68 -1.25 -27.89
C ASN D 41 45.80 -2.46 -26.94
N GLY D 42 45.09 -2.42 -25.83
CA GLY D 42 45.07 -3.52 -24.87
C GLY D 42 46.03 -3.41 -23.70
N ASP D 43 47.03 -2.53 -23.84
CA ASP D 43 48.04 -2.31 -22.77
C ASP D 43 47.45 -1.62 -21.53
N ARG D 44 48.12 -1.78 -20.39
CA ARG D 44 47.66 -1.18 -19.13
C ARG D 44 48.72 -0.22 -18.55
N ILE D 45 48.32 1.01 -18.26
CA ILE D 45 49.22 1.98 -17.68
C ILE D 45 49.12 1.95 -16.15
N MSE D 46 50.25 1.66 -15.52
CA MSE D 46 50.33 1.53 -14.07
C MSE D 46 50.89 2.78 -13.41
O MSE D 46 52.00 3.20 -13.72
CB MSE D 46 51.17 0.32 -13.70
CG MSE D 46 50.34 -0.87 -13.25
SE MSE D 46 49.41 -0.46 -11.58
CE MSE D 46 49.03 -2.30 -11.06
N PRO D 47 50.12 3.37 -12.49
CA PRO D 47 50.68 4.49 -11.75
C PRO D 47 51.48 4.00 -10.55
N ASP D 48 52.72 4.50 -10.46
CA ASP D 48 53.60 4.26 -9.32
C ASP D 48 53.75 5.62 -8.62
N PRO D 49 52.83 5.95 -7.70
CA PRO D 49 52.77 7.31 -7.19
C PRO D 49 53.79 7.58 -6.09
N ILE D 50 54.17 8.86 -5.98
CA ILE D 50 55.00 9.32 -4.88
C ILE D 50 54.26 10.47 -4.21
N LEU D 51 54.10 10.39 -2.90
CA LEU D 51 53.24 11.30 -2.14
C LEU D 51 54.07 12.38 -1.46
N VAL D 52 53.51 13.58 -1.32
CA VAL D 52 54.24 14.70 -0.72
C VAL D 52 53.67 15.13 0.65
N GLY D 53 52.77 16.12 0.65
CA GLY D 53 52.01 16.51 1.86
C GLY D 53 52.65 16.99 3.17
N ARG D 54 53.87 17.55 3.13
CA ARG D 54 54.45 18.36 4.23
C ARG D 54 55.05 17.61 5.45
N SER D 55 54.24 16.85 6.19
CA SER D 55 54.67 16.19 7.42
C SER D 55 54.98 14.71 7.20
N ALA D 56 56.20 14.30 7.56
CA ALA D 56 56.71 12.96 7.26
C ALA D 56 56.07 11.83 8.08
N GLU D 57 55.91 12.04 9.38
CA GLU D 57 55.34 11.02 10.28
C GLU D 57 53.91 10.64 9.91
N LYS D 58 53.19 11.54 9.22
CA LYS D 58 51.80 11.30 8.83
C LYS D 58 51.64 10.92 7.35
N VAL D 59 52.73 11.01 6.57
CA VAL D 59 52.71 10.68 5.14
C VAL D 59 53.08 9.21 4.85
N GLU D 60 53.95 8.63 5.66
CA GLU D 60 54.34 7.23 5.47
C GLU D 60 53.29 6.27 6.00
N ALA D 61 52.54 6.71 7.02
CA ALA D 61 51.40 5.96 7.54
C ALA D 61 50.35 5.92 6.44
N LEU D 62 50.17 7.07 5.80
CA LEU D 62 49.29 7.21 4.64
C LEU D 62 49.80 6.39 3.46
N ALA D 63 51.11 6.36 3.28
CA ALA D 63 51.74 5.55 2.25
C ALA D 63 51.62 4.05 2.56
N LYS D 64 51.58 3.71 3.85
CA LYS D 64 51.48 2.31 4.28
C LYS D 64 50.08 1.71 4.10
N ARG D 65 49.03 2.49 4.36
CA ARG D 65 47.65 2.00 4.23
C ARG D 65 47.33 1.40 2.85
N PHE D 66 47.95 1.94 1.81
CA PHE D 66 47.71 1.45 0.44
C PHE D 66 49.00 0.96 -0.19
N ASN D 67 49.92 0.53 0.68
CA ASN D 67 51.29 0.11 0.34
C ASN D 67 51.94 0.77 -0.90
N ILE D 68 51.80 2.10 -0.97
CA ILE D 68 52.58 2.92 -1.90
C ILE D 68 54.03 2.96 -1.43
N ALA D 69 54.95 2.60 -2.32
CA ALA D 69 56.37 2.43 -1.97
C ALA D 69 57.21 3.71 -1.97
N ARG D 70 56.60 4.84 -2.35
CA ARG D 70 57.35 6.08 -2.54
C ARG D 70 56.73 7.30 -1.89
N TRP D 71 57.57 8.11 -1.25
CA TRP D 71 57.15 9.34 -0.58
C TRP D 71 58.35 10.22 -0.19
N THR D 72 58.09 11.52 -0.05
CA THR D 72 59.06 12.49 0.48
C THR D 72 58.32 13.67 1.12
N THR D 73 59.09 14.64 1.61
CA THR D 73 58.56 15.95 2.00
C THR D 73 59.21 17.03 1.13
N ASP D 74 59.98 16.58 0.14
CA ASP D 74 60.77 17.47 -0.70
C ASP D 74 60.24 17.55 -2.15
N LEU D 75 59.28 18.44 -2.35
CA LEU D 75 58.59 18.60 -3.63
C LEU D 75 59.53 18.95 -4.77
N ASP D 76 60.53 19.77 -4.47
CA ASP D 76 61.45 20.31 -5.47
C ASP D 76 62.32 19.23 -6.11
N ALA D 77 62.75 18.26 -5.31
CA ALA D 77 63.54 17.13 -5.79
C ALA D 77 62.66 16.10 -6.50
N ALA D 78 61.41 16.02 -6.05
CA ALA D 78 60.42 15.14 -6.65
C ALA D 78 60.13 15.58 -8.09
N LEU D 79 60.24 16.89 -8.32
CA LEU D 79 60.05 17.50 -9.64
C LEU D 79 61.30 17.37 -10.51
N ALA D 80 62.48 17.40 -9.87
CA ALA D 80 63.75 17.25 -10.58
C ALA D 80 63.89 15.84 -11.16
N ASP D 81 63.30 14.87 -10.46
CA ASP D 81 63.33 13.47 -10.86
C ASP D 81 62.58 13.25 -12.18
N LYS D 82 63.34 13.08 -13.26
CA LYS D 82 62.76 12.88 -14.59
C LYS D 82 62.22 11.47 -14.80
N ASN D 83 62.42 10.58 -13.82
CA ASN D 83 61.84 9.24 -13.85
C ASN D 83 60.32 9.29 -13.63
N ASP D 84 59.87 10.34 -12.93
CA ASP D 84 58.46 10.71 -12.84
C ASP D 84 58.15 11.78 -13.88
N THR D 85 57.00 11.67 -14.52
CA THR D 85 56.67 12.47 -15.70
C THR D 85 55.34 13.21 -15.59
N MSE D 86 54.59 12.95 -14.51
CA MSE D 86 53.29 13.57 -14.32
C MSE D 86 53.12 14.14 -12.91
O MSE D 86 53.54 13.52 -11.92
CB MSE D 86 52.19 12.58 -14.66
CG MSE D 86 50.81 13.18 -14.70
SE MSE D 86 49.44 11.84 -14.99
CE MSE D 86 48.04 12.70 -13.96
N PHE D 87 52.49 15.32 -12.83
CA PHE D 87 52.27 16.01 -11.57
C PHE D 87 50.79 16.25 -11.30
N PHE D 88 50.38 16.03 -10.06
CA PHE D 88 49.02 16.26 -9.63
C PHE D 88 48.96 17.07 -8.32
N ASP D 89 48.09 18.08 -8.29
CA ASP D 89 47.93 18.89 -7.09
C ASP D 89 46.49 18.95 -6.59
N ALA D 90 46.33 18.62 -5.30
CA ALA D 90 45.04 18.69 -4.60
C ALA D 90 45.13 19.49 -3.29
N ALA D 91 46.21 20.24 -3.12
CA ALA D 91 46.46 21.04 -1.91
C ALA D 91 45.87 22.45 -2.01
N THR D 92 46.54 23.43 -1.40
CA THR D 92 46.07 24.81 -1.41
C THR D 92 45.97 25.44 -2.79
N THR D 93 44.88 26.18 -3.00
CA THR D 93 44.68 26.96 -4.23
C THR D 93 45.69 28.13 -4.42
N GLN D 94 46.13 28.73 -3.32
CA GLN D 94 47.10 29.84 -3.39
C GLN D 94 48.47 29.44 -3.96
N ALA D 95 48.98 28.27 -3.54
CA ALA D 95 50.31 27.81 -4.00
C ALA D 95 50.25 26.98 -5.30
N ARG D 96 49.05 26.64 -5.73
CA ARG D 96 48.79 25.82 -6.91
C ARG D 96 49.41 26.33 -8.23
N PRO D 97 49.09 27.57 -8.65
CA PRO D 97 49.60 28.06 -9.94
C PRO D 97 51.13 28.02 -10.01
N GLY D 98 51.80 28.37 -8.91
CA GLY D 98 53.26 28.32 -8.81
C GLY D 98 53.81 26.91 -8.83
N LEU D 99 53.12 25.99 -8.15
CA LEU D 99 53.47 24.57 -8.17
C LEU D 99 53.28 23.98 -9.55
N LEU D 100 52.17 24.34 -10.20
CA LEU D 100 51.91 23.99 -11.60
C LEU D 100 53.02 24.54 -12.50
N THR D 101 53.38 25.80 -12.28
CA THR D 101 54.45 26.46 -13.02
C THR D 101 55.77 25.69 -12.89
N GLN D 102 56.10 25.24 -11.68
CA GLN D 102 57.33 24.46 -11.44
C GLN D 102 57.32 23.13 -12.17
N ALA D 103 56.18 22.45 -12.15
CA ALA D 103 56.05 21.15 -12.78
C ALA D 103 56.05 21.26 -14.30
N ILE D 104 55.36 22.28 -14.83
CA ILE D 104 55.39 22.58 -16.28
C ILE D 104 56.81 22.91 -16.79
N ASN D 105 57.48 23.84 -16.11
CA ASN D 105 58.87 24.18 -16.46
C ASN D 105 59.76 22.94 -16.50
N ALA D 106 59.55 22.02 -15.56
CA ALA D 106 60.34 20.80 -15.43
C ALA D 106 59.92 19.71 -16.41
N GLY D 107 58.99 20.04 -17.31
CA GLY D 107 58.51 19.11 -18.34
C GLY D 107 57.43 18.13 -17.95
N LYS D 108 56.84 18.30 -16.77
CA LYS D 108 55.84 17.34 -16.26
C LYS D 108 54.47 17.59 -16.89
N HIS D 109 53.73 16.52 -17.18
CA HIS D 109 52.29 16.65 -17.47
C HIS D 109 51.58 16.98 -16.16
N VAL D 110 50.46 17.69 -16.26
CA VAL D 110 49.88 18.33 -15.08
C VAL D 110 48.37 18.16 -14.92
N TYR D 111 47.97 17.60 -13.79
CA TYR D 111 46.56 17.41 -13.46
C TYR D 111 46.35 18.08 -12.10
N CYS D 112 45.18 18.73 -11.92
CA CYS D 112 44.91 19.41 -10.64
C CYS D 112 43.45 19.68 -10.31
N GLU D 113 43.16 19.68 -9.01
CA GLU D 113 41.85 20.08 -8.51
C GLU D 113 41.47 21.54 -8.80
N LYS D 114 40.25 21.89 -8.39
CA LYS D 114 39.66 23.19 -8.60
C LYS D 114 39.91 24.12 -7.39
N PRO D 115 40.14 25.42 -7.65
CA PRO D 115 40.38 25.99 -8.99
C PRO D 115 41.86 25.91 -9.32
N ILE D 116 42.21 26.28 -10.55
CA ILE D 116 43.61 26.30 -10.96
C ILE D 116 44.36 27.48 -10.34
N ALA D 117 43.70 28.57 -10.07
CA ALA D 117 44.40 29.67 -9.43
C ALA D 117 43.47 30.58 -8.68
N THR D 118 44.04 31.54 -7.98
CA THR D 118 43.27 32.43 -7.17
C THR D 118 42.71 33.57 -7.96
N ASN D 119 43.25 33.78 -9.13
CA ASN D 119 42.74 34.79 -10.01
C ASN D 119 42.98 34.45 -11.47
N PHE D 120 42.30 35.14 -12.34
CA PHE D 120 42.26 34.80 -13.73
C PHE D 120 43.56 35.15 -14.41
N GLU D 121 44.18 36.21 -13.98
CA GLU D 121 45.41 36.62 -14.65
C GLU D 121 46.49 35.56 -14.44
N GLU D 122 46.57 35.06 -13.20
CA GLU D 122 47.57 34.06 -12.82
C GLU D 122 47.28 32.74 -13.52
N ALA D 123 45.99 32.44 -13.65
CA ALA D 123 45.51 31.18 -14.22
C ALA D 123 45.78 31.13 -15.71
N LEU D 124 45.48 32.22 -16.39
CA LEU D 124 45.71 32.36 -17.82
C LEU D 124 47.20 32.21 -18.18
N GLU D 125 48.07 32.77 -17.34
CA GLU D 125 49.53 32.64 -17.47
C GLU D 125 49.96 31.17 -17.54
N VAL D 126 49.42 30.36 -16.62
CA VAL D 126 49.75 28.95 -16.53
C VAL D 126 49.28 28.15 -17.74
N VAL D 127 48.07 28.43 -18.23
CA VAL D 127 47.53 27.76 -19.42
C VAL D 127 48.42 28.04 -20.62
N LYS D 128 48.87 29.28 -20.71
CA LYS D 128 49.76 29.72 -21.79
C LYS D 128 51.11 29.04 -21.67
N LEU D 129 51.66 29.03 -20.45
CA LEU D 129 52.93 28.35 -20.16
C LEU D 129 52.92 26.87 -20.51
N ALA D 130 51.83 26.19 -20.13
CA ALA D 130 51.64 24.78 -20.41
C ALA D 130 51.49 24.51 -21.92
N ASN D 131 50.86 25.44 -22.63
CA ASN D 131 50.80 25.39 -24.08
C ASN D 131 52.17 25.66 -24.73
N SER D 132 52.86 26.67 -24.20
CA SER D 132 54.19 27.05 -24.67
C SER D 132 55.18 25.86 -24.65
N LYS D 133 55.19 25.12 -23.54
CA LYS D 133 56.07 23.94 -23.35
C LYS D 133 55.64 22.69 -24.13
N GLY D 134 54.36 22.58 -24.42
CA GLY D 134 53.87 21.45 -25.21
C GLY D 134 53.51 20.22 -24.39
N VAL D 135 53.44 20.41 -23.06
CA VAL D 135 52.98 19.34 -22.14
C VAL D 135 51.44 19.19 -22.11
N LYS D 136 50.96 18.01 -21.72
CA LYS D 136 49.53 17.75 -21.58
C LYS D 136 49.07 18.21 -20.20
N HIS D 137 47.95 18.94 -20.15
CA HIS D 137 47.46 19.52 -18.91
C HIS D 137 45.96 19.35 -18.74
N GLY D 138 45.52 19.13 -17.51
CA GLY D 138 44.09 18.93 -17.22
C GLY D 138 43.66 19.35 -15.83
N THR D 139 42.39 19.71 -15.70
CA THR D 139 41.86 20.10 -14.40
C THR D 139 40.56 19.37 -14.09
N VAL D 140 40.31 19.09 -12.82
CA VAL D 140 39.09 18.36 -12.42
C VAL D 140 37.75 19.09 -12.71
N GLN D 141 36.82 18.36 -13.32
CA GLN D 141 35.50 18.89 -13.70
C GLN D 141 34.44 17.85 -13.28
N ASP D 142 34.36 17.59 -11.97
CA ASP D 142 33.66 16.43 -11.45
C ASP D 142 32.16 16.37 -11.72
N LYS D 143 31.51 17.53 -11.72
CA LYS D 143 30.05 17.58 -11.82
C LYS D 143 29.58 17.03 -13.16
N LEU D 144 30.46 17.08 -14.14
CA LEU D 144 30.11 16.69 -15.49
C LEU D 144 29.92 15.17 -15.57
N PHE D 145 30.46 14.48 -14.58
CA PHE D 145 30.38 13.03 -14.53
C PHE D 145 29.29 12.50 -13.59
N LEU D 146 28.50 13.40 -13.02
CA LEU D 146 27.32 12.99 -12.25
C LEU D 146 26.39 12.20 -13.16
N PRO D 147 25.97 10.99 -12.76
CA PRO D 147 25.09 10.30 -13.70
C PRO D 147 23.90 11.19 -14.13
N GLY D 148 23.45 12.05 -13.23
CA GLY D 148 22.32 12.92 -13.53
C GLY D 148 22.60 13.80 -14.72
N LEU D 149 23.73 14.48 -14.68
CA LEU D 149 24.14 15.33 -15.80
C LEU D 149 24.59 14.55 -17.02
N LYS D 150 25.12 13.34 -16.83
CA LYS D 150 25.35 12.45 -17.97
C LYS D 150 24.09 12.20 -18.78
N LYS D 151 23.00 11.92 -18.09
CA LYS D 151 21.70 11.73 -18.73
C LYS D 151 21.17 12.99 -19.42
N ILE D 152 21.35 14.15 -18.80
CA ILE D 152 21.06 15.42 -19.46
C ILE D 152 21.79 15.47 -20.80
N ALA D 153 23.07 15.13 -20.81
CA ALA D 153 23.84 15.14 -22.04
C ALA D 153 23.25 14.18 -23.05
N PHE D 154 22.97 12.95 -22.62
CA PHE D 154 22.32 11.98 -23.50
C PHE D 154 21.08 12.61 -24.11
N LEU D 155 20.22 13.17 -23.27
CA LEU D 155 19.00 13.75 -23.76
C LEU D 155 19.29 14.80 -24.82
N ARG D 156 20.17 15.74 -24.51
CA ARG D 156 20.60 16.74 -25.46
C ARG D 156 21.06 16.09 -26.78
N ASP D 157 21.93 15.09 -26.68
CA ASP D 157 22.49 14.51 -27.91
C ASP D 157 21.46 13.84 -28.76
N SER D 158 20.45 13.24 -28.12
CA SER D 158 19.48 12.45 -28.85
C SER D 158 18.28 13.26 -29.33
N GLY D 159 18.31 14.58 -29.07
CA GLY D 159 17.30 15.46 -29.63
C GLY D 159 15.99 15.47 -28.85
N PHE D 160 16.04 14.92 -27.65
CA PHE D 160 14.89 14.93 -26.76
C PHE D 160 14.31 16.33 -26.58
N PHE D 161 15.16 17.32 -26.35
CA PHE D 161 14.65 18.65 -25.98
C PHE D 161 14.03 19.40 -27.16
N GLY D 162 14.37 18.95 -28.38
CA GLY D 162 14.10 19.71 -29.59
C GLY D 162 15.07 20.88 -29.63
N ARG D 163 14.63 22.03 -29.14
CA ARG D 163 15.50 23.16 -28.92
C ARG D 163 15.43 23.55 -27.44
N ILE D 164 16.58 23.51 -26.75
CA ILE D 164 16.70 23.95 -25.34
C ILE D 164 16.37 25.45 -25.19
N LEU D 165 15.60 25.77 -24.14
CA LEU D 165 15.12 27.14 -23.94
C LEU D 165 15.63 27.76 -22.66
N SER D 166 15.41 27.08 -21.54
CA SER D 166 15.81 27.64 -20.25
C SER D 166 16.35 26.57 -19.30
N VAL D 167 17.20 27.01 -18.39
CA VAL D 167 17.79 26.12 -17.41
C VAL D 167 17.63 26.72 -16.02
N ARG D 168 17.14 25.90 -15.09
CA ARG D 168 16.92 26.28 -13.70
C ARG D 168 17.73 25.38 -12.81
N GLY D 169 18.61 25.98 -12.01
CA GLY D 169 19.44 25.24 -11.10
C GLY D 169 19.09 25.62 -9.69
N GLU D 170 19.03 24.61 -8.82
CA GLU D 170 18.71 24.85 -7.43
C GLU D 170 19.77 24.11 -6.69
N PHE D 171 20.71 24.83 -6.07
CA PHE D 171 21.84 24.19 -5.44
C PHE D 171 22.00 24.48 -3.97
N GLY D 172 22.28 23.42 -3.21
CA GLY D 172 22.64 23.56 -1.82
C GLY D 172 21.74 22.86 -0.81
N TYR D 173 21.94 23.23 0.45
CA TYR D 173 21.39 22.56 1.60
C TYR D 173 21.85 23.30 2.87
N TRP D 174 21.24 23.00 4.02
CA TRP D 174 21.52 23.74 5.25
C TRP D 174 22.79 23.26 5.94
N VAL D 175 23.81 24.09 5.96
CA VAL D 175 25.04 23.78 6.66
C VAL D 175 24.93 24.34 8.08
N PHE D 176 24.95 23.43 9.03
CA PHE D 176 24.69 23.80 10.41
C PHE D 176 25.67 24.83 10.91
N GLU D 177 25.13 25.78 11.67
CA GLU D 177 25.90 26.93 12.07
C GLU D 177 26.98 26.58 13.10
N GLY D 178 26.86 25.43 13.76
CA GLY D 178 27.89 24.98 14.68
C GLY D 178 27.48 24.98 16.14
N GLY D 179 26.51 25.82 16.48
CA GLY D 179 25.93 25.91 17.83
C GLY D 179 25.55 24.58 18.46
N TRP D 180 24.63 23.84 17.83
CA TRP D 180 24.15 22.61 18.44
C TRP D 180 24.53 21.38 17.65
N GLN D 181 24.90 21.58 16.39
CA GLN D 181 25.25 20.46 15.55
C GLN D 181 26.55 20.79 14.83
N GLU D 182 27.34 19.77 14.52
CA GLU D 182 28.62 19.99 13.89
C GLU D 182 28.33 20.47 12.48
N ALA D 183 29.05 21.48 12.00
CA ALA D 183 28.90 21.94 10.62
C ALA D 183 29.37 20.83 9.69
N GLN D 184 28.65 20.60 8.59
CA GLN D 184 29.07 19.61 7.60
C GLN D 184 30.35 19.99 6.86
N ARG D 185 30.71 21.26 6.92
CA ARG D 185 31.69 21.82 6.00
C ARG D 185 32.73 22.61 6.73
N PRO D 186 33.98 22.55 6.26
CA PRO D 186 35.10 23.29 6.87
C PRO D 186 34.81 24.78 6.96
N SER D 187 35.26 25.41 8.03
CA SER D 187 34.92 26.80 8.33
C SER D 187 35.66 27.81 7.48
N TRP D 188 36.74 27.39 6.83
CA TRP D 188 37.38 28.31 5.91
C TRP D 188 36.40 28.76 4.81
N ASN D 189 35.40 27.94 4.53
CA ASN D 189 34.42 28.29 3.51
C ASN D 189 33.57 29.50 3.88
N TYR D 190 33.45 29.78 5.18
CA TYR D 190 32.58 30.87 5.62
C TYR D 190 33.38 32.09 6.03
N ARG D 191 34.65 32.09 5.61
CA ARG D 191 35.53 33.24 5.82
C ARG D 191 36.15 33.77 4.52
N ASP D 192 35.67 34.94 4.13
CA ASP D 192 36.14 35.64 2.96
C ASP D 192 37.68 35.77 2.93
N GLU D 193 38.26 36.21 4.04
CA GLU D 193 39.70 36.43 4.15
C GLU D 193 40.52 35.15 4.00
N ASP D 194 39.85 34.00 3.96
CA ASP D 194 40.54 32.73 3.73
C ASP D 194 40.04 32.07 2.44
N GLY D 195 39.71 32.89 1.44
CA GLY D 195 39.23 32.38 0.16
C GLY D 195 37.83 31.76 0.19
N GLY D 196 37.19 31.74 1.36
CA GLY D 196 35.77 31.34 1.49
C GLY D 196 34.82 32.06 0.54
N GLY D 197 33.62 31.50 0.36
CA GLY D 197 32.64 32.11 -0.56
C GLY D 197 32.04 31.15 -1.55
N ILE D 198 30.71 31.11 -1.58
CA ILE D 198 30.00 30.17 -2.42
C ILE D 198 30.10 30.51 -3.91
N ILE D 199 30.20 31.80 -4.24
CA ILE D 199 30.31 32.22 -5.64
C ILE D 199 31.56 31.65 -6.28
N LEU D 200 32.69 31.82 -5.66
CA LEU D 200 33.86 31.39 -6.32
C LEU D 200 34.12 29.96 -6.08
N ASP D 201 33.38 29.35 -5.17
CA ASP D 201 33.41 27.90 -5.03
C ASP D 201 32.55 27.26 -6.14
N MSE D 202 31.34 27.76 -6.34
CA MSE D 202 30.38 27.08 -7.21
C MSE D 202 30.31 27.61 -8.65
O MSE D 202 30.15 26.83 -9.59
CB MSE D 202 28.98 27.08 -6.60
CG MSE D 202 28.92 26.43 -5.21
SE MSE D 202 29.75 24.65 -5.14
CE MSE D 202 28.73 23.80 -6.59
N VAL D 203 30.41 28.93 -8.81
CA VAL D 203 30.34 29.52 -10.14
C VAL D 203 31.41 28.90 -11.01
N CYS D 204 32.52 28.54 -10.38
CA CYS D 204 33.58 27.78 -10.99
C CYS D 204 33.05 26.50 -11.64
N HIS D 205 32.25 25.74 -10.91
CA HIS D 205 31.60 24.56 -11.47
C HIS D 205 30.66 24.96 -12.59
N TRP D 206 29.82 25.95 -12.33
CA TRP D 206 28.77 26.31 -13.27
C TRP D 206 29.30 26.66 -14.66
N ARG D 207 30.49 27.26 -14.72
CA ARG D 207 31.10 27.55 -16.02
C ARG D 207 31.00 26.32 -16.89
N TYR D 208 31.58 25.20 -16.44
CA TYR D 208 31.66 24.02 -17.29
C TYR D 208 30.32 23.28 -17.48
N VAL D 209 29.50 23.19 -16.41
CA VAL D 209 28.18 22.58 -16.50
C VAL D 209 27.39 23.26 -17.61
N LEU D 210 27.37 24.59 -17.55
CA LEU D 210 26.73 25.41 -18.57
C LEU D 210 27.36 25.28 -19.97
N ASP D 211 28.70 25.41 -20.03
CA ASP D 211 29.38 25.46 -21.34
C ASP D 211 29.18 24.16 -22.08
N ASN D 212 29.18 23.05 -21.34
CA ASN D 212 29.19 21.75 -21.94
C ASN D 212 27.83 21.16 -22.20
N LEU D 213 26.89 21.34 -21.27
CA LEU D 213 25.54 20.87 -21.53
C LEU D 213 24.75 21.84 -22.40
N PHE D 214 24.94 23.14 -22.22
CA PHE D 214 23.92 24.09 -22.68
C PHE D 214 24.37 25.17 -23.70
N GLY D 215 25.66 25.43 -23.77
CA GLY D 215 26.15 26.51 -24.63
C GLY D 215 26.93 27.51 -23.82
N ASN D 216 27.90 28.17 -24.46
CA ASN D 216 28.87 29.00 -23.77
C ASN D 216 28.29 30.24 -23.09
N VAL D 217 28.81 30.50 -21.89
CA VAL D 217 28.40 31.63 -21.10
C VAL D 217 28.88 32.92 -21.74
N GLN D 218 27.96 33.83 -21.98
CA GLN D 218 28.32 35.12 -22.52
C GLN D 218 28.27 36.24 -21.47
N SER D 219 27.46 36.07 -20.43
CA SER D 219 27.35 37.07 -19.38
C SER D 219 26.64 36.55 -18.13
N VAL D 220 26.87 37.23 -17.02
CA VAL D 220 26.40 36.80 -15.71
C VAL D 220 26.02 38.02 -14.87
N VAL D 221 24.78 38.05 -14.38
CA VAL D 221 24.42 38.95 -13.28
C VAL D 221 24.24 38.11 -12.04
N CYS D 222 24.84 38.58 -10.95
CA CYS D 222 24.94 37.77 -9.73
C CYS D 222 24.94 38.66 -8.52
N ILE D 223 24.21 38.27 -7.49
CA ILE D 223 24.31 38.92 -6.19
C ILE D 223 24.47 37.84 -5.14
N GLY D 224 25.47 37.99 -4.30
CA GLY D 224 25.68 37.05 -3.19
C GLY D 224 25.20 37.74 -1.93
N ASN D 225 25.27 37.02 -0.81
CA ASN D 225 24.96 37.59 0.48
C ASN D 225 25.49 36.73 1.64
N THR D 226 25.66 37.33 2.81
CA THR D 226 26.03 36.58 4.02
C THR D 226 24.81 36.48 4.93
N ASP D 227 24.18 35.31 4.93
CA ASP D 227 22.90 35.14 5.61
C ASP D 227 23.08 34.98 7.09
N ILE D 228 24.09 34.18 7.47
CA ILE D 228 24.36 33.86 8.88
C ILE D 228 25.62 34.60 9.37
N PRO D 229 25.45 35.55 10.29
CA PRO D 229 26.59 36.37 10.70
C PRO D 229 27.66 35.63 11.50
N GLU D 230 27.24 34.62 12.26
CA GLU D 230 28.12 33.98 13.24
C GLU D 230 28.03 32.47 13.09
N ARG D 231 29.18 31.80 13.09
CA ARG D 231 29.25 30.34 13.05
C ARG D 231 30.37 29.84 13.98
N PHE D 232 30.43 28.53 14.20
CA PHE D 232 31.34 27.91 15.16
C PHE D 232 32.38 26.99 14.50
N ASP D 233 33.63 27.19 14.90
CA ASP D 233 34.81 26.40 14.48
C ASP D 233 34.62 24.88 14.58
N GLU D 234 35.49 24.16 13.89
CA GLU D 234 35.76 22.75 14.19
C GLU D 234 36.23 22.52 15.66
N GLN D 235 36.46 23.60 16.41
CA GLN D 235 36.78 23.49 17.84
C GLN D 235 35.59 23.90 18.70
N GLY D 236 34.51 24.32 18.05
CA GLY D 236 33.35 24.87 18.74
C GLY D 236 33.60 26.31 19.12
N LYS D 237 34.64 26.90 18.54
CA LYS D 237 34.90 28.32 18.75
C LYS D 237 34.08 29.19 17.79
N LYS D 238 33.44 30.22 18.35
CA LYS D 238 32.63 31.18 17.62
C LYS D 238 33.49 31.99 16.66
N TYR D 239 33.00 32.23 15.44
CA TYR D 239 33.65 33.18 14.54
C TYR D 239 32.64 34.01 13.76
N LYS D 240 33.10 35.13 13.23
CA LYS D 240 32.25 35.97 12.40
C LYS D 240 32.31 35.50 10.94
N ALA D 241 31.17 35.17 10.35
CA ALA D 241 31.17 34.78 8.93
C ALA D 241 31.29 36.01 8.03
N THR D 242 32.25 35.97 7.10
CA THR D 242 32.48 37.08 6.20
C THR D 242 32.26 36.71 4.74
N ALA D 243 32.24 35.41 4.46
CA ALA D 243 32.05 34.95 3.09
C ALA D 243 30.58 35.04 2.70
N ASP D 244 30.29 34.99 1.40
CA ASP D 244 28.92 34.83 1.00
C ASP D 244 28.57 33.35 1.15
N ASP D 245 27.38 33.11 1.73
CA ASP D 245 26.85 31.77 1.90
C ASP D 245 25.59 31.52 1.03
N SER D 246 25.13 32.56 0.34
CA SER D 246 24.04 32.45 -0.65
C SER D 246 24.29 33.35 -1.85
N ALA D 247 23.72 32.99 -3.00
CA ALA D 247 23.95 33.74 -4.23
C ALA D 247 22.96 33.35 -5.28
N TYR D 248 22.56 34.31 -6.08
CA TYR D 248 21.55 34.11 -7.09
C TYR D 248 22.13 34.63 -8.39
N ALA D 249 22.27 33.75 -9.38
CA ALA D 249 22.92 34.17 -10.63
C ALA D 249 22.18 33.78 -11.91
N THR D 250 22.22 34.67 -12.90
CA THR D 250 21.53 34.50 -14.16
C THR D 250 22.50 34.62 -15.32
N PHE D 251 22.43 33.66 -16.22
CA PHE D 251 23.47 33.52 -17.21
C PHE D 251 22.84 33.61 -18.56
N GLN D 252 23.50 34.31 -19.47
CA GLN D 252 23.06 34.36 -20.84
C GLN D 252 24.02 33.46 -21.57
N LEU D 253 23.45 32.56 -22.35
CA LEU D 253 24.19 31.50 -22.95
C LEU D 253 24.14 31.62 -24.46
N GLU D 254 25.21 31.15 -25.10
CA GLU D 254 25.30 31.04 -26.56
C GLU D 254 24.09 30.30 -27.08
N GLY D 255 23.57 30.75 -28.22
CA GLY D 255 22.39 30.12 -28.83
C GLY D 255 21.09 30.53 -28.17
N GLY D 256 21.14 31.60 -27.40
CA GLY D 256 19.93 32.23 -26.88
C GLY D 256 19.25 31.59 -25.69
N VAL D 257 19.97 30.79 -24.92
CA VAL D 257 19.39 30.16 -23.71
C VAL D 257 19.70 31.00 -22.46
N ILE D 258 18.75 31.07 -21.52
CA ILE D 258 19.01 31.76 -20.26
C ILE D 258 19.01 30.70 -19.17
N ALA D 259 19.96 30.83 -18.25
CA ALA D 259 20.13 29.89 -17.15
C ALA D 259 20.12 30.68 -15.87
N HIS D 260 19.45 30.16 -14.85
CA HIS D 260 19.48 30.79 -13.54
C HIS D 260 19.81 29.75 -12.51
N ILE D 261 20.65 30.12 -11.56
CA ILE D 261 21.00 29.19 -10.50
C ILE D 261 20.92 29.88 -9.14
N ASN D 262 20.05 29.37 -8.29
CA ASN D 262 20.11 29.68 -6.88
C ASN D 262 21.12 28.75 -6.20
N MSE D 263 21.97 29.29 -5.35
CA MSE D 263 22.93 28.45 -4.62
C MSE D 263 23.06 28.95 -3.21
O MSE D 263 23.25 30.15 -3.00
CB MSE D 263 24.29 28.43 -5.32
CG MSE D 263 24.93 29.78 -5.38
SE MSE D 263 26.26 30.00 -6.80
CE MSE D 263 25.20 30.92 -8.17
N SER D 264 22.94 28.05 -2.25
CA SER D 264 23.00 28.45 -0.86
C SER D 264 23.43 27.34 0.05
N TRP D 265 24.19 27.70 1.08
CA TRP D 265 24.37 26.84 2.23
C TRP D 265 23.33 27.09 3.32
N VAL D 266 22.34 27.93 3.04
CA VAL D 266 21.37 28.36 4.05
C VAL D 266 19.94 28.23 3.50
N THR D 267 19.68 27.07 2.88
CA THR D 267 18.39 26.77 2.28
C THR D 267 18.07 25.32 2.65
N ARG D 268 16.81 25.05 3.00
CA ARG D 268 16.42 23.70 3.32
C ARG D 268 15.89 23.01 2.05
N VAL D 269 16.04 21.69 1.99
CA VAL D 269 15.89 20.93 0.76
C VAL D 269 14.48 20.37 0.52
N TYR D 270 13.84 20.88 -0.53
CA TYR D 270 12.55 20.38 -0.98
C TYR D 270 12.64 20.13 -2.46
N ARG D 271 13.28 19.04 -2.81
CA ARG D 271 13.55 18.69 -4.20
C ARG D 271 14.20 17.32 -4.24
N ASP D 272 14.31 16.73 -5.42
CA ASP D 272 14.86 15.38 -5.57
C ASP D 272 16.25 15.21 -4.99
N ASP D 273 17.07 16.25 -4.99
CA ASP D 273 18.47 16.02 -4.62
C ASP D 273 19.20 17.28 -4.17
N LEU D 274 20.44 17.09 -3.68
CA LEU D 274 21.24 18.20 -3.16
C LEU D 274 21.52 19.26 -4.23
N VAL D 275 21.45 18.87 -5.51
CA VAL D 275 21.33 19.83 -6.63
C VAL D 275 20.29 19.34 -7.65
N THR D 276 19.75 20.28 -8.42
CA THR D 276 18.66 19.99 -9.33
C THR D 276 18.81 20.91 -10.53
N PHE D 277 18.78 20.34 -11.73
CA PHE D 277 18.77 21.16 -12.94
C PHE D 277 17.52 20.82 -13.72
N GLN D 278 16.64 21.78 -13.91
CA GLN D 278 15.52 21.58 -14.84
C GLN D 278 15.89 22.14 -16.22
N VAL D 279 15.69 21.33 -17.25
CA VAL D 279 15.93 21.81 -18.59
C VAL D 279 14.64 21.81 -19.38
N ASP D 280 14.23 22.99 -19.84
CA ASP D 280 13.02 23.14 -20.64
C ASP D 280 13.36 23.34 -22.11
N GLY D 281 12.79 22.47 -22.93
CA GLY D 281 12.94 22.58 -24.36
C GLY D 281 11.58 22.65 -24.99
N THR D 282 11.60 22.89 -26.30
CA THR D 282 10.42 22.92 -27.18
C THR D 282 9.66 21.60 -27.12
N HIS D 283 10.37 20.49 -27.05
CA HIS D 283 9.76 19.17 -27.25
C HIS D 283 9.68 18.33 -25.97
N GLY D 284 10.24 18.85 -24.89
CA GLY D 284 10.29 18.11 -23.64
C GLY D 284 11.14 18.75 -22.59
N SER D 285 11.02 18.28 -21.36
CA SER D 285 11.80 18.87 -20.29
C SER D 285 12.42 17.76 -19.49
N ALA D 286 13.41 18.11 -18.68
CA ALA D 286 14.05 17.18 -17.79
C ALA D 286 14.38 17.86 -16.47
N VAL D 287 14.48 17.05 -15.41
CA VAL D 287 14.89 17.50 -14.10
C VAL D 287 15.85 16.48 -13.59
N ALA D 288 17.08 16.90 -13.28
CA ALA D 288 18.10 15.94 -12.94
C ALA D 288 18.68 16.29 -11.63
N GLY D 289 19.00 15.25 -10.86
CA GLY D 289 19.70 15.41 -9.60
C GLY D 289 21.06 14.78 -9.77
N LEU D 290 21.66 14.37 -8.65
CA LEU D 290 22.99 13.78 -8.71
C LEU D 290 22.98 12.49 -9.54
N SER D 291 22.00 11.63 -9.32
CA SER D 291 22.04 10.29 -9.92
C SER D 291 20.91 10.00 -10.89
N ASP D 292 19.81 10.73 -10.80
CA ASP D 292 18.60 10.43 -11.54
C ASP D 292 18.14 11.57 -12.42
N CYS D 293 17.33 11.23 -13.42
CA CYS D 293 16.84 12.23 -14.36
C CYS D 293 15.45 11.88 -14.82
N MSE D 294 14.55 12.85 -14.66
CA MSE D 294 13.13 12.71 -15.00
C MSE D 294 12.83 13.44 -16.31
O MSE D 294 13.38 14.51 -16.56
CB MSE D 294 12.25 13.31 -13.89
CG MSE D 294 12.65 12.95 -12.48
SE MSE D 294 12.29 11.08 -12.00
CE MSE D 294 10.34 11.06 -12.13
N ILE D 295 11.95 12.88 -17.12
CA ILE D 295 11.62 13.54 -18.37
C ILE D 295 10.15 13.69 -18.56
N GLN D 296 9.78 14.78 -19.22
CA GLN D 296 8.44 14.98 -19.69
C GLN D 296 8.53 15.45 -21.15
N ALA D 297 8.36 14.53 -22.09
CA ALA D 297 8.13 14.86 -23.49
C ALA D 297 6.88 15.71 -23.66
N ARG D 298 6.91 16.62 -24.63
CA ARG D 298 5.79 17.57 -24.75
C ARG D 298 4.44 16.91 -24.93
N GLN D 299 4.43 15.69 -25.47
CA GLN D 299 3.16 14.94 -25.63
C GLN D 299 2.56 14.52 -24.29
N ALA D 300 3.37 14.52 -23.25
CA ALA D 300 2.91 14.07 -21.95
C ALA D 300 2.61 15.23 -21.03
N THR D 301 2.89 16.46 -21.49
CA THR D 301 2.60 17.65 -20.73
C THR D 301 1.09 17.77 -20.54
N PRO D 302 0.66 17.95 -19.28
CA PRO D 302 -0.76 18.07 -19.00
C PRO D 302 -1.25 19.47 -19.37
N ARG D 303 -2.51 19.75 -19.09
CA ARG D 303 -3.10 21.02 -19.46
C ARG D 303 -3.80 21.71 -18.28
N PRO D 304 -3.06 22.04 -17.21
CA PRO D 304 -3.71 22.70 -16.07
C PRO D 304 -4.11 24.12 -16.45
N VAL D 305 -5.08 24.66 -15.73
CA VAL D 305 -5.56 26.03 -15.96
C VAL D 305 -5.67 26.77 -14.62
N TRP D 306 -5.28 28.04 -14.58
CA TRP D 306 -5.24 28.78 -13.31
C TRP D 306 -6.61 28.82 -12.63
N ASN D 307 -6.67 28.29 -11.40
CA ASN D 307 -7.95 28.12 -10.69
C ASN D 307 -7.72 27.78 -9.22
N PRO D 308 -7.95 28.74 -8.31
CA PRO D 308 -7.95 28.45 -6.88
C PRO D 308 -9.20 27.67 -6.43
N LYS D 311 -9.43 22.58 -7.46
CA LYS D 311 -9.79 22.14 -6.12
C LYS D 311 -9.20 20.75 -5.78
N ARG D 312 -9.60 19.72 -6.55
CA ARG D 312 -9.02 18.36 -6.46
C ARG D 312 -7.49 18.35 -6.63
N LEU D 313 -6.80 17.74 -5.67
CA LEU D 313 -5.33 17.56 -5.71
C LEU D 313 -4.87 16.94 -7.04
N HIS D 314 -3.78 17.46 -7.60
CA HIS D 314 -3.12 16.87 -8.77
C HIS D 314 -1.63 16.75 -8.53
N ASP D 315 -1.05 15.63 -8.93
CA ASP D 315 0.34 15.33 -8.70
C ASP D 315 1.19 15.61 -9.94
N PHE D 316 1.82 16.79 -9.96
CA PHE D 316 2.65 17.19 -11.10
C PHE D 316 3.87 16.32 -11.30
N TYR D 317 4.48 15.90 -10.19
CA TYR D 317 5.63 15.00 -10.24
C TYR D 317 5.30 13.72 -10.99
N GLY D 318 4.03 13.35 -11.03
CA GLY D 318 3.63 12.09 -11.63
C GLY D 318 3.52 12.13 -13.14
N ASP D 319 3.59 13.32 -13.70
CA ASP D 319 3.60 13.49 -15.15
C ASP D 319 5.01 13.29 -15.71
N TRP D 320 5.95 12.86 -14.88
CA TRP D 320 7.34 12.69 -15.30
C TRP D 320 7.75 11.23 -15.22
N GLN D 321 8.66 10.83 -16.09
CA GLN D 321 9.10 9.46 -16.11
C GLN D 321 10.58 9.43 -15.81
N LYS D 322 10.98 8.46 -15.00
CA LYS D 322 12.38 8.31 -14.60
C LYS D 322 13.19 7.58 -15.66
N LEU D 323 14.23 8.24 -16.20
CA LEU D 323 15.10 7.58 -17.16
C LEU D 323 15.68 6.33 -16.55
N PRO D 324 15.73 5.23 -17.34
CA PRO D 324 16.40 3.98 -16.99
C PRO D 324 17.93 4.09 -16.89
N ASP D 325 18.54 3.25 -16.07
CA ASP D 325 19.99 3.07 -16.00
C ASP D 325 20.48 2.05 -17.04
N ASN D 326 20.83 2.54 -18.24
CA ASN D 326 21.22 1.69 -19.38
C ASN D 326 22.72 1.45 -19.50
N VAL D 327 23.46 1.92 -18.49
CA VAL D 327 24.91 1.83 -18.48
C VAL D 327 25.39 1.78 -17.03
N SER D 328 26.59 1.26 -16.83
CA SER D 328 27.30 1.34 -15.55
C SER D 328 27.87 2.74 -15.40
N TYR D 329 27.72 3.33 -14.22
CA TYR D 329 28.31 4.64 -13.96
C TYR D 329 29.49 4.50 -12.99
N ASP D 330 30.68 4.89 -13.43
CA ASP D 330 31.86 4.79 -12.58
C ASP D 330 32.11 6.07 -11.77
N ASN D 331 32.97 5.98 -10.76
CA ASN D 331 33.36 7.16 -10.00
C ASN D 331 33.85 8.21 -10.97
N GLY D 332 33.19 9.38 -10.94
CA GLY D 332 33.50 10.47 -11.86
C GLY D 332 34.92 11.03 -11.80
N PHE D 333 35.52 10.99 -10.61
CA PHE D 333 36.92 11.40 -10.43
C PHE D 333 37.83 10.35 -11.07
N LYS D 334 37.48 9.09 -10.87
CA LYS D 334 38.21 7.97 -11.49
C LYS D 334 38.14 8.03 -13.03
N GLU D 335 36.94 8.25 -13.58
CA GLU D 335 36.76 8.31 -15.04
C GLU D 335 37.63 9.39 -15.69
N GLN D 336 37.57 10.62 -15.16
CA GLN D 336 38.39 11.72 -15.67
C GLN D 336 39.91 11.44 -15.58
N TRP D 337 40.33 10.81 -14.49
CA TRP D 337 41.72 10.36 -14.39
C TRP D 337 42.06 9.49 -15.60
N GLU D 338 41.42 8.33 -15.69
CA GLU D 338 41.59 7.42 -16.82
C GLU D 338 41.52 8.16 -18.15
N MSE D 339 40.63 9.13 -18.27
CA MSE D 339 40.50 9.92 -19.50
C MSE D 339 41.76 10.72 -19.80
O MSE D 339 42.25 10.74 -20.94
CB MSE D 339 39.34 10.87 -19.41
CG MSE D 339 38.10 10.43 -20.14
SE MSE D 339 36.88 11.96 -20.19
CE MSE D 339 35.87 11.49 -21.82
N PHE D 340 42.27 11.39 -18.76
CA PHE D 340 43.48 12.18 -18.88
C PHE D 340 44.72 11.31 -19.12
N ILE D 341 44.75 10.14 -18.48
CA ILE D 341 45.86 9.20 -18.60
C ILE D 341 45.96 8.62 -20.01
N ARG D 342 44.81 8.46 -20.67
CA ARG D 342 44.77 7.99 -22.07
C ARG D 342 45.13 9.12 -23.04
N HIS D 343 44.85 10.36 -22.64
CA HIS D 343 45.18 11.52 -23.43
C HIS D 343 46.70 11.68 -23.51
N VAL D 344 47.37 11.27 -22.45
CA VAL D 344 48.82 11.42 -22.35
C VAL D 344 49.52 10.24 -23.02
N TYR D 345 48.95 9.04 -22.90
CA TYR D 345 49.61 7.85 -23.42
C TYR D 345 49.16 7.38 -24.81
N GLU D 346 47.92 7.68 -25.21
CA GLU D 346 47.44 7.29 -26.54
C GLU D 346 46.77 8.41 -27.34
N ASP D 347 47.08 9.66 -26.99
CA ASP D 347 46.62 10.83 -27.74
C ASP D 347 45.08 10.97 -27.75
N ALA D 348 44.43 10.24 -26.85
CA ALA D 348 42.97 10.24 -26.73
C ALA D 348 42.43 11.67 -26.70
N PRO D 349 41.24 11.89 -27.28
CA PRO D 349 40.72 13.27 -27.30
C PRO D 349 40.25 13.66 -25.91
N TYR D 350 40.66 14.85 -25.47
CA TYR D 350 40.45 15.30 -24.09
C TYR D 350 40.27 16.82 -24.02
N LYS D 351 39.04 17.24 -23.71
CA LYS D 351 38.66 18.65 -23.73
C LYS D 351 39.12 19.43 -22.48
N PHE D 352 39.18 18.73 -21.35
CA PHE D 352 39.23 19.34 -20.00
C PHE D 352 40.60 19.83 -19.54
N THR D 353 41.19 20.67 -20.40
CA THR D 353 42.51 21.21 -20.16
C THR D 353 42.44 22.36 -19.15
N LEU D 354 43.61 22.84 -18.73
CA LEU D 354 43.67 23.95 -17.80
C LEU D 354 42.96 25.17 -18.36
N LEU D 355 42.88 25.28 -19.69
CA LEU D 355 42.09 26.34 -20.32
C LEU D 355 40.70 26.38 -19.70
N GLU D 356 40.12 25.19 -19.47
CA GLU D 356 38.79 25.10 -18.87
C GLU D 356 38.77 25.60 -17.43
N GLY D 357 39.81 25.30 -16.68
CA GLY D 357 39.96 25.81 -15.31
C GLY D 357 40.06 27.33 -15.27
N ALA D 358 40.71 27.91 -16.26
CA ALA D 358 40.81 29.35 -16.38
C ALA D 358 39.45 29.98 -16.65
N LYS D 359 38.64 29.31 -17.47
CA LYS D 359 37.29 29.78 -17.74
C LYS D 359 36.47 29.85 -16.47
N GLY D 360 36.62 28.85 -15.61
CA GLY D 360 35.94 28.80 -14.32
C GLY D 360 36.28 29.99 -13.45
N VAL D 361 37.57 30.29 -13.33
CA VAL D 361 37.98 31.44 -12.55
C VAL D 361 37.48 32.70 -13.19
N GLN D 362 37.56 32.76 -14.53
CA GLN D 362 37.05 33.91 -15.25
C GLN D 362 35.59 34.21 -14.87
N LEU D 363 34.77 33.17 -14.75
CA LEU D 363 33.34 33.35 -14.42
C LEU D 363 33.07 33.78 -12.97
N ALA D 364 33.70 33.11 -12.01
CA ALA D 364 33.57 33.50 -10.64
C ALA D 364 33.89 35.00 -10.50
N GLU D 365 35.07 35.40 -10.98
CA GLU D 365 35.48 36.81 -10.94
C GLU D 365 34.48 37.74 -11.62
N CYS D 366 33.93 37.30 -12.74
CA CYS D 366 32.87 38.03 -13.43
C CYS D 366 31.62 38.22 -12.56
N ALA D 367 31.16 37.12 -11.95
CA ALA D 367 30.04 37.13 -11.04
C ALA D 367 30.32 38.07 -9.88
N LEU D 368 31.51 37.97 -9.28
CA LEU D 368 31.84 38.83 -8.15
C LEU D 368 31.77 40.28 -8.60
N LYS D 369 32.25 40.53 -9.81
CA LYS D 369 32.26 41.85 -10.35
C LYS D 369 30.84 42.35 -10.56
N SER D 370 29.97 41.50 -11.09
CA SER D 370 28.61 41.96 -11.36
C SER D 370 27.90 42.36 -10.06
N TRP D 371 28.23 41.63 -8.99
CA TRP D 371 27.76 41.92 -7.63
C TRP D 371 28.26 43.30 -7.21
N LYS D 372 29.57 43.49 -7.25
CA LYS D 372 30.24 44.72 -6.86
C LYS D 372 29.70 45.94 -7.58
N GLU D 373 29.37 45.75 -8.86
CA GLU D 373 29.05 46.84 -9.76
C GLU D 373 27.58 46.86 -10.18
N ARG D 374 26.77 45.99 -9.57
CA ARG D 374 25.31 46.01 -9.72
C ARG D 374 24.82 45.79 -11.16
N ARG D 375 25.63 45.16 -12.00
CA ARG D 375 25.28 45.10 -13.43
C ARG D 375 25.63 43.78 -14.08
N TRP D 376 25.13 43.56 -15.29
CA TRP D 376 25.50 42.40 -16.07
C TRP D 376 26.97 42.54 -16.49
N ILE D 377 27.68 41.42 -16.60
CA ILE D 377 29.08 41.44 -17.02
C ILE D 377 29.34 40.41 -18.10
N ASP D 378 29.82 40.88 -19.25
CA ASP D 378 30.11 40.02 -20.39
C ASP D 378 31.40 39.26 -20.20
N VAL D 379 31.36 37.99 -20.56
CA VAL D 379 32.52 37.11 -20.44
C VAL D 379 33.39 37.19 -21.69
N ALA D 380 34.44 37.98 -21.60
CA ALA D 380 35.38 38.19 -22.70
C ALA D 380 35.94 36.87 -23.20
N PRO D 381 35.87 36.60 -24.51
CA PRO D 381 36.55 35.40 -25.05
C PRO D 381 38.07 35.46 -24.79
N ILE D 382 38.66 34.31 -24.48
CA ILE D 382 40.10 34.24 -24.26
C ILE D 382 40.84 34.32 -25.60
N THR E 3 -32.44 47.28 6.99
CA THR E 3 -31.76 45.95 7.01
C THR E 3 -31.08 45.66 5.66
N THR E 4 -31.74 45.97 4.55
CA THR E 4 -31.17 45.80 3.19
C THR E 4 -30.92 47.16 2.49
N GLN E 5 -29.76 47.28 1.84
CA GLN E 5 -29.40 48.48 1.08
C GLN E 5 -28.91 48.09 -0.32
N ARG E 6 -29.38 48.79 -1.35
CA ARG E 6 -29.09 48.38 -2.74
C ARG E 6 -27.87 49.12 -3.35
N LEU E 7 -26.86 48.35 -3.74
CA LEU E 7 -25.63 48.87 -4.36
C LEU E 7 -25.64 48.67 -5.88
N GLY E 8 -25.80 49.79 -6.59
CA GLY E 8 -25.76 49.80 -8.05
C GLY E 8 -24.33 49.75 -8.54
N LEU E 9 -24.01 48.66 -9.24
CA LEU E 9 -22.66 48.40 -9.66
C LEU E 9 -22.62 48.06 -11.14
N ILE E 10 -21.82 48.81 -11.89
CA ILE E 10 -21.62 48.47 -13.28
C ILE E 10 -20.38 47.56 -13.40
N MSE E 11 -20.52 46.45 -14.12
CA MSE E 11 -19.42 45.49 -14.29
C MSE E 11 -19.02 45.39 -15.75
O MSE E 11 -19.84 45.05 -16.61
CB MSE E 11 -19.78 44.10 -13.79
CG MSE E 11 -20.62 44.04 -12.51
SE MSE E 11 -20.41 42.37 -11.48
CE MSE E 11 -19.34 41.29 -12.74
N ASN E 12 -17.75 45.64 -16.05
CA ASN E 12 -17.31 45.74 -17.43
C ASN E 12 -16.55 44.55 -17.97
N GLY E 13 -15.51 44.12 -17.28
CA GLY E 13 -14.62 43.12 -17.84
C GLY E 13 -15.09 41.68 -17.90
N VAL E 14 -16.24 41.39 -17.29
CA VAL E 14 -16.79 40.04 -17.25
C VAL E 14 -17.06 39.51 -18.68
N THR E 15 -17.20 38.19 -18.81
CA THR E 15 -17.26 37.49 -20.11
C THR E 15 -16.02 36.65 -20.28
N GLY E 16 -14.85 37.28 -20.09
CA GLY E 16 -13.58 36.59 -20.12
C GLY E 16 -13.56 35.53 -19.04
N ARG E 17 -12.73 34.50 -19.25
CA ARG E 17 -12.68 33.36 -18.35
C ARG E 17 -12.54 33.80 -16.88
N MSE E 18 -11.52 34.60 -16.57
CA MSE E 18 -11.26 35.03 -15.19
C MSE E 18 -12.32 36.00 -14.66
O MSE E 18 -12.76 35.88 -13.52
CB MSE E 18 -9.86 35.60 -15.03
CG MSE E 18 -8.73 34.56 -15.17
SE MSE E 18 -8.67 33.22 -13.73
CE MSE E 18 -8.19 34.40 -12.22
N GLY E 19 -12.71 36.96 -15.50
CA GLY E 19 -13.77 37.92 -15.13
C GLY E 19 -15.09 37.26 -14.74
N LEU E 20 -15.56 36.33 -15.57
CA LEU E 20 -16.85 35.66 -15.36
C LEU E 20 -16.79 34.77 -14.14
N ASN E 21 -15.76 33.93 -14.10
CA ASN E 21 -15.65 32.92 -13.04
C ASN E 21 -15.39 33.50 -11.65
N GLN E 22 -14.36 34.32 -11.52
CA GLN E 22 -13.97 34.85 -10.21
C GLN E 22 -14.84 35.99 -9.73
N HIS E 23 -15.06 36.98 -10.59
CA HIS E 23 -15.77 38.18 -10.16
C HIS E 23 -17.29 38.05 -10.26
N LEU E 24 -17.81 37.72 -11.43
CA LEU E 24 -19.25 37.65 -11.60
C LEU E 24 -19.83 36.54 -10.74
N ILE E 25 -19.50 35.31 -11.11
CA ILE E 25 -20.01 34.12 -10.43
C ILE E 25 -19.58 34.03 -8.96
N ARG E 26 -18.27 33.99 -8.72
CA ARG E 26 -17.78 33.61 -7.41
C ARG E 26 -17.75 34.76 -6.43
N SER E 27 -17.82 35.98 -6.92
CA SER E 27 -17.86 37.11 -6.03
C SER E 27 -19.27 37.69 -5.94
N ILE E 28 -19.65 38.45 -6.94
CA ILE E 28 -20.90 39.20 -6.89
C ILE E 28 -22.13 38.30 -6.72
N VAL E 29 -22.27 37.30 -7.58
CA VAL E 29 -23.39 36.36 -7.51
C VAL E 29 -23.43 35.59 -6.19
N ALA E 30 -22.27 35.14 -5.72
CA ALA E 30 -22.19 34.54 -4.38
C ALA E 30 -22.67 35.52 -3.29
N ILE E 31 -22.23 36.77 -3.37
CA ILE E 31 -22.59 37.78 -2.39
C ILE E 31 -24.09 38.07 -2.41
N ARG E 32 -24.64 38.16 -3.61
CA ARG E 32 -26.07 38.28 -3.85
C ARG E 32 -26.78 37.12 -3.14
N ASP E 33 -26.33 35.91 -3.44
CA ASP E 33 -26.95 34.67 -2.94
C ASP E 33 -26.87 34.44 -1.42
N GLN E 34 -25.94 35.10 -0.74
CA GLN E 34 -25.92 35.04 0.73
C GLN E 34 -26.77 36.17 1.33
N GLY E 35 -27.38 36.98 0.45
CA GLY E 35 -28.20 38.12 0.85
C GLY E 35 -27.40 39.37 1.19
N GLY E 36 -26.29 39.57 0.48
CA GLY E 36 -25.47 40.78 0.59
C GLY E 36 -24.37 40.73 1.62
N VAL E 37 -23.46 41.69 1.53
CA VAL E 37 -22.37 41.87 2.48
C VAL E 37 -22.90 42.37 3.83
N ARG E 38 -22.64 41.59 4.87
CA ARG E 38 -23.09 41.88 6.24
C ARG E 38 -22.25 42.97 6.90
N LEU E 39 -22.87 44.12 7.14
CA LEU E 39 -22.21 45.23 7.84
C LEU E 39 -22.14 45.05 9.35
N LYS E 40 -21.42 45.95 10.00
CA LYS E 40 -21.00 45.83 11.40
C LYS E 40 -22.18 45.95 12.35
N ASN E 41 -23.09 46.86 12.03
CA ASN E 41 -24.29 47.09 12.83
C ASN E 41 -25.34 45.99 12.64
N GLY E 42 -25.42 45.46 11.42
CA GLY E 42 -26.41 44.42 11.10
C GLY E 42 -26.98 44.50 9.70
N ASP E 43 -26.83 45.67 9.06
CA ASP E 43 -27.29 45.90 7.69
C ASP E 43 -26.59 44.95 6.71
N ARG E 44 -27.28 44.65 5.61
CA ARG E 44 -26.68 43.87 4.53
C ARG E 44 -26.75 44.68 3.23
N ILE E 45 -25.60 44.81 2.58
CA ILE E 45 -25.49 45.57 1.34
C ILE E 45 -25.71 44.63 0.15
N MSE E 46 -26.79 44.87 -0.60
CA MSE E 46 -27.10 44.04 -1.74
C MSE E 46 -26.55 44.60 -3.04
O MSE E 46 -26.75 45.76 -3.36
CB MSE E 46 -28.61 43.83 -1.87
CG MSE E 46 -29.10 42.58 -1.17
SE MSE E 46 -28.50 40.94 -2.08
CE MSE E 46 -29.30 41.29 -3.84
N PRO E 47 -25.81 43.78 -3.79
CA PRO E 47 -25.38 44.25 -5.09
C PRO E 47 -26.49 44.09 -6.11
N ASP E 48 -26.81 45.19 -6.81
CA ASP E 48 -27.65 45.15 -7.99
C ASP E 48 -26.76 45.51 -9.18
N PRO E 49 -26.21 44.49 -9.84
CA PRO E 49 -25.23 44.70 -10.92
C PRO E 49 -25.87 45.14 -12.23
N ILE E 50 -25.01 45.67 -13.11
CA ILE E 50 -25.36 45.86 -14.51
C ILE E 50 -24.15 45.43 -15.32
N LEU E 51 -24.37 44.40 -16.14
CA LEU E 51 -23.32 43.78 -16.92
C LEU E 51 -23.09 44.53 -18.21
N VAL E 52 -21.82 44.77 -18.54
CA VAL E 52 -21.47 45.53 -19.74
C VAL E 52 -20.52 44.79 -20.67
N GLY E 53 -20.91 44.72 -21.94
CA GLY E 53 -20.14 44.04 -22.97
C GLY E 53 -20.35 44.70 -24.32
N ARG E 54 -19.38 44.53 -25.22
CA ARG E 54 -19.42 45.15 -26.53
C ARG E 54 -20.40 44.46 -27.51
N SER E 55 -20.93 43.31 -27.12
CA SER E 55 -21.91 42.58 -27.93
C SER E 55 -23.16 42.20 -27.14
N ALA E 56 -24.33 42.59 -27.67
CA ALA E 56 -25.61 42.49 -26.97
C ALA E 56 -26.12 41.07 -26.73
N GLU E 57 -25.82 40.15 -27.66
CA GLU E 57 -26.26 38.76 -27.53
C GLU E 57 -25.53 38.03 -26.40
N LYS E 58 -24.22 38.22 -26.34
CA LYS E 58 -23.36 37.55 -25.36
C LYS E 58 -23.46 38.16 -23.95
N VAL E 59 -24.08 39.35 -23.83
CA VAL E 59 -24.30 40.00 -22.54
C VAL E 59 -25.72 39.78 -21.97
N GLU E 60 -26.71 39.64 -22.84
CA GLU E 60 -28.11 39.39 -22.40
C GLU E 60 -28.31 37.99 -21.82
N ALA E 61 -27.68 37.00 -22.46
CA ALA E 61 -27.74 35.60 -22.01
C ALA E 61 -27.07 35.46 -20.66
N LEU E 62 -25.92 36.11 -20.52
CA LEU E 62 -25.15 36.03 -19.29
C LEU E 62 -25.89 36.67 -18.13
N ALA E 63 -26.52 37.81 -18.40
CA ALA E 63 -27.38 38.48 -17.42
C ALA E 63 -28.52 37.57 -17.00
N LYS E 64 -29.15 36.95 -17.99
CA LYS E 64 -30.24 36.00 -17.79
C LYS E 64 -29.88 34.88 -16.83
N ARG E 65 -28.94 34.00 -17.22
CA ARG E 65 -28.71 32.75 -16.47
C ARG E 65 -28.23 32.90 -15.02
N PHE E 66 -28.06 34.15 -14.57
CA PHE E 66 -27.74 34.44 -13.17
C PHE E 66 -28.75 35.36 -12.52
N ASN E 67 -29.95 35.40 -13.10
CA ASN E 67 -31.11 36.07 -12.50
C ASN E 67 -30.77 37.53 -12.15
N ILE E 68 -30.31 38.27 -13.16
CA ILE E 68 -29.76 39.61 -12.94
C ILE E 68 -30.77 40.76 -13.18
N ALA E 69 -31.28 40.88 -14.41
CA ALA E 69 -32.23 41.94 -14.83
C ALA E 69 -31.62 42.97 -15.80
N ARG E 70 -30.54 43.62 -15.39
CA ARG E 70 -29.93 44.75 -16.12
C ARG E 70 -28.72 44.38 -16.98
N TRP E 71 -28.64 44.98 -18.17
CA TRP E 71 -27.51 44.79 -19.08
C TRP E 71 -27.50 45.87 -20.16
N THR E 72 -26.34 46.13 -20.75
CA THR E 72 -26.19 47.00 -21.93
C THR E 72 -24.91 46.78 -22.71
N THR E 73 -24.75 47.53 -23.80
CA THR E 73 -23.50 47.61 -24.56
C THR E 73 -22.96 49.05 -24.48
N ASP E 74 -23.76 49.93 -23.90
CA ASP E 74 -23.42 51.34 -23.80
C ASP E 74 -22.82 51.67 -22.43
N LEU E 75 -21.51 51.49 -22.34
CA LEU E 75 -20.76 51.81 -21.13
C LEU E 75 -20.90 53.28 -20.77
N ASP E 76 -20.81 54.15 -21.78
CA ASP E 76 -20.87 55.59 -21.58
C ASP E 76 -22.15 56.02 -20.86
N ALA E 77 -23.29 55.43 -21.22
CA ALA E 77 -24.57 55.77 -20.61
C ALA E 77 -24.65 55.22 -19.19
N ALA E 78 -24.15 53.99 -19.04
CA ALA E 78 -24.06 53.30 -17.76
C ALA E 78 -23.22 54.09 -16.75
N LEU E 79 -22.13 54.70 -17.23
CA LEU E 79 -21.25 55.48 -16.35
C LEU E 79 -21.83 56.85 -15.95
N ALA E 80 -22.80 57.35 -16.71
CA ALA E 80 -23.35 58.65 -16.38
C ALA E 80 -24.66 58.54 -15.60
N ASP E 81 -25.04 57.31 -15.25
CA ASP E 81 -26.34 57.05 -14.66
C ASP E 81 -26.59 57.83 -13.35
N LYS E 82 -25.63 57.79 -12.44
CA LYS E 82 -25.75 58.47 -11.13
C LYS E 82 -26.51 57.64 -10.09
N ASN E 83 -27.45 56.81 -10.58
CA ASN E 83 -28.14 55.83 -9.75
C ASN E 83 -27.20 54.72 -9.29
N ASP E 84 -26.37 54.26 -10.23
CA ASP E 84 -25.36 53.27 -9.93
C ASP E 84 -24.17 53.99 -9.35
N THR E 85 -23.60 53.43 -8.29
CA THR E 85 -22.68 54.20 -7.45
C THR E 85 -21.21 53.76 -7.52
N MSE E 86 -20.97 52.62 -8.15
CA MSE E 86 -19.64 52.01 -8.21
C MSE E 86 -19.38 51.36 -9.57
O MSE E 86 -20.28 50.80 -10.19
CB MSE E 86 -19.50 50.98 -7.10
CG MSE E 86 -18.20 50.24 -7.10
SE MSE E 86 -18.15 48.90 -5.70
CE MSE E 86 -19.50 47.68 -6.36
N PHE E 87 -18.12 51.42 -10.00
CA PHE E 87 -17.71 50.86 -11.27
C PHE E 87 -16.55 49.88 -11.13
N PHE E 88 -16.68 48.75 -11.81
CA PHE E 88 -15.66 47.72 -11.81
C PHE E 88 -15.25 47.39 -13.23
N ASP E 89 -13.94 47.32 -13.47
CA ASP E 89 -13.39 46.94 -14.77
C ASP E 89 -12.43 45.77 -14.70
N ALA E 90 -12.67 44.79 -15.57
CA ALA E 90 -11.82 43.62 -15.69
C ALA E 90 -11.53 43.29 -17.15
N ALA E 91 -11.58 44.30 -18.01
CA ALA E 91 -11.33 44.13 -19.45
C ALA E 91 -9.87 44.41 -19.81
N THR E 92 -9.68 45.25 -20.83
CA THR E 92 -8.35 45.56 -21.39
C THR E 92 -7.62 46.57 -20.52
N THR E 93 -6.32 46.37 -20.39
CA THR E 93 -5.50 47.28 -19.61
C THR E 93 -5.28 48.64 -20.33
N GLN E 94 -5.37 48.62 -21.68
CA GLN E 94 -5.17 49.81 -22.51
C GLN E 94 -6.28 50.81 -22.23
N ALA E 95 -7.50 50.29 -22.07
CA ALA E 95 -8.68 51.12 -21.85
C ALA E 95 -8.89 51.49 -20.38
N ARG E 96 -8.25 50.76 -19.47
CA ARG E 96 -8.57 50.87 -18.04
C ARG E 96 -8.45 52.28 -17.40
N PRO E 97 -7.35 53.02 -17.66
CA PRO E 97 -7.25 54.31 -17.01
C PRO E 97 -8.32 55.29 -17.48
N GLY E 98 -8.58 55.29 -18.80
CA GLY E 98 -9.63 56.10 -19.39
C GLY E 98 -10.95 55.89 -18.71
N LEU E 99 -11.43 54.64 -18.73
CA LEU E 99 -12.69 54.30 -18.08
C LEU E 99 -12.68 54.60 -16.59
N LEU E 100 -11.53 54.36 -15.95
CA LEU E 100 -11.38 54.66 -14.52
C LEU E 100 -11.58 56.14 -14.28
N THR E 101 -11.03 56.93 -15.20
CA THR E 101 -11.09 58.39 -15.13
C THR E 101 -12.53 58.90 -15.31
N GLN E 102 -13.30 58.29 -16.21
CA GLN E 102 -14.70 58.68 -16.38
C GLN E 102 -15.45 58.41 -15.08
N ALA E 103 -15.33 57.17 -14.59
CA ALA E 103 -16.01 56.73 -13.39
C ALA E 103 -15.72 57.69 -12.24
N ILE E 104 -14.45 58.07 -12.11
CA ILE E 104 -14.06 58.99 -11.04
C ILE E 104 -14.73 60.36 -11.21
N ASN E 105 -14.72 60.88 -12.43
CA ASN E 105 -15.26 62.22 -12.70
C ASN E 105 -16.80 62.24 -12.68
N ALA E 106 -17.40 61.12 -13.06
CA ALA E 106 -18.82 60.86 -12.85
C ALA E 106 -19.22 60.73 -11.36
N GLY E 107 -18.24 60.71 -10.46
CA GLY E 107 -18.50 60.59 -9.01
C GLY E 107 -18.64 59.18 -8.43
N LYS E 108 -18.23 58.16 -9.20
CA LYS E 108 -18.38 56.76 -8.79
C LYS E 108 -17.19 56.19 -8.01
N HIS E 109 -17.46 55.16 -7.20
CA HIS E 109 -16.39 54.41 -6.53
C HIS E 109 -15.80 53.44 -7.52
N VAL E 110 -14.52 53.16 -7.37
CA VAL E 110 -13.82 52.39 -8.37
C VAL E 110 -13.09 51.16 -7.83
N TYR E 111 -13.35 50.04 -8.49
CA TYR E 111 -12.70 48.79 -8.18
C TYR E 111 -12.28 48.14 -9.48
N CYS E 112 -11.07 47.58 -9.54
CA CYS E 112 -10.57 47.02 -10.80
C CYS E 112 -9.49 45.93 -10.68
N GLU E 113 -9.46 45.06 -11.70
CA GLU E 113 -8.35 44.14 -11.93
C GLU E 113 -7.08 44.90 -12.25
N LYS E 114 -5.96 44.18 -12.24
CA LYS E 114 -4.64 44.74 -12.55
C LYS E 114 -4.29 44.43 -14.00
N PRO E 115 -3.23 45.08 -14.55
CA PRO E 115 -2.60 46.33 -14.14
C PRO E 115 -3.64 47.43 -14.22
N ILE E 116 -3.45 48.52 -13.49
CA ILE E 116 -4.42 49.61 -13.57
C ILE E 116 -4.18 50.51 -14.77
N ALA E 117 -3.00 50.45 -15.35
CA ALA E 117 -2.71 51.16 -16.58
C ALA E 117 -1.44 50.58 -17.14
N THR E 118 -1.06 51.00 -18.32
CA THR E 118 0.07 50.43 -19.01
C THR E 118 1.35 51.15 -18.66
N ASN E 119 1.20 52.13 -17.82
CA ASN E 119 2.08 53.23 -17.68
C ASN E 119 2.16 53.70 -16.26
N PHE E 120 3.34 53.90 -15.71
CA PHE E 120 3.42 54.37 -14.34
C PHE E 120 2.87 55.77 -14.14
N GLU E 121 3.28 56.69 -14.99
CA GLU E 121 2.76 58.05 -14.90
C GLU E 121 1.24 58.11 -15.10
N GLU E 122 0.71 57.31 -16.04
CA GLU E 122 -0.73 57.19 -16.27
C GLU E 122 -1.49 56.63 -15.05
N ALA E 123 -0.89 55.63 -14.40
CA ALA E 123 -1.46 55.07 -13.19
C ALA E 123 -1.51 56.11 -12.07
N LEU E 124 -0.43 56.88 -11.94
CA LEU E 124 -0.30 57.88 -10.88
C LEU E 124 -1.30 59.02 -10.96
N GLU E 125 -1.62 59.47 -12.17
CA GLU E 125 -2.64 60.51 -12.36
C GLU E 125 -4.03 60.04 -11.97
N VAL E 126 -4.28 58.75 -12.22
CA VAL E 126 -5.55 58.11 -11.88
C VAL E 126 -5.71 58.05 -10.37
N VAL E 127 -4.62 57.74 -9.69
CA VAL E 127 -4.61 57.69 -8.23
C VAL E 127 -4.88 59.10 -7.72
N LYS E 128 -4.06 60.03 -8.16
CA LYS E 128 -4.15 61.41 -7.71
C LYS E 128 -5.56 61.98 -7.89
N LEU E 129 -6.16 61.69 -9.05
CA LEU E 129 -7.51 62.13 -9.37
C LEU E 129 -8.54 61.59 -8.38
N ALA E 130 -8.60 60.26 -8.26
CA ALA E 130 -9.53 59.61 -7.36
C ALA E 130 -9.43 60.15 -5.95
N ASN E 131 -8.21 60.50 -5.55
CA ASN E 131 -7.97 61.12 -4.26
C ASN E 131 -8.53 62.54 -4.18
N SER E 132 -8.29 63.33 -5.22
CA SER E 132 -8.86 64.69 -5.30
C SER E 132 -10.37 64.67 -5.16
N LYS E 133 -11.01 63.68 -5.76
CA LYS E 133 -12.48 63.56 -5.73
C LYS E 133 -13.02 62.93 -4.44
N GLY E 134 -12.17 62.30 -3.64
CA GLY E 134 -12.62 61.65 -2.41
C GLY E 134 -13.56 60.45 -2.57
N VAL E 135 -13.58 59.86 -3.77
CA VAL E 135 -14.28 58.59 -3.97
C VAL E 135 -13.42 57.43 -3.45
N LYS E 136 -14.06 56.29 -3.20
CA LYS E 136 -13.36 55.13 -2.70
C LYS E 136 -12.81 54.35 -3.88
N HIS E 137 -11.55 53.89 -3.75
CA HIS E 137 -10.88 53.18 -4.85
C HIS E 137 -10.03 51.99 -4.41
N GLY E 138 -10.06 50.96 -5.25
CA GLY E 138 -9.35 49.74 -4.97
C GLY E 138 -8.98 48.94 -6.19
N THR E 139 -7.91 48.19 -6.07
CA THR E 139 -7.43 47.31 -7.11
C THR E 139 -7.35 45.91 -6.51
N VAL E 140 -7.54 44.89 -7.34
CA VAL E 140 -7.53 43.48 -6.94
C VAL E 140 -6.10 43.02 -6.59
N GLN E 141 -5.91 42.38 -5.44
CA GLN E 141 -4.60 41.86 -5.07
C GLN E 141 -4.70 40.42 -4.58
N ASP E 142 -5.17 39.56 -5.47
CA ASP E 142 -5.65 38.22 -5.16
C ASP E 142 -4.65 37.17 -4.63
N LYS E 143 -3.40 37.18 -5.10
CA LYS E 143 -2.41 36.18 -4.65
C LYS E 143 -2.27 36.14 -3.13
N LEU E 144 -2.49 37.27 -2.48
CA LEU E 144 -2.36 37.39 -1.05
C LEU E 144 -3.49 36.66 -0.34
N PHE E 145 -4.57 36.40 -1.07
CA PHE E 145 -5.72 35.72 -0.48
C PHE E 145 -5.67 34.22 -0.76
N LEU E 146 -4.63 33.78 -1.46
CA LEU E 146 -4.42 32.35 -1.65
C LEU E 146 -4.22 31.70 -0.29
N PRO E 147 -4.87 30.56 -0.07
CA PRO E 147 -4.67 29.97 1.26
C PRO E 147 -3.18 29.71 1.51
N GLY E 148 -2.46 29.36 0.46
CA GLY E 148 -1.04 29.01 0.57
C GLY E 148 -0.28 30.16 1.14
N LEU E 149 -0.51 31.36 0.60
CA LEU E 149 0.15 32.57 1.06
C LEU E 149 -0.44 33.15 2.35
N LYS E 150 -1.73 32.93 2.62
CA LYS E 150 -2.28 33.27 3.97
C LYS E 150 -1.53 32.47 5.04
N LYS E 151 -1.21 31.22 4.72
CA LYS E 151 -0.45 30.39 5.64
C LYS E 151 0.95 30.91 5.88
N ILE E 152 1.64 31.31 4.81
CA ILE E 152 2.96 31.93 4.92
C ILE E 152 2.90 33.16 5.83
N ALA E 153 1.87 33.98 5.68
CA ALA E 153 1.67 35.15 6.57
C ALA E 153 1.52 34.71 8.03
N PHE E 154 0.81 33.63 8.24
CA PHE E 154 0.63 33.13 9.59
C PHE E 154 1.97 32.66 10.15
N LEU E 155 2.75 32.03 9.29
CA LEU E 155 4.06 31.57 9.68
C LEU E 155 4.93 32.76 10.07
N ARG E 156 4.88 33.84 9.28
CA ARG E 156 5.59 35.06 9.67
C ARG E 156 5.06 35.61 10.98
N ASP E 157 3.77 35.95 11.01
CA ASP E 157 3.19 36.55 12.21
C ASP E 157 3.49 35.80 13.51
N SER E 158 3.54 34.46 13.45
CA SER E 158 3.69 33.67 14.65
C SER E 158 5.14 33.29 14.92
N GLY E 159 6.05 33.88 14.14
CA GLY E 159 7.48 33.75 14.40
C GLY E 159 8.15 32.44 13.99
N PHE E 160 7.44 31.61 13.25
CA PHE E 160 7.99 30.34 12.75
C PHE E 160 9.36 30.47 12.13
N PHE E 161 9.61 31.53 11.36
CA PHE E 161 10.84 31.61 10.60
C PHE E 161 12.05 32.09 11.42
N GLY E 162 11.78 32.88 12.47
CA GLY E 162 12.83 33.62 13.14
C GLY E 162 13.12 34.84 12.28
N ARG E 163 14.32 34.91 11.71
CA ARG E 163 14.62 35.93 10.71
C ARG E 163 14.48 35.31 9.29
N ILE E 164 13.56 35.84 8.49
CA ILE E 164 13.45 35.38 7.11
C ILE E 164 14.75 35.78 6.40
N LEU E 165 15.30 34.89 5.59
CA LEU E 165 16.57 35.14 4.94
C LEU E 165 16.45 35.29 3.43
N SER E 166 15.54 34.54 2.82
CA SER E 166 15.41 34.54 1.37
C SER E 166 14.12 33.89 0.89
N VAL E 167 13.78 34.18 -0.37
CA VAL E 167 12.53 33.73 -0.94
C VAL E 167 12.83 33.30 -2.34
N ARG E 168 12.44 32.07 -2.66
CA ARG E 168 12.58 31.50 -4.01
C ARG E 168 11.20 31.29 -4.54
N GLY E 169 10.87 31.97 -5.63
CA GLY E 169 9.57 31.83 -6.27
C GLY E 169 9.66 31.14 -7.62
N GLU E 170 8.76 30.19 -7.85
CA GLU E 170 8.66 29.46 -9.13
C GLU E 170 7.25 29.58 -9.64
N PHE E 171 7.08 30.26 -10.76
CA PHE E 171 5.75 30.45 -11.32
C PHE E 171 5.68 30.01 -12.76
N GLY E 172 4.54 29.44 -13.13
CA GLY E 172 4.26 29.17 -14.53
C GLY E 172 4.02 27.71 -14.87
N TYR E 173 3.63 27.50 -16.12
CA TYR E 173 3.28 26.19 -16.68
C TYR E 173 3.29 26.32 -18.20
N TRP E 174 3.22 25.19 -18.91
CA TRP E 174 3.36 25.22 -20.36
C TRP E 174 2.09 25.68 -21.02
N VAL E 175 2.14 26.88 -21.57
CA VAL E 175 1.01 27.40 -22.30
C VAL E 175 1.11 26.93 -23.75
N PHE E 176 0.22 26.02 -24.11
CA PHE E 176 0.22 25.42 -25.45
C PHE E 176 0.22 26.44 -26.58
N GLU E 177 1.08 26.17 -27.56
CA GLU E 177 1.33 27.08 -28.65
C GLU E 177 0.14 27.22 -29.62
N GLY E 178 -0.80 26.28 -29.57
CA GLY E 178 -1.96 26.35 -30.46
C GLY E 178 -1.92 25.42 -31.67
N GLY E 179 -0.71 25.00 -32.06
CA GLY E 179 -0.56 24.07 -33.19
C GLY E 179 -1.44 22.84 -33.09
N TRP E 180 -1.10 21.96 -32.15
CA TRP E 180 -1.82 20.71 -31.96
C TRP E 180 -2.77 20.69 -30.75
N GLN E 181 -2.54 21.63 -29.82
CA GLN E 181 -3.38 21.77 -28.62
C GLN E 181 -3.72 23.24 -28.44
N GLU E 182 -4.89 23.52 -27.86
CA GLU E 182 -5.34 24.89 -27.75
C GLU E 182 -4.69 25.64 -26.57
N ALA E 183 -4.29 26.90 -26.80
CA ALA E 183 -3.64 27.70 -25.78
C ALA E 183 -4.59 27.86 -24.60
N GLN E 184 -4.07 27.73 -23.38
CA GLN E 184 -4.88 27.98 -22.17
C GLN E 184 -5.20 29.45 -21.97
N ARG E 185 -4.40 30.33 -22.56
CA ARG E 185 -4.56 31.76 -22.30
C ARG E 185 -4.85 32.58 -23.57
N PRO E 186 -5.54 33.70 -23.41
CA PRO E 186 -5.81 34.58 -24.56
C PRO E 186 -4.52 35.05 -25.27
N SER E 187 -4.58 35.14 -26.60
CA SER E 187 -3.41 35.37 -27.43
C SER E 187 -2.78 36.74 -27.24
N TRP E 188 -3.60 37.73 -26.84
CA TRP E 188 -3.10 39.07 -26.62
C TRP E 188 -1.89 39.14 -25.69
N ASN E 189 -1.83 38.24 -24.72
CA ASN E 189 -0.71 38.15 -23.77
C ASN E 189 0.63 37.93 -24.43
N TYR E 190 0.61 37.48 -25.69
CA TYR E 190 1.85 37.12 -26.40
C TYR E 190 2.23 38.09 -27.50
N ARG E 191 1.50 39.21 -27.54
CA ARG E 191 1.78 40.28 -28.47
C ARG E 191 2.13 41.55 -27.68
N ASP E 192 3.36 42.03 -27.82
CA ASP E 192 3.77 43.28 -27.18
C ASP E 192 2.77 44.42 -27.50
N GLU E 193 2.38 44.54 -28.76
CA GLU E 193 1.56 45.64 -29.26
C GLU E 193 0.14 45.66 -28.70
N ASP E 194 -0.30 44.51 -28.19
CA ASP E 194 -1.65 44.39 -27.64
C ASP E 194 -1.63 44.38 -26.11
N GLY E 195 -0.44 44.57 -25.54
CA GLY E 195 -0.21 44.70 -24.10
C GLY E 195 0.41 43.50 -23.38
N GLY E 196 0.87 42.53 -24.16
CA GLY E 196 1.32 41.25 -23.62
C GLY E 196 2.69 41.30 -22.99
N GLY E 197 3.07 40.23 -22.31
CA GLY E 197 4.33 40.22 -21.60
C GLY E 197 4.21 39.74 -20.18
N ILE E 198 4.99 38.71 -19.86
CA ILE E 198 4.90 38.10 -18.55
C ILE E 198 5.36 39.09 -17.47
N ILE E 199 6.37 39.90 -17.81
CA ILE E 199 6.98 40.82 -16.83
C ILE E 199 5.93 41.79 -16.32
N LEU E 200 5.26 42.49 -17.22
CA LEU E 200 4.34 43.51 -16.75
C LEU E 200 3.02 42.94 -16.24
N ASP E 201 2.74 41.69 -16.59
CA ASP E 201 1.60 40.94 -16.07
C ASP E 201 1.82 40.44 -14.63
N MSE E 202 2.94 39.75 -14.38
CA MSE E 202 3.16 39.05 -13.12
C MSE E 202 3.96 39.87 -12.09
O MSE E 202 3.72 39.76 -10.87
CB MSE E 202 3.83 37.72 -13.41
CG MSE E 202 3.03 36.83 -14.39
SE MSE E 202 1.24 36.43 -13.61
CE MSE E 202 1.84 35.71 -11.89
N VAL E 203 4.91 40.68 -12.56
CA VAL E 203 5.68 41.56 -11.68
C VAL E 203 4.79 42.55 -10.91
N CYS E 204 3.61 42.84 -11.45
CA CYS E 204 2.57 43.52 -10.72
C CYS E 204 2.15 42.74 -9.48
N HIS E 205 1.85 41.46 -9.64
CA HIS E 205 1.52 40.62 -8.50
C HIS E 205 2.69 40.58 -7.53
N TRP E 206 3.91 40.33 -8.03
CA TRP E 206 5.10 40.21 -7.19
C TRP E 206 5.40 41.42 -6.29
N ARG E 207 5.00 42.60 -6.74
CA ARG E 207 5.21 43.82 -5.94
C ARG E 207 4.46 43.73 -4.60
N TYR E 208 3.20 43.29 -4.65
CA TYR E 208 2.39 43.25 -3.44
C TYR E 208 2.66 41.99 -2.61
N VAL E 209 2.98 40.89 -3.30
CA VAL E 209 3.33 39.65 -2.64
C VAL E 209 4.56 39.88 -1.78
N LEU E 210 5.66 40.36 -2.37
CA LEU E 210 6.88 40.62 -1.60
C LEU E 210 6.70 41.75 -0.56
N ASP E 211 6.16 42.91 -0.96
CA ASP E 211 5.94 44.01 0.00
C ASP E 211 5.19 43.59 1.28
N ASN E 212 4.04 42.92 1.12
CA ASN E 212 3.25 42.52 2.27
C ASN E 212 3.89 41.38 3.06
N LEU E 213 4.35 40.34 2.37
CA LEU E 213 4.86 39.15 3.06
C LEU E 213 6.26 39.31 3.64
N PHE E 214 7.16 39.93 2.87
CA PHE E 214 8.59 39.79 3.12
C PHE E 214 9.36 41.08 3.30
N GLY E 215 8.82 42.19 2.81
CA GLY E 215 9.52 43.47 2.91
C GLY E 215 9.49 44.30 1.63
N ASN E 216 9.74 45.60 1.73
CA ASN E 216 9.53 46.47 0.59
C ASN E 216 10.58 46.26 -0.48
N VAL E 217 10.14 46.21 -1.74
CA VAL E 217 11.08 46.04 -2.85
C VAL E 217 11.90 47.32 -3.07
N GLN E 218 13.20 47.18 -2.90
CA GLN E 218 14.08 48.31 -3.01
C GLN E 218 14.68 48.39 -4.41
N SER E 219 14.98 47.22 -4.98
CA SER E 219 15.57 47.13 -6.32
C SER E 219 15.33 45.79 -6.95
N VAL E 220 15.31 45.80 -8.28
CA VAL E 220 15.13 44.62 -9.09
C VAL E 220 16.14 44.58 -10.23
N VAL E 221 16.58 43.36 -10.53
CA VAL E 221 17.25 43.02 -11.77
C VAL E 221 16.42 41.90 -12.40
N CYS E 222 16.19 42.01 -13.71
CA CYS E 222 15.28 41.14 -14.42
C CYS E 222 15.69 41.05 -15.87
N ILE E 223 15.47 39.91 -16.48
CA ILE E 223 15.72 39.72 -17.91
C ILE E 223 14.54 38.92 -18.46
N GLY E 224 13.97 39.38 -19.57
CA GLY E 224 12.88 38.67 -20.23
C GLY E 224 13.42 37.95 -21.45
N ASN E 225 12.53 37.22 -22.12
CA ASN E 225 12.80 36.55 -23.40
C ASN E 225 11.50 36.09 -24.02
N THR E 226 11.58 35.77 -25.29
CA THR E 226 10.46 35.28 -26.06
C THR E 226 10.90 33.92 -26.58
N ASP E 227 10.48 32.87 -25.87
CA ASP E 227 10.98 31.52 -26.12
C ASP E 227 10.36 30.92 -27.39
N ILE E 228 9.12 31.32 -27.64
CA ILE E 228 8.36 30.80 -28.78
C ILE E 228 8.01 31.94 -29.73
N PRO E 229 8.61 31.93 -30.93
CA PRO E 229 8.45 33.03 -31.90
C PRO E 229 7.07 33.06 -32.55
N GLU E 230 6.42 31.90 -32.61
CA GLU E 230 5.10 31.78 -33.24
C GLU E 230 4.14 30.91 -32.40
N ARG E 231 2.85 31.26 -32.45
CA ARG E 231 1.77 30.60 -31.72
C ARG E 231 0.49 30.75 -32.55
N PHE E 232 -0.63 30.25 -32.04
CA PHE E 232 -1.88 30.33 -32.78
C PHE E 232 -3.00 31.00 -31.99
N ASP E 233 -3.65 31.98 -32.62
CA ASP E 233 -4.94 32.60 -32.25
C ASP E 233 -5.96 31.63 -31.70
N GLU E 234 -6.92 32.19 -30.98
CA GLU E 234 -8.20 31.52 -30.71
C GLU E 234 -8.98 31.08 -31.98
N GLN E 235 -8.62 31.59 -33.16
CA GLN E 235 -9.26 31.11 -34.40
C GLN E 235 -8.34 30.24 -35.29
N GLY E 236 -7.20 29.83 -34.74
CA GLY E 236 -6.27 28.92 -35.43
C GLY E 236 -5.29 29.63 -36.35
N LYS E 237 -5.37 30.96 -36.33
CA LYS E 237 -4.48 31.85 -37.07
C LYS E 237 -3.07 31.94 -36.45
N LYS E 238 -2.08 31.46 -37.20
CA LYS E 238 -0.67 31.75 -37.00
C LYS E 238 -0.45 33.25 -36.74
N TYR E 239 0.25 33.61 -35.68
CA TYR E 239 0.64 35.02 -35.45
C TYR E 239 2.02 35.11 -34.85
N LYS E 240 2.67 36.25 -35.03
CA LYS E 240 4.05 36.41 -34.62
C LYS E 240 4.10 36.90 -33.16
N ALA E 241 4.69 36.07 -32.30
CA ALA E 241 4.68 36.30 -30.86
C ALA E 241 5.77 37.28 -30.46
N THR E 242 5.37 38.43 -29.90
CA THR E 242 6.29 39.55 -29.75
C THR E 242 6.48 39.98 -28.30
N ALA E 243 5.72 39.39 -27.39
CA ALA E 243 5.86 39.70 -25.97
C ALA E 243 6.85 38.75 -25.35
N ASP E 244 7.38 39.15 -24.19
CA ASP E 244 8.20 38.28 -23.36
C ASP E 244 7.31 37.21 -22.73
N ASP E 245 7.73 35.94 -22.89
CA ASP E 245 6.96 34.81 -22.35
C ASP E 245 7.66 34.08 -21.20
N SER E 246 8.89 34.47 -20.90
CA SER E 246 9.63 33.95 -19.74
C SER E 246 10.44 35.08 -19.15
N ALA E 247 10.74 35.02 -17.87
CA ALA E 247 11.48 36.11 -17.19
C ALA E 247 12.06 35.64 -15.86
N TYR E 248 13.17 36.26 -15.47
CA TYR E 248 13.91 35.81 -14.31
C TYR E 248 14.28 37.05 -13.51
N ALA E 249 13.68 37.24 -12.34
CA ALA E 249 13.93 38.47 -11.58
C ALA E 249 14.51 38.22 -10.20
N THR E 250 15.51 39.01 -9.82
CA THR E 250 15.98 38.98 -8.46
C THR E 250 15.64 40.32 -7.83
N PHE E 251 15.11 40.27 -6.61
CA PHE E 251 14.68 41.46 -5.90
C PHE E 251 15.40 41.59 -4.57
N GLN E 252 15.90 42.80 -4.29
CA GLN E 252 16.42 43.11 -2.97
C GLN E 252 15.32 43.79 -2.18
N LEU E 253 15.01 43.23 -1.00
CA LEU E 253 13.96 43.76 -0.14
C LEU E 253 14.48 44.36 1.17
N GLU E 254 13.68 45.19 1.81
CA GLU E 254 14.06 45.80 3.08
C GLU E 254 14.43 44.71 4.07
N GLY E 255 15.20 45.06 5.09
CA GLY E 255 15.59 44.09 6.11
C GLY E 255 16.60 43.04 5.70
N GLY E 256 17.29 43.23 4.57
CA GLY E 256 18.36 42.34 4.12
C GLY E 256 17.93 41.05 3.43
N VAL E 257 16.71 41.02 2.90
CA VAL E 257 16.18 39.79 2.33
C VAL E 257 16.24 39.83 0.80
N ILE E 258 16.76 38.76 0.18
CA ILE E 258 16.82 38.68 -1.26
C ILE E 258 15.76 37.71 -1.78
N ALA E 259 15.03 38.09 -2.82
CA ALA E 259 13.97 37.24 -3.36
C ALA E 259 14.19 36.97 -4.83
N HIS E 260 14.17 35.72 -5.23
CA HIS E 260 14.28 35.43 -6.64
C HIS E 260 13.07 34.71 -7.19
N ILE E 261 12.60 35.15 -8.36
CA ILE E 261 11.41 34.59 -8.94
C ILE E 261 11.65 34.25 -10.39
N ASN E 262 11.48 32.97 -10.73
CA ASN E 262 11.43 32.55 -12.11
C ASN E 262 9.99 32.58 -12.52
N MSE E 263 9.70 33.00 -13.75
CA MSE E 263 8.34 33.04 -14.19
C MSE E 263 8.28 32.70 -15.67
O MSE E 263 9.04 33.23 -16.45
CB MSE E 263 7.73 34.40 -13.90
CG MSE E 263 8.45 35.54 -14.61
SE MSE E 263 7.91 37.29 -13.97
CE MSE E 263 9.43 37.64 -12.81
N SER E 264 7.37 31.82 -16.06
CA SER E 264 7.33 31.41 -17.45
C SER E 264 6.07 30.72 -17.89
N TRP E 265 5.65 31.06 -19.11
CA TRP E 265 4.56 30.35 -19.78
C TRP E 265 5.10 29.20 -20.62
N VAL E 266 6.42 28.98 -20.53
CA VAL E 266 7.13 28.01 -21.35
C VAL E 266 8.01 27.12 -20.48
N THR E 267 7.52 26.77 -19.31
CA THR E 267 8.23 25.84 -18.45
C THR E 267 7.30 24.67 -18.12
N ARG E 268 7.86 23.50 -17.82
CA ARG E 268 7.03 22.38 -17.41
C ARG E 268 7.08 22.21 -15.90
N VAL E 269 6.06 21.60 -15.32
CA VAL E 269 5.84 21.64 -13.87
C VAL E 269 6.33 20.40 -13.11
N TYR E 270 7.42 20.60 -12.37
CA TYR E 270 8.00 19.58 -11.48
C TYR E 270 8.10 20.15 -10.06
N ARG E 271 6.95 20.35 -9.44
CA ARG E 271 6.85 20.99 -8.14
C ARG E 271 5.44 20.76 -7.63
N ASP E 272 5.13 21.32 -6.46
CA ASP E 272 3.82 21.12 -5.81
C ASP E 272 2.64 21.81 -6.45
N ASP E 273 2.85 22.93 -7.14
CA ASP E 273 1.72 23.71 -7.70
C ASP E 273 2.11 24.63 -8.86
N LEU E 274 1.13 25.32 -9.43
CA LEU E 274 1.37 26.25 -10.54
C LEU E 274 2.13 27.50 -10.13
N VAL E 275 2.22 27.75 -8.83
CA VAL E 275 3.26 28.61 -8.29
C VAL E 275 3.69 28.04 -6.95
N THR E 276 4.92 28.35 -6.56
CA THR E 276 5.54 27.81 -5.37
C THR E 276 6.40 28.92 -4.77
N PHE E 277 6.28 29.13 -3.45
CA PHE E 277 7.13 30.06 -2.73
C PHE E 277 7.86 29.36 -1.59
N GLN E 278 9.19 29.26 -1.71
CA GLN E 278 9.95 28.82 -0.58
C GLN E 278 10.45 30.01 0.22
N VAL E 279 10.34 29.92 1.55
CA VAL E 279 10.89 30.91 2.46
C VAL E 279 11.85 30.21 3.39
N ASP E 280 13.12 30.60 3.29
CA ASP E 280 14.16 30.07 4.17
C ASP E 280 14.45 31.05 5.32
N GLY E 281 14.19 30.60 6.54
CA GLY E 281 14.43 31.43 7.70
C GLY E 281 15.39 30.76 8.66
N THR E 282 15.75 31.51 9.68
CA THR E 282 16.66 31.07 10.70
C THR E 282 16.14 29.84 11.46
N HIS E 283 14.84 29.83 11.75
CA HIS E 283 14.25 28.84 12.65
C HIS E 283 13.44 27.80 11.87
N GLY E 284 13.30 27.99 10.56
CA GLY E 284 12.53 27.04 9.78
C GLY E 284 12.27 27.52 8.38
N SER E 285 11.74 26.61 7.56
CA SER E 285 11.46 26.97 6.17
C SER E 285 10.10 26.51 5.79
N ALA E 286 9.58 27.10 4.74
CA ALA E 286 8.26 26.75 4.27
C ALA E 286 8.24 26.80 2.76
N VAL E 287 7.40 25.97 2.17
CA VAL E 287 7.18 25.92 0.72
C VAL E 287 5.67 25.93 0.52
N ALA E 288 5.18 26.98 -0.11
CA ALA E 288 3.73 27.15 -0.30
C ALA E 288 3.36 27.00 -1.75
N GLY E 289 2.17 26.47 -2.00
CA GLY E 289 1.57 26.49 -3.31
C GLY E 289 0.35 27.39 -3.26
N LEU E 290 -0.64 27.09 -4.10
CA LEU E 290 -1.89 27.85 -4.05
C LEU E 290 -2.63 27.56 -2.76
N SER E 291 -2.65 26.29 -2.38
CA SER E 291 -3.51 25.81 -1.31
C SER E 291 -2.77 25.33 -0.09
N ASP E 292 -1.63 24.69 -0.30
CA ASP E 292 -0.94 24.04 0.78
C ASP E 292 0.37 24.72 1.16
N CYS E 293 0.83 24.48 2.39
CA CYS E 293 2.11 24.95 2.83
C CYS E 293 2.82 23.89 3.64
N MSE E 294 4.04 23.56 3.21
CA MSE E 294 4.86 22.60 3.92
C MSE E 294 5.80 23.38 4.83
O MSE E 294 6.16 24.50 4.52
CB MSE E 294 5.66 21.76 2.94
CG MSE E 294 4.85 21.24 1.76
SE MSE E 294 3.42 20.01 2.27
CE MSE E 294 4.52 18.59 3.06
N ILE E 295 6.19 22.79 5.95
CA ILE E 295 7.17 23.43 6.81
C ILE E 295 8.23 22.46 7.28
N GLN E 296 9.44 22.98 7.50
CA GLN E 296 10.48 22.23 8.17
C GLN E 296 11.14 23.13 9.24
N ALA E 297 10.74 22.95 10.48
CA ALA E 297 11.38 23.63 11.61
C ALA E 297 12.85 23.31 11.60
N ARG E 298 13.68 24.21 12.11
CA ARG E 298 15.11 23.97 12.10
C ARG E 298 15.48 22.65 12.81
N GLN E 299 14.69 22.27 13.81
CA GLN E 299 14.93 21.08 14.60
C GLN E 299 14.69 19.83 13.78
N ALA E 300 13.96 19.98 12.68
CA ALA E 300 13.60 18.84 11.86
C ALA E 300 14.56 18.72 10.68
N THR E 301 15.50 19.66 10.58
CA THR E 301 16.37 19.69 9.43
C THR E 301 17.30 18.50 9.52
N PRO E 302 17.37 17.69 8.45
CA PRO E 302 18.25 16.52 8.55
C PRO E 302 19.69 16.93 8.23
N ARG E 303 20.59 15.96 8.20
CA ARG E 303 21.98 16.27 7.95
C ARG E 303 22.57 15.41 6.83
N PRO E 304 22.28 15.78 5.58
CA PRO E 304 22.97 15.15 4.43
C PRO E 304 24.40 15.67 4.26
N VAL E 305 25.27 14.85 3.71
CA VAL E 305 26.58 15.32 3.24
C VAL E 305 26.72 15.00 1.73
N TRP E 306 27.44 15.85 1.00
CA TRP E 306 27.62 15.67 -0.44
C TRP E 306 28.40 14.38 -0.77
N ASN E 307 27.85 13.56 -1.67
CA ASN E 307 28.37 12.21 -1.91
C ASN E 307 27.70 11.53 -3.11
N PRO E 308 28.25 11.70 -4.33
CA PRO E 308 27.70 11.09 -5.55
C PRO E 308 27.22 9.64 -5.40
N LEU E 313 18.04 8.61 -3.04
CA LEU E 313 17.47 7.51 -2.25
C LEU E 313 16.72 8.02 -1.02
N HIS E 314 17.31 8.99 -0.31
CA HIS E 314 16.63 9.71 0.77
C HIS E 314 15.51 10.56 0.15
N ASP E 315 14.38 10.62 0.83
CA ASP E 315 13.24 11.41 0.38
C ASP E 315 13.16 12.77 1.13
N PHE E 316 13.75 13.80 0.54
CA PHE E 316 13.78 15.13 1.15
C PHE E 316 12.40 15.75 1.34
N TYR E 317 11.47 15.46 0.44
CA TYR E 317 10.08 15.89 0.57
C TYR E 317 9.44 15.37 1.85
N GLY E 318 9.89 14.20 2.30
CA GLY E 318 9.35 13.58 3.51
C GLY E 318 9.78 14.26 4.78
N ASP E 319 10.70 15.22 4.68
CA ASP E 319 11.26 15.85 5.87
C ASP E 319 10.43 17.08 6.24
N TRP E 320 9.36 17.33 5.50
CA TRP E 320 8.51 18.47 5.76
C TRP E 320 7.16 18.04 6.31
N GLN E 321 6.47 18.96 6.95
CA GLN E 321 5.18 18.67 7.55
C GLN E 321 4.18 19.61 6.87
N LYS E 322 3.04 19.05 6.48
CA LYS E 322 2.00 19.83 5.83
C LYS E 322 1.14 20.51 6.87
N LEU E 323 1.02 21.83 6.76
CA LEU E 323 0.19 22.58 7.68
C LEU E 323 -1.27 22.14 7.61
N PRO E 324 -1.92 22.02 8.78
CA PRO E 324 -3.35 21.71 8.82
C PRO E 324 -4.19 22.88 8.33
N ASP E 325 -5.37 22.65 7.78
CA ASP E 325 -6.31 23.74 7.55
C ASP E 325 -7.12 23.94 8.81
N ASN E 326 -6.83 25.01 9.54
CA ASN E 326 -7.57 25.38 10.76
C ASN E 326 -8.76 26.34 10.58
N VAL E 327 -8.95 26.88 9.37
CA VAL E 327 -10.14 27.66 9.01
C VAL E 327 -10.64 27.17 7.67
N SER E 328 -11.84 27.64 7.30
CA SER E 328 -12.30 27.55 5.92
C SER E 328 -11.83 28.77 5.17
N TYR E 329 -11.25 28.53 3.99
CA TYR E 329 -10.84 29.61 3.10
C TYR E 329 -11.90 29.87 2.07
N ASP E 330 -12.33 31.13 2.00
CA ASP E 330 -13.25 31.51 0.97
C ASP E 330 -12.54 31.96 -0.28
N ASN E 331 -13.31 32.08 -1.37
CA ASN E 331 -12.77 32.68 -2.57
C ASN E 331 -12.09 34.00 -2.23
N GLY E 332 -10.81 34.09 -2.57
CA GLY E 332 -10.02 35.29 -2.37
C GLY E 332 -10.55 36.56 -3.00
N PHE E 333 -11.17 36.41 -4.17
CA PHE E 333 -11.78 37.55 -4.87
C PHE E 333 -13.00 38.03 -4.09
N LYS E 334 -13.92 37.11 -3.80
CA LYS E 334 -15.07 37.38 -2.93
C LYS E 334 -14.67 38.11 -1.64
N GLU E 335 -13.62 37.66 -0.96
CA GLU E 335 -13.17 38.29 0.29
C GLU E 335 -12.72 39.75 0.08
N GLN E 336 -11.98 40.02 -0.99
CA GLN E 336 -11.53 41.39 -1.20
C GLN E 336 -12.71 42.30 -1.56
N TRP E 337 -13.63 41.79 -2.38
CA TRP E 337 -14.88 42.48 -2.67
C TRP E 337 -15.60 42.91 -1.40
N GLU E 338 -15.77 41.99 -0.47
CA GLU E 338 -16.41 42.31 0.80
C GLU E 338 -15.64 43.37 1.59
N MSE E 339 -14.31 43.31 1.50
CA MSE E 339 -13.45 44.26 2.17
C MSE E 339 -13.59 45.65 1.58
O MSE E 339 -13.45 46.65 2.30
CB MSE E 339 -12.01 43.84 2.05
CG MSE E 339 -11.53 42.88 3.09
SE MSE E 339 -9.63 42.72 2.77
CE MSE E 339 -9.17 41.50 4.27
N PHE E 340 -13.79 45.71 0.27
CA PHE E 340 -13.93 46.97 -0.43
C PHE E 340 -15.30 47.57 -0.14
N ILE E 341 -16.33 46.72 -0.18
CA ILE E 341 -17.68 47.15 0.09
C ILE E 341 -17.84 47.69 1.51
N ARG E 342 -17.22 47.04 2.48
CA ARG E 342 -17.26 47.52 3.87
C ARG E 342 -16.54 48.87 3.99
N HIS E 343 -15.37 48.96 3.38
CA HIS E 343 -14.62 50.20 3.28
C HIS E 343 -15.49 51.35 2.74
N VAL E 344 -16.30 51.06 1.75
CA VAL E 344 -17.14 52.04 1.10
C VAL E 344 -18.31 52.44 2.01
N TYR E 345 -18.88 51.44 2.69
CA TYR E 345 -20.14 51.61 3.40
C TYR E 345 -20.05 51.81 4.92
N GLU E 346 -18.86 51.66 5.49
CA GLU E 346 -18.66 51.85 6.94
C GLU E 346 -17.24 52.18 7.36
N ASP E 347 -16.47 52.78 6.45
CA ASP E 347 -15.10 53.23 6.75
C ASP E 347 -14.14 52.14 7.21
N ALA E 348 -14.35 50.92 6.74
CA ALA E 348 -13.47 49.81 7.12
C ALA E 348 -12.03 50.11 6.71
N PRO E 349 -11.05 49.64 7.51
CA PRO E 349 -9.65 49.75 7.06
C PRO E 349 -9.43 49.05 5.71
N TYR E 350 -8.72 49.72 4.81
CA TYR E 350 -8.50 49.17 3.49
C TYR E 350 -7.14 49.60 2.94
N LYS E 351 -6.19 48.68 2.93
CA LYS E 351 -4.85 48.93 2.36
C LYS E 351 -4.88 49.01 0.82
N PHE E 352 -5.82 48.29 0.20
CA PHE E 352 -5.70 47.91 -1.20
C PHE E 352 -6.22 48.90 -2.23
N THR E 353 -5.88 50.17 -2.01
CA THR E 353 -6.26 51.27 -2.91
C THR E 353 -5.47 51.25 -4.22
N LEU E 354 -5.84 52.11 -5.17
CA LEU E 354 -5.18 52.20 -6.48
C LEU E 354 -3.68 52.53 -6.38
N LEU E 355 -3.29 53.24 -5.33
CA LEU E 355 -1.88 53.49 -5.06
C LEU E 355 -1.09 52.17 -5.08
N GLU E 356 -1.63 51.15 -4.42
CA GLU E 356 -0.99 49.84 -4.43
C GLU E 356 -0.85 49.32 -5.86
N GLY E 357 -1.91 49.48 -6.64
CA GLY E 357 -1.87 49.17 -8.06
C GLY E 357 -0.78 49.94 -8.79
N ALA E 358 -0.69 51.24 -8.51
CA ALA E 358 0.37 52.07 -9.08
C ALA E 358 1.78 51.57 -8.71
N LYS E 359 2.00 51.21 -7.44
CA LYS E 359 3.27 50.57 -7.03
C LYS E 359 3.57 49.34 -7.91
N GLY E 360 2.53 48.58 -8.22
CA GLY E 360 2.62 47.39 -9.05
C GLY E 360 3.12 47.70 -10.45
N VAL E 361 2.55 48.72 -11.09
CA VAL E 361 3.01 49.13 -12.42
C VAL E 361 4.45 49.70 -12.40
N GLN E 362 4.82 50.37 -11.30
CA GLN E 362 6.17 50.93 -11.17
C GLN E 362 7.25 49.84 -11.16
N LEU E 363 7.05 48.80 -10.35
CA LEU E 363 8.02 47.69 -10.34
C LEU E 363 8.13 47.01 -11.73
N ALA E 364 7.01 46.89 -12.45
CA ALA E 364 7.07 46.27 -13.79
C ALA E 364 7.98 47.10 -14.69
N GLU E 365 7.73 48.41 -14.72
CA GLU E 365 8.57 49.35 -15.44
C GLU E 365 10.02 49.34 -14.98
N CYS E 366 10.24 49.28 -13.66
CA CYS E 366 11.59 49.14 -13.14
C CYS E 366 12.23 47.86 -13.67
N ALA E 367 11.47 46.76 -13.63
CA ALA E 367 11.95 45.48 -14.17
C ALA E 367 12.29 45.52 -15.68
N LEU E 368 11.41 46.05 -16.52
CA LEU E 368 11.69 46.15 -17.97
C LEU E 368 12.89 47.05 -18.29
N LYS E 369 13.03 48.11 -17.51
CA LYS E 369 14.16 49.00 -17.60
C LYS E 369 15.42 48.26 -17.24
N SER E 370 15.32 47.42 -16.21
CA SER E 370 16.48 46.69 -15.72
C SER E 370 16.96 45.76 -16.81
N TRP E 371 16.00 45.12 -17.48
CA TRP E 371 16.28 44.29 -18.62
C TRP E 371 16.98 45.12 -19.68
N LYS E 372 16.34 46.22 -20.08
CA LYS E 372 16.82 47.05 -21.19
C LYS E 372 18.22 47.60 -20.97
N GLU E 373 18.50 48.09 -19.77
CA GLU E 373 19.77 48.75 -19.47
C GLU E 373 20.74 47.81 -18.79
N ARG E 374 20.34 46.55 -18.63
CA ARG E 374 21.22 45.46 -18.18
C ARG E 374 21.78 45.60 -16.76
N ARG E 375 20.99 46.17 -15.87
CA ARG E 375 21.50 46.53 -14.55
C ARG E 375 20.42 46.48 -13.47
N TRP E 376 20.82 46.57 -12.21
CA TRP E 376 19.85 46.68 -11.14
C TRP E 376 19.23 48.06 -11.17
N ILE E 377 17.94 48.14 -10.89
CA ILE E 377 17.18 49.39 -10.92
C ILE E 377 16.52 49.58 -9.56
N ASP E 378 16.84 50.69 -8.91
CA ASP E 378 16.28 50.99 -7.60
C ASP E 378 14.88 51.50 -7.75
N VAL E 379 14.02 51.17 -6.81
CA VAL E 379 12.63 51.60 -6.86
C VAL E 379 12.51 52.89 -6.05
N ALA E 380 12.32 53.99 -6.77
CA ALA E 380 12.20 55.32 -6.17
C ALA E 380 10.93 55.40 -5.33
N PRO E 381 10.96 56.23 -4.27
CA PRO E 381 9.69 56.43 -3.54
C PRO E 381 8.72 57.31 -4.35
N ILE E 382 7.45 57.24 -4.00
CA ILE E 382 6.45 58.00 -4.72
C ILE E 382 6.32 59.39 -4.07
N LYS E 383 7.28 60.24 -4.43
CA LYS E 383 7.53 61.57 -3.82
C LYS E 383 7.41 61.61 -2.29
N THR F 3 -53.13 -9.80 -22.27
CA THR F 3 -51.68 -9.77 -21.88
C THR F 3 -51.50 -10.16 -20.41
N THR F 4 -52.22 -9.45 -19.53
CA THR F 4 -52.18 -9.70 -18.08
C THR F 4 -53.17 -10.79 -17.68
N GLN F 5 -52.67 -11.83 -17.03
CA GLN F 5 -53.53 -12.81 -16.39
C GLN F 5 -53.46 -12.68 -14.85
N ARG F 6 -54.61 -12.82 -14.21
CA ARG F 6 -54.76 -12.61 -12.76
C ARG F 6 -54.49 -13.91 -11.99
N LEU F 7 -53.62 -13.82 -10.98
CA LEU F 7 -53.36 -14.92 -10.06
C LEU F 7 -53.77 -14.53 -8.65
N GLY F 8 -54.89 -15.10 -8.20
CA GLY F 8 -55.38 -14.90 -6.84
C GLY F 8 -54.54 -15.74 -5.91
N LEU F 9 -53.90 -15.07 -4.95
CA LEU F 9 -52.92 -15.72 -4.10
C LEU F 9 -53.17 -15.37 -2.63
N ILE F 10 -53.44 -16.39 -1.83
CA ILE F 10 -53.56 -16.23 -0.37
C ILE F 10 -52.17 -16.32 0.26
N MSE F 11 -51.79 -15.26 0.98
CA MSE F 11 -50.52 -15.25 1.70
C MSE F 11 -50.70 -15.18 3.20
O MSE F 11 -51.11 -14.16 3.74
CB MSE F 11 -49.65 -14.10 1.22
CG MSE F 11 -49.18 -14.25 -0.19
SE MSE F 11 -47.88 -12.89 -0.69
CE MSE F 11 -48.93 -11.29 -0.39
N ASN F 12 -50.40 -16.29 3.87
CA ASN F 12 -50.61 -16.37 5.31
C ASN F 12 -49.43 -15.85 6.16
N GLY F 13 -48.23 -16.30 5.84
CA GLY F 13 -47.09 -16.02 6.73
C GLY F 13 -46.53 -14.61 6.79
N VAL F 14 -47.01 -13.72 5.91
CA VAL F 14 -46.54 -12.34 5.84
C VAL F 14 -46.78 -11.62 7.18
N THR F 15 -46.10 -10.49 7.37
CA THR F 15 -45.91 -9.83 8.69
C THR F 15 -44.66 -10.39 9.42
N GLY F 16 -44.50 -11.71 9.42
CA GLY F 16 -43.31 -12.37 9.95
C GLY F 16 -42.05 -11.89 9.26
N ARG F 17 -40.89 -12.13 9.88
CA ARG F 17 -39.59 -11.63 9.39
C ARG F 17 -39.27 -11.94 7.92
N MSE F 18 -39.52 -13.17 7.49
CA MSE F 18 -39.25 -13.53 6.10
C MSE F 18 -40.48 -13.49 5.21
O MSE F 18 -40.38 -13.26 4.00
CB MSE F 18 -38.58 -14.90 6.02
CG MSE F 18 -37.10 -14.86 6.34
SE MSE F 18 -36.13 -16.37 5.56
CE MSE F 18 -37.00 -17.86 6.54
N GLY F 19 -41.65 -13.70 5.82
CA GLY F 19 -42.92 -13.58 5.15
C GLY F 19 -43.12 -12.16 4.69
N LEU F 20 -42.72 -11.22 5.52
CA LEU F 20 -42.73 -9.80 5.18
C LEU F 20 -41.59 -9.45 4.24
N ASN F 21 -40.36 -9.70 4.67
CA ASN F 21 -39.18 -9.19 3.99
C ASN F 21 -38.87 -9.87 2.66
N GLN F 22 -38.72 -11.19 2.69
CA GLN F 22 -38.29 -11.94 1.53
C GLN F 22 -39.44 -12.30 0.59
N HIS F 23 -40.61 -12.60 1.14
CA HIS F 23 -41.74 -13.02 0.28
C HIS F 23 -42.65 -11.88 -0.15
N LEU F 24 -43.37 -11.25 0.77
CA LEU F 24 -44.26 -10.14 0.38
C LEU F 24 -43.49 -9.03 -0.35
N ILE F 25 -42.54 -8.39 0.34
CA ILE F 25 -41.80 -7.25 -0.21
C ILE F 25 -40.92 -7.64 -1.40
N ARG F 26 -40.00 -8.58 -1.16
CA ARG F 26 -38.92 -8.85 -2.11
C ARG F 26 -39.27 -9.85 -3.20
N SER F 27 -40.36 -10.58 -3.05
CA SER F 27 -40.80 -11.47 -4.12
C SER F 27 -42.06 -10.97 -4.82
N ILE F 28 -43.19 -10.93 -4.09
CA ILE F 28 -44.47 -10.62 -4.72
C ILE F 28 -44.62 -9.15 -5.10
N VAL F 29 -44.33 -8.23 -4.17
CA VAL F 29 -44.49 -6.80 -4.43
C VAL F 29 -43.58 -6.42 -5.58
N ALA F 30 -42.34 -6.92 -5.53
CA ALA F 30 -41.39 -6.76 -6.61
C ALA F 30 -41.94 -7.27 -7.95
N ILE F 31 -42.65 -8.41 -7.91
CA ILE F 31 -43.19 -9.00 -9.13
C ILE F 31 -44.35 -8.18 -9.68
N ARG F 32 -45.17 -7.62 -8.79
CA ARG F 32 -46.21 -6.69 -9.19
C ARG F 32 -45.58 -5.46 -9.86
N ASP F 33 -44.58 -4.90 -9.19
CA ASP F 33 -43.88 -3.71 -9.69
C ASP F 33 -43.23 -3.92 -11.05
N GLN F 34 -42.70 -5.12 -11.30
CA GLN F 34 -42.13 -5.51 -12.58
C GLN F 34 -43.18 -5.68 -13.68
N GLY F 35 -44.43 -5.92 -13.27
CA GLY F 35 -45.54 -6.10 -14.21
C GLY F 35 -46.07 -7.53 -14.26
N GLY F 36 -45.51 -8.40 -13.42
CA GLY F 36 -45.88 -9.82 -13.40
C GLY F 36 -44.76 -10.74 -13.88
N VAL F 37 -45.04 -12.03 -13.89
CA VAL F 37 -44.04 -13.03 -14.29
C VAL F 37 -44.18 -13.29 -15.79
N ARG F 38 -43.08 -13.07 -16.53
CA ARG F 38 -43.12 -13.24 -17.99
C ARG F 38 -43.19 -14.72 -18.36
N LEU F 39 -44.11 -15.04 -19.27
CA LEU F 39 -44.23 -16.40 -19.80
C LEU F 39 -43.53 -16.55 -21.15
N LYS F 40 -43.18 -17.79 -21.49
CA LYS F 40 -42.44 -18.11 -22.72
C LYS F 40 -43.11 -17.56 -23.97
N ASN F 41 -44.43 -17.72 -24.06
CA ASN F 41 -45.20 -17.20 -25.19
C ASN F 41 -45.41 -15.69 -25.13
N GLY F 42 -44.69 -15.03 -24.23
CA GLY F 42 -44.68 -13.56 -24.15
C GLY F 42 -45.92 -12.90 -23.58
N ASP F 43 -46.52 -13.50 -22.55
CA ASP F 43 -47.50 -12.80 -21.70
C ASP F 43 -47.22 -12.94 -20.19
N ARG F 44 -47.90 -12.11 -19.38
CA ARG F 44 -47.48 -11.87 -18.00
C ARG F 44 -48.53 -12.28 -16.98
N ILE F 45 -48.06 -12.94 -15.92
CA ILE F 45 -48.92 -13.39 -14.82
C ILE F 45 -48.86 -12.40 -13.64
N MSE F 46 -49.96 -11.68 -13.43
CA MSE F 46 -50.05 -10.70 -12.36
C MSE F 46 -50.65 -11.25 -11.08
O MSE F 46 -51.81 -11.65 -11.07
CB MSE F 46 -50.85 -9.47 -12.81
CG MSE F 46 -49.99 -8.27 -13.18
SE MSE F 46 -48.95 -7.55 -11.68
CE MSE F 46 -48.79 -5.69 -12.30
N PRO F 47 -49.86 -11.29 -10.00
CA PRO F 47 -50.36 -11.80 -8.74
C PRO F 47 -51.22 -10.78 -8.00
N ASP F 48 -52.44 -11.20 -7.66
CA ASP F 48 -53.35 -10.48 -6.78
C ASP F 48 -53.34 -11.18 -5.41
N PRO F 49 -52.56 -10.65 -4.46
CA PRO F 49 -52.46 -11.30 -3.17
C PRO F 49 -53.54 -10.86 -2.20
N ILE F 50 -54.01 -11.79 -1.38
CA ILE F 50 -54.82 -11.45 -0.21
C ILE F 50 -53.97 -11.76 1.02
N LEU F 51 -53.75 -10.76 1.87
CA LEU F 51 -52.94 -10.92 3.06
C LEU F 51 -53.84 -11.45 4.19
N VAL F 52 -53.36 -12.46 4.92
CA VAL F 52 -54.17 -13.08 5.97
C VAL F 52 -53.82 -12.60 7.37
N GLY F 53 -52.73 -13.13 7.93
CA GLY F 53 -52.26 -12.67 9.23
C GLY F 53 -53.17 -12.85 10.44
N ARG F 54 -52.57 -12.60 11.61
CA ARG F 54 -53.20 -12.81 12.92
C ARG F 54 -54.27 -11.77 13.27
N SER F 55 -53.87 -10.51 13.37
CA SER F 55 -54.77 -9.42 13.79
C SER F 55 -55.07 -8.41 12.67
N ALA F 56 -56.32 -7.97 12.63
CA ALA F 56 -56.86 -7.11 11.57
C ALA F 56 -56.18 -5.74 11.41
N GLU F 57 -55.68 -5.20 12.52
CA GLU F 57 -55.10 -3.86 12.55
C GLU F 57 -53.74 -3.85 11.84
N LYS F 58 -53.01 -4.96 11.97
CA LYS F 58 -51.67 -5.09 11.37
C LYS F 58 -51.74 -5.28 9.86
N VAL F 59 -52.60 -6.17 9.39
CA VAL F 59 -52.69 -6.48 7.96
C VAL F 59 -53.27 -5.33 7.12
N GLU F 60 -54.14 -4.50 7.72
CA GLU F 60 -54.64 -3.33 7.02
C GLU F 60 -53.51 -2.32 6.84
N ALA F 61 -52.70 -2.15 7.89
CA ALA F 61 -51.56 -1.24 7.86
C ALA F 61 -50.54 -1.66 6.79
N LEU F 62 -50.43 -2.97 6.59
CA LEU F 62 -49.53 -3.55 5.60
C LEU F 62 -50.09 -3.45 4.17
N ALA F 63 -51.38 -3.74 4.01
CA ALA F 63 -52.04 -3.58 2.71
C ALA F 63 -51.96 -2.13 2.21
N LYS F 64 -52.10 -1.19 3.15
CA LYS F 64 -51.99 0.25 2.87
C LYS F 64 -50.57 0.64 2.52
N ARG F 65 -49.61 0.07 3.25
CA ARG F 65 -48.19 0.30 3.05
C ARG F 65 -47.75 -0.13 1.65
N PHE F 66 -48.37 -1.17 1.11
CA PHE F 66 -47.94 -1.73 -0.18
C PHE F 66 -48.93 -1.63 -1.35
N ASN F 67 -50.04 -0.92 -1.10
CA ASN F 67 -51.08 -0.68 -2.13
C ASN F 67 -51.79 -1.93 -2.60
N ILE F 68 -51.93 -2.88 -1.68
CA ILE F 68 -52.65 -4.11 -1.92
C ILE F 68 -54.07 -3.91 -1.40
N ALA F 69 -55.04 -4.18 -2.25
CA ALA F 69 -56.43 -3.92 -1.90
C ALA F 69 -57.02 -4.97 -0.95
N ARG F 70 -56.47 -6.19 -0.98
CA ARG F 70 -57.10 -7.32 -0.27
C ARG F 70 -56.37 -7.80 0.98
N TRP F 71 -57.15 -7.98 2.06
CA TRP F 71 -56.67 -8.40 3.39
C TRP F 71 -57.84 -8.92 4.24
N THR F 72 -57.65 -10.03 4.95
CA THR F 72 -58.66 -10.52 5.92
C THR F 72 -58.03 -11.15 7.14
N THR F 73 -58.82 -11.36 8.18
CA THR F 73 -58.37 -12.06 9.38
C THR F 73 -58.96 -13.46 9.45
N ASP F 74 -59.90 -13.75 8.55
CA ASP F 74 -60.52 -15.07 8.53
C ASP F 74 -59.96 -15.97 7.43
N LEU F 75 -58.86 -16.65 7.78
CA LEU F 75 -58.13 -17.53 6.87
C LEU F 75 -59.02 -18.61 6.25
N ASP F 76 -59.92 -19.19 7.06
CA ASP F 76 -60.86 -20.21 6.58
C ASP F 76 -61.70 -19.73 5.38
N ALA F 77 -62.13 -18.47 5.42
CA ALA F 77 -62.96 -17.88 4.36
C ALA F 77 -62.13 -17.56 3.13
N ALA F 78 -60.91 -17.07 3.36
CA ALA F 78 -59.95 -16.77 2.28
C ALA F 78 -59.57 -18.03 1.50
N LEU F 79 -59.51 -19.17 2.19
CA LEU F 79 -59.30 -20.47 1.56
C LEU F 79 -60.57 -21.04 0.91
N ALA F 80 -61.73 -20.58 1.36
CA ALA F 80 -62.99 -21.02 0.78
C ALA F 80 -63.28 -20.32 -0.55
N ASP F 81 -62.62 -19.19 -0.79
CA ASP F 81 -62.77 -18.43 -2.04
C ASP F 81 -62.26 -19.24 -3.23
N LYS F 82 -63.17 -19.64 -4.11
CA LYS F 82 -62.85 -20.48 -5.27
C LYS F 82 -62.23 -19.67 -6.42
N ASN F 83 -62.31 -18.35 -6.33
CA ASN F 83 -61.72 -17.45 -7.31
C ASN F 83 -60.19 -17.31 -7.17
N ASP F 84 -59.69 -17.44 -5.94
CA ASP F 84 -58.24 -17.47 -5.67
C ASP F 84 -57.69 -18.89 -5.82
N THR F 85 -56.53 -19.02 -6.45
CA THR F 85 -56.06 -20.31 -6.93
C THR F 85 -54.73 -20.81 -6.34
N MSE F 86 -54.13 -20.03 -5.45
CA MSE F 86 -52.82 -20.37 -4.90
C MSE F 86 -52.74 -20.02 -3.41
O MSE F 86 -53.28 -19.01 -2.98
CB MSE F 86 -51.71 -19.63 -5.66
CG MSE F 86 -50.69 -20.54 -6.31
SE MSE F 86 -48.96 -19.65 -6.64
CE MSE F 86 -48.32 -19.64 -4.81
N PHE F 87 -52.05 -20.87 -2.65
CA PHE F 87 -51.87 -20.64 -1.23
C PHE F 87 -50.42 -20.74 -0.76
N PHE F 88 -49.96 -19.66 -0.12
CA PHE F 88 -48.62 -19.60 0.45
C PHE F 88 -48.65 -19.50 1.97
N ASP F 89 -47.73 -20.21 2.61
CA ASP F 89 -47.61 -20.15 4.05
C ASP F 89 -46.17 -19.92 4.52
N ALA F 90 -46.02 -18.95 5.41
CA ALA F 90 -44.72 -18.65 6.06
C ALA F 90 -44.89 -18.37 7.55
N ALA F 91 -46.03 -18.79 8.10
CA ALA F 91 -46.31 -18.61 9.53
C ALA F 91 -45.77 -19.78 10.36
N THR F 92 -46.45 -20.11 11.47
CA THR F 92 -46.06 -21.22 12.36
C THR F 92 -45.93 -22.53 11.57
N THR F 93 -44.81 -23.23 11.77
CA THR F 93 -44.57 -24.49 11.03
C THR F 93 -45.32 -25.65 11.69
N GLN F 94 -45.61 -25.50 12.98
CA GLN F 94 -46.47 -26.46 13.68
C GLN F 94 -47.93 -26.44 13.16
N ALA F 95 -48.37 -25.31 12.59
CA ALA F 95 -49.70 -25.20 11.96
C ALA F 95 -49.73 -25.45 10.44
N ARG F 96 -48.56 -25.37 9.81
CA ARG F 96 -48.43 -25.40 8.32
C ARG F 96 -49.02 -26.62 7.58
N PRO F 97 -48.65 -27.87 7.96
CA PRO F 97 -49.15 -29.00 7.15
C PRO F 97 -50.68 -29.17 7.23
N GLY F 98 -51.28 -28.69 8.32
CA GLY F 98 -52.73 -28.66 8.44
C GLY F 98 -53.32 -27.68 7.44
N LEU F 99 -52.72 -26.50 7.38
CA LEU F 99 -53.14 -25.49 6.42
C LEU F 99 -52.93 -25.90 4.96
N LEU F 100 -51.81 -26.55 4.67
CA LEU F 100 -51.53 -27.06 3.33
C LEU F 100 -52.57 -28.08 2.89
N THR F 101 -52.88 -29.01 3.78
CA THR F 101 -53.93 -30.02 3.58
C THR F 101 -55.22 -29.32 3.19
N GLN F 102 -55.59 -28.30 3.97
CA GLN F 102 -56.83 -27.58 3.74
C GLN F 102 -56.82 -26.81 2.41
N ALA F 103 -55.63 -26.38 1.99
CA ALA F 103 -55.43 -25.77 0.68
C ALA F 103 -55.57 -26.79 -0.47
N ILE F 104 -54.94 -27.95 -0.31
CA ILE F 104 -55.06 -29.04 -1.29
C ILE F 104 -56.51 -29.56 -1.32
N ASN F 105 -57.07 -29.77 -0.13
CA ASN F 105 -58.47 -30.17 0.04
C ASN F 105 -59.51 -29.15 -0.43
N ALA F 106 -59.08 -28.24 -1.31
CA ALA F 106 -59.91 -27.14 -1.79
C ALA F 106 -59.66 -26.85 -3.26
N GLY F 107 -58.55 -27.38 -3.79
CA GLY F 107 -58.14 -27.15 -5.18
C GLY F 107 -57.17 -25.99 -5.31
N LYS F 108 -56.36 -25.76 -4.28
CA LYS F 108 -55.38 -24.68 -4.32
C LYS F 108 -53.98 -25.22 -4.64
N HIS F 109 -53.28 -24.55 -5.56
CA HIS F 109 -51.86 -24.78 -5.70
C HIS F 109 -51.18 -24.29 -4.42
N VAL F 110 -50.05 -24.91 -4.09
CA VAL F 110 -49.43 -24.74 -2.79
C VAL F 110 -47.93 -24.39 -2.84
N TYR F 111 -47.58 -23.28 -2.20
CA TYR F 111 -46.19 -22.88 -1.97
C TYR F 111 -45.98 -22.58 -0.46
N CYS F 112 -44.84 -22.99 0.08
CA CYS F 112 -44.58 -22.81 1.51
C CYS F 112 -43.11 -22.73 1.92
N GLU F 113 -42.88 -22.12 3.08
CA GLU F 113 -41.57 -21.98 3.67
C GLU F 113 -41.05 -23.27 4.30
N LYS F 114 -39.81 -23.22 4.80
CA LYS F 114 -39.12 -24.35 5.43
C LYS F 114 -39.40 -24.40 6.94
N PRO F 115 -39.80 -25.57 7.48
CA PRO F 115 -40.11 -26.84 6.83
C PRO F 115 -41.60 -27.03 6.53
N ILE F 116 -41.94 -28.11 5.84
CA ILE F 116 -43.31 -28.38 5.43
C ILE F 116 -44.11 -29.10 6.52
N ALA F 117 -43.40 -29.70 7.47
CA ALA F 117 -44.02 -30.39 8.60
C ALA F 117 -43.08 -30.42 9.80
N THR F 118 -43.60 -30.85 10.94
CA THR F 118 -42.81 -30.94 12.16
C THR F 118 -42.24 -32.36 12.32
N ASN F 119 -42.74 -33.30 11.51
CA ASN F 119 -42.22 -34.66 11.45
C ASN F 119 -42.42 -35.29 10.06
N PHE F 120 -41.73 -36.41 9.83
CA PHE F 120 -41.66 -37.07 8.53
C PHE F 120 -42.96 -37.75 8.08
N GLU F 121 -43.73 -38.29 9.02
CA GLU F 121 -44.99 -38.94 8.66
C GLU F 121 -45.98 -37.92 8.12
N GLU F 122 -45.93 -36.71 8.70
CA GLU F 122 -46.87 -35.64 8.41
C GLU F 122 -46.56 -34.93 7.10
N ALA F 123 -45.28 -34.88 6.77
CA ALA F 123 -44.82 -34.29 5.52
C ALA F 123 -45.15 -35.20 4.37
N LEU F 124 -44.80 -36.47 4.52
CA LEU F 124 -45.06 -37.50 3.53
C LEU F 124 -46.55 -37.63 3.24
N GLU F 125 -47.38 -37.34 4.24
CA GLU F 125 -48.84 -37.38 4.11
C GLU F 125 -49.36 -36.17 3.31
N VAL F 126 -48.73 -35.02 3.50
CA VAL F 126 -49.09 -33.81 2.77
C VAL F 126 -48.70 -33.94 1.32
N VAL F 127 -47.52 -34.52 1.07
CA VAL F 127 -47.04 -34.75 -0.29
C VAL F 127 -47.97 -35.67 -1.08
N LYS F 128 -48.32 -36.81 -0.49
CA LYS F 128 -49.22 -37.77 -1.15
C LYS F 128 -50.62 -37.23 -1.41
N LEU F 129 -51.12 -36.37 -0.52
CA LEU F 129 -52.42 -35.71 -0.74
C LEU F 129 -52.37 -34.79 -1.96
N ALA F 130 -51.32 -34.00 -2.06
CA ALA F 130 -51.14 -33.07 -3.18
C ALA F 130 -51.16 -33.80 -4.52
N ASN F 131 -50.48 -34.95 -4.57
CA ASN F 131 -50.43 -35.76 -5.80
C ASN F 131 -51.76 -36.39 -6.16
N SER F 132 -52.63 -36.56 -5.16
CA SER F 132 -53.96 -37.15 -5.34
C SER F 132 -54.91 -36.16 -6.02
N LYS F 133 -54.96 -34.94 -5.50
CA LYS F 133 -55.86 -33.90 -6.01
C LYS F 133 -55.31 -33.26 -7.30
N GLY F 134 -54.04 -33.53 -7.58
CA GLY F 134 -53.39 -33.05 -8.79
C GLY F 134 -53.17 -31.55 -8.79
N VAL F 135 -52.94 -30.98 -7.61
CA VAL F 135 -52.53 -29.58 -7.51
C VAL F 135 -51.02 -29.47 -7.69
N LYS F 136 -50.57 -28.31 -8.16
CA LYS F 136 -49.14 -28.03 -8.24
C LYS F 136 -48.63 -27.59 -6.88
N HIS F 137 -47.43 -28.04 -6.52
CA HIS F 137 -46.92 -27.81 -5.16
C HIS F 137 -45.41 -27.55 -5.13
N GLY F 138 -44.96 -26.76 -4.15
CA GLY F 138 -43.56 -26.36 -4.02
C GLY F 138 -43.20 -25.90 -2.62
N THR F 139 -41.91 -25.97 -2.31
CA THR F 139 -41.38 -25.51 -1.01
C THR F 139 -40.04 -24.78 -1.21
N VAL F 140 -39.80 -23.73 -0.42
CA VAL F 140 -38.57 -22.92 -0.54
C VAL F 140 -37.27 -23.73 -0.33
N GLN F 141 -36.27 -23.48 -1.19
CA GLN F 141 -34.95 -24.07 -1.03
C GLN F 141 -33.92 -22.96 -1.18
N ASP F 142 -33.92 -22.02 -0.25
CA ASP F 142 -33.16 -20.77 -0.40
C ASP F 142 -31.64 -20.90 -0.50
N LYS F 143 -31.02 -21.70 0.37
CA LYS F 143 -29.56 -21.90 0.34
C LYS F 143 -29.01 -22.11 -1.08
N LEU F 144 -29.79 -22.80 -1.92
CA LEU F 144 -29.35 -23.19 -3.25
C LEU F 144 -29.26 -22.01 -4.20
N PHE F 145 -29.90 -20.90 -3.82
CA PHE F 145 -29.95 -19.68 -4.62
C PHE F 145 -28.95 -18.61 -4.16
N LEU F 146 -28.13 -18.96 -3.17
CA LEU F 146 -27.02 -18.10 -2.76
C LEU F 146 -26.05 -18.03 -3.93
N PRO F 147 -25.57 -16.83 -4.25
CA PRO F 147 -24.66 -16.71 -5.37
C PRO F 147 -23.47 -17.66 -5.24
N GLY F 148 -23.01 -17.88 -4.01
CA GLY F 148 -21.89 -18.79 -3.75
C GLY F 148 -22.15 -20.19 -4.25
N LEU F 149 -23.34 -20.72 -3.97
CA LEU F 149 -23.64 -22.09 -4.36
C LEU F 149 -24.05 -22.29 -5.83
N LYS F 150 -24.51 -21.23 -6.49
CA LYS F 150 -24.80 -21.27 -7.93
C LYS F 150 -23.51 -21.38 -8.71
N LYS F 151 -22.47 -20.75 -8.18
CA LYS F 151 -21.14 -20.82 -8.74
C LYS F 151 -20.56 -22.24 -8.65
N ILE F 152 -20.86 -22.92 -7.55
CA ILE F 152 -20.45 -24.30 -7.36
C ILE F 152 -21.13 -25.09 -8.47
N ALA F 153 -22.44 -24.86 -8.63
CA ALA F 153 -23.23 -25.53 -9.64
C ALA F 153 -22.64 -25.23 -11.00
N PHE F 154 -22.29 -23.98 -11.20
CA PHE F 154 -21.69 -23.60 -12.47
C PHE F 154 -20.36 -24.31 -12.69
N LEU F 155 -19.62 -24.53 -11.61
CA LEU F 155 -18.31 -25.14 -11.72
C LEU F 155 -18.48 -26.62 -11.99
N ARG F 156 -19.39 -27.28 -11.26
CA ARG F 156 -19.71 -28.68 -11.56
C ARG F 156 -20.09 -28.78 -13.03
N ASP F 157 -21.09 -27.98 -13.43
CA ASP F 157 -21.65 -28.04 -14.78
C ASP F 157 -20.56 -27.94 -15.83
N SER F 158 -19.61 -27.04 -15.61
CA SER F 158 -18.66 -26.69 -16.65
C SER F 158 -17.44 -27.58 -16.64
N GLY F 159 -17.42 -28.59 -15.76
CA GLY F 159 -16.30 -29.52 -15.69
C GLY F 159 -15.09 -29.07 -14.88
N PHE F 160 -15.21 -28.02 -14.08
CA PHE F 160 -14.06 -27.52 -13.32
C PHE F 160 -13.43 -28.53 -12.35
N PHE F 161 -14.27 -29.27 -11.63
CA PHE F 161 -13.82 -30.24 -10.65
C PHE F 161 -13.22 -31.54 -11.19
N GLY F 162 -13.57 -31.93 -12.42
CA GLY F 162 -13.28 -33.28 -12.89
C GLY F 162 -14.24 -34.18 -12.13
N ARG F 163 -13.71 -35.16 -11.40
CA ARG F 163 -14.52 -35.99 -10.53
C ARG F 163 -14.51 -35.36 -9.13
N ILE F 164 -15.68 -34.91 -8.67
CA ILE F 164 -15.83 -34.37 -7.32
C ILE F 164 -15.46 -35.45 -6.31
N LEU F 165 -14.72 -35.07 -5.27
CA LEU F 165 -14.17 -36.04 -4.30
C LEU F 165 -14.74 -35.93 -2.91
N SER F 166 -14.74 -34.73 -2.34
CA SER F 166 -15.26 -34.54 -0.99
C SER F 166 -15.80 -33.14 -0.79
N VAL F 167 -16.73 -33.02 0.14
CA VAL F 167 -17.32 -31.75 0.47
C VAL F 167 -17.11 -31.45 1.97
N ARG F 168 -16.58 -30.27 2.27
CA ARG F 168 -16.39 -29.77 3.65
C ARG F 168 -17.22 -28.53 3.82
N GLY F 169 -18.18 -28.54 4.75
CA GLY F 169 -19.01 -27.38 5.00
C GLY F 169 -18.74 -26.87 6.39
N GLU F 170 -18.79 -25.56 6.60
CA GLU F 170 -18.66 -24.99 7.94
C GLU F 170 -19.71 -23.94 8.19
N PHE F 171 -20.67 -24.23 9.06
CA PHE F 171 -21.76 -23.31 9.24
C PHE F 171 -21.82 -22.70 10.62
N GLY F 172 -22.11 -21.40 10.63
CA GLY F 172 -22.63 -20.77 11.82
C GLY F 172 -21.70 -19.75 12.40
N TYR F 173 -22.09 -19.23 13.55
CA TYR F 173 -21.44 -18.07 14.15
C TYR F 173 -21.91 -18.00 15.58
N TRP F 174 -21.35 -17.12 16.38
CA TRP F 174 -21.68 -17.05 17.81
C TRP F 174 -23.00 -16.35 18.07
N VAL F 175 -24.03 -17.12 18.35
CA VAL F 175 -25.31 -16.52 18.76
C VAL F 175 -25.15 -16.18 20.23
N PHE F 176 -25.34 -14.90 20.54
CA PHE F 176 -25.11 -14.43 21.90
C PHE F 176 -26.10 -14.99 22.91
N GLU F 177 -25.61 -15.26 24.11
CA GLU F 177 -26.39 -15.96 25.11
C GLU F 177 -27.51 -15.09 25.63
N GLY F 178 -27.34 -13.78 25.52
CA GLY F 178 -28.36 -12.82 25.94
C GLY F 178 -27.96 -11.97 27.12
N GLY F 179 -27.00 -12.47 27.90
CA GLY F 179 -26.55 -11.79 29.12
C GLY F 179 -26.20 -10.33 28.90
N TRP F 180 -25.14 -10.09 28.13
CA TRP F 180 -24.65 -8.73 27.89
C TRP F 180 -25.12 -8.18 26.55
N GLN F 181 -25.22 -9.05 25.56
CA GLN F 181 -25.64 -8.62 24.24
C GLN F 181 -26.92 -9.34 23.86
N GLU F 182 -27.74 -8.67 23.06
CA GLU F 182 -29.02 -9.24 22.63
C GLU F 182 -28.74 -10.43 21.71
N ALA F 183 -29.42 -11.54 21.95
CA ALA F 183 -29.36 -12.71 21.08
C ALA F 183 -29.82 -12.36 19.68
N GLN F 184 -29.09 -12.82 18.65
CA GLN F 184 -29.47 -12.61 17.24
C GLN F 184 -30.63 -13.46 16.76
N ARG F 185 -30.88 -14.58 17.42
CA ARG F 185 -31.94 -15.49 16.99
C ARG F 185 -33.00 -15.65 18.08
N PRO F 186 -34.28 -15.86 17.67
CA PRO F 186 -35.36 -16.07 18.63
C PRO F 186 -35.05 -17.27 19.51
N SER F 187 -35.44 -17.16 20.78
CA SER F 187 -35.12 -18.13 21.83
C SER F 187 -35.71 -19.53 21.67
N TRP F 188 -36.80 -19.67 20.90
CA TRP F 188 -37.46 -20.97 20.76
C TRP F 188 -36.53 -21.97 20.11
N ASN F 189 -35.52 -21.45 19.42
CA ASN F 189 -34.51 -22.24 18.75
C ASN F 189 -33.64 -23.03 19.69
N TYR F 190 -33.70 -22.70 20.98
CA TYR F 190 -32.78 -23.26 21.97
C TYR F 190 -33.53 -24.04 23.00
N ARG F 191 -34.84 -24.11 22.83
CA ARG F 191 -35.67 -24.98 23.66
C ARG F 191 -36.16 -26.12 22.78
N ASP F 192 -35.97 -27.33 23.27
CA ASP F 192 -36.30 -28.53 22.51
C ASP F 192 -37.83 -28.69 22.37
N GLU F 193 -38.55 -28.34 23.44
CA GLU F 193 -39.99 -28.43 23.49
C GLU F 193 -40.69 -27.47 22.53
N ASP F 194 -39.96 -26.48 22.01
CA ASP F 194 -40.58 -25.52 21.11
C ASP F 194 -40.14 -25.77 19.68
N GLY F 195 -39.47 -26.90 19.48
CA GLY F 195 -39.01 -27.33 18.16
C GLY F 195 -37.70 -26.70 17.73
N GLY F 196 -36.87 -26.33 18.71
CA GLY F 196 -35.56 -25.74 18.42
C GLY F 196 -34.52 -26.83 18.21
N GLY F 197 -33.35 -26.44 17.72
CA GLY F 197 -32.26 -27.40 17.46
C GLY F 197 -31.59 -27.23 16.12
N ILE F 198 -30.26 -27.22 16.13
CA ILE F 198 -29.55 -26.93 14.89
C ILE F 198 -29.63 -28.08 13.87
N ILE F 199 -29.77 -29.33 14.32
CA ILE F 199 -29.87 -30.47 13.42
C ILE F 199 -31.19 -30.44 12.67
N LEU F 200 -32.29 -30.40 13.43
CA LEU F 200 -33.63 -30.30 12.86
C LEU F 200 -33.69 -29.14 11.86
N ASP F 201 -33.13 -28.00 12.24
CA ASP F 201 -33.06 -26.82 11.37
C ASP F 201 -32.15 -27.02 10.16
N MSE F 202 -30.87 -27.25 10.39
CA MSE F 202 -29.88 -27.14 9.30
C MSE F 202 -29.79 -28.40 8.43
O MSE F 202 -29.66 -28.28 7.22
CB MSE F 202 -28.50 -26.72 9.82
CG MSE F 202 -28.51 -25.39 10.57
SE MSE F 202 -29.46 -23.96 9.59
CE MSE F 202 -28.27 -23.78 8.04
N VAL F 203 -29.87 -29.59 9.03
CA VAL F 203 -29.77 -30.82 8.25
C VAL F 203 -30.86 -30.84 7.18
N CYS F 204 -31.95 -30.14 7.48
CA CYS F 204 -33.03 -29.94 6.54
C CYS F 204 -32.55 -29.15 5.32
N HIS F 205 -31.68 -28.17 5.55
CA HIS F 205 -31.09 -27.42 4.43
C HIS F 205 -30.10 -28.30 3.68
N TRP F 206 -29.28 -29.06 4.41
CA TRP F 206 -28.22 -29.84 3.81
C TRP F 206 -28.72 -30.91 2.84
N ARG F 207 -29.91 -31.46 3.08
CA ARG F 207 -30.49 -32.49 2.20
C ARG F 207 -30.49 -32.03 0.74
N TYR F 208 -30.97 -30.81 0.53
CA TYR F 208 -31.06 -30.30 -0.83
C TYR F 208 -29.75 -29.71 -1.36
N VAL F 209 -28.95 -29.13 -0.48
CA VAL F 209 -27.61 -28.67 -0.87
C VAL F 209 -26.79 -29.84 -1.41
N LEU F 210 -26.76 -30.95 -0.66
CA LEU F 210 -25.94 -32.09 -1.03
C LEU F 210 -26.51 -32.87 -2.21
N ASP F 211 -27.83 -33.08 -2.20
CA ASP F 211 -28.50 -33.81 -3.28
C ASP F 211 -28.30 -33.14 -4.62
N ASN F 212 -28.45 -31.81 -4.62
CA ASN F 212 -28.51 -31.09 -5.87
C ASN F 212 -27.15 -30.76 -6.44
N LEU F 213 -26.17 -30.53 -5.57
CA LEU F 213 -24.86 -30.10 -6.03
C LEU F 213 -23.89 -31.26 -6.19
N PHE F 214 -24.06 -32.31 -5.40
CA PHE F 214 -22.96 -33.23 -5.17
C PHE F 214 -23.25 -34.69 -5.41
N GLY F 215 -24.50 -35.09 -5.17
CA GLY F 215 -24.89 -36.49 -5.24
C GLY F 215 -25.98 -36.74 -4.21
N ASN F 216 -26.85 -37.71 -4.48
CA ASN F 216 -27.97 -38.04 -3.59
C ASN F 216 -27.47 -38.58 -2.25
N VAL F 217 -28.09 -38.15 -1.17
CA VAL F 217 -27.63 -38.52 0.18
C VAL F 217 -28.05 -39.96 0.51
N GLN F 218 -27.07 -40.84 0.71
CA GLN F 218 -27.34 -42.25 0.96
C GLN F 218 -27.38 -42.60 2.46
N SER F 219 -26.45 -42.05 3.23
CA SER F 219 -26.47 -42.21 4.69
C SER F 219 -25.80 -41.06 5.46
N VAL F 220 -25.98 -41.08 6.78
CA VAL F 220 -25.47 -40.04 7.64
C VAL F 220 -25.08 -40.61 9.01
N VAL F 221 -23.94 -40.13 9.52
CA VAL F 221 -23.69 -40.18 10.94
C VAL F 221 -23.64 -38.75 11.51
N CYS F 222 -24.35 -38.55 12.60
CA CYS F 222 -24.40 -37.24 13.23
C CYS F 222 -24.38 -37.32 14.75
N ILE F 223 -23.71 -36.36 15.37
CA ILE F 223 -23.79 -36.17 16.81
C ILE F 223 -24.06 -34.70 17.12
N GLY F 224 -24.96 -34.44 18.06
CA GLY F 224 -25.25 -33.09 18.50
C GLY F 224 -24.77 -32.87 19.92
N ASN F 225 -24.99 -31.66 20.43
CA ASN F 225 -24.64 -31.30 21.79
C ASN F 225 -25.23 -29.94 22.14
N THR F 226 -25.58 -29.76 23.42
CA THR F 226 -25.91 -28.45 23.99
C THR F 226 -24.68 -27.80 24.70
N ASP F 227 -24.03 -26.86 24.01
CA ASP F 227 -22.84 -26.18 24.56
C ASP F 227 -23.21 -25.16 25.65
N ILE F 228 -24.26 -24.38 25.44
CA ILE F 228 -24.63 -23.35 26.41
C ILE F 228 -25.90 -23.78 27.13
N PRO F 229 -25.79 -24.11 28.42
CA PRO F 229 -26.97 -24.62 29.12
C PRO F 229 -28.04 -23.55 29.37
N GLU F 230 -27.63 -22.33 29.70
CA GLU F 230 -28.57 -21.23 30.00
C GLU F 230 -28.45 -20.10 29.02
N ARG F 231 -29.58 -19.60 28.55
CA ARG F 231 -29.63 -18.43 27.68
C ARG F 231 -30.66 -17.44 28.22
N PHE F 232 -30.84 -16.32 27.51
CA PHE F 232 -31.78 -15.29 27.94
C PHE F 232 -32.82 -14.99 26.84
N ASP F 233 -34.08 -14.98 27.27
CA ASP F 233 -35.26 -14.54 26.52
C ASP F 233 -35.12 -13.24 25.77
N GLU F 234 -36.02 -13.04 24.80
CA GLU F 234 -36.26 -11.74 24.15
C GLU F 234 -36.63 -10.64 25.18
N GLN F 235 -37.09 -11.05 26.36
CA GLN F 235 -37.40 -10.11 27.43
C GLN F 235 -36.45 -10.24 28.63
N GLY F 236 -35.26 -10.79 28.36
CA GLY F 236 -34.21 -10.87 29.37
C GLY F 236 -34.43 -11.89 30.47
N LYS F 237 -35.25 -12.91 30.20
CA LYS F 237 -35.50 -13.95 31.18
C LYS F 237 -34.61 -15.18 30.98
N LYS F 238 -33.88 -15.55 32.03
CA LYS F 238 -33.08 -16.76 32.03
C LYS F 238 -33.96 -17.99 31.85
N TYR F 239 -33.55 -18.85 30.90
CA TYR F 239 -34.20 -20.14 30.67
C TYR F 239 -33.17 -21.23 30.36
N LYS F 240 -33.58 -22.49 30.50
CA LYS F 240 -32.70 -23.63 30.30
C LYS F 240 -32.75 -24.07 28.83
N ALA F 241 -31.62 -24.01 28.15
CA ALA F 241 -31.51 -24.39 26.75
C ALA F 241 -31.46 -25.90 26.63
N THR F 242 -32.46 -26.47 25.95
CA THR F 242 -32.63 -27.93 25.85
C THR F 242 -32.42 -28.49 24.44
N ALA F 243 -32.44 -27.62 23.44
CA ALA F 243 -32.14 -27.99 22.08
C ALA F 243 -30.64 -28.20 21.90
N ASP F 244 -30.27 -28.84 20.78
CA ASP F 244 -28.88 -28.94 20.40
C ASP F 244 -28.45 -27.66 19.70
N ASP F 245 -27.34 -27.08 20.14
CA ASP F 245 -26.82 -25.85 19.55
C ASP F 245 -25.55 -26.06 18.73
N SER F 246 -25.06 -27.29 18.72
CA SER F 246 -23.98 -27.71 17.83
C SER F 246 -24.22 -29.13 17.36
N ALA F 247 -23.73 -29.42 16.15
CA ALA F 247 -23.79 -30.77 15.58
C ALA F 247 -22.61 -30.97 14.63
N TYR F 248 -22.31 -32.23 14.35
CA TYR F 248 -21.17 -32.59 13.53
C TYR F 248 -21.61 -33.78 12.70
N ALA F 249 -21.87 -33.55 11.42
CA ALA F 249 -22.46 -34.61 10.60
C ALA F 249 -21.60 -34.98 9.42
N THR F 250 -21.45 -36.29 9.21
CA THR F 250 -20.83 -36.80 8.01
C THR F 250 -21.87 -37.50 7.13
N PHE F 251 -21.74 -37.35 5.82
CA PHE F 251 -22.74 -37.86 4.91
C PHE F 251 -22.09 -38.66 3.82
N GLN F 252 -22.78 -39.74 3.45
CA GLN F 252 -22.32 -40.56 2.35
C GLN F 252 -23.21 -40.24 1.19
N LEU F 253 -22.61 -39.71 0.13
CA LEU F 253 -23.38 -39.33 -1.05
C LEU F 253 -23.20 -40.39 -2.10
N GLU F 254 -24.14 -40.42 -3.04
CA GLU F 254 -24.08 -41.36 -4.16
C GLU F 254 -22.99 -40.97 -5.16
N GLY F 255 -22.12 -41.93 -5.47
CA GLY F 255 -20.99 -41.67 -6.37
C GLY F 255 -19.69 -41.80 -5.60
N GLY F 256 -19.80 -42.31 -4.37
CA GLY F 256 -18.67 -42.39 -3.45
C GLY F 256 -18.11 -41.02 -3.08
N VAL F 257 -18.97 -40.03 -2.84
CA VAL F 257 -18.50 -38.75 -2.36
C VAL F 257 -18.85 -38.61 -0.89
N ILE F 258 -17.87 -38.21 -0.08
CA ILE F 258 -18.15 -37.94 1.30
C ILE F 258 -18.23 -36.45 1.58
N ALA F 259 -19.21 -36.03 2.38
CA ALA F 259 -19.32 -34.65 2.82
C ALA F 259 -19.39 -34.55 4.35
N HIS F 260 -18.53 -33.73 4.93
CA HIS F 260 -18.67 -33.46 6.35
C HIS F 260 -19.10 -32.04 6.60
N ILE F 261 -20.14 -31.89 7.42
CA ILE F 261 -20.56 -30.56 7.81
C ILE F 261 -20.52 -30.36 9.32
N ASN F 262 -19.79 -29.33 9.73
CA ASN F 262 -19.81 -28.78 11.08
C ASN F 262 -20.83 -27.67 11.09
N MSE F 263 -21.63 -27.59 12.15
CA MSE F 263 -22.65 -26.58 12.25
C MSE F 263 -22.82 -26.21 13.70
O MSE F 263 -22.93 -27.10 14.56
CB MSE F 263 -23.96 -27.08 11.64
CG MSE F 263 -24.58 -28.29 12.35
SE MSE F 263 -25.95 -29.26 11.33
CE MSE F 263 -24.79 -30.68 10.66
N SER F 264 -22.83 -24.91 13.98
CA SER F 264 -22.93 -24.44 15.36
C SER F 264 -23.32 -22.98 15.52
N TRP F 265 -24.17 -22.69 16.50
CA TRP F 265 -24.40 -21.32 16.97
C TRP F 265 -23.40 -20.91 18.07
N VAL F 266 -22.41 -21.77 18.34
CA VAL F 266 -21.46 -21.57 19.43
C VAL F 266 -20.03 -21.68 18.90
N THR F 267 -19.81 -21.12 17.72
CA THR F 267 -18.51 -21.11 17.13
C THR F 267 -18.17 -19.72 16.61
N ARG F 268 -16.92 -19.31 16.75
CA ARG F 268 -16.51 -18.02 16.23
C ARG F 268 -15.96 -18.15 14.80
N VAL F 269 -16.13 -17.08 14.02
CA VAL F 269 -15.90 -17.12 12.57
C VAL F 269 -14.48 -16.75 12.15
N TYR F 270 -13.74 -17.71 11.62
CA TYR F 270 -12.38 -17.50 11.07
C TYR F 270 -12.33 -18.23 9.73
N ARG F 271 -13.05 -17.67 8.78
CA ARG F 271 -13.22 -18.22 7.46
C ARG F 271 -13.87 -17.09 6.63
N ASP F 272 -14.02 -17.28 5.32
CA ASP F 272 -14.58 -16.24 4.44
C ASP F 272 -16.00 -15.72 4.78
N ASP F 273 -16.84 -16.54 5.43
CA ASP F 273 -18.28 -16.21 5.56
C ASP F 273 -19.10 -17.10 6.53
N LEU F 274 -20.31 -16.64 6.84
CA LEU F 274 -21.18 -17.33 7.77
C LEU F 274 -21.45 -18.80 7.40
N VAL F 275 -21.37 -19.12 6.13
CA VAL F 275 -21.22 -20.50 5.75
C VAL F 275 -20.08 -20.65 4.76
N THR F 276 -19.59 -21.87 4.64
CA THR F 276 -18.46 -22.16 3.78
C THR F 276 -18.63 -23.59 3.29
N PHE F 277 -18.36 -23.82 2.02
CA PHE F 277 -18.35 -25.17 1.46
C PHE F 277 -17.14 -25.29 0.58
N GLN F 278 -16.21 -26.16 0.99
CA GLN F 278 -15.08 -26.50 0.15
C GLN F 278 -15.33 -27.80 -0.60
N VAL F 279 -15.31 -27.71 -1.93
CA VAL F 279 -15.48 -28.87 -2.77
C VAL F 279 -14.14 -29.18 -3.40
N ASP F 280 -13.65 -30.38 -3.15
CA ASP F 280 -12.39 -30.86 -3.70
C ASP F 280 -12.67 -31.86 -4.83
N GLY F 281 -12.03 -31.67 -5.96
CA GLY F 281 -12.20 -32.56 -7.08
C GLY F 281 -10.86 -32.97 -7.64
N THR F 282 -10.89 -33.82 -8.64
CA THR F 282 -9.67 -34.32 -9.22
C THR F 282 -8.90 -33.23 -9.96
N HIS F 283 -9.61 -32.27 -10.55
CA HIS F 283 -8.99 -31.27 -11.43
C HIS F 283 -8.94 -29.89 -10.81
N GLY F 284 -9.55 -29.72 -9.63
CA GLY F 284 -9.64 -28.41 -9.01
C GLY F 284 -10.54 -28.40 -7.80
N SER F 285 -10.40 -27.36 -6.97
CA SER F 285 -11.19 -27.18 -5.76
C SER F 285 -11.81 -25.81 -5.77
N ALA F 286 -12.85 -25.64 -4.95
CA ALA F 286 -13.51 -24.38 -4.80
C ALA F 286 -13.92 -24.21 -3.35
N VAL F 287 -13.91 -22.96 -2.87
CA VAL F 287 -14.46 -22.61 -1.57
C VAL F 287 -15.44 -21.47 -1.74
N ALA F 288 -16.69 -21.74 -1.42
CA ALA F 288 -17.72 -20.75 -1.62
C ALA F 288 -18.37 -20.38 -0.30
N GLY F 289 -18.65 -19.09 -0.13
CA GLY F 289 -19.42 -18.61 1.00
C GLY F 289 -20.81 -18.27 0.53
N LEU F 290 -21.44 -17.29 1.18
CA LEU F 290 -22.76 -16.84 0.74
C LEU F 290 -22.67 -16.29 -0.67
N SER F 291 -21.77 -15.34 -0.89
CA SER F 291 -21.73 -14.55 -2.13
C SER F 291 -20.58 -14.87 -3.07
N ASP F 292 -19.43 -15.26 -2.54
CA ASP F 292 -18.26 -15.43 -3.40
C ASP F 292 -17.81 -16.87 -3.50
N CYS F 293 -16.92 -17.14 -4.44
CA CYS F 293 -16.38 -18.46 -4.60
C CYS F 293 -14.93 -18.32 -5.06
N MSE F 294 -14.02 -19.03 -4.39
CA MSE F 294 -12.60 -19.05 -4.75
C MSE F 294 -12.28 -20.37 -5.40
O MSE F 294 -12.71 -21.43 -4.95
CB MSE F 294 -11.73 -18.89 -3.50
CG MSE F 294 -12.21 -17.83 -2.53
SE MSE F 294 -12.07 -16.04 -3.31
CE MSE F 294 -10.12 -15.91 -3.58
N ILE F 295 -11.50 -20.34 -6.47
CA ILE F 295 -11.13 -21.56 -7.18
C ILE F 295 -9.62 -21.75 -7.25
N GLN F 296 -9.19 -23.01 -7.21
CA GLN F 296 -7.81 -23.42 -7.48
C GLN F 296 -7.83 -24.67 -8.41
N ALA F 297 -7.65 -24.43 -9.70
CA ALA F 297 -7.50 -25.49 -10.67
C ALA F 297 -6.25 -26.27 -10.30
N ARG F 298 -6.19 -27.53 -10.69
CA ARG F 298 -5.10 -28.37 -10.26
C ARG F 298 -3.74 -27.84 -10.65
N GLN F 299 -3.65 -27.10 -11.75
CA GLN F 299 -2.36 -26.62 -12.25
C GLN F 299 -1.79 -25.47 -11.44
N ALA F 300 -2.59 -24.96 -10.50
CA ALA F 300 -2.25 -23.83 -9.64
C ALA F 300 -1.79 -24.30 -8.26
N THR F 301 -1.83 -25.61 -8.04
CA THR F 301 -1.60 -26.18 -6.74
C THR F 301 -0.11 -26.20 -6.47
N PRO F 302 0.31 -25.56 -5.37
CA PRO F 302 1.72 -25.54 -5.01
C PRO F 302 2.17 -26.89 -4.43
N ARG F 303 3.46 -27.04 -4.22
CA ARG F 303 4.04 -28.28 -3.72
C ARG F 303 4.67 -27.96 -2.37
N PRO F 304 3.83 -27.80 -1.33
CA PRO F 304 4.39 -27.28 -0.09
C PRO F 304 5.20 -28.31 0.70
N VAL F 305 6.11 -27.78 1.53
CA VAL F 305 6.95 -28.56 2.43
C VAL F 305 6.35 -28.64 3.85
N TRP F 306 6.14 -29.87 4.33
CA TRP F 306 5.86 -30.11 5.76
C TRP F 306 7.16 -29.95 6.55
N ASN F 307 7.36 -28.75 7.08
CA ASN F 307 8.54 -28.45 7.87
C ASN F 307 8.23 -27.53 9.05
N PRO F 308 8.03 -28.15 10.24
CA PRO F 308 7.85 -27.44 11.50
C PRO F 308 9.07 -26.60 11.87
N LYS F 311 11.88 -20.78 8.44
CA LYS F 311 10.48 -20.91 8.11
C LYS F 311 9.85 -19.53 7.87
N ARG F 312 9.20 -19.37 6.70
CA ARG F 312 8.53 -18.13 6.30
C ARG F 312 7.17 -18.40 5.64
N LEU F 313 6.13 -17.77 6.18
CA LEU F 313 4.75 -18.09 5.80
C LEU F 313 4.34 -17.71 4.35
N HIS F 314 4.37 -18.72 3.47
CA HIS F 314 3.62 -18.75 2.21
C HIS F 314 2.14 -18.55 2.57
N ASP F 315 1.43 -17.79 1.74
CA ASP F 315 0.02 -17.48 1.94
C ASP F 315 -0.83 -18.36 1.02
N PHE F 316 -1.32 -19.47 1.56
CA PHE F 316 -2.12 -20.42 0.78
C PHE F 316 -3.39 -19.81 0.18
N TYR F 317 -3.95 -18.78 0.81
CA TYR F 317 -5.13 -18.08 0.29
C TYR F 317 -4.78 -17.42 -1.03
N GLY F 318 -3.54 -16.97 -1.14
CA GLY F 318 -3.06 -16.34 -2.36
C GLY F 318 -3.09 -17.25 -3.56
N ASP F 319 -3.10 -18.56 -3.35
CA ASP F 319 -3.06 -19.50 -4.47
C ASP F 319 -4.43 -19.69 -5.10
N TRP F 320 -5.45 -19.05 -4.53
CA TRP F 320 -6.81 -19.23 -5.01
C TRP F 320 -7.26 -17.99 -5.74
N GLN F 321 -8.35 -18.11 -6.48
CA GLN F 321 -8.73 -17.06 -7.42
C GLN F 321 -10.22 -16.81 -7.31
N LYS F 322 -10.63 -15.57 -7.09
CA LYS F 322 -12.04 -15.23 -6.97
C LYS F 322 -12.74 -15.27 -8.32
N LEU F 323 -13.83 -16.05 -8.38
CA LEU F 323 -14.62 -16.16 -9.61
C LEU F 323 -15.22 -14.80 -9.93
N PRO F 324 -15.24 -14.42 -11.22
CA PRO F 324 -15.85 -13.12 -11.54
C PRO F 324 -17.36 -13.16 -11.41
N ASP F 325 -17.98 -12.02 -11.10
CA ASP F 325 -19.43 -11.90 -11.13
C ASP F 325 -19.90 -11.64 -12.56
N ASN F 326 -20.08 -12.70 -13.33
CA ASN F 326 -20.45 -12.59 -14.74
C ASN F 326 -21.95 -12.46 -14.96
N VAL F 327 -22.74 -12.58 -13.90
CA VAL F 327 -24.19 -12.32 -13.97
C VAL F 327 -24.69 -11.56 -12.75
N SER F 328 -25.86 -10.92 -12.93
CA SER F 328 -26.57 -10.30 -11.81
C SER F 328 -27.39 -11.37 -11.09
N TYR F 329 -27.28 -11.42 -9.77
CA TYR F 329 -28.01 -12.42 -8.99
C TYR F 329 -29.22 -11.80 -8.31
N ASP F 330 -30.41 -12.17 -8.81
CA ASP F 330 -31.67 -11.63 -8.31
C ASP F 330 -31.91 -12.18 -6.92
N ASN F 331 -32.83 -11.56 -6.18
CA ASN F 331 -33.25 -12.11 -4.92
C ASN F 331 -33.68 -13.58 -5.08
N GLY F 332 -33.04 -14.45 -4.30
CA GLY F 332 -33.24 -15.89 -4.42
C GLY F 332 -34.64 -16.37 -4.15
N PHE F 333 -35.38 -15.65 -3.32
CA PHE F 333 -36.76 -16.02 -3.02
C PHE F 333 -37.64 -15.62 -4.18
N LYS F 334 -37.44 -14.41 -4.70
CA LYS F 334 -38.13 -13.95 -5.89
C LYS F 334 -37.87 -14.89 -7.08
N GLU F 335 -36.60 -15.29 -7.29
CA GLU F 335 -36.26 -16.17 -8.42
C GLU F 335 -37.03 -17.48 -8.35
N GLN F 336 -37.15 -18.02 -7.13
CA GLN F 336 -37.85 -19.27 -6.90
C GLN F 336 -39.36 -19.15 -7.06
N TRP F 337 -39.93 -17.99 -6.67
CA TRP F 337 -41.35 -17.67 -6.88
C TRP F 337 -41.70 -17.69 -8.35
N GLU F 338 -40.83 -17.05 -9.14
CA GLU F 338 -41.03 -17.01 -10.58
C GLU F 338 -41.00 -18.42 -11.18
N MSE F 339 -40.09 -19.26 -10.70
CA MSE F 339 -40.00 -20.65 -11.17
C MSE F 339 -41.27 -21.43 -10.91
O MSE F 339 -41.72 -22.19 -11.77
CB MSE F 339 -38.83 -21.36 -10.50
CG MSE F 339 -37.46 -21.00 -11.04
SE MSE F 339 -36.10 -22.01 -10.07
CE MSE F 339 -36.47 -23.83 -10.75
N PHE F 340 -41.85 -21.25 -9.73
CA PHE F 340 -43.04 -21.99 -9.34
C PHE F 340 -44.28 -21.55 -10.11
N ILE F 341 -44.43 -20.24 -10.25
CA ILE F 341 -45.52 -19.63 -11.00
C ILE F 341 -45.47 -19.99 -12.48
N ARG F 342 -44.26 -20.14 -13.03
CA ARG F 342 -44.09 -20.60 -14.41
C ARG F 342 -44.35 -22.11 -14.55
N HIS F 343 -44.13 -22.85 -13.47
CA HIS F 343 -44.47 -24.27 -13.40
C HIS F 343 -45.98 -24.48 -13.47
N VAL F 344 -46.74 -23.59 -12.84
CA VAL F 344 -48.20 -23.68 -12.79
C VAL F 344 -48.85 -23.35 -14.14
N TYR F 345 -48.46 -22.22 -14.73
CA TYR F 345 -49.18 -21.65 -15.88
C TYR F 345 -48.62 -22.05 -17.24
N GLU F 346 -47.45 -22.70 -17.25
CA GLU F 346 -46.76 -23.02 -18.50
C GLU F 346 -46.18 -24.43 -18.50
N ASP F 347 -46.44 -25.16 -17.41
CA ASP F 347 -46.07 -26.57 -17.24
C ASP F 347 -44.58 -26.87 -17.52
N ALA F 348 -43.71 -26.01 -17.00
CA ALA F 348 -42.25 -26.14 -17.11
C ALA F 348 -41.69 -27.18 -16.13
N PRO F 349 -40.51 -27.75 -16.41
CA PRO F 349 -39.86 -28.68 -15.49
C PRO F 349 -39.52 -28.02 -14.15
N TYR F 350 -39.85 -28.71 -13.05
CA TYR F 350 -39.78 -28.10 -11.73
C TYR F 350 -39.53 -29.14 -10.65
N LYS F 351 -38.38 -29.03 -10.01
CA LYS F 351 -37.91 -30.02 -9.05
C LYS F 351 -38.38 -29.76 -7.62
N PHE F 352 -38.59 -28.50 -7.25
CA PHE F 352 -38.71 -28.13 -5.83
C PHE F 352 -40.11 -28.31 -5.27
N THR F 353 -40.68 -29.48 -5.52
CA THR F 353 -42.02 -29.85 -5.04
C THR F 353 -42.04 -30.01 -3.51
N LEU F 354 -43.17 -30.43 -2.96
CA LEU F 354 -43.24 -30.72 -1.52
C LEU F 354 -42.46 -31.96 -1.12
N LEU F 355 -42.26 -32.85 -2.10
CA LEU F 355 -41.47 -34.07 -1.89
C LEU F 355 -40.07 -33.74 -1.36
N GLU F 356 -39.46 -32.69 -1.90
CA GLU F 356 -38.18 -32.19 -1.42
C GLU F 356 -38.22 -31.72 0.05
N GLY F 357 -39.34 -31.10 0.43
CA GLY F 357 -39.54 -30.63 1.80
C GLY F 357 -39.65 -31.81 2.76
N ALA F 358 -40.17 -32.92 2.27
CA ALA F 358 -40.25 -34.13 3.03
C ALA F 358 -38.87 -34.78 3.16
N LYS F 359 -38.14 -34.84 2.04
CA LYS F 359 -36.78 -35.43 2.01
C LYS F 359 -35.83 -34.68 2.95
N GLY F 360 -36.16 -33.41 3.20
CA GLY F 360 -35.41 -32.58 4.12
C GLY F 360 -35.60 -33.03 5.55
N VAL F 361 -36.85 -33.24 5.93
CA VAL F 361 -37.16 -33.65 7.29
C VAL F 361 -36.76 -35.12 7.54
N GLN F 362 -36.79 -35.96 6.50
CA GLN F 362 -36.31 -37.34 6.61
C GLN F 362 -34.85 -37.32 7.07
N LEU F 363 -34.01 -36.58 6.37
CA LEU F 363 -32.59 -36.54 6.66
C LEU F 363 -32.29 -36.04 8.07
N ALA F 364 -33.04 -35.02 8.50
CA ALA F 364 -32.89 -34.47 9.83
C ALA F 364 -33.23 -35.55 10.83
N GLU F 365 -34.27 -36.31 10.53
CA GLU F 365 -34.73 -37.37 11.43
C GLU F 365 -33.76 -38.55 11.44
N CYS F 366 -33.12 -38.79 10.29
CA CYS F 366 -32.06 -39.78 10.17
C CYS F 366 -30.87 -39.34 11.01
N ALA F 367 -30.60 -38.04 10.99
CA ALA F 367 -29.49 -37.50 11.76
C ALA F 367 -29.75 -37.71 13.24
N LEU F 368 -30.98 -37.38 13.69
CA LEU F 368 -31.33 -37.49 15.11
C LEU F 368 -31.27 -38.94 15.54
N LYS F 369 -31.72 -39.83 14.66
CA LYS F 369 -31.61 -41.24 14.89
C LYS F 369 -30.14 -41.61 15.09
N SER F 370 -29.31 -41.26 14.11
CA SER F 370 -27.89 -41.58 14.12
C SER F 370 -27.24 -41.22 15.44
N TRP F 371 -27.76 -40.14 16.03
CA TRP F 371 -27.22 -39.58 17.24
C TRP F 371 -27.63 -40.41 18.44
N LYS F 372 -28.88 -40.85 18.47
CA LYS F 372 -29.37 -41.66 19.59
C LYS F 372 -28.74 -43.06 19.62
N GLU F 373 -28.62 -43.66 18.43
CA GLU F 373 -28.18 -45.05 18.30
C GLU F 373 -26.68 -45.22 18.07
N ARG F 374 -25.97 -44.09 18.04
CA ARG F 374 -24.50 -44.04 17.93
C ARG F 374 -23.97 -44.80 16.70
N ARG F 375 -24.65 -44.64 15.57
CA ARG F 375 -24.33 -45.39 14.37
C ARG F 375 -24.79 -44.67 13.11
N TRP F 376 -24.23 -45.05 11.97
CA TRP F 376 -24.65 -44.50 10.68
C TRP F 376 -26.03 -44.99 10.33
N ILE F 377 -26.85 -44.10 9.80
CA ILE F 377 -28.20 -44.41 9.41
C ILE F 377 -28.34 -44.22 7.89
N ASP F 378 -28.88 -45.24 7.23
CA ASP F 378 -29.14 -45.21 5.81
C ASP F 378 -30.42 -44.43 5.54
N VAL F 379 -30.36 -43.54 4.54
CA VAL F 379 -31.53 -42.76 4.10
C VAL F 379 -32.40 -43.65 3.19
N ALA F 380 -33.60 -43.99 3.67
CA ALA F 380 -34.50 -44.87 2.92
C ALA F 380 -35.09 -44.21 1.65
N PRO F 381 -35.13 -44.96 0.53
CA PRO F 381 -35.78 -44.51 -0.72
C PRO F 381 -37.27 -44.30 -0.47
N ILE F 382 -37.77 -43.10 -0.73
CA ILE F 382 -39.10 -42.73 -0.24
C ILE F 382 -40.23 -43.65 -0.75
N LYS F 383 -40.91 -44.28 0.21
CA LYS F 383 -41.95 -45.30 -0.01
C LYS F 383 -41.57 -46.39 -1.02
N THR G 3 52.00 8.67 24.87
CA THR G 3 50.69 8.22 24.32
C THR G 3 49.86 7.53 25.40
N THR G 4 50.35 6.40 25.89
CA THR G 4 49.65 5.59 26.89
C THR G 4 49.89 6.11 28.32
N GLN G 5 48.92 5.83 29.20
CA GLN G 5 49.04 6.08 30.62
C GLN G 5 48.14 5.11 31.36
N ARG G 6 48.72 4.35 32.30
CA ARG G 6 47.97 3.37 33.08
C ARG G 6 46.96 4.04 34.01
N LEU G 7 45.75 3.51 34.01
CA LEU G 7 44.75 3.83 35.02
C LEU G 7 44.48 2.58 35.82
N GLY G 8 44.92 2.55 37.08
CA GLY G 8 44.73 1.40 37.95
C GLY G 8 43.31 1.36 38.48
N LEU G 9 42.43 0.65 37.78
CA LEU G 9 41.02 0.61 38.14
C LEU G 9 40.63 -0.72 38.78
N ILE G 10 40.04 -0.65 39.97
CA ILE G 10 39.49 -1.86 40.57
C ILE G 10 37.97 -1.83 40.43
N MSE G 11 37.40 -2.95 40.00
CA MSE G 11 35.96 -3.05 39.75
C MSE G 11 35.36 -4.17 40.59
O MSE G 11 35.79 -5.31 40.49
CB MSE G 11 35.68 -3.34 38.28
CG MSE G 11 36.76 -2.90 37.32
SE MSE G 11 36.03 -2.42 35.57
CE MSE G 11 34.77 -3.88 35.30
N ASN G 12 34.36 -3.84 41.40
CA ASN G 12 33.79 -4.84 42.31
C ASN G 12 32.65 -5.68 41.73
N GLY G 13 31.51 -5.05 41.46
CA GLY G 13 30.31 -5.78 41.04
C GLY G 13 30.34 -6.22 39.58
N VAL G 14 30.98 -7.36 39.31
CA VAL G 14 31.10 -7.87 37.95
C VAL G 14 30.39 -9.22 37.79
N THR G 15 29.75 -9.38 36.64
CA THR G 15 28.78 -10.45 36.29
C THR G 15 27.35 -10.11 36.71
N GLY G 16 26.38 -10.68 35.98
CA GLY G 16 24.97 -10.43 36.23
C GLY G 16 24.58 -9.00 35.94
N ARG G 17 23.53 -8.83 35.15
CA ARG G 17 22.97 -7.50 34.84
C ARG G 17 23.98 -6.55 34.18
N MSE G 18 23.99 -5.31 34.63
CA MSE G 18 24.79 -4.24 34.05
C MSE G 18 26.26 -4.30 34.46
O MSE G 18 27.11 -3.76 33.76
CB MSE G 18 24.19 -2.88 34.42
CG MSE G 18 22.83 -2.62 33.81
SE MSE G 18 21.83 -1.35 34.88
CE MSE G 18 20.11 -1.42 33.92
N GLY G 19 26.53 -4.93 35.60
CA GLY G 19 27.90 -5.14 36.04
C GLY G 19 28.76 -5.70 34.93
N LEU G 20 28.30 -6.80 34.34
CA LEU G 20 29.03 -7.47 33.27
C LEU G 20 28.78 -6.81 31.93
N ASN G 21 27.51 -6.72 31.57
CA ASN G 21 27.12 -6.36 30.21
C ASN G 21 27.42 -4.92 29.81
N GLN G 22 27.16 -3.98 30.72
CA GLN G 22 27.19 -2.55 30.37
C GLN G 22 28.42 -1.78 30.87
N HIS G 23 28.95 -2.17 32.03
CA HIS G 23 30.07 -1.45 32.62
C HIS G 23 31.43 -2.03 32.27
N LEU G 24 31.47 -3.35 32.11
CA LEU G 24 32.68 -4.05 31.71
C LEU G 24 32.77 -4.19 30.19
N ILE G 25 31.75 -4.81 29.60
CA ILE G 25 31.72 -5.07 28.16
C ILE G 25 31.51 -3.80 27.34
N ARG G 26 30.41 -3.08 27.61
CA ARG G 26 30.05 -1.91 26.80
C ARG G 26 30.94 -0.68 27.05
N SER G 27 31.70 -0.69 28.13
CA SER G 27 32.48 0.49 28.51
C SER G 27 34.00 0.24 28.61
N ILE G 28 34.45 -0.28 29.75
CA ILE G 28 35.89 -0.44 30.02
C ILE G 28 36.64 -1.25 28.95
N VAL G 29 36.03 -2.34 28.50
CA VAL G 29 36.60 -3.18 27.44
C VAL G 29 36.65 -2.43 26.10
N ALA G 30 35.53 -1.80 25.73
CA ALA G 30 35.41 -1.04 24.50
C ALA G 30 36.38 0.14 24.45
N ILE G 31 36.72 0.67 25.62
CA ILE G 31 37.69 1.75 25.76
C ILE G 31 39.11 1.24 25.50
N ARG G 32 39.36 -0.02 25.89
CA ARG G 32 40.61 -0.70 25.59
C ARG G 32 40.77 -0.94 24.08
N ASP G 33 39.67 -1.29 23.41
CA ASP G 33 39.64 -1.58 21.97
C ASP G 33 39.62 -0.32 21.10
N GLN G 34 39.56 0.84 21.74
CA GLN G 34 39.72 2.12 21.07
C GLN G 34 41.18 2.56 21.14
N GLY G 35 41.89 2.08 22.17
CA GLY G 35 43.26 2.48 22.43
C GLY G 35 43.38 3.37 23.65
N GLY G 36 42.24 3.67 24.29
CA GLY G 36 42.18 4.52 25.47
C GLY G 36 41.28 5.73 25.32
N VAL G 37 41.25 6.58 26.35
CA VAL G 37 40.40 7.77 26.35
C VAL G 37 41.19 9.01 25.93
N ARG G 38 40.78 9.61 24.80
CA ARG G 38 41.48 10.76 24.22
C ARG G 38 41.37 12.02 25.09
N LEU G 39 42.52 12.65 25.36
CA LEU G 39 42.56 13.90 26.14
C LEU G 39 42.63 15.15 25.26
N LYS G 40 42.60 16.30 25.93
CA LYS G 40 42.67 17.61 25.25
C LYS G 40 44.10 17.92 24.80
N ASN G 41 45.08 17.24 25.38
CA ASN G 41 46.48 17.42 24.98
C ASN G 41 46.95 16.42 23.91
N GLY G 42 46.11 15.41 23.64
CA GLY G 42 46.39 14.44 22.59
C GLY G 42 46.53 13.00 23.05
N ASP G 43 47.29 12.79 24.12
CA ASP G 43 47.54 11.44 24.64
C ASP G 43 46.32 10.77 25.27
N ARG G 44 46.33 9.45 25.32
CA ARG G 44 45.14 8.68 25.70
C ARG G 44 45.35 7.88 26.99
N ILE G 45 44.32 7.87 27.83
CA ILE G 45 44.35 7.17 29.12
C ILE G 45 43.89 5.71 28.97
N MSE G 46 44.82 4.79 29.19
CA MSE G 46 44.52 3.36 29.11
C MSE G 46 44.22 2.78 30.49
O MSE G 46 45.06 2.81 31.39
CB MSE G 46 45.68 2.60 28.44
CG MSE G 46 45.51 2.34 26.94
SE MSE G 46 44.07 1.09 26.49
CE MSE G 46 44.93 0.23 24.95
N PRO G 47 43.00 2.24 30.65
CA PRO G 47 42.64 1.57 31.90
C PRO G 47 43.32 0.21 32.01
N ASP G 48 43.89 -0.04 33.18
CA ASP G 48 44.33 -1.37 33.58
C ASP G 48 43.49 -1.79 34.79
N PRO G 49 42.46 -2.63 34.55
CA PRO G 49 41.53 -3.03 35.60
C PRO G 49 41.93 -4.30 36.34
N ILE G 50 41.50 -4.43 37.60
CA ILE G 50 41.57 -5.69 38.34
C ILE G 50 40.20 -6.06 38.87
N LEU G 51 39.71 -7.22 38.45
CA LEU G 51 38.33 -7.60 38.67
C LEU G 51 38.16 -8.50 39.90
N VAL G 52 37.22 -8.10 40.75
CA VAL G 52 36.92 -8.79 42.00
C VAL G 52 35.59 -9.53 41.87
N GLY G 53 35.46 -10.64 42.58
CA GLY G 53 34.23 -11.45 42.56
C GLY G 53 33.89 -12.14 43.87
N ARG G 54 32.70 -12.75 43.89
CA ARG G 54 32.22 -13.51 45.05
C ARG G 54 33.03 -14.79 45.20
N SER G 55 33.40 -15.37 44.05
CA SER G 55 34.24 -16.59 43.99
C SER G 55 35.50 -16.32 43.17
N ALA G 56 36.61 -16.94 43.58
CA ALA G 56 37.93 -16.69 43.00
C ALA G 56 38.10 -17.22 41.58
N GLU G 57 37.85 -18.51 41.38
CA GLU G 57 38.07 -19.15 40.08
C GLU G 57 37.05 -18.71 39.03
N LYS G 58 35.95 -18.12 39.49
CA LYS G 58 34.89 -17.62 38.61
C LYS G 58 35.21 -16.23 38.04
N VAL G 59 36.20 -15.58 38.64
CA VAL G 59 36.63 -14.26 38.17
C VAL G 59 37.76 -14.35 37.13
N GLU G 60 38.53 -15.43 37.15
CA GLU G 60 39.48 -15.74 36.06
C GLU G 60 38.69 -16.07 34.80
N ALA G 61 37.52 -16.66 34.97
CA ALA G 61 36.59 -16.99 33.88
C ALA G 61 36.27 -15.77 33.01
N LEU G 62 36.22 -14.60 33.63
CA LEU G 62 35.94 -13.36 32.92
C LEU G 62 37.23 -12.62 32.57
N ALA G 63 38.20 -12.66 33.49
CA ALA G 63 39.49 -12.00 33.30
C ALA G 63 40.29 -12.60 32.15
N LYS G 64 40.19 -13.91 31.98
CA LYS G 64 40.83 -14.61 30.85
C LYS G 64 39.97 -14.47 29.60
N ARG G 65 38.68 -14.20 29.79
CA ARG G 65 37.72 -14.09 28.68
C ARG G 65 37.85 -12.75 27.93
N PHE G 66 38.41 -11.74 28.59
CA PHE G 66 38.74 -10.46 27.96
C PHE G 66 40.16 -10.00 28.31
N ASN G 67 41.08 -10.97 28.34
CA ASN G 67 42.51 -10.79 28.69
C ASN G 67 42.93 -9.54 29.49
N ILE G 68 42.26 -9.34 30.63
CA ILE G 68 42.57 -8.26 31.55
C ILE G 68 43.92 -8.51 32.24
N ALA G 69 44.22 -9.79 32.48
CA ALA G 69 45.49 -10.26 33.07
C ALA G 69 45.61 -10.04 34.59
N ARG G 70 44.56 -9.50 35.19
CA ARG G 70 44.55 -9.21 36.64
C ARG G 70 43.22 -9.59 37.27
N TRP G 71 43.28 -10.47 38.27
CA TRP G 71 42.09 -10.95 38.97
C TRP G 71 42.39 -11.24 40.45
N THR G 72 41.39 -11.04 41.30
CA THR G 72 41.52 -11.29 42.74
C THR G 72 40.18 -11.48 43.45
N THR G 73 40.24 -11.77 44.76
CA THR G 73 39.04 -11.93 45.57
C THR G 73 39.13 -11.23 46.94
N ASP G 74 40.35 -10.89 47.37
CA ASP G 74 40.53 -10.14 48.61
C ASP G 74 40.19 -8.66 48.35
N LEU G 75 38.97 -8.32 48.76
CA LEU G 75 38.34 -7.04 48.44
C LEU G 75 39.16 -5.83 48.93
N ASP G 76 39.56 -5.87 50.19
CA ASP G 76 40.33 -4.79 50.81
C ASP G 76 41.85 -4.99 50.73
N ALA G 77 42.27 -5.95 49.91
CA ALA G 77 43.67 -6.07 49.52
C ALA G 77 43.91 -5.15 48.34
N ALA G 78 42.97 -5.15 47.40
CA ALA G 78 42.98 -4.26 46.25
C ALA G 78 42.81 -2.81 46.68
N LEU G 79 41.97 -2.60 47.70
CA LEU G 79 41.82 -1.30 48.36
C LEU G 79 43.06 -0.94 49.14
N ALA G 80 43.70 -1.94 49.75
CA ALA G 80 44.96 -1.76 50.46
C ALA G 80 46.05 -1.29 49.50
N ASP G 81 46.04 -1.84 48.28
CA ASP G 81 46.99 -1.47 47.24
C ASP G 81 46.95 0.01 46.89
N LYS G 82 48.09 0.53 46.41
CA LYS G 82 48.18 1.94 46.04
C LYS G 82 48.68 2.12 44.60
N ASN G 83 49.02 1.00 43.95
CA ASN G 83 49.34 0.98 42.53
C ASN G 83 48.09 1.14 41.64
N ASP G 84 46.92 0.95 42.26
CA ASP G 84 45.62 1.25 41.64
C ASP G 84 45.05 2.52 42.26
N THR G 85 44.46 3.37 41.42
CA THR G 85 44.07 4.71 41.85
C THR G 85 42.57 5.06 41.75
N MSE G 86 41.73 4.11 41.35
CA MSE G 86 40.29 4.34 41.18
C MSE G 86 39.44 3.10 41.47
O MSE G 86 39.76 1.99 41.03
CB MSE G 86 40.00 4.89 39.78
CG MSE G 86 38.55 5.30 39.55
SE MSE G 86 38.17 5.96 37.74
CE MSE G 86 38.50 4.35 36.73
N PHE G 87 38.33 3.30 42.18
CA PHE G 87 37.42 2.21 42.53
C PHE G 87 36.04 2.38 41.91
N PHE G 88 35.55 1.30 41.32
CA PHE G 88 34.20 1.23 40.78
C PHE G 88 33.38 0.08 41.40
N ASP G 89 32.21 0.41 41.96
CA ASP G 89 31.30 -0.60 42.47
C ASP G 89 30.02 -0.72 41.65
N ALA G 90 29.56 -1.96 41.46
CA ALA G 90 28.27 -2.22 40.85
C ALA G 90 27.58 -3.38 41.55
N ALA G 91 28.03 -3.68 42.78
CA ALA G 91 27.57 -4.84 43.54
C ALA G 91 26.20 -4.65 44.21
N THR G 92 26.13 -4.93 45.51
CA THR G 92 24.92 -4.71 46.30
C THR G 92 24.77 -3.24 46.66
N THR G 93 23.54 -2.74 46.63
CA THR G 93 23.26 -1.37 47.07
C THR G 93 23.41 -1.24 48.59
N GLN G 94 22.99 -2.27 49.30
CA GLN G 94 22.96 -2.29 50.77
C GLN G 94 24.34 -2.24 51.44
N ALA G 95 25.40 -2.39 50.63
CA ALA G 95 26.77 -2.38 51.14
C ALA G 95 27.74 -1.51 50.30
N ARG G 96 27.18 -0.75 49.36
CA ARG G 96 27.98 0.14 48.50
C ARG G 96 28.65 1.29 49.26
N PRO G 97 27.89 2.02 50.11
CA PRO G 97 28.45 3.13 50.89
C PRO G 97 29.69 2.79 51.75
N GLY G 98 29.66 1.65 52.44
CA GLY G 98 30.79 1.21 53.28
C GLY G 98 32.01 0.80 52.48
N LEU G 99 31.75 0.20 51.31
CA LEU G 99 32.80 -0.11 50.35
C LEU G 99 33.38 1.16 49.75
N LEU G 100 32.50 2.13 49.50
CA LEU G 100 32.93 3.44 48.98
C LEU G 100 33.77 4.18 50.01
N THR G 101 33.36 4.09 51.28
CA THR G 101 34.03 4.75 52.39
C THR G 101 35.51 4.34 52.46
N GLN G 102 35.78 3.04 52.35
CA GLN G 102 37.14 2.52 52.35
C GLN G 102 38.00 3.14 51.26
N ALA G 103 37.43 3.27 50.06
CA ALA G 103 38.14 3.82 48.91
C ALA G 103 38.44 5.31 49.07
N ILE G 104 37.52 6.04 49.70
CA ILE G 104 37.73 7.47 50.01
C ILE G 104 38.73 7.60 51.16
N ASN G 105 38.67 6.69 52.12
CA ASN G 105 39.65 6.62 53.21
C ASN G 105 41.06 6.33 52.68
N ALA G 106 41.14 5.46 51.67
CA ALA G 106 42.41 5.05 51.06
C ALA G 106 42.95 6.05 50.02
N GLY G 107 42.10 6.97 49.54
CA GLY G 107 42.51 7.99 48.57
C GLY G 107 42.12 7.75 47.12
N LYS G 108 41.29 6.73 46.87
CA LYS G 108 40.88 6.35 45.51
C LYS G 108 39.75 7.24 45.00
N HIS G 109 39.67 7.42 43.68
CA HIS G 109 38.53 8.07 43.04
C HIS G 109 37.37 7.10 43.03
N VAL G 110 36.14 7.64 43.03
CA VAL G 110 34.94 6.82 43.12
C VAL G 110 33.94 7.07 41.98
N TYR G 111 33.50 5.96 41.38
CA TYR G 111 32.44 5.93 40.38
C TYR G 111 31.56 4.71 40.67
N CYS G 112 30.25 4.81 40.46
CA CYS G 112 29.35 3.70 40.79
C CYS G 112 27.91 3.79 40.28
N GLU G 113 27.22 2.64 40.29
CA GLU G 113 25.83 2.51 39.84
C GLU G 113 24.81 3.04 40.86
N LYS G 114 23.56 3.20 40.39
CA LYS G 114 22.45 3.64 41.25
C LYS G 114 21.91 2.48 42.10
N PRO G 115 21.58 2.76 43.38
CA PRO G 115 21.83 3.99 44.13
C PRO G 115 23.10 3.91 44.97
N ILE G 116 23.61 5.07 45.41
CA ILE G 116 24.83 5.08 46.21
C ILE G 116 24.63 4.59 47.63
N ALA G 117 23.37 4.60 48.08
CA ALA G 117 23.00 4.10 49.40
C ALA G 117 21.50 3.83 49.45
N THR G 118 21.09 3.12 50.49
CA THR G 118 19.68 2.86 50.76
C THR G 118 19.13 4.04 51.55
N ASN G 119 20.02 4.73 52.26
CA ASN G 119 19.64 5.81 53.13
C ASN G 119 20.12 7.12 52.56
N PHE G 120 19.35 8.17 52.76
CA PHE G 120 19.78 9.51 52.40
C PHE G 120 20.84 10.05 53.36
N GLU G 121 20.77 9.67 54.64
CA GLU G 121 21.78 10.09 55.63
C GLU G 121 23.11 9.44 55.27
N GLU G 122 23.05 8.12 55.11
CA GLU G 122 24.16 7.28 54.71
C GLU G 122 24.71 7.68 53.34
N ALA G 123 23.85 8.19 52.47
CA ALA G 123 24.31 8.79 51.20
C ALA G 123 24.98 10.14 51.43
N LEU G 124 24.40 10.93 52.32
CA LEU G 124 24.91 12.26 52.64
C LEU G 124 26.29 12.21 53.31
N GLU G 125 26.54 11.13 54.07
CA GLU G 125 27.84 10.87 54.68
C GLU G 125 28.96 10.76 53.64
N VAL G 126 28.72 9.90 52.65
CA VAL G 126 29.70 9.61 51.61
C VAL G 126 30.09 10.87 50.84
N VAL G 127 29.11 11.72 50.55
CA VAL G 127 29.36 12.95 49.78
C VAL G 127 30.22 13.94 50.56
N LYS G 128 29.81 14.28 51.77
CA LYS G 128 30.56 15.22 52.60
C LYS G 128 31.96 14.69 52.90
N LEU G 129 32.10 13.37 53.03
CA LEU G 129 33.41 12.73 53.16
C LEU G 129 34.22 12.84 51.87
N ALA G 130 33.56 12.72 50.73
CA ALA G 130 34.24 12.71 49.44
C ALA G 130 34.99 14.02 49.14
N ASN G 131 34.34 15.16 49.41
CA ASN G 131 34.96 16.46 49.17
C ASN G 131 36.06 16.76 50.20
N SER G 132 35.84 16.29 51.43
CA SER G 132 36.82 16.40 52.52
C SER G 132 38.16 15.76 52.17
N LYS G 133 38.11 14.57 51.57
CA LYS G 133 39.30 13.81 51.23
C LYS G 133 39.89 14.20 49.87
N GLY G 134 39.25 15.17 49.21
CA GLY G 134 39.77 15.76 47.97
C GLY G 134 39.70 14.90 46.71
N VAL G 135 39.09 13.72 46.82
CA VAL G 135 38.99 12.79 45.69
C VAL G 135 37.92 13.22 44.69
N LYS G 136 38.04 12.72 43.47
CA LYS G 136 37.05 12.96 42.43
C LYS G 136 36.02 11.83 42.42
N HIS G 137 34.74 12.20 42.51
CA HIS G 137 33.66 11.22 42.70
C HIS G 137 32.48 11.42 41.74
N GLY G 138 31.91 10.31 41.29
CA GLY G 138 30.83 10.33 40.33
C GLY G 138 29.94 9.11 40.38
N THR G 139 28.78 9.20 39.71
CA THR G 139 27.80 8.13 39.70
C THR G 139 26.93 8.14 38.45
N VAL G 140 26.50 6.95 38.05
CA VAL G 140 25.77 6.70 36.82
C VAL G 140 24.40 7.38 36.78
N GLN G 141 24.12 8.07 35.67
CA GLN G 141 22.81 8.70 35.42
C GLN G 141 22.41 8.38 33.99
N ASP G 142 22.03 7.11 33.79
CA ASP G 142 21.88 6.49 32.47
C ASP G 142 20.76 7.04 31.59
N LYS G 143 19.58 7.22 32.17
CA LYS G 143 18.40 7.70 31.45
C LYS G 143 18.67 8.98 30.62
N LEU G 144 19.60 9.79 31.09
CA LEU G 144 19.91 11.09 30.50
C LEU G 144 20.69 10.96 29.19
N PHE G 145 21.25 9.78 28.96
CA PHE G 145 22.03 9.48 27.76
C PHE G 145 21.22 8.67 26.73
N LEU G 146 19.94 8.46 27.01
CA LEU G 146 19.01 7.88 26.05
C LEU G 146 18.84 8.84 24.89
N PRO G 147 18.92 8.32 23.65
CA PRO G 147 18.81 9.22 22.50
C PRO G 147 17.52 10.04 22.51
N GLY G 148 16.48 9.52 23.13
CA GLY G 148 15.24 10.26 23.25
C GLY G 148 15.40 11.47 24.15
N LEU G 149 16.05 11.26 25.30
CA LEU G 149 16.18 12.33 26.27
C LEU G 149 17.23 13.33 25.82
N LYS G 150 18.16 12.85 24.98
CA LYS G 150 19.16 13.72 24.37
C LYS G 150 18.50 14.65 23.38
N LYS G 151 17.51 14.14 22.67
CA LYS G 151 16.75 14.92 21.71
C LYS G 151 15.90 16.00 22.37
N ILE G 152 15.34 15.69 23.54
CA ILE G 152 14.62 16.65 24.38
C ILE G 152 15.55 17.82 24.77
N ALA G 153 16.77 17.50 25.19
CA ALA G 153 17.74 18.51 25.62
C ALA G 153 18.05 19.45 24.44
N PHE G 154 18.16 18.83 23.26
CA PHE G 154 18.47 19.54 22.03
C PHE G 154 17.32 20.46 21.65
N LEU G 155 16.11 19.92 21.73
CA LEU G 155 14.89 20.70 21.55
C LEU G 155 14.86 21.89 22.52
N ARG G 156 15.16 21.65 23.80
CA ARG G 156 15.25 22.72 24.81
C ARG G 156 16.33 23.72 24.42
N ASP G 157 17.54 23.21 24.17
CA ASP G 157 18.68 24.08 23.87
C ASP G 157 18.38 25.03 22.71
N SER G 158 17.73 24.50 21.68
CA SER G 158 17.55 25.21 20.42
C SER G 158 16.30 26.07 20.42
N GLY G 159 15.54 26.05 21.51
CA GLY G 159 14.42 26.97 21.64
C GLY G 159 13.13 26.51 21.01
N PHE G 160 13.06 25.24 20.63
CA PHE G 160 11.86 24.68 20.03
C PHE G 160 10.62 24.94 20.89
N PHE G 161 10.76 24.76 22.19
CA PHE G 161 9.62 24.85 23.09
C PHE G 161 9.05 26.25 23.33
N GLY G 162 9.86 27.29 23.18
CA GLY G 162 9.53 28.60 23.76
C GLY G 162 9.64 28.46 25.28
N ARG G 163 8.54 28.69 25.97
CA ARG G 163 8.47 28.48 27.41
C ARG G 163 7.95 27.08 27.66
N ILE G 164 8.77 26.21 28.25
CA ILE G 164 8.32 24.89 28.63
C ILE G 164 7.21 25.08 29.65
N LEU G 165 6.14 24.32 29.53
CA LEU G 165 5.01 24.49 30.41
C LEU G 165 4.84 23.31 31.34
N SER G 166 4.75 22.10 30.78
CA SER G 166 4.39 20.92 31.58
C SER G 166 5.04 19.68 31.06
N VAL G 167 5.10 18.65 31.90
CA VAL G 167 5.73 17.38 31.53
C VAL G 167 4.91 16.21 32.03
N ARG G 168 4.49 15.35 31.11
CA ARG G 168 3.81 14.08 31.42
C ARG G 168 4.73 12.89 31.15
N GLY G 169 5.03 12.12 32.19
CA GLY G 169 5.83 10.91 32.05
C GLY G 169 5.03 9.64 32.25
N GLU G 170 5.24 8.67 31.36
CA GLU G 170 4.53 7.39 31.37
C GLU G 170 5.55 6.28 31.28
N PHE G 171 5.80 5.61 32.40
CA PHE G 171 6.81 4.58 32.45
C PHE G 171 6.25 3.21 32.79
N GLY G 172 6.86 2.18 32.23
CA GLY G 172 6.65 0.83 32.71
C GLY G 172 5.96 -0.05 31.72
N TYR G 173 5.73 -1.29 32.12
CA TYR G 173 5.19 -2.33 31.26
C TYR G 173 4.77 -3.51 32.11
N TRP G 174 4.04 -4.45 31.52
CA TRP G 174 3.55 -5.56 32.30
C TRP G 174 4.65 -6.54 32.63
N VAL G 175 5.06 -6.53 33.90
CA VAL G 175 5.96 -7.54 34.41
C VAL G 175 5.13 -8.72 34.81
N PHE G 176 5.32 -9.82 34.10
CA PHE G 176 4.59 -11.03 34.34
C PHE G 176 4.78 -11.53 35.75
N GLU G 177 3.70 -12.02 36.33
CA GLU G 177 3.69 -12.44 37.71
C GLU G 177 4.43 -13.76 37.98
N GLY G 178 4.83 -14.46 36.92
CA GLY G 178 5.56 -15.72 37.07
C GLY G 178 4.73 -16.97 36.87
N GLY G 179 3.44 -16.90 37.20
CA GLY G 179 2.53 -18.04 37.05
C GLY G 179 2.71 -18.82 35.76
N TRP G 180 2.28 -18.23 34.64
CA TRP G 180 2.41 -18.93 33.37
C TRP G 180 3.65 -18.50 32.57
N GLN G 181 4.20 -17.33 32.92
CA GLN G 181 5.37 -16.77 32.22
C GLN G 181 6.44 -16.32 33.21
N GLU G 182 7.70 -16.53 32.85
CA GLU G 182 8.84 -16.15 33.67
C GLU G 182 8.87 -14.63 33.81
N ALA G 183 9.08 -14.13 35.02
CA ALA G 183 9.16 -12.69 35.23
C ALA G 183 10.40 -12.12 34.56
N GLN G 184 10.28 -10.91 34.00
CA GLN G 184 11.39 -10.24 33.32
C GLN G 184 12.38 -9.60 34.28
N ARG G 185 11.90 -9.26 35.48
CA ARG G 185 12.71 -8.59 36.50
C ARG G 185 12.83 -9.48 37.73
N PRO G 186 13.90 -9.32 38.51
CA PRO G 186 14.17 -10.20 39.65
C PRO G 186 13.23 -9.97 40.82
N SER G 187 12.82 -11.07 41.46
CA SER G 187 11.79 -11.07 42.50
C SER G 187 12.02 -10.11 43.68
N TRP G 188 13.28 -9.86 44.05
CA TRP G 188 13.57 -8.91 45.15
C TRP G 188 12.96 -7.51 44.94
N ASN G 189 12.74 -7.15 43.68
CA ASN G 189 12.12 -5.87 43.35
C ASN G 189 10.72 -5.72 43.95
N TYR G 190 10.10 -6.84 44.32
CA TYR G 190 8.69 -6.87 44.77
C TYR G 190 8.54 -7.16 46.28
N ARG G 191 9.66 -7.51 46.89
CA ARG G 191 9.71 -7.69 48.33
C ARG G 191 10.35 -6.45 48.98
N ASP G 192 9.63 -5.85 49.91
CA ASP G 192 10.03 -4.61 50.57
C ASP G 192 11.19 -4.84 51.56
N GLU G 193 11.21 -6.03 52.15
CA GLU G 193 12.26 -6.41 53.07
C GLU G 193 13.60 -6.51 52.37
N ASP G 194 13.57 -6.68 51.05
CA ASP G 194 14.79 -6.79 50.25
C ASP G 194 15.13 -5.48 49.53
N GLY G 195 14.47 -4.39 49.90
CA GLY G 195 14.74 -3.09 49.29
C GLY G 195 13.95 -2.84 48.01
N GLY G 196 13.07 -3.77 47.65
CA GLY G 196 12.24 -3.62 46.46
C GLY G 196 11.30 -2.43 46.51
N GLY G 197 10.71 -2.10 45.37
CA GLY G 197 9.75 -1.00 45.30
C GLY G 197 10.01 -0.08 44.13
N ILE G 198 8.95 0.33 43.45
CA ILE G 198 9.10 1.13 42.23
C ILE G 198 9.37 2.61 42.51
N ILE G 199 8.84 3.11 43.63
CA ILE G 199 9.13 4.48 44.03
C ILE G 199 10.61 4.60 44.27
N LEU G 200 11.20 3.75 45.11
CA LEU G 200 12.61 3.97 45.42
C LEU G 200 13.58 3.65 44.29
N ASP G 201 13.10 2.95 43.27
CA ASP G 201 13.89 2.64 42.09
C ASP G 201 13.83 3.78 41.06
N MSE G 202 12.62 4.18 40.67
CA MSE G 202 12.46 5.08 39.53
C MSE G 202 12.51 6.56 39.88
O MSE G 202 13.08 7.35 39.13
CB MSE G 202 11.17 4.75 38.76
CG MSE G 202 11.08 3.29 38.28
SE MSE G 202 12.66 2.70 37.27
CE MSE G 202 12.77 4.15 35.96
N VAL G 203 11.93 6.94 41.01
CA VAL G 203 11.94 8.34 41.44
C VAL G 203 13.37 8.83 41.59
N CYS G 204 14.24 7.88 41.93
CA CYS G 204 15.68 8.09 42.00
C CYS G 204 16.26 8.46 40.62
N HIS G 205 15.80 7.81 39.56
CA HIS G 205 16.13 8.20 38.19
C HIS G 205 15.47 9.54 37.86
N TRP G 206 14.22 9.69 38.26
CA TRP G 206 13.43 10.85 37.88
C TRP G 206 14.04 12.16 38.39
N ARG G 207 14.74 12.09 39.51
CA ARG G 207 15.37 13.28 40.08
C ARG G 207 16.34 13.89 39.07
N TYR G 208 17.28 13.10 38.57
CA TYR G 208 18.24 13.64 37.59
C TYR G 208 17.64 13.97 36.22
N VAL G 209 16.64 13.20 35.80
CA VAL G 209 15.96 13.46 34.52
C VAL G 209 15.22 14.80 34.53
N LEU G 210 14.58 15.14 35.64
CA LEU G 210 13.85 16.41 35.73
C LEU G 210 14.74 17.61 36.06
N ASP G 211 15.75 17.42 36.91
CA ASP G 211 16.68 18.49 37.26
C ASP G 211 17.35 19.03 36.00
N ASN G 212 17.84 18.10 35.19
CA ASN G 212 18.68 18.40 34.04
C ASN G 212 17.94 18.79 32.77
N LEU G 213 16.67 18.42 32.67
CA LEU G 213 15.94 18.74 31.45
C LEU G 213 14.99 19.90 31.63
N PHE G 214 14.42 20.04 32.83
CA PHE G 214 13.27 20.93 33.02
C PHE G 214 13.41 21.97 34.13
N GLY G 215 14.10 21.62 35.20
CA GLY G 215 14.25 22.51 36.35
C GLY G 215 14.40 21.68 37.61
N ASN G 216 15.04 22.26 38.61
CA ASN G 216 15.23 21.59 39.90
C ASN G 216 13.92 21.17 40.56
N VAL G 217 13.92 19.97 41.14
CA VAL G 217 12.72 19.45 41.78
C VAL G 217 12.54 20.15 43.11
N GLN G 218 11.40 20.82 43.26
CA GLN G 218 11.18 21.62 44.45
C GLN G 218 10.24 20.97 45.47
N SER G 219 9.28 20.19 44.98
CA SER G 219 8.34 19.48 45.84
C SER G 219 7.69 18.33 45.09
N VAL G 220 7.31 17.30 45.84
CA VAL G 220 6.73 16.09 45.28
C VAL G 220 5.47 15.74 46.05
N VAL G 221 4.51 15.15 45.34
CA VAL G 221 3.36 14.46 45.95
C VAL G 221 3.22 13.13 45.23
N CYS G 222 3.24 12.04 45.98
CA CYS G 222 3.35 10.71 45.40
C CYS G 222 2.48 9.72 46.13
N ILE G 223 2.04 8.69 45.42
CA ILE G 223 1.25 7.62 46.02
C ILE G 223 1.49 6.28 45.32
N GLY G 224 2.02 5.33 46.09
CA GLY G 224 2.26 3.97 45.61
C GLY G 224 1.11 3.04 45.92
N ASN G 225 1.23 1.81 45.43
CA ASN G 225 0.26 0.72 45.65
C ASN G 225 0.87 -0.62 45.24
N THR G 226 0.43 -1.69 45.90
CA THR G 226 0.78 -3.04 45.51
C THR G 226 -0.42 -3.65 44.74
N ASP G 227 -0.37 -3.59 43.42
CA ASP G 227 -1.49 -4.05 42.60
C ASP G 227 -1.65 -5.57 42.60
N ILE G 228 -0.52 -6.27 42.69
CA ILE G 228 -0.48 -7.73 42.62
C ILE G 228 0.05 -8.29 43.93
N PRO G 229 -0.81 -8.98 44.70
CA PRO G 229 -0.42 -9.43 46.04
C PRO G 229 0.46 -10.70 46.07
N GLU G 230 0.47 -11.47 44.99
CA GLU G 230 1.22 -12.73 44.94
C GLU G 230 1.96 -12.87 43.61
N ARG G 231 3.22 -13.30 43.68
CA ARG G 231 4.06 -13.51 42.49
C ARG G 231 4.87 -14.79 42.62
N PHE G 232 5.60 -15.14 41.56
CA PHE G 232 6.41 -16.35 41.51
C PHE G 232 7.90 -16.05 41.39
N ASP G 233 8.67 -16.67 42.29
CA ASP G 233 10.14 -16.65 42.37
C ASP G 233 10.83 -17.01 41.06
N GLU G 234 12.15 -16.86 41.07
CA GLU G 234 12.98 -17.34 39.96
C GLU G 234 13.02 -18.87 39.93
N GLN G 235 12.62 -19.49 41.03
CA GLN G 235 12.55 -20.95 41.12
C GLN G 235 11.16 -21.51 40.75
N GLY G 236 10.21 -20.61 40.52
CA GLY G 236 8.82 -21.00 40.24
C GLY G 236 8.02 -21.09 41.54
N LYS G 237 8.51 -20.42 42.58
CA LYS G 237 7.92 -20.53 43.90
C LYS G 237 7.06 -19.32 44.28
N LYS G 238 5.82 -19.59 44.65
CA LYS G 238 4.85 -18.57 45.04
C LYS G 238 5.30 -17.82 46.30
N TYR G 239 5.20 -16.49 46.28
CA TYR G 239 5.59 -15.63 47.41
C TYR G 239 4.69 -14.39 47.58
N LYS G 240 4.73 -13.80 48.76
CA LYS G 240 3.93 -12.61 49.10
C LYS G 240 4.69 -11.37 48.68
N ALA G 241 4.09 -10.55 47.83
CA ALA G 241 4.75 -9.36 47.31
C ALA G 241 4.39 -8.16 48.18
N THR G 242 5.41 -7.42 48.65
CA THR G 242 5.23 -6.43 49.70
C THR G 242 5.58 -5.00 49.29
N ALA G 243 6.36 -4.86 48.22
CA ALA G 243 6.69 -3.55 47.65
C ALA G 243 5.55 -2.95 46.81
N ASP G 244 5.64 -1.64 46.57
CA ASP G 244 4.81 -0.98 45.58
C ASP G 244 5.25 -1.35 44.16
N ASP G 245 4.29 -1.79 43.35
CA ASP G 245 4.55 -2.13 41.96
C ASP G 245 3.98 -1.06 41.03
N SER G 246 3.37 -0.04 41.61
CA SER G 246 2.80 1.07 40.85
C SER G 246 2.96 2.34 41.66
N ALA G 247 3.05 3.49 40.98
CA ALA G 247 3.08 4.79 41.68
C ALA G 247 2.72 5.95 40.78
N TYR G 248 2.22 7.01 41.42
CA TYR G 248 1.71 8.17 40.74
C TYR G 248 2.26 9.41 41.47
N ALA G 249 3.30 10.01 40.90
CA ALA G 249 3.93 11.16 41.51
C ALA G 249 3.74 12.42 40.66
N THR G 250 3.46 13.53 41.33
CA THR G 250 3.41 14.81 40.68
C THR G 250 4.44 15.74 41.32
N PHE G 251 5.18 16.46 40.47
CA PHE G 251 6.32 17.26 40.92
C PHE G 251 6.13 18.72 40.59
N GLN G 252 6.56 19.56 41.52
CA GLN G 252 6.70 20.96 41.22
C GLN G 252 8.18 21.29 40.96
N LEU G 253 8.45 21.88 39.79
CA LEU G 253 9.80 22.26 39.40
C LEU G 253 10.01 23.76 39.46
N GLU G 254 11.28 24.16 39.55
CA GLU G 254 11.57 25.58 39.54
C GLU G 254 11.28 26.18 38.17
N GLY G 255 10.75 27.39 38.18
CA GLY G 255 10.25 28.06 36.98
C GLY G 255 8.77 27.85 36.77
N GLY G 256 8.13 27.19 37.75
CA GLY G 256 6.69 26.89 37.70
C GLY G 256 6.21 25.78 36.77
N VAL G 257 7.13 24.91 36.36
CA VAL G 257 6.75 23.73 35.58
C VAL G 257 6.30 22.61 36.50
N ILE G 258 5.14 22.03 36.19
CA ILE G 258 4.65 20.83 36.86
C ILE G 258 4.88 19.63 35.96
N ALA G 259 5.39 18.55 36.54
CA ALA G 259 5.56 17.28 35.83
C ALA G 259 4.82 16.20 36.57
N HIS G 260 4.10 15.35 35.84
CA HIS G 260 3.47 14.18 36.44
C HIS G 260 3.99 12.94 35.80
N ILE G 261 4.33 11.94 36.63
CA ILE G 261 4.86 10.68 36.12
C ILE G 261 4.13 9.43 36.63
N ASN G 262 3.51 8.71 35.70
CA ASN G 262 2.92 7.43 36.02
C ASN G 262 3.96 6.35 35.86
N MSE G 263 4.07 5.46 36.85
CA MSE G 263 5.07 4.40 36.80
C MSE G 263 4.49 3.10 37.37
O MSE G 263 3.93 3.10 38.47
CB MSE G 263 6.36 4.83 37.54
CG MSE G 263 6.26 4.96 39.08
SE MSE G 263 7.65 6.11 39.97
CE MSE G 263 6.64 7.79 39.89
N SER G 264 4.60 2.02 36.60
CA SER G 264 4.10 0.72 37.00
C SER G 264 4.74 -0.48 36.33
N TRP G 265 4.84 -1.57 37.08
CA TRP G 265 5.25 -2.87 36.55
C TRP G 265 4.02 -3.69 36.25
N VAL G 266 2.89 -3.01 36.17
CA VAL G 266 1.59 -3.64 36.14
C VAL G 266 0.66 -2.87 35.19
N THR G 267 1.26 -2.21 34.21
CA THR G 267 0.48 -1.55 33.17
C THR G 267 0.79 -2.14 31.81
N ARG G 268 -0.17 -2.10 30.89
CA ARG G 268 0.12 -2.54 29.51
C ARG G 268 0.42 -1.35 28.59
N VAL G 269 1.20 -1.60 27.54
CA VAL G 269 1.88 -0.55 26.77
C VAL G 269 1.16 -0.17 25.50
N TYR G 270 0.52 1.00 25.51
CA TYR G 270 -0.16 1.58 24.32
C TYR G 270 0.42 2.98 24.15
N ARG G 271 1.60 3.02 23.57
CA ARG G 271 2.39 4.23 23.47
C ARG G 271 3.68 3.91 22.72
N ASP G 272 4.48 4.92 22.45
CA ASP G 272 5.63 4.74 21.57
C ASP G 272 6.74 3.82 22.09
N ASP G 273 6.82 3.62 23.40
CA ASP G 273 7.98 2.92 23.99
C ASP G 273 7.80 2.64 25.49
N LEU G 274 8.75 1.91 26.05
CA LEU G 274 8.71 1.48 27.46
C LEU G 274 8.75 2.65 28.43
N VAL G 275 9.21 3.80 27.93
CA VAL G 275 8.98 5.06 28.63
C VAL G 275 8.70 6.22 27.67
N THR G 276 7.68 7.00 28.03
CA THR G 276 7.32 8.16 27.25
C THR G 276 7.40 9.47 28.06
N PHE G 277 8.03 10.49 27.47
CA PHE G 277 7.94 11.85 27.98
C PHE G 277 7.30 12.78 26.96
N GLN G 278 6.16 13.37 27.32
CA GLN G 278 5.56 14.42 26.52
C GLN G 278 5.88 15.76 27.15
N VAL G 279 6.46 16.67 26.38
CA VAL G 279 6.80 18.00 26.89
C VAL G 279 5.94 19.03 26.19
N ASP G 280 5.29 19.90 26.96
CA ASP G 280 4.46 20.93 26.34
C ASP G 280 5.06 22.32 26.54
N GLY G 281 5.34 22.99 25.43
CA GLY G 281 5.91 24.31 25.46
C GLY G 281 4.99 25.30 24.79
N THR G 282 5.35 26.56 24.86
CA THR G 282 4.58 27.64 24.24
C THR G 282 4.63 27.58 22.70
N HIS G 283 5.75 27.12 22.16
CA HIS G 283 6.06 27.21 20.72
C HIS G 283 5.97 25.86 20.01
N GLY G 284 5.83 24.81 20.81
CA GLY G 284 5.69 23.49 20.28
C GLY G 284 5.70 22.51 21.41
N SER G 285 5.53 21.24 21.07
CA SER G 285 5.55 20.16 22.05
C SER G 285 6.37 19.01 21.49
N ALA G 286 6.70 18.04 22.34
CA ALA G 286 7.45 16.88 21.91
C ALA G 286 7.08 15.64 22.71
N VAL G 287 7.15 14.47 22.09
CA VAL G 287 6.98 13.24 22.79
C VAL G 287 8.16 12.34 22.45
N ALA G 288 8.89 11.95 23.49
CA ALA G 288 10.10 11.16 23.33
C ALA G 288 10.00 9.83 24.06
N GLY G 289 10.43 8.76 23.40
CA GLY G 289 10.64 7.48 24.03
C GLY G 289 12.12 7.28 24.32
N LEU G 290 12.57 6.02 24.28
CA LEU G 290 13.98 5.70 24.51
C LEU G 290 14.88 6.21 23.39
N SER G 291 14.49 6.00 22.12
CA SER G 291 15.33 6.34 20.96
C SER G 291 14.83 7.52 20.11
N ASP G 292 13.52 7.64 19.98
CA ASP G 292 12.95 8.61 19.06
C ASP G 292 12.24 9.72 19.77
N CYS G 293 11.92 10.76 18.99
CA CYS G 293 11.27 11.94 19.48
C CYS G 293 10.49 12.57 18.35
N MSE G 294 9.19 12.71 18.58
CA MSE G 294 8.30 13.38 17.66
C MSE G 294 8.13 14.80 18.15
O MSE G 294 8.21 15.05 19.34
CB MSE G 294 6.91 12.73 17.69
CG MSE G 294 6.88 11.23 17.81
SE MSE G 294 7.58 10.34 16.22
CE MSE G 294 6.26 10.96 14.90
N ILE G 295 7.88 15.73 17.23
CA ILE G 295 7.65 17.12 17.61
C ILE G 295 6.42 17.68 16.91
N GLN G 296 5.78 18.66 17.55
CA GLN G 296 4.73 19.45 16.90
C GLN G 296 4.92 20.91 17.27
N ALA G 297 5.47 21.67 16.32
CA ALA G 297 5.56 23.12 16.43
C ALA G 297 4.16 23.72 16.53
N ARG G 298 4.04 24.85 17.23
CA ARG G 298 2.73 25.44 17.42
C ARG G 298 2.02 25.79 16.11
N GLN G 299 2.78 25.92 15.03
CA GLN G 299 2.22 26.19 13.71
C GLN G 299 1.61 24.93 13.08
N ALA G 300 1.98 23.76 13.60
CA ALA G 300 1.50 22.52 13.04
C ALA G 300 0.30 22.01 13.83
N THR G 301 -0.07 22.75 14.87
CA THR G 301 -1.18 22.36 15.72
C THR G 301 -2.54 22.50 15.02
N PRO G 302 -3.30 21.41 15.03
CA PRO G 302 -4.63 21.39 14.44
C PRO G 302 -5.64 22.02 15.40
N ARG G 303 -6.83 22.30 14.89
CA ARG G 303 -7.86 22.96 15.67
C ARG G 303 -9.04 22.01 15.81
N PRO G 304 -8.92 20.98 16.68
CA PRO G 304 -10.03 20.08 16.84
C PRO G 304 -11.14 20.76 17.60
N VAL G 305 -12.36 20.30 17.39
CA VAL G 305 -13.50 20.84 18.13
C VAL G 305 -14.24 19.70 18.84
N TRP G 306 -14.55 19.90 20.13
CA TRP G 306 -15.26 18.88 20.92
C TRP G 306 -16.58 18.41 20.25
N ASN G 307 -16.64 17.10 19.92
CA ASN G 307 -17.75 16.57 19.13
C ASN G 307 -18.00 15.06 19.22
N PRO G 308 -19.01 14.66 20.01
CA PRO G 308 -19.47 13.26 20.02
C PRO G 308 -20.45 12.98 18.88
N LYS G 311 -18.24 12.63 14.01
CA LYS G 311 -18.11 11.62 15.06
C LYS G 311 -17.04 10.57 14.74
N ARG G 312 -16.13 10.91 13.82
CA ARG G 312 -15.09 9.99 13.32
C ARG G 312 -13.84 10.77 12.87
N LEU G 313 -12.99 10.13 12.08
CA LEU G 313 -12.06 10.82 11.14
C LEU G 313 -10.56 10.95 11.51
N HIS G 314 -10.21 11.86 12.42
CA HIS G 314 -8.83 12.39 12.51
C HIS G 314 -7.72 11.57 13.21
N ASP G 315 -6.54 11.53 12.57
CA ASP G 315 -5.35 10.87 13.12
C ASP G 315 -4.42 11.92 13.76
N PHE G 316 -4.44 12.00 15.09
CA PHE G 316 -3.67 13.00 15.84
C PHE G 316 -2.17 12.72 15.85
N TYR G 317 -1.79 11.44 15.79
CA TYR G 317 -0.38 11.06 15.72
C TYR G 317 0.26 11.58 14.41
N GLY G 318 -0.52 11.64 13.34
CA GLY G 318 -0.02 12.10 12.06
C GLY G 318 0.32 13.57 12.03
N ASP G 319 -0.21 14.32 13.00
CA ASP G 319 0.05 15.75 13.14
C ASP G 319 1.44 16.04 13.66
N TRP G 320 2.20 14.99 13.96
CA TRP G 320 3.54 15.13 14.56
C TRP G 320 4.61 14.63 13.60
N GLN G 321 5.85 14.98 13.88
CA GLN G 321 6.93 14.66 12.98
C GLN G 321 8.17 14.16 13.73
N LYS G 322 8.78 13.12 13.17
CA LYS G 322 9.85 12.42 13.83
C LYS G 322 11.19 13.09 13.53
N LEU G 323 11.93 13.45 14.57
CA LEU G 323 13.23 14.08 14.41
C LEU G 323 14.16 13.16 13.64
N PRO G 324 15.01 13.75 12.77
CA PRO G 324 16.06 13.02 12.06
C PRO G 324 17.16 12.59 13.01
N ASP G 325 17.88 11.52 12.66
CA ASP G 325 19.06 11.09 13.42
C ASP G 325 20.31 11.72 12.80
N ASN G 326 20.66 12.91 13.26
CA ASN G 326 21.72 13.67 12.61
C ASN G 326 23.10 13.35 13.13
N VAL G 327 23.14 12.75 14.31
CA VAL G 327 24.39 12.24 14.89
C VAL G 327 24.21 10.77 15.24
N SER G 328 25.33 10.06 15.32
CA SER G 328 25.32 8.74 15.91
C SER G 328 25.30 8.84 17.42
N TYR G 329 24.59 7.91 18.03
CA TYR G 329 24.45 7.86 19.47
C TYR G 329 25.26 6.69 20.04
N ASP G 330 26.21 7.02 20.89
CA ASP G 330 27.07 6.04 21.52
C ASP G 330 26.37 5.46 22.75
N ASN G 331 26.91 4.36 23.27
CA ASN G 331 26.43 3.80 24.53
C ASN G 331 26.62 4.80 25.66
N GLY G 332 25.55 5.06 26.41
CA GLY G 332 25.52 6.09 27.45
C GLY G 332 26.41 5.82 28.65
N PHE G 333 26.48 4.55 29.05
CA PHE G 333 27.38 4.11 30.13
C PHE G 333 28.85 4.36 29.78
N LYS G 334 29.22 3.98 28.56
CA LYS G 334 30.55 4.26 28.01
C LYS G 334 30.84 5.76 27.98
N GLU G 335 29.91 6.54 27.41
CA GLU G 335 30.05 7.99 27.29
C GLU G 335 30.37 8.68 28.62
N GLN G 336 29.60 8.33 29.65
CA GLN G 336 29.76 8.92 30.98
C GLN G 336 31.01 8.43 31.71
N TRP G 337 31.47 7.23 31.37
CA TRP G 337 32.79 6.76 31.83
C TRP G 337 33.86 7.70 31.33
N GLU G 338 33.85 7.92 30.01
CA GLU G 338 34.81 8.82 29.36
C GLU G 338 34.82 10.19 30.03
N MSE G 339 33.63 10.76 30.19
CA MSE G 339 33.45 12.06 30.82
C MSE G 339 34.12 12.12 32.19
O MSE G 339 34.83 13.09 32.48
CB MSE G 339 31.96 12.33 31.00
CG MSE G 339 31.22 12.74 29.75
SE MSE G 339 29.39 13.20 30.25
CE MSE G 339 29.73 14.91 31.18
N PHE G 340 33.88 11.10 33.00
CA PHE G 340 34.41 11.05 34.36
C PHE G 340 35.93 10.92 34.36
N ILE G 341 36.46 10.09 33.46
CA ILE G 341 37.91 9.96 33.36
C ILE G 341 38.49 11.29 32.89
N ARG G 342 37.86 11.91 31.90
CA ARG G 342 38.27 13.24 31.43
C ARG G 342 38.10 14.33 32.50
N HIS G 343 37.31 14.02 33.55
CA HIS G 343 37.13 14.95 34.66
C HIS G 343 38.27 14.85 35.69
N VAL G 344 39.01 13.74 35.66
CA VAL G 344 40.11 13.52 36.60
C VAL G 344 41.47 13.89 36.02
N TYR G 345 41.88 13.18 34.97
CA TYR G 345 43.21 13.34 34.38
C TYR G 345 43.33 14.64 33.57
N GLU G 346 42.23 15.02 32.93
CA GLU G 346 42.16 16.25 32.12
C GLU G 346 41.52 17.36 32.96
N ASP G 347 40.92 16.97 34.09
CA ASP G 347 40.18 17.87 34.98
C ASP G 347 39.19 18.79 34.23
N ALA G 348 38.11 18.18 33.74
CA ALA G 348 37.07 18.89 32.99
C ALA G 348 35.82 19.10 33.86
N PRO G 349 35.01 20.14 33.53
CA PRO G 349 33.69 20.31 34.15
C PRO G 349 32.88 19.01 34.14
N TYR G 350 32.23 18.71 35.26
CA TYR G 350 31.52 17.45 35.42
C TYR G 350 30.49 17.57 36.54
N LYS G 351 29.22 17.62 36.15
CA LYS G 351 28.12 17.79 37.09
C LYS G 351 27.79 16.52 37.88
N PHE G 352 28.09 15.36 37.31
CA PHE G 352 27.55 14.09 37.82
C PHE G 352 28.29 13.46 39.01
N THR G 353 28.41 14.22 40.09
CA THR G 353 29.09 13.74 41.30
C THR G 353 28.18 12.89 42.17
N LEU G 354 28.73 12.36 43.26
CA LEU G 354 27.95 11.57 44.23
C LEU G 354 26.81 12.38 44.83
N LEU G 355 26.98 13.69 44.87
CA LEU G 355 25.93 14.61 45.29
C LEU G 355 24.63 14.41 44.48
N GLU G 356 24.78 14.16 43.19
CA GLU G 356 23.62 13.93 42.35
C GLU G 356 22.94 12.63 42.73
N GLY G 357 23.74 11.60 43.04
CA GLY G 357 23.22 10.29 43.46
C GLY G 357 22.43 10.39 44.74
N ALA G 358 22.95 11.19 45.67
CA ALA G 358 22.31 11.50 46.93
C ALA G 358 20.98 12.23 46.75
N LYS G 359 20.98 13.21 45.85
CA LYS G 359 19.78 13.95 45.46
C LYS G 359 18.60 13.06 45.04
N GLY G 360 18.90 11.93 44.40
CA GLY G 360 17.87 10.99 43.95
C GLY G 360 17.23 10.33 45.13
N VAL G 361 18.06 9.86 46.06
CA VAL G 361 17.61 9.21 47.28
C VAL G 361 16.77 10.18 48.12
N GLN G 362 17.24 11.41 48.24
CA GLN G 362 16.46 12.44 48.91
C GLN G 362 15.03 12.47 48.33
N LEU G 363 14.95 12.54 47.01
CA LEU G 363 13.67 12.64 46.34
C LEU G 363 12.80 11.39 46.51
N ALA G 364 13.41 10.20 46.42
CA ALA G 364 12.67 8.97 46.69
C ALA G 364 12.11 9.02 48.11
N GLU G 365 12.98 9.31 49.08
CA GLU G 365 12.60 9.38 50.49
C GLU G 365 11.56 10.46 50.73
N CYS G 366 11.54 11.47 49.88
CA CYS G 366 10.52 12.51 49.93
C CYS G 366 9.20 11.97 49.40
N ALA G 367 9.28 11.22 48.30
CA ALA G 367 8.11 10.65 47.64
C ALA G 367 7.42 9.62 48.52
N LEU G 368 8.20 8.75 49.17
CA LEU G 368 7.65 7.80 50.15
C LEU G 368 6.95 8.49 51.33
N LYS G 369 7.58 9.53 51.86
CA LYS G 369 7.02 10.34 52.94
C LYS G 369 5.69 11.00 52.52
N SER G 370 5.69 11.64 51.35
CA SER G 370 4.48 12.31 50.87
C SER G 370 3.31 11.33 50.80
N TRP G 371 3.60 10.09 50.43
CA TRP G 371 2.65 9.00 50.43
C TRP G 371 2.15 8.65 51.85
N LYS G 372 3.09 8.43 52.76
CA LYS G 372 2.77 8.06 54.15
C LYS G 372 1.99 9.15 54.88
N GLU G 373 2.19 10.39 54.45
CA GLU G 373 1.61 11.55 55.12
C GLU G 373 0.59 12.28 54.26
N ARG G 374 0.28 11.73 53.08
CA ARG G 374 -0.80 12.19 52.22
C ARG G 374 -0.77 13.72 52.00
N ARG G 375 0.43 14.22 51.75
CA ARG G 375 0.62 15.63 51.48
C ARG G 375 1.86 15.82 50.60
N TRP G 376 1.96 16.99 49.96
CA TRP G 376 3.14 17.35 49.19
C TRP G 376 4.32 17.46 50.15
N ILE G 377 5.50 17.06 49.71
CA ILE G 377 6.70 17.29 50.49
C ILE G 377 7.67 18.15 49.68
N ASP G 378 8.15 19.22 50.32
CA ASP G 378 9.17 20.10 49.75
C ASP G 378 10.51 19.37 49.66
N VAL G 379 11.29 19.66 48.63
CA VAL G 379 12.65 19.14 48.52
C VAL G 379 13.63 20.19 49.04
N ALA G 380 14.08 19.97 50.27
CA ALA G 380 14.99 20.86 50.98
C ALA G 380 16.34 21.00 50.27
N PRO G 381 16.99 22.18 50.43
CA PRO G 381 18.33 22.38 49.91
C PRO G 381 19.32 21.53 50.72
N ILE G 382 20.37 21.07 50.06
CA ILE G 382 21.39 20.27 50.71
C ILE G 382 22.43 21.14 51.43
N THR H 3 -30.99 32.23 -36.52
CA THR H 3 -31.05 32.09 -35.03
C THR H 3 -31.41 30.67 -34.58
N THR H 4 -32.35 30.05 -35.30
CA THR H 4 -32.80 28.68 -34.99
C THR H 4 -33.52 28.05 -36.18
N GLN H 5 -33.03 26.89 -36.61
CA GLN H 5 -33.61 26.16 -37.74
C GLN H 5 -34.08 24.76 -37.37
N ARG H 6 -34.77 24.11 -38.32
CA ARG H 6 -35.30 22.77 -38.11
C ARG H 6 -34.74 21.77 -39.12
N LEU H 7 -34.41 20.58 -38.63
CA LEU H 7 -33.88 19.50 -39.44
C LEU H 7 -34.72 18.23 -39.22
N GLY H 8 -35.32 17.74 -40.30
CA GLY H 8 -36.08 16.49 -40.25
C GLY H 8 -35.15 15.30 -40.35
N LEU H 9 -35.43 14.25 -39.59
CA LEU H 9 -34.55 13.08 -39.54
C LEU H 9 -35.29 11.79 -39.23
N ILE H 10 -35.38 10.92 -40.24
CA ILE H 10 -36.05 9.63 -40.06
C ILE H 10 -35.01 8.58 -39.67
N MSE H 11 -35.33 7.72 -38.73
CA MSE H 11 -34.35 6.81 -38.16
C MSE H 11 -34.80 5.36 -38.15
O MSE H 11 -35.69 4.98 -37.40
CB MSE H 11 -33.95 7.25 -36.75
CG MSE H 11 -33.24 8.62 -36.71
SE MSE H 11 -32.78 9.27 -34.93
CE MSE H 11 -31.33 8.03 -34.50
N ASN H 12 -34.16 4.54 -38.99
CA ASN H 12 -34.48 3.12 -39.12
C ASN H 12 -33.52 2.22 -38.33
N GLY H 13 -34.07 1.16 -37.72
CA GLY H 13 -33.25 0.18 -37.02
C GLY H 13 -32.86 0.58 -35.61
N VAL H 14 -33.23 1.81 -35.25
CA VAL H 14 -33.09 2.32 -33.89
C VAL H 14 -33.89 1.40 -32.97
N THR H 15 -33.28 1.06 -31.84
CA THR H 15 -33.76 0.03 -30.91
C THR H 15 -33.06 -1.30 -31.27
N GLY H 16 -31.73 -1.20 -31.40
CA GLY H 16 -30.84 -2.34 -31.69
C GLY H 16 -31.07 -3.52 -30.77
N ARG H 17 -30.24 -3.72 -29.72
CA ARG H 17 -28.87 -3.19 -29.50
C ARG H 17 -28.52 -1.70 -29.68
N MSE H 18 -27.32 -1.47 -30.21
CA MSE H 18 -26.57 -0.22 -30.04
C MSE H 18 -26.99 0.98 -30.90
O MSE H 18 -26.43 2.07 -30.76
CB MSE H 18 -25.07 -0.49 -30.21
CG MSE H 18 -24.49 -1.34 -29.08
SE MSE H 18 -22.60 -1.80 -29.36
CE MSE H 18 -22.33 -3.00 -27.81
N GLY H 19 -27.97 0.77 -31.79
CA GLY H 19 -28.63 1.90 -32.44
C GLY H 19 -29.30 2.76 -31.39
N LEU H 20 -30.12 2.12 -30.55
CA LEU H 20 -30.75 2.73 -29.39
C LEU H 20 -29.75 3.53 -28.56
N ASN H 21 -28.72 2.82 -28.08
CA ASN H 21 -27.71 3.38 -27.19
C ASN H 21 -26.95 4.53 -27.86
N GLN H 22 -26.13 4.18 -28.84
CA GLN H 22 -25.12 5.08 -29.35
C GLN H 22 -25.67 6.27 -30.13
N HIS H 23 -26.62 6.02 -31.02
CA HIS H 23 -27.14 7.09 -31.88
C HIS H 23 -28.36 7.77 -31.27
N LEU H 24 -29.34 6.97 -30.87
CA LEU H 24 -30.57 7.52 -30.31
C LEU H 24 -30.29 8.27 -29.01
N ILE H 25 -29.88 7.51 -27.98
CA ILE H 25 -29.62 8.06 -26.65
C ILE H 25 -28.44 9.04 -26.67
N ARG H 26 -27.28 8.55 -27.07
CA ARG H 26 -26.02 9.29 -26.90
C ARG H 26 -25.75 10.36 -27.98
N SER H 27 -26.56 10.39 -29.05
CA SER H 27 -26.33 11.36 -30.14
C SER H 27 -27.48 12.32 -30.42
N ILE H 28 -28.63 11.75 -30.82
CA ILE H 28 -29.78 12.55 -31.23
C ILE H 28 -30.40 13.26 -30.03
N VAL H 29 -30.76 12.47 -29.01
CA VAL H 29 -31.29 12.99 -27.75
C VAL H 29 -30.26 13.90 -27.09
N ALA H 30 -28.99 13.52 -27.20
CA ALA H 30 -27.90 14.33 -26.66
C ALA H 30 -27.82 15.70 -27.32
N ILE H 31 -27.86 15.74 -28.66
CA ILE H 31 -27.81 17.00 -29.41
C ILE H 31 -29.08 17.82 -29.16
N ARG H 32 -30.21 17.12 -29.12
CA ARG H 32 -31.49 17.71 -28.75
C ARG H 32 -31.38 18.55 -27.46
N ASP H 33 -31.06 17.87 -26.36
CA ASP H 33 -31.00 18.51 -25.04
C ASP H 33 -30.03 19.70 -24.99
N GLN H 34 -28.81 19.50 -25.48
CA GLN H 34 -27.79 20.54 -25.47
C GLN H 34 -28.23 21.83 -26.18
N GLY H 35 -29.29 21.73 -26.97
CA GLY H 35 -29.84 22.89 -27.69
C GLY H 35 -29.63 22.88 -29.19
N GLY H 36 -29.00 21.82 -29.70
CA GLY H 36 -28.76 21.66 -31.13
C GLY H 36 -27.33 21.87 -31.59
N VAL H 37 -27.09 21.65 -32.88
CA VAL H 37 -25.75 21.71 -33.45
C VAL H 37 -25.32 23.15 -33.70
N ARG H 38 -24.07 23.45 -33.34
CA ARG H 38 -23.46 24.76 -33.62
C ARG H 38 -23.31 24.98 -35.13
N LEU H 39 -22.97 26.20 -35.53
CA LEU H 39 -22.65 26.49 -36.94
C LEU H 39 -21.29 27.13 -37.12
N LYS H 40 -21.21 28.10 -38.04
CA LYS H 40 -19.98 28.86 -38.27
C LYS H 40 -20.13 30.25 -37.65
N ASN H 41 -21.25 30.91 -37.95
CA ASN H 41 -21.54 32.25 -37.45
C ASN H 41 -22.46 32.25 -36.23
N GLY H 42 -22.30 31.24 -35.37
CA GLY H 42 -22.96 31.22 -34.06
C GLY H 42 -24.32 30.53 -33.98
N ASP H 43 -25.12 30.65 -35.04
CA ASP H 43 -26.49 30.11 -35.09
C ASP H 43 -26.56 28.57 -34.99
N ARG H 44 -27.74 28.05 -34.63
CA ARG H 44 -27.89 26.64 -34.23
C ARG H 44 -28.92 25.83 -35.03
N ILE H 45 -28.65 24.54 -35.20
CA ILE H 45 -29.51 23.62 -35.95
C ILE H 45 -30.22 22.67 -34.99
N MSE H 46 -31.55 22.73 -34.93
CA MSE H 46 -32.32 21.78 -34.11
C MSE H 46 -32.89 20.63 -34.94
O MSE H 46 -33.69 20.84 -35.84
CB MSE H 46 -33.42 22.48 -33.30
CG MSE H 46 -33.16 22.55 -31.78
SE MSE H 46 -33.35 20.85 -30.77
CE MSE H 46 -35.27 20.54 -31.02
N PRO H 47 -32.45 19.39 -34.61
CA PRO H 47 -32.93 18.17 -35.25
C PRO H 47 -34.31 17.76 -34.76
N ASP H 48 -35.23 17.54 -35.70
CA ASP H 48 -36.60 17.10 -35.41
C ASP H 48 -36.75 15.66 -35.89
N PRO H 49 -36.51 14.69 -34.98
CA PRO H 49 -36.54 13.27 -35.35
C PRO H 49 -37.94 12.73 -35.58
N ILE H 50 -38.00 11.62 -36.32
CA ILE H 50 -39.21 10.82 -36.51
C ILE H 50 -38.76 9.35 -36.58
N LEU H 51 -39.28 8.54 -35.66
CA LEU H 51 -38.74 7.21 -35.40
C LEU H 51 -39.37 6.09 -36.22
N VAL H 52 -38.58 5.05 -36.50
CA VAL H 52 -39.00 3.89 -37.30
C VAL H 52 -38.28 2.62 -36.81
N GLY H 53 -39.04 1.56 -36.58
CA GLY H 53 -38.47 0.30 -36.10
C GLY H 53 -38.88 -0.94 -36.89
N ARG H 54 -39.58 -1.85 -36.22
CA ARG H 54 -40.09 -3.09 -36.83
C ARG H 54 -41.55 -3.36 -36.43
N SER H 55 -41.79 -3.47 -35.12
CA SER H 55 -43.14 -3.69 -34.58
C SER H 55 -43.52 -2.63 -33.54
N ALA H 56 -44.62 -1.92 -33.78
CA ALA H 56 -45.02 -0.74 -33.02
C ALA H 56 -45.39 -0.95 -31.55
N GLU H 57 -45.54 -2.22 -31.14
CA GLU H 57 -45.85 -2.53 -29.73
C GLU H 57 -44.61 -2.52 -28.80
N LYS H 58 -43.41 -2.54 -29.40
CA LYS H 58 -42.15 -2.43 -28.65
C LYS H 58 -41.43 -1.10 -28.92
N VAL H 59 -41.78 -0.45 -30.04
CA VAL H 59 -41.19 0.85 -30.41
C VAL H 59 -42.16 2.00 -30.07
N GLU H 60 -43.10 1.71 -29.18
CA GLU H 60 -44.19 2.60 -28.82
C GLU H 60 -43.71 3.84 -28.06
N ALA H 61 -43.35 3.66 -26.78
CA ALA H 61 -43.12 4.75 -25.83
C ALA H 61 -41.93 5.65 -26.15
N LEU H 62 -40.91 5.07 -26.78
CA LEU H 62 -39.65 5.78 -27.07
C LEU H 62 -39.84 7.27 -27.40
N ALA H 63 -40.84 7.57 -28.22
CA ALA H 63 -41.16 8.95 -28.61
C ALA H 63 -41.21 9.88 -27.41
N LYS H 64 -42.17 9.66 -26.51
CA LYS H 64 -42.30 10.47 -25.30
C LYS H 64 -41.41 10.01 -24.15
N ARG H 65 -40.77 8.85 -24.33
CA ARG H 65 -39.76 8.33 -23.40
C ARG H 65 -38.58 9.30 -23.35
N PHE H 66 -38.38 10.02 -24.46
CA PHE H 66 -37.38 11.08 -24.55
C PHE H 66 -38.02 12.40 -25.02
N ASN H 67 -39.33 12.36 -25.26
CA ASN H 67 -40.16 13.52 -25.65
C ASN H 67 -39.76 14.12 -27.00
N ILE H 68 -39.99 13.35 -28.07
CA ILE H 68 -39.60 13.76 -29.43
C ILE H 68 -40.77 14.22 -30.31
N ALA H 69 -41.47 13.30 -30.98
CA ALA H 69 -42.58 13.65 -31.89
C ALA H 69 -43.36 12.47 -32.46
N ARG H 70 -42.81 11.83 -33.49
CA ARG H 70 -43.56 10.86 -34.30
C ARG H 70 -42.87 9.52 -34.47
N TRP H 71 -43.66 8.46 -34.57
CA TRP H 71 -43.19 7.15 -35.03
C TRP H 71 -44.25 6.42 -35.86
N THR H 72 -43.82 5.69 -36.90
CA THR H 72 -44.69 4.80 -37.68
C THR H 72 -43.99 3.43 -37.94
N THR H 73 -44.79 2.41 -38.24
CA THR H 73 -44.27 1.06 -38.53
C THR H 73 -43.90 0.94 -40.00
N ASP H 74 -44.70 1.57 -40.86
CA ASP H 74 -44.47 1.60 -42.30
C ASP H 74 -43.39 2.64 -42.61
N LEU H 75 -42.33 2.18 -43.27
CA LEU H 75 -41.18 3.03 -43.62
C LEU H 75 -41.55 4.17 -44.57
N ASP H 76 -42.30 3.83 -45.62
CA ASP H 76 -42.69 4.77 -46.68
C ASP H 76 -43.35 6.04 -46.17
N ALA H 77 -43.92 5.96 -44.97
CA ALA H 77 -44.63 7.07 -44.33
C ALA H 77 -43.71 8.26 -44.03
N ALA H 78 -42.56 7.98 -43.42
CA ALA H 78 -41.58 9.01 -43.13
C ALA H 78 -40.73 9.30 -44.38
N LEU H 79 -40.54 8.29 -45.21
CA LEU H 79 -39.84 8.42 -46.49
C LEU H 79 -40.46 9.51 -47.37
N ALA H 80 -41.80 9.49 -47.43
CA ALA H 80 -42.57 10.41 -48.26
C ALA H 80 -42.28 11.88 -47.96
N ASP H 81 -42.42 12.26 -46.69
CA ASP H 81 -42.33 13.66 -46.25
C ASP H 81 -41.15 14.45 -46.82
N LYS H 82 -41.41 15.69 -47.23
CA LYS H 82 -40.36 16.59 -47.69
C LYS H 82 -39.89 17.50 -46.55
N ASN H 83 -40.68 17.55 -45.48
CA ASN H 83 -40.28 18.26 -44.25
C ASN H 83 -39.17 17.52 -43.50
N ASP H 84 -39.04 16.22 -43.78
CA ASP H 84 -37.88 15.42 -43.37
C ASP H 84 -36.85 15.44 -44.50
N THR H 85 -35.78 16.20 -44.32
CA THR H 85 -34.76 16.36 -45.37
C THR H 85 -33.54 15.42 -45.24
N MSE H 86 -33.56 14.54 -44.24
CA MSE H 86 -32.42 13.63 -43.94
C MSE H 86 -32.87 12.22 -43.51
O MSE H 86 -33.97 12.05 -42.99
CB MSE H 86 -31.52 14.26 -42.88
CG MSE H 86 -30.03 14.00 -43.08
SE MSE H 86 -28.93 14.35 -41.49
CE MSE H 86 -29.44 12.78 -40.46
N PHE H 87 -31.99 11.23 -43.68
CA PHE H 87 -32.30 9.84 -43.37
C PHE H 87 -31.17 9.10 -42.65
N PHE H 88 -31.52 8.36 -41.59
CA PHE H 88 -30.55 7.53 -40.86
C PHE H 88 -31.06 6.09 -40.72
N ASP H 89 -30.12 5.15 -40.70
CA ASP H 89 -30.43 3.73 -40.57
C ASP H 89 -29.35 2.96 -39.81
N ALA H 90 -29.77 2.09 -38.88
CA ALA H 90 -28.85 1.25 -38.10
C ALA H 90 -29.34 -0.22 -37.96
N ALA H 91 -30.14 -0.66 -38.93
CA ALA H 91 -30.75 -2.00 -38.91
C ALA H 91 -29.85 -3.08 -39.54
N THR H 92 -30.48 -4.06 -40.22
CA THR H 92 -29.79 -5.23 -40.81
C THR H 92 -28.91 -4.85 -42.00
N THR H 93 -27.87 -5.64 -42.21
CA THR H 93 -26.92 -5.42 -43.31
C THR H 93 -27.56 -5.53 -44.71
N GLN H 94 -28.23 -6.65 -44.99
CA GLN H 94 -28.80 -6.90 -46.32
C GLN H 94 -29.93 -5.95 -46.72
N ALA H 95 -30.74 -5.55 -45.74
CA ALA H 95 -31.86 -4.63 -45.98
C ALA H 95 -31.41 -3.19 -46.25
N ARG H 96 -30.20 -2.83 -45.79
CA ARG H 96 -29.69 -1.45 -45.78
C ARG H 96 -29.55 -0.75 -47.15
N PRO H 97 -28.83 -1.38 -48.10
CA PRO H 97 -28.59 -0.71 -49.39
C PRO H 97 -29.90 -0.40 -50.12
N GLY H 98 -30.82 -1.36 -50.13
CA GLY H 98 -32.15 -1.17 -50.69
C GLY H 98 -32.85 0.05 -50.13
N LEU H 99 -32.72 0.26 -48.82
CA LEU H 99 -33.36 1.41 -48.16
C LEU H 99 -32.62 2.72 -48.43
N LEU H 100 -31.29 2.65 -48.45
CA LEU H 100 -30.47 3.79 -48.84
C LEU H 100 -30.89 4.28 -50.21
N THR H 101 -30.98 3.36 -51.16
CA THR H 101 -31.49 3.64 -52.48
C THR H 101 -32.82 4.41 -52.41
N GLN H 102 -33.77 3.90 -51.62
CA GLN H 102 -35.10 4.52 -51.52
C GLN H 102 -35.04 5.95 -50.97
N ALA H 103 -34.18 6.17 -49.98
CA ALA H 103 -33.99 7.52 -49.44
C ALA H 103 -33.24 8.42 -50.41
N ILE H 104 -32.23 7.86 -51.08
CA ILE H 104 -31.47 8.59 -52.09
C ILE H 104 -32.38 9.02 -53.23
N ASN H 105 -33.17 8.07 -53.76
CA ASN H 105 -34.23 8.38 -54.70
C ASN H 105 -35.10 9.48 -54.17
N ALA H 106 -35.62 9.29 -52.95
CA ALA H 106 -36.48 10.27 -52.32
C ALA H 106 -35.81 11.64 -52.16
N GLY H 107 -34.50 11.69 -52.44
CA GLY H 107 -33.73 12.94 -52.41
C GLY H 107 -33.14 13.31 -51.05
N LYS H 108 -33.20 12.40 -50.09
CA LYS H 108 -32.70 12.63 -48.72
C LYS H 108 -31.18 12.51 -48.64
N HIS H 109 -30.57 13.40 -47.86
CA HIS H 109 -29.18 13.21 -47.43
C HIS H 109 -29.12 11.91 -46.62
N VAL H 110 -28.03 11.16 -46.76
CA VAL H 110 -27.96 9.81 -46.19
C VAL H 110 -26.94 9.66 -45.06
N TYR H 111 -27.27 8.81 -44.07
CA TYR H 111 -26.38 8.48 -42.96
C TYR H 111 -26.69 7.08 -42.40
N CYS H 112 -25.66 6.26 -42.16
CA CYS H 112 -25.89 4.87 -41.73
C CYS H 112 -24.72 4.22 -40.99
N GLU H 113 -25.01 3.08 -40.36
CA GLU H 113 -24.02 2.27 -39.64
C GLU H 113 -23.18 1.40 -40.57
N LYS H 114 -22.17 0.72 -40.01
CA LYS H 114 -21.31 -0.18 -40.79
C LYS H 114 -21.85 -1.61 -40.74
N PRO H 115 -21.58 -2.41 -41.79
CA PRO H 115 -21.21 -2.04 -43.16
C PRO H 115 -22.43 -1.51 -43.94
N ILE H 116 -22.18 -0.88 -45.09
CA ILE H 116 -23.26 -0.32 -45.91
C ILE H 116 -23.93 -1.38 -46.81
N ALA H 117 -23.28 -2.52 -46.98
CA ALA H 117 -23.75 -3.61 -47.83
C ALA H 117 -22.99 -4.90 -47.51
N THR H 118 -23.33 -5.99 -48.20
CA THR H 118 -22.76 -7.31 -47.92
C THR H 118 -21.57 -7.54 -48.82
N ASN H 119 -21.60 -6.89 -49.97
CA ASN H 119 -20.60 -7.08 -51.02
C ASN H 119 -20.23 -5.72 -51.60
N PHE H 120 -19.04 -5.65 -52.16
CA PHE H 120 -18.49 -4.43 -52.74
C PHE H 120 -19.35 -3.81 -53.86
N GLU H 121 -19.82 -4.64 -54.79
CA GLU H 121 -20.69 -4.21 -55.89
C GLU H 121 -21.89 -3.39 -55.37
N GLU H 122 -22.58 -3.96 -54.39
CA GLU H 122 -23.75 -3.32 -53.80
C GLU H 122 -23.37 -1.98 -53.17
N ALA H 123 -22.30 -1.99 -52.37
CA ALA H 123 -21.81 -0.80 -51.69
C ALA H 123 -21.42 0.29 -52.69
N LEU H 124 -20.67 -0.09 -53.72
CA LEU H 124 -20.20 0.85 -54.73
C LEU H 124 -21.35 1.56 -55.46
N GLU H 125 -22.41 0.81 -55.77
CA GLU H 125 -23.54 1.36 -56.52
C GLU H 125 -24.33 2.38 -55.71
N VAL H 126 -24.39 2.13 -54.40
CA VAL H 126 -25.05 3.06 -53.48
C VAL H 126 -24.32 4.41 -53.47
N VAL H 127 -22.99 4.37 -53.54
CA VAL H 127 -22.16 5.56 -53.59
C VAL H 127 -22.48 6.37 -54.84
N LYS H 128 -22.57 5.66 -55.96
CA LYS H 128 -22.86 6.24 -57.25
C LYS H 128 -24.25 6.89 -57.29
N LEU H 129 -25.23 6.25 -56.66
CA LEU H 129 -26.58 6.82 -56.53
C LEU H 129 -26.55 8.15 -55.81
N ALA H 130 -25.82 8.18 -54.69
CA ALA H 130 -25.74 9.33 -53.81
C ALA H 130 -25.02 10.49 -54.46
N ASN H 131 -23.92 10.19 -55.14
CA ASN H 131 -23.12 11.19 -55.85
C ASN H 131 -23.92 11.79 -57.02
N SER H 132 -24.54 10.93 -57.84
CA SER H 132 -25.36 11.35 -58.97
C SER H 132 -26.47 12.31 -58.54
N LYS H 133 -27.31 11.89 -57.58
CA LYS H 133 -28.39 12.74 -57.05
C LYS H 133 -27.91 14.08 -56.48
N GLY H 134 -26.71 14.10 -55.90
CA GLY H 134 -26.17 15.32 -55.33
C GLY H 134 -26.54 15.49 -53.87
N VAL H 135 -27.01 14.41 -53.25
CA VAL H 135 -27.26 14.40 -51.80
C VAL H 135 -25.94 14.29 -51.05
N LYS H 136 -25.98 14.66 -49.78
CA LYS H 136 -24.83 14.48 -48.87
C LYS H 136 -24.97 13.11 -48.27
N HIS H 137 -23.84 12.43 -48.11
CA HIS H 137 -23.88 11.11 -47.51
C HIS H 137 -22.75 10.92 -46.50
N GLY H 138 -22.99 10.01 -45.54
CA GLY H 138 -22.01 9.70 -44.50
C GLY H 138 -22.24 8.32 -43.93
N THR H 139 -21.19 7.74 -43.37
CA THR H 139 -21.28 6.44 -42.70
C THR H 139 -20.44 6.52 -41.42
N VAL H 140 -20.80 5.74 -40.42
CA VAL H 140 -20.16 5.79 -39.11
C VAL H 140 -18.78 5.17 -39.16
N GLN H 141 -17.80 5.83 -38.54
CA GLN H 141 -16.43 5.30 -38.43
C GLN H 141 -15.99 5.52 -37.00
N ASP H 142 -16.61 4.78 -36.10
CA ASP H 142 -16.65 5.12 -34.68
C ASP H 142 -15.28 4.99 -34.03
N LYS H 143 -14.59 3.89 -34.32
CA LYS H 143 -13.30 3.61 -33.68
C LYS H 143 -12.27 4.73 -33.80
N LEU H 144 -12.44 5.58 -34.80
CA LEU H 144 -11.56 6.69 -35.00
C LEU H 144 -11.68 7.71 -33.88
N PHE H 145 -12.85 7.72 -33.27
CA PHE H 145 -13.23 8.72 -32.30
C PHE H 145 -13.08 8.20 -30.87
N LEU H 146 -12.50 7.02 -30.73
CA LEU H 146 -12.19 6.46 -29.44
C LEU H 146 -11.05 7.28 -28.87
N PRO H 147 -11.13 7.68 -27.59
CA PRO H 147 -10.06 8.53 -27.05
C PRO H 147 -8.67 7.95 -27.32
N GLY H 148 -8.58 6.62 -27.26
CA GLY H 148 -7.31 5.93 -27.49
C GLY H 148 -6.74 6.24 -28.84
N LEU H 149 -7.59 6.20 -29.87
CA LEU H 149 -7.12 6.37 -31.23
C LEU H 149 -6.99 7.83 -31.54
N LYS H 150 -7.90 8.63 -31.02
CA LYS H 150 -7.72 10.09 -30.99
C LYS H 150 -6.34 10.51 -30.47
N LYS H 151 -5.84 9.76 -29.50
CA LYS H 151 -4.50 10.00 -28.94
C LYS H 151 -3.36 9.63 -29.89
N ILE H 152 -3.49 8.49 -30.55
CA ILE H 152 -2.55 8.04 -31.56
C ILE H 152 -2.37 9.14 -32.61
N ALA H 153 -3.50 9.68 -33.06
CA ALA H 153 -3.50 10.73 -34.08
C ALA H 153 -2.69 11.93 -33.59
N PHE H 154 -2.88 12.28 -32.34
CA PHE H 154 -2.20 13.39 -31.74
C PHE H 154 -0.71 13.11 -31.64
N LEU H 155 -0.36 11.84 -31.38
CA LEU H 155 1.02 11.49 -31.30
C LEU H 155 1.62 11.60 -32.69
N ARG H 156 0.87 11.13 -33.70
CA ARG H 156 1.28 11.24 -35.07
C ARG H 156 1.50 12.69 -35.44
N ASP H 157 0.45 13.50 -35.29
CA ASP H 157 0.51 14.88 -35.76
C ASP H 157 1.67 15.62 -35.11
N SER H 158 1.85 15.42 -33.83
CA SER H 158 2.80 16.21 -33.07
C SER H 158 4.22 15.66 -33.16
N GLY H 159 4.44 14.66 -34.02
CA GLY H 159 5.80 14.20 -34.34
C GLY H 159 6.46 13.25 -33.33
N PHE H 160 5.67 12.69 -32.41
CA PHE H 160 6.22 11.82 -31.36
C PHE H 160 6.95 10.56 -31.86
N PHE H 161 6.37 9.89 -32.85
CA PHE H 161 6.91 8.65 -33.37
C PHE H 161 8.20 8.84 -34.19
N GLY H 162 8.46 10.07 -34.62
CA GLY H 162 9.42 10.29 -35.71
C GLY H 162 8.84 9.69 -36.99
N ARG H 163 9.39 8.56 -37.41
CA ARG H 163 8.89 7.80 -38.56
C ARG H 163 8.20 6.54 -38.04
N ILE H 164 6.89 6.44 -38.24
CA ILE H 164 6.16 5.24 -37.88
C ILE H 164 6.68 4.02 -38.66
N LEU H 165 6.79 2.90 -37.96
CA LEU H 165 7.43 1.71 -38.48
C LEU H 165 6.46 0.54 -38.62
N SER H 166 5.79 0.18 -37.53
CA SER H 166 4.96 -1.00 -37.53
C SER H 166 3.77 -0.84 -36.60
N VAL H 167 2.66 -1.52 -36.93
CA VAL H 167 1.48 -1.53 -36.08
C VAL H 167 1.08 -2.95 -35.74
N ARG H 168 0.78 -3.15 -34.47
CA ARG H 168 0.35 -4.41 -33.93
C ARG H 168 -1.00 -4.16 -33.31
N GLY H 169 -2.01 -4.89 -33.77
CA GLY H 169 -3.37 -4.75 -33.28
C GLY H 169 -3.77 -6.06 -32.66
N GLU H 170 -4.41 -6.01 -31.51
CA GLU H 170 -4.86 -7.22 -30.89
C GLU H 170 -6.31 -7.02 -30.53
N PHE H 171 -7.20 -7.74 -31.19
CA PHE H 171 -8.60 -7.45 -30.98
C PHE H 171 -9.38 -8.60 -30.42
N GLY H 172 -10.27 -8.30 -29.47
CA GLY H 172 -11.29 -9.24 -29.09
C GLY H 172 -11.24 -9.74 -27.67
N TYR H 173 -12.16 -10.63 -27.39
CA TYR H 173 -12.35 -11.23 -26.10
C TYR H 173 -13.11 -12.56 -26.29
N TRP H 174 -13.27 -13.34 -25.23
CA TRP H 174 -13.88 -14.65 -25.35
C TRP H 174 -15.39 -14.51 -25.30
N VAL H 175 -16.03 -14.73 -26.44
CA VAL H 175 -17.49 -14.72 -26.51
C VAL H 175 -17.93 -16.12 -26.12
N PHE H 176 -18.74 -16.20 -25.06
CA PHE H 176 -19.17 -17.48 -24.52
C PHE H 176 -20.06 -18.28 -25.43
N GLU H 177 -19.85 -19.58 -25.43
CA GLU H 177 -20.48 -20.51 -26.36
C GLU H 177 -21.95 -20.72 -26.10
N GLY H 178 -22.43 -20.34 -24.91
CA GLY H 178 -23.87 -20.35 -24.65
C GLY H 178 -24.38 -21.51 -23.83
N GLY H 179 -23.53 -22.52 -23.61
CA GLY H 179 -23.87 -23.66 -22.76
C GLY H 179 -24.07 -23.29 -21.29
N TRP H 180 -23.07 -22.66 -20.68
CA TRP H 180 -23.09 -22.42 -19.23
C TRP H 180 -23.35 -20.96 -18.86
N GLN H 181 -22.94 -20.07 -19.76
CA GLN H 181 -23.14 -18.64 -19.60
C GLN H 181 -23.62 -18.13 -20.94
N GLU H 182 -24.52 -17.16 -20.92
CA GLU H 182 -25.14 -16.68 -22.13
C GLU H 182 -24.13 -15.88 -22.95
N ALA H 183 -24.12 -16.10 -24.26
CA ALA H 183 -23.26 -15.39 -25.21
C ALA H 183 -23.47 -13.87 -25.13
N GLN H 184 -22.40 -13.10 -25.14
CA GLN H 184 -22.53 -11.63 -25.06
C GLN H 184 -22.94 -11.00 -26.39
N ARG H 185 -22.87 -11.78 -27.47
CA ARG H 185 -23.13 -11.26 -28.84
C ARG H 185 -24.18 -12.09 -29.55
N PRO H 186 -25.01 -11.42 -30.37
CA PRO H 186 -26.07 -12.09 -31.13
C PRO H 186 -25.57 -13.29 -31.97
N SER H 187 -26.39 -14.32 -32.10
CA SER H 187 -25.94 -15.58 -32.72
C SER H 187 -25.76 -15.53 -34.26
N TRP H 188 -26.47 -14.65 -34.96
CA TRP H 188 -26.26 -14.53 -36.41
C TRP H 188 -24.76 -14.38 -36.69
N ASN H 189 -24.04 -13.66 -35.82
CA ASN H 189 -22.59 -13.45 -35.93
C ASN H 189 -21.76 -14.73 -36.07
N TYR H 190 -22.39 -15.88 -35.86
CA TYR H 190 -21.63 -17.14 -35.87
C TYR H 190 -22.17 -18.09 -36.90
N ARG H 191 -23.06 -17.59 -37.75
CA ARG H 191 -23.58 -18.33 -38.86
C ARG H 191 -23.22 -17.65 -40.18
N ASP H 192 -22.57 -18.42 -41.05
CA ASP H 192 -22.03 -17.91 -42.31
C ASP H 192 -23.14 -17.40 -43.22
N GLU H 193 -24.23 -18.16 -43.24
CA GLU H 193 -25.40 -17.93 -44.10
C GLU H 193 -26.29 -16.76 -43.65
N ASP H 194 -26.09 -16.30 -42.42
CA ASP H 194 -26.81 -15.13 -41.95
C ASP H 194 -25.94 -13.87 -41.97
N GLY H 195 -24.80 -13.94 -42.66
CA GLY H 195 -23.87 -12.81 -42.77
C GLY H 195 -22.82 -12.67 -41.66
N GLY H 196 -22.78 -13.63 -40.74
CA GLY H 196 -21.78 -13.67 -39.66
C GLY H 196 -20.37 -13.84 -40.17
N GLY H 197 -19.39 -13.46 -39.36
CA GLY H 197 -18.00 -13.54 -39.78
C GLY H 197 -17.22 -12.38 -39.22
N ILE H 198 -16.17 -12.69 -38.47
CA ILE H 198 -15.36 -11.68 -37.85
C ILE H 198 -14.57 -10.88 -38.88
N ILE H 199 -14.20 -11.54 -39.98
CA ILE H 199 -13.49 -10.82 -41.03
C ILE H 199 -14.37 -9.72 -41.61
N LEU H 200 -15.54 -10.06 -42.16
CA LEU H 200 -16.32 -8.97 -42.72
C LEU H 200 -16.88 -8.00 -41.71
N ASP H 201 -16.83 -8.39 -40.45
CA ASP H 201 -17.27 -7.52 -39.39
C ASP H 201 -16.18 -6.51 -39.01
N MSE H 202 -14.99 -7.01 -38.69
CA MSE H 202 -13.95 -6.14 -38.16
C MSE H 202 -13.06 -5.52 -39.22
O MSE H 202 -12.60 -4.39 -39.04
CB MSE H 202 -13.15 -6.86 -37.09
CG MSE H 202 -14.04 -7.33 -35.95
SE MSE H 202 -15.10 -5.84 -35.19
CE MSE H 202 -13.57 -4.79 -34.58
N VAL H 203 -12.81 -6.23 -40.32
CA VAL H 203 -11.87 -5.73 -41.32
C VAL H 203 -12.45 -4.51 -42.00
N CYS H 204 -13.76 -4.40 -41.92
CA CYS H 204 -14.49 -3.18 -42.26
C CYS H 204 -14.01 -1.94 -41.47
N HIS H 205 -13.79 -2.10 -40.16
CA HIS H 205 -13.27 -1.04 -39.28
C HIS H 205 -11.80 -0.76 -39.54
N TRP H 206 -10.99 -1.81 -39.65
CA TRP H 206 -9.55 -1.67 -39.78
C TRP H 206 -9.20 -0.95 -41.06
N ARG H 207 -10.08 -1.02 -42.06
CA ARG H 207 -9.86 -0.25 -43.26
C ARG H 207 -9.63 1.22 -42.95
N TYR H 208 -10.57 1.84 -42.26
CA TYR H 208 -10.45 3.25 -41.97
C TYR H 208 -9.45 3.56 -40.86
N VAL H 209 -9.30 2.66 -39.88
CA VAL H 209 -8.31 2.86 -38.81
C VAL H 209 -6.91 2.97 -39.40
N LEU H 210 -6.53 1.97 -40.19
CA LEU H 210 -5.25 1.98 -40.90
C LEU H 210 -5.12 3.13 -41.90
N ASP H 211 -6.11 3.32 -42.75
CA ASP H 211 -6.06 4.39 -43.78
C ASP H 211 -5.79 5.73 -43.12
N ASN H 212 -6.57 6.03 -42.09
CA ASN H 212 -6.56 7.34 -41.48
C ASN H 212 -5.40 7.59 -40.53
N LEU H 213 -5.00 6.58 -39.77
CA LEU H 213 -3.96 6.82 -38.79
C LEU H 213 -2.57 6.63 -39.37
N PHE H 214 -2.39 5.65 -40.24
CA PHE H 214 -1.04 5.26 -40.61
C PHE H 214 -0.76 5.24 -42.09
N GLY H 215 -1.78 4.99 -42.90
CA GLY H 215 -1.60 5.06 -44.35
C GLY H 215 -2.49 4.11 -45.13
N ASN H 216 -2.82 4.52 -46.36
CA ASN H 216 -3.70 3.77 -47.24
C ASN H 216 -3.31 2.31 -47.45
N VAL H 217 -4.27 1.42 -47.24
CA VAL H 217 -4.07 -0.02 -47.35
C VAL H 217 -3.87 -0.41 -48.82
N GLN H 218 -2.82 -1.18 -49.10
CA GLN H 218 -2.53 -1.51 -50.48
C GLN H 218 -2.73 -2.99 -50.76
N SER H 219 -2.63 -3.81 -49.72
CA SER H 219 -2.74 -5.25 -49.88
C SER H 219 -2.84 -5.92 -48.51
N VAL H 220 -3.46 -7.08 -48.49
CA VAL H 220 -3.72 -7.81 -47.26
C VAL H 220 -3.50 -9.30 -47.46
N VAL H 221 -3.01 -9.95 -46.42
CA VAL H 221 -3.07 -11.40 -46.31
C VAL H 221 -3.81 -11.79 -45.02
N CYS H 222 -4.70 -12.75 -45.14
CA CYS H 222 -5.63 -13.04 -44.07
C CYS H 222 -6.02 -14.48 -44.15
N ILE H 223 -6.04 -15.14 -43.00
CA ILE H 223 -6.63 -16.47 -42.86
C ILE H 223 -7.59 -16.38 -41.69
N GLY H 224 -8.81 -16.89 -41.87
CA GLY H 224 -9.78 -16.99 -40.80
C GLY H 224 -9.83 -18.44 -40.37
N ASN H 225 -10.63 -18.72 -39.33
CA ASN H 225 -10.94 -20.08 -38.91
C ASN H 225 -12.23 -20.16 -38.07
N THR H 226 -12.86 -21.33 -38.02
CA THR H 226 -13.94 -21.53 -37.06
C THR H 226 -13.40 -22.32 -35.87
N ASP H 227 -13.04 -21.61 -34.80
CA ASP H 227 -12.41 -22.22 -33.66
C ASP H 227 -13.37 -23.10 -32.88
N ILE H 228 -14.63 -22.72 -32.83
CA ILE H 228 -15.68 -23.40 -32.04
C ILE H 228 -16.82 -23.90 -32.98
N PRO H 229 -17.08 -25.23 -33.00
CA PRO H 229 -18.06 -25.73 -33.97
C PRO H 229 -19.54 -25.61 -33.52
N GLU H 230 -19.79 -25.55 -32.22
CA GLU H 230 -21.16 -25.56 -31.74
C GLU H 230 -21.40 -24.47 -30.70
N ARG H 231 -22.41 -23.63 -30.93
CA ARG H 231 -22.81 -22.61 -29.95
C ARG H 231 -24.31 -22.70 -29.59
N PHE H 232 -24.78 -21.84 -28.68
CA PHE H 232 -26.18 -21.85 -28.27
C PHE H 232 -26.89 -20.54 -28.56
N ASP H 233 -27.99 -20.63 -29.30
CA ASP H 233 -29.03 -19.60 -29.49
C ASP H 233 -29.32 -18.67 -28.30
N GLU H 234 -29.86 -17.52 -28.62
CA GLU H 234 -30.62 -16.67 -27.68
C GLU H 234 -31.74 -17.43 -26.93
N GLN H 235 -32.18 -18.57 -27.48
CA GLN H 235 -33.18 -19.43 -26.85
C GLN H 235 -32.59 -20.72 -26.27
N GLY H 236 -31.27 -20.76 -26.08
CA GLY H 236 -30.62 -21.95 -25.53
C GLY H 236 -30.52 -23.15 -26.48
N LYS H 237 -30.69 -22.92 -27.78
CA LYS H 237 -30.65 -23.98 -28.78
C LYS H 237 -29.29 -24.06 -29.47
N LYS H 238 -28.73 -25.26 -29.55
CA LYS H 238 -27.43 -25.44 -30.17
C LYS H 238 -27.53 -25.39 -31.69
N TYR H 239 -26.46 -24.94 -32.33
CA TYR H 239 -26.44 -24.80 -33.77
C TYR H 239 -25.01 -24.93 -34.24
N LYS H 240 -24.86 -25.28 -35.52
CA LYS H 240 -23.56 -25.46 -36.12
C LYS H 240 -23.02 -24.07 -36.41
N ALA H 241 -21.92 -23.71 -35.75
CA ALA H 241 -21.30 -22.42 -35.98
C ALA H 241 -20.42 -22.54 -37.21
N THR H 242 -20.78 -21.79 -38.27
CA THR H 242 -20.11 -21.87 -39.57
C THR H 242 -19.23 -20.65 -39.93
N ALA H 243 -19.41 -19.55 -39.20
CA ALA H 243 -18.62 -18.33 -39.41
C ALA H 243 -17.18 -18.41 -38.90
N ASP H 244 -16.28 -17.65 -39.52
CA ASP H 244 -14.96 -17.47 -38.95
C ASP H 244 -15.12 -16.65 -37.67
N ASP H 245 -14.64 -17.19 -36.55
CA ASP H 245 -14.73 -16.51 -35.27
C ASP H 245 -13.35 -16.03 -34.78
N SER H 246 -12.33 -16.35 -35.57
CA SER H 246 -10.95 -15.83 -35.41
C SER H 246 -10.35 -15.62 -36.78
N ALA H 247 -9.51 -14.60 -36.90
CA ALA H 247 -8.77 -14.32 -38.13
C ALA H 247 -7.46 -13.62 -37.81
N TYR H 248 -6.49 -13.69 -38.72
CA TYR H 248 -5.16 -13.16 -38.49
C TYR H 248 -4.70 -12.43 -39.75
N ALA H 249 -4.73 -11.10 -39.76
CA ALA H 249 -4.34 -10.37 -40.98
C ALA H 249 -3.12 -9.46 -40.87
N THR H 250 -2.38 -9.40 -41.96
CA THR H 250 -1.22 -8.55 -42.08
C THR H 250 -1.54 -7.61 -43.23
N PHE H 251 -1.20 -6.34 -43.09
CA PHE H 251 -1.46 -5.34 -44.13
C PHE H 251 -0.18 -4.61 -44.54
N GLN H 252 -0.06 -4.28 -45.83
CA GLN H 252 0.97 -3.34 -46.30
C GLN H 252 0.30 -1.99 -46.59
N LEU H 253 0.89 -0.92 -46.06
CA LEU H 253 0.31 0.39 -46.17
C LEU H 253 1.17 1.27 -47.04
N GLU H 254 0.53 2.24 -47.70
CA GLU H 254 1.23 3.17 -48.56
C GLU H 254 2.18 3.95 -47.68
N GLY H 255 3.43 4.03 -48.12
CA GLY H 255 4.50 4.70 -47.39
C GLY H 255 5.46 3.73 -46.69
N GLY H 256 5.16 2.44 -46.69
CA GLY H 256 6.06 1.42 -46.16
C GLY H 256 5.71 0.80 -44.82
N VAL H 257 4.66 1.29 -44.16
CA VAL H 257 4.26 0.73 -42.87
C VAL H 257 3.54 -0.59 -43.04
N ILE H 258 3.92 -1.53 -42.17
CA ILE H 258 3.26 -2.83 -42.07
C ILE H 258 2.44 -2.88 -40.78
N ALA H 259 1.31 -3.56 -40.83
CA ALA H 259 0.44 -3.65 -39.68
C ALA H 259 -0.05 -5.07 -39.58
N HIS H 260 -0.07 -5.60 -38.37
CA HIS H 260 -0.71 -6.87 -38.17
C HIS H 260 -1.81 -6.80 -37.11
N ILE H 261 -2.98 -7.32 -37.44
CA ILE H 261 -4.05 -7.41 -36.49
C ILE H 261 -4.51 -8.84 -36.30
N ASN H 262 -4.42 -9.33 -35.06
CA ASN H 262 -5.09 -10.55 -34.69
C ASN H 262 -6.46 -10.14 -34.22
N MSE H 263 -7.49 -10.83 -34.70
CA MSE H 263 -8.84 -10.56 -34.22
C MSE H 263 -9.49 -11.89 -33.91
O MSE H 263 -9.26 -12.87 -34.62
CB MSE H 263 -9.62 -9.71 -35.23
CG MSE H 263 -10.05 -10.44 -36.48
SE MSE H 263 -10.15 -9.33 -38.11
CE MSE H 263 -8.30 -9.67 -38.73
N SER H 264 -10.26 -11.95 -32.82
CA SER H 264 -10.90 -13.20 -32.40
C SER H 264 -11.97 -13.02 -31.36
N TRP H 265 -13.03 -13.83 -31.47
CA TRP H 265 -14.06 -13.95 -30.45
C TRP H 265 -13.74 -15.10 -29.50
N VAL H 266 -12.58 -15.69 -29.70
CA VAL H 266 -12.24 -16.94 -29.03
C VAL H 266 -10.86 -16.81 -28.39
N THR H 267 -10.62 -15.68 -27.75
CA THR H 267 -9.33 -15.40 -27.14
C THR H 267 -9.60 -14.73 -25.81
N ARG H 268 -8.72 -14.93 -24.83
CA ARG H 268 -8.90 -14.40 -23.48
C ARG H 268 -7.94 -13.24 -23.32
N VAL H 269 -8.32 -12.28 -22.49
CA VAL H 269 -7.69 -10.96 -22.52
C VAL H 269 -6.62 -10.78 -21.45
N TYR H 270 -5.37 -10.66 -21.92
CA TYR H 270 -4.18 -10.36 -21.14
C TYR H 270 -3.52 -9.12 -21.76
N ARG H 271 -4.21 -7.99 -21.65
CA ARG H 271 -3.74 -6.74 -22.19
C ARG H 271 -4.56 -5.61 -21.58
N ASP H 272 -4.30 -4.38 -22.01
CA ASP H 272 -4.89 -3.18 -21.39
C ASP H 272 -6.39 -3.03 -21.68
N ASP H 273 -6.87 -3.59 -22.79
CA ASP H 273 -8.25 -3.41 -23.20
C ASP H 273 -8.73 -4.40 -24.25
N LEU H 274 -10.03 -4.32 -24.57
CA LEU H 274 -10.69 -5.20 -25.55
C LEU H 274 -10.13 -5.02 -26.96
N VAL H 275 -9.55 -3.85 -27.23
CA VAL H 275 -8.65 -3.69 -28.36
C VAL H 275 -7.39 -2.92 -27.97
N THR H 276 -6.30 -3.27 -28.65
CA THR H 276 -5.00 -2.68 -28.39
C THR H 276 -4.32 -2.42 -29.72
N PHE H 277 -3.75 -1.23 -29.88
CA PHE H 277 -2.95 -0.92 -31.04
C PHE H 277 -1.61 -0.42 -30.61
N GLN H 278 -0.55 -1.16 -30.96
CA GLN H 278 0.80 -0.70 -30.64
C GLN H 278 1.46 -0.12 -31.87
N VAL H 279 2.01 1.07 -31.71
CA VAL H 279 2.65 1.75 -32.81
C VAL H 279 4.13 1.90 -32.46
N ASP H 280 5.00 1.31 -33.28
CA ASP H 280 6.42 1.49 -33.06
C ASP H 280 6.96 2.48 -34.06
N GLY H 281 7.56 3.54 -33.54
CA GLY H 281 8.15 4.54 -34.39
C GLY H 281 9.61 4.62 -34.07
N THR H 282 10.36 5.18 -34.99
CA THR H 282 11.79 5.46 -34.82
C THR H 282 12.15 6.31 -33.59
N HIS H 283 11.21 7.13 -33.12
CA HIS H 283 11.47 8.08 -32.04
C HIS H 283 10.62 7.81 -30.82
N GLY H 284 9.89 6.70 -30.83
CA GLY H 284 9.06 6.34 -29.69
C GLY H 284 7.98 5.35 -30.04
N SER H 285 7.30 4.82 -29.03
CA SER H 285 6.23 3.89 -29.29
C SER H 285 5.03 4.20 -28.43
N ALA H 286 3.89 3.75 -28.89
CA ALA H 286 2.65 3.93 -28.15
C ALA H 286 1.90 2.61 -28.11
N VAL H 287 1.06 2.46 -27.09
CA VAL H 287 0.11 1.37 -27.00
C VAL H 287 -1.20 2.00 -26.59
N ALA H 288 -2.19 1.97 -27.48
CA ALA H 288 -3.50 2.60 -27.21
C ALA H 288 -4.51 1.54 -26.93
N GLY H 289 -5.51 1.88 -26.14
CA GLY H 289 -6.66 1.03 -25.88
C GLY H 289 -7.89 1.81 -26.31
N LEU H 290 -9.04 1.45 -25.75
CA LEU H 290 -10.28 2.18 -26.05
C LEU H 290 -10.17 3.61 -25.54
N SER H 291 -9.64 3.78 -24.33
CA SER H 291 -9.64 5.07 -23.61
C SER H 291 -8.26 5.67 -23.40
N ASP H 292 -7.31 4.86 -22.96
CA ASP H 292 -6.00 5.39 -22.63
C ASP H 292 -4.95 5.04 -23.64
N CYS H 293 -3.82 5.71 -23.52
CA CYS H 293 -2.71 5.48 -24.43
C CYS H 293 -1.41 5.67 -23.70
N MSE H 294 -0.54 4.68 -23.78
CA MSE H 294 0.76 4.70 -23.12
C MSE H 294 1.89 4.99 -24.10
O MSE H 294 1.92 4.41 -25.18
CB MSE H 294 1.05 3.37 -22.46
CG MSE H 294 -0.11 2.76 -21.74
SE MSE H 294 -0.48 3.58 -20.03
CE MSE H 294 1.17 3.19 -19.05
N ILE H 295 2.83 5.84 -23.71
CA ILE H 295 3.96 6.16 -24.55
C ILE H 295 5.28 5.80 -23.91
N GLN H 296 6.24 5.44 -24.75
CA GLN H 296 7.62 5.32 -24.37
C GLN H 296 8.53 6.06 -25.38
N ALA H 297 8.95 7.28 -25.07
CA ALA H 297 9.93 7.95 -25.92
C ALA H 297 11.18 7.09 -26.02
N ARG H 298 11.92 7.22 -27.11
CA ARG H 298 13.08 6.36 -27.32
C ARG H 298 14.11 6.53 -26.23
N GLN H 299 14.21 7.71 -25.63
CA GLN H 299 15.15 7.97 -24.53
C GLN H 299 14.79 7.28 -23.23
N ALA H 300 13.59 6.70 -23.17
CA ALA H 300 13.13 6.01 -21.99
C ALA H 300 13.25 4.48 -22.18
N THR H 301 13.53 4.08 -23.41
CA THR H 301 13.70 2.66 -23.74
C THR H 301 14.84 2.04 -22.93
N PRO H 302 14.52 1.02 -22.16
CA PRO H 302 15.52 0.36 -21.31
C PRO H 302 16.46 -0.50 -22.16
N ARG H 303 17.37 -1.21 -21.52
CA ARG H 303 18.34 -2.00 -22.25
C ARG H 303 18.39 -3.38 -21.63
N PRO H 304 17.42 -4.23 -21.99
CA PRO H 304 17.41 -5.58 -21.47
C PRO H 304 18.36 -6.44 -22.25
N VAL H 305 18.66 -7.63 -21.73
CA VAL H 305 19.45 -8.63 -22.47
C VAL H 305 18.95 -10.06 -22.16
N TRP H 306 19.16 -10.96 -23.12
CA TRP H 306 18.68 -12.34 -23.04
C TRP H 306 19.29 -13.14 -21.86
N ASN H 307 18.49 -13.38 -20.83
CA ASN H 307 18.88 -14.29 -19.73
C ASN H 307 17.77 -15.30 -19.41
N PRO H 308 17.95 -16.55 -19.88
CA PRO H 308 16.95 -17.61 -19.77
C PRO H 308 16.73 -18.08 -18.33
N HIS H 314 11.96 -7.65 -13.75
CA HIS H 314 11.75 -6.37 -14.44
C HIS H 314 10.33 -6.19 -15.01
N ASP H 315 9.72 -5.07 -14.62
CA ASP H 315 8.41 -4.67 -15.11
C ASP H 315 8.60 -3.80 -16.35
N PHE H 316 8.37 -4.38 -17.51
CA PHE H 316 8.52 -3.63 -18.75
C PHE H 316 7.42 -2.61 -18.95
N TYR H 317 6.26 -2.85 -18.33
CA TYR H 317 5.14 -1.93 -18.40
C TYR H 317 5.44 -0.62 -17.72
N GLY H 318 6.19 -0.69 -16.62
CA GLY H 318 6.58 0.49 -15.88
C GLY H 318 7.47 1.43 -16.67
N ASP H 319 8.14 0.91 -17.70
CA ASP H 319 8.95 1.75 -18.61
C ASP H 319 8.12 2.66 -19.50
N TRP H 320 6.81 2.72 -19.28
CA TRP H 320 5.93 3.50 -20.14
C TRP H 320 5.15 4.47 -19.32
N GLN H 321 4.63 5.51 -19.96
CA GLN H 321 3.88 6.55 -19.28
C GLN H 321 2.54 6.82 -19.96
N LYS H 322 1.52 7.01 -19.12
CA LYS H 322 0.15 7.21 -19.56
C LYS H 322 -0.06 8.66 -19.95
N LEU H 323 -0.65 8.87 -21.12
CA LEU H 323 -1.00 10.19 -21.57
C LEU H 323 -2.07 10.86 -20.69
N PRO H 324 -1.86 12.15 -20.40
CA PRO H 324 -2.87 12.91 -19.69
C PRO H 324 -4.10 13.16 -20.57
N ASP H 325 -5.27 13.20 -19.96
CA ASP H 325 -6.48 13.62 -20.64
C ASP H 325 -6.50 15.14 -20.64
N ASN H 326 -6.25 15.75 -21.80
CA ASN H 326 -6.17 17.22 -21.91
C ASN H 326 -7.42 17.89 -22.48
N VAL H 327 -8.29 17.08 -23.08
CA VAL H 327 -9.65 17.49 -23.42
C VAL H 327 -10.68 16.54 -22.77
N SER H 328 -11.92 16.99 -22.66
CA SER H 328 -13.03 16.07 -22.42
C SER H 328 -13.28 15.33 -23.72
N TYR H 329 -13.61 14.04 -23.61
CA TYR H 329 -13.88 13.22 -24.77
C TYR H 329 -15.36 12.95 -24.91
N ASP H 330 -15.93 13.57 -25.93
CA ASP H 330 -17.34 13.42 -26.22
C ASP H 330 -17.57 12.01 -26.76
N ASN H 331 -18.79 11.53 -26.63
CA ASN H 331 -19.19 10.28 -27.24
C ASN H 331 -18.91 10.35 -28.75
N GLY H 332 -18.13 9.37 -29.24
CA GLY H 332 -17.65 9.37 -30.62
C GLY H 332 -18.73 9.38 -31.68
N PHE H 333 -19.83 8.70 -31.40
CA PHE H 333 -20.98 8.68 -32.31
C PHE H 333 -21.57 10.08 -32.48
N LYS H 334 -21.78 10.75 -31.36
CA LYS H 334 -22.32 12.12 -31.34
C LYS H 334 -21.43 13.08 -32.13
N GLU H 335 -20.12 13.00 -31.93
CA GLU H 335 -19.16 13.90 -32.58
C GLU H 335 -19.24 13.81 -34.10
N GLN H 336 -19.48 12.60 -34.60
CA GLN H 336 -19.56 12.36 -36.04
C GLN H 336 -20.91 12.80 -36.58
N TRP H 337 -21.95 12.60 -35.76
CA TRP H 337 -23.28 13.16 -36.03
C TRP H 337 -23.23 14.68 -36.20
N GLU H 338 -22.42 15.34 -35.39
CA GLU H 338 -22.29 16.79 -35.46
C GLU H 338 -21.49 17.23 -36.69
N MSE H 339 -20.59 16.37 -37.16
CA MSE H 339 -19.76 16.67 -38.32
C MSE H 339 -20.51 16.52 -39.63
O MSE H 339 -20.29 17.27 -40.59
CB MSE H 339 -18.53 15.77 -38.38
CG MSE H 339 -17.43 16.19 -37.46
SE MSE H 339 -15.96 14.90 -37.60
CE MSE H 339 -14.88 15.58 -36.11
N PHE H 340 -21.38 15.52 -39.69
CA PHE H 340 -22.19 15.32 -40.86
C PHE H 340 -23.19 16.46 -41.02
N ILE H 341 -23.79 16.88 -39.93
CA ILE H 341 -24.73 17.99 -39.94
C ILE H 341 -24.07 19.29 -40.44
N ARG H 342 -22.85 19.56 -39.99
CA ARG H 342 -22.06 20.71 -40.48
C ARG H 342 -21.81 20.65 -42.00
N HIS H 343 -21.64 19.43 -42.51
CA HIS H 343 -21.40 19.18 -43.95
C HIS H 343 -22.65 19.58 -44.75
N VAL H 344 -23.81 19.13 -44.27
CA VAL H 344 -25.10 19.37 -44.93
C VAL H 344 -25.50 20.84 -44.97
N TYR H 345 -25.44 21.50 -43.82
CA TYR H 345 -26.01 22.84 -43.65
C TYR H 345 -24.98 23.97 -43.70
N GLU H 346 -23.70 23.64 -43.83
CA GLU H 346 -22.66 24.66 -43.72
C GLU H 346 -21.55 24.49 -44.77
N ASP H 347 -21.60 23.39 -45.52
CA ASP H 347 -20.53 23.04 -46.46
C ASP H 347 -19.18 22.91 -45.76
N ALA H 348 -19.20 22.40 -44.54
CA ALA H 348 -17.98 22.04 -43.84
C ALA H 348 -17.44 20.75 -44.45
N PRO H 349 -16.13 20.70 -44.76
CA PRO H 349 -15.55 19.52 -45.41
C PRO H 349 -15.78 18.24 -44.60
N TYR H 350 -15.92 17.13 -45.31
CA TYR H 350 -16.29 15.87 -44.70
C TYR H 350 -15.50 14.75 -45.33
N LYS H 351 -14.84 13.95 -44.50
CA LYS H 351 -14.06 12.84 -45.02
C LYS H 351 -14.94 11.60 -45.22
N PHE H 352 -15.92 11.41 -44.34
CA PHE H 352 -16.52 10.09 -44.11
C PHE H 352 -17.81 9.80 -44.86
N THR H 353 -17.75 9.94 -46.18
CA THR H 353 -18.87 9.69 -47.06
C THR H 353 -19.10 8.17 -47.16
N LEU H 354 -20.10 7.76 -47.94
CA LEU H 354 -20.34 6.33 -48.16
C LEU H 354 -19.23 5.66 -48.95
N LEU H 355 -18.46 6.44 -49.69
CA LEU H 355 -17.25 5.92 -50.32
C LEU H 355 -16.43 5.15 -49.31
N GLU H 356 -16.30 5.71 -48.11
CA GLU H 356 -15.46 5.14 -47.08
C GLU H 356 -16.02 3.80 -46.60
N GLY H 357 -17.32 3.74 -46.36
CA GLY H 357 -18.00 2.47 -46.11
C GLY H 357 -17.67 1.43 -47.16
N ALA H 358 -17.76 1.84 -48.42
CA ALA H 358 -17.47 0.94 -49.52
C ALA H 358 -16.05 0.41 -49.45
N LYS H 359 -15.12 1.22 -48.94
CA LYS H 359 -13.72 0.80 -48.85
C LYS H 359 -13.57 -0.30 -47.82
N GLY H 360 -14.38 -0.24 -46.77
CA GLY H 360 -14.33 -1.23 -45.72
C GLY H 360 -14.75 -2.55 -46.28
N VAL H 361 -15.86 -2.56 -47.03
CA VAL H 361 -16.40 -3.79 -47.58
C VAL H 361 -15.46 -4.35 -48.64
N GLN H 362 -14.80 -3.45 -49.36
CA GLN H 362 -13.81 -3.87 -50.33
C GLN H 362 -12.64 -4.56 -49.66
N LEU H 363 -12.20 -4.00 -48.54
CA LEU H 363 -11.06 -4.57 -47.84
C LEU H 363 -11.39 -5.94 -47.24
N ALA H 364 -12.58 -6.06 -46.65
CA ALA H 364 -13.03 -7.32 -46.07
C ALA H 364 -13.07 -8.39 -47.16
N GLU H 365 -13.54 -8.01 -48.35
CA GLU H 365 -13.58 -8.94 -49.48
C GLU H 365 -12.21 -9.33 -49.98
N CYS H 366 -11.30 -8.37 -50.00
CA CYS H 366 -9.91 -8.68 -50.29
C CYS H 366 -9.37 -9.70 -49.30
N ALA H 367 -9.78 -9.60 -48.04
CA ALA H 367 -9.28 -10.48 -46.99
C ALA H 367 -9.82 -11.89 -47.18
N LEU H 368 -11.13 -12.00 -47.34
CA LEU H 368 -11.76 -13.28 -47.58
C LEU H 368 -11.18 -13.94 -48.83
N LYS H 369 -10.90 -13.14 -49.85
CA LYS H 369 -10.28 -13.68 -51.06
C LYS H 369 -8.84 -14.13 -50.78
N SER H 370 -8.15 -13.47 -49.85
CA SER H 370 -6.77 -13.85 -49.56
C SER H 370 -6.72 -15.18 -48.82
N TRP H 371 -7.76 -15.42 -48.02
CA TRP H 371 -7.94 -16.66 -47.32
C TRP H 371 -8.12 -17.78 -48.35
N LYS H 372 -9.28 -17.74 -49.01
CA LYS H 372 -9.66 -18.62 -50.11
C LYS H 372 -8.54 -18.93 -51.13
N GLU H 373 -7.73 -17.95 -51.50
CA GLU H 373 -6.70 -18.20 -52.53
C GLU H 373 -5.27 -18.31 -51.98
N ARG H 374 -5.13 -18.24 -50.65
CA ARG H 374 -3.85 -18.47 -49.95
C ARG H 374 -2.74 -17.52 -50.36
N ARG H 375 -3.09 -16.28 -50.66
CA ARG H 375 -2.09 -15.33 -51.12
C ARG H 375 -2.48 -13.90 -50.76
N TRP H 376 -1.53 -12.99 -50.95
CA TRP H 376 -1.75 -11.57 -50.76
C TRP H 376 -2.71 -11.06 -51.85
N ILE H 377 -3.41 -9.98 -51.54
CA ILE H 377 -4.43 -9.43 -52.43
C ILE H 377 -4.38 -7.92 -52.40
N ASP H 378 -4.28 -7.33 -53.59
CA ASP H 378 -4.07 -5.89 -53.72
C ASP H 378 -5.37 -5.13 -53.74
N VAL H 379 -5.37 -3.96 -53.11
CA VAL H 379 -6.57 -3.17 -53.02
C VAL H 379 -6.64 -2.22 -54.19
N ALA H 380 -7.34 -2.64 -55.24
CA ALA H 380 -7.59 -1.78 -56.38
C ALA H 380 -8.11 -0.41 -55.90
N PRO H 381 -7.49 0.69 -56.35
CA PRO H 381 -8.08 2.01 -56.10
C PRO H 381 -9.48 2.07 -56.69
N ILE H 382 -10.34 2.91 -56.13
CA ILE H 382 -11.68 3.08 -56.69
C ILE H 382 -11.73 4.32 -57.60
#